data_3U8N
#
_entry.id   3U8N
#
_cell.length_a   239.120
_cell.length_b   73.110
_cell.length_c   271.840
_cell.angle_alpha   90.00
_cell.angle_beta   97.45
_cell.angle_gamma   90.00
#
_symmetry.space_group_name_H-M   'C 1 2 1'
#
loop_
_entity.id
_entity.type
_entity.pdbx_description
1 polymer 'Acetylcholine-binding protein'
2 non-polymer 1-(6-bromo-5-ethoxypyridin-3-yl)-1,4-diazepane
3 non-polymer 'SULFATE ION'
4 non-polymer 2-acetamido-2-deoxy-beta-D-glucopyranose
5 water water
#
_entity_poly.entity_id   1
_entity_poly.type   'polypeptide(L)'
_entity_poly.pdbx_seq_one_letter_code
;LDRADILYNIRQTSRPDVIPTQRDRPVAVSVSLKFINILEVNEITNEVDVVFWQQTTWSDRTLAWNSSHSPDQVSVPISS
LWVPDLAAYNAISKPEVLTPQLARVVSDGEVLYMPSIRQRFSCDVSGVDTESGATCRIKIGSWTHHSREISVDPTTENSD
DSEYFSQYSRFEILDVTQKKNSVTYSCCPEAYEDVEVSLNFRKKGRSEIL
;
_entity_poly.pdbx_strand_id   A,B,C,D,E,F,G,H,I,J,K,L,M,N,O,P,Q,R,S,T
#
# COMPACT_ATOMS: atom_id res chain seq x y z
N LEU A 1 0.91 -11.56 9.87
CA LEU A 1 1.60 -12.61 9.12
C LEU A 1 1.22 -12.56 7.65
N ASP A 2 2.23 -12.62 6.78
CA ASP A 2 1.98 -12.88 5.37
C ASP A 2 2.39 -14.31 5.04
N ARG A 3 2.18 -14.73 3.80
CA ARG A 3 2.52 -16.08 3.35
C ARG A 3 3.98 -16.42 3.59
N ALA A 4 4.86 -15.46 3.32
CA ALA A 4 6.29 -15.68 3.52
C ALA A 4 6.60 -16.02 4.97
N ASP A 5 6.00 -15.29 5.91
CA ASP A 5 6.19 -15.58 7.32
C ASP A 5 5.68 -16.97 7.70
N ILE A 6 4.47 -17.29 7.25
CA ILE A 6 3.83 -18.56 7.56
C ILE A 6 4.70 -19.72 7.06
N LEU A 7 5.14 -19.62 5.82
CA LEU A 7 5.94 -20.67 5.20
C LEU A 7 7.32 -20.79 5.86
N TYR A 8 7.87 -19.66 6.27
CA TYR A 8 9.14 -19.64 6.95
C TYR A 8 9.00 -20.34 8.30
N ASN A 9 7.94 -20.01 9.03
CA ASN A 9 7.73 -20.60 10.35
C ASN A 9 7.53 -22.12 10.28
N ILE A 10 6.75 -22.54 9.29
CA ILE A 10 6.49 -23.96 9.07
C ILE A 10 7.78 -24.67 8.73
N ARG A 11 8.55 -24.11 7.80
CA ARG A 11 9.81 -24.73 7.39
C ARG A 11 10.79 -24.85 8.57
N GLN A 12 10.89 -23.79 9.38
CA GLN A 12 11.83 -23.74 10.50
C GLN A 12 11.45 -24.66 11.65
N THR A 13 10.18 -25.00 11.77
CA THR A 13 9.74 -25.73 12.95
C THR A 13 9.09 -27.07 12.67
N SER A 14 8.92 -27.40 11.39
CA SER A 14 8.22 -28.63 11.07
C SER A 14 9.15 -29.83 11.28
N ARG A 15 8.58 -30.90 11.80
CA ARG A 15 9.31 -32.13 12.03
C ARG A 15 8.65 -33.20 11.16
N PRO A 16 9.11 -33.36 9.91
CA PRO A 16 8.50 -34.27 8.92
C PRO A 16 8.54 -35.72 9.37
N ASP A 17 9.37 -36.02 10.36
CA ASP A 17 9.60 -37.39 10.80
C ASP A 17 8.74 -37.71 12.04
N VAL A 18 8.02 -36.70 12.54
CA VAL A 18 7.26 -36.87 13.78
C VAL A 18 5.76 -36.93 13.53
N ILE A 19 5.16 -38.07 13.83
CA ILE A 19 3.73 -38.24 13.66
C ILE A 19 3.01 -37.27 14.62
N PRO A 20 2.07 -36.47 14.11
CA PRO A 20 1.43 -35.41 14.91
C PRO A 20 0.31 -35.95 15.79
N THR A 21 0.66 -36.97 16.56
CA THR A 21 -0.27 -37.59 17.48
C THR A 21 -0.56 -36.62 18.62
N GLN A 22 -1.84 -36.50 18.98
CA GLN A 22 -2.19 -35.64 20.11
C GLN A 22 -2.91 -36.40 21.23
N ARG A 23 -2.30 -36.37 22.42
CA ARG A 23 -2.89 -37.00 23.60
C ARG A 23 -3.13 -38.50 23.45
N ASP A 24 -2.15 -39.18 22.84
CA ASP A 24 -2.15 -40.63 22.64
C ASP A 24 -3.23 -41.16 21.67
N ARG A 25 -4.08 -40.28 21.17
CA ARG A 25 -5.09 -40.61 20.16
C ARG A 25 -4.41 -40.84 18.79
N PRO A 26 -4.92 -41.79 18.00
CA PRO A 26 -4.31 -41.96 16.67
C PRO A 26 -4.55 -40.74 15.78
N VAL A 27 -3.65 -40.50 14.83
CA VAL A 27 -3.88 -39.49 13.79
C VAL A 27 -4.94 -40.03 12.85
N ALA A 28 -6.07 -39.35 12.75
CA ALA A 28 -7.16 -39.79 11.90
C ALA A 28 -6.90 -39.38 10.46
N VAL A 29 -6.57 -40.35 9.61
CA VAL A 29 -6.30 -40.07 8.20
C VAL A 29 -7.49 -40.49 7.34
N SER A 30 -7.95 -39.58 6.47
CA SER A 30 -8.97 -39.92 5.47
C SER A 30 -8.35 -40.14 4.10
N VAL A 31 -8.81 -41.18 3.42
CA VAL A 31 -8.28 -41.53 2.10
C VAL A 31 -9.41 -41.77 1.13
N SER A 32 -9.28 -41.18 -0.05
CA SER A 32 -10.27 -41.33 -1.10
C SER A 32 -9.56 -41.31 -2.46
N LEU A 33 -9.86 -42.27 -3.31
CA LEU A 33 -9.27 -42.32 -4.65
C LEU A 33 -10.23 -41.77 -5.70
N LYS A 34 -9.82 -40.72 -6.39
CA LYS A 34 -10.60 -40.20 -7.51
C LYS A 34 -9.99 -40.73 -8.80
N PHE A 35 -10.68 -41.66 -9.44
CA PHE A 35 -10.15 -42.30 -10.62
C PHE A 35 -10.17 -41.41 -11.86
N ILE A 36 -9.03 -41.30 -12.52
CA ILE A 36 -8.87 -40.45 -13.67
C ILE A 36 -8.83 -41.29 -14.97
N ASN A 37 -8.14 -42.42 -14.91
CA ASN A 37 -7.95 -43.24 -16.08
C ASN A 37 -7.60 -44.68 -15.76
N ILE A 38 -7.96 -45.56 -16.68
CA ILE A 38 -7.57 -46.95 -16.61
C ILE A 38 -6.88 -47.29 -17.91
N LEU A 39 -5.61 -47.68 -17.81
CA LEU A 39 -4.78 -47.96 -18.99
C LEU A 39 -4.22 -49.38 -18.85
N GLU A 40 -3.75 -49.94 -19.95
CA GLU A 40 -2.96 -51.18 -19.85
C GLU A 40 -3.55 -52.29 -18.96
N VAL A 41 -4.77 -52.71 -19.25
CA VAL A 41 -5.41 -53.83 -18.54
C VAL A 41 -4.94 -55.17 -19.12
N ASN A 42 -4.69 -56.15 -18.26
CA ASN A 42 -4.27 -57.47 -18.71
C ASN A 42 -5.00 -58.60 -17.97
N GLU A 43 -5.98 -59.21 -18.63
CA GLU A 43 -6.82 -60.22 -18.00
C GLU A 43 -6.06 -61.54 -17.81
N ILE A 44 -5.05 -61.78 -18.64
CA ILE A 44 -4.22 -62.97 -18.47
C ILE A 44 -3.40 -62.91 -17.18
N THR A 45 -2.74 -61.77 -16.94
CA THR A 45 -1.86 -61.62 -15.79
C THR A 45 -2.53 -61.01 -14.56
N ASN A 46 -3.80 -60.62 -14.69
CA ASN A 46 -4.47 -59.92 -13.59
C ASN A 46 -3.71 -58.71 -13.10
N GLU A 47 -3.35 -57.83 -14.04
CA GLU A 47 -2.64 -56.60 -13.70
C GLU A 47 -3.32 -55.45 -14.41
N VAL A 48 -3.26 -54.27 -13.81
CA VAL A 48 -3.90 -53.11 -14.39
C VAL A 48 -3.13 -51.84 -14.03
N ASP A 49 -3.13 -50.88 -14.95
CA ASP A 49 -2.53 -49.58 -14.70
C ASP A 49 -3.65 -48.58 -14.44
N VAL A 50 -3.55 -47.85 -13.33
CA VAL A 50 -4.58 -46.86 -12.99
C VAL A 50 -3.97 -45.51 -12.70
N VAL A 51 -4.66 -44.46 -13.13
CA VAL A 51 -4.32 -43.10 -12.73
C VAL A 51 -5.44 -42.58 -11.83
N PHE A 52 -5.07 -42.08 -10.65
CA PHE A 52 -6.05 -41.62 -9.67
C PHE A 52 -5.47 -40.50 -8.83
N TRP A 53 -6.34 -39.62 -8.34
CA TRP A 53 -5.94 -38.64 -7.35
C TRP A 53 -6.07 -39.34 -6.02
N GLN A 54 -5.02 -39.32 -5.21
CA GLN A 54 -5.09 -39.94 -3.88
C GLN A 54 -5.37 -38.87 -2.82
N GLN A 55 -6.65 -38.60 -2.61
CA GLN A 55 -7.02 -37.52 -1.70
C GLN A 55 -6.78 -37.97 -0.28
N THR A 56 -5.89 -37.27 0.40
CA THR A 56 -5.47 -37.64 1.74
C THR A 56 -5.58 -36.46 2.69
N THR A 57 -6.32 -36.62 3.78
CA THR A 57 -6.47 -35.53 4.75
C THR A 57 -6.15 -35.98 6.16
N TRP A 58 -5.63 -35.06 6.96
CA TRP A 58 -5.35 -35.30 8.36
C TRP A 58 -5.07 -33.96 9.04
N SER A 59 -4.95 -34.00 10.35
CA SER A 59 -4.75 -32.82 11.13
C SER A 59 -3.38 -32.84 11.80
N ASP A 60 -2.66 -31.73 11.69
CA ASP A 60 -1.39 -31.56 12.40
C ASP A 60 -1.40 -30.18 13.09
N ARG A 61 -1.73 -30.15 14.38
CA ARG A 61 -1.87 -28.89 15.11
C ARG A 61 -0.59 -28.10 15.19
N THR A 62 0.55 -28.78 15.04
CA THR A 62 1.83 -28.09 15.09
C THR A 62 2.01 -27.10 13.94
N LEU A 63 1.18 -27.19 12.90
CA LEU A 63 1.27 -26.29 11.76
C LEU A 63 0.38 -25.07 11.94
N ALA A 64 -0.45 -25.07 12.97
CA ALA A 64 -1.50 -24.06 13.09
C ALA A 64 -0.94 -22.66 13.31
N TRP A 65 -1.68 -21.65 12.85
CA TRP A 65 -1.33 -20.26 13.13
C TRP A 65 -2.57 -19.39 13.32
N ASN A 66 -2.40 -18.25 13.98
CA ASN A 66 -3.52 -17.32 14.14
C ASN A 66 -3.78 -16.62 12.82
N SER A 67 -4.93 -16.86 12.22
CA SER A 67 -5.21 -16.35 10.88
C SER A 67 -6.07 -15.06 10.79
N SER A 68 -6.32 -14.37 11.89
CA SER A 68 -7.01 -13.08 11.76
C SER A 68 -6.02 -12.10 11.15
N HIS A 69 -6.42 -11.42 10.09
CA HIS A 69 -5.51 -10.54 9.36
C HIS A 69 -4.31 -11.29 8.76
N SER A 70 -4.50 -12.57 8.49
CA SER A 70 -3.50 -13.40 7.80
C SER A 70 -4.15 -14.35 6.79
N PRO A 71 -3.36 -14.84 5.82
CA PRO A 71 -3.89 -15.89 4.95
C PRO A 71 -4.39 -17.09 5.76
N ASP A 72 -5.46 -17.70 5.29
CA ASP A 72 -6.09 -18.83 5.96
C ASP A 72 -5.48 -20.16 5.54
N GLN A 73 -4.81 -20.17 4.40
CA GLN A 73 -4.25 -21.40 3.83
C GLN A 73 -2.98 -21.13 3.07
N VAL A 74 -2.08 -22.11 3.04
CA VAL A 74 -0.90 -22.03 2.19
C VAL A 74 -0.60 -23.37 1.54
N SER A 75 0.14 -23.33 0.43
CA SER A 75 0.63 -24.54 -0.19
C SER A 75 2.04 -24.81 0.33
N VAL A 76 2.29 -26.03 0.76
CA VAL A 76 3.55 -26.37 1.40
C VAL A 76 4.14 -27.61 0.77
N PRO A 77 5.44 -27.58 0.43
CA PRO A 77 6.10 -28.80 -0.08
C PRO A 77 5.99 -29.93 0.95
N ILE A 78 5.61 -31.13 0.54
CA ILE A 78 5.44 -32.22 1.51
C ILE A 78 6.75 -32.58 2.19
N SER A 79 7.87 -32.19 1.60
CA SER A 79 9.16 -32.45 2.22
C SER A 79 9.29 -31.69 3.54
N SER A 80 8.47 -30.66 3.74
CA SER A 80 8.48 -29.89 4.98
C SER A 80 7.42 -30.32 6.00
N LEU A 81 6.67 -31.39 5.71
CA LEU A 81 5.55 -31.79 6.57
C LEU A 81 5.66 -33.26 6.86
N TRP A 82 5.11 -33.68 7.99
CA TRP A 82 4.88 -35.10 8.21
C TRP A 82 3.74 -35.53 7.29
N VAL A 83 3.92 -36.68 6.65
CA VAL A 83 2.90 -37.22 5.76
C VAL A 83 2.70 -38.68 6.16
N PRO A 84 1.45 -39.16 6.14
CA PRO A 84 1.15 -40.56 6.47
C PRO A 84 1.91 -41.52 5.56
N ASP A 85 2.45 -42.61 6.10
CA ASP A 85 3.21 -43.58 5.32
C ASP A 85 2.30 -44.63 4.65
N LEU A 86 1.35 -44.15 3.85
CA LEU A 86 0.40 -45.01 3.17
C LEU A 86 1.05 -45.77 2.03
N ALA A 87 0.63 -47.01 1.86
CA ALA A 87 1.05 -47.78 0.71
C ALA A 87 -0.12 -48.63 0.22
N ALA A 88 -0.16 -48.87 -1.09
CA ALA A 88 -1.11 -49.83 -1.65
C ALA A 88 -0.50 -51.23 -1.58
N TYR A 89 -1.11 -52.12 -0.80
CA TYR A 89 -0.55 -53.46 -0.58
C TYR A 89 -0.40 -54.30 -1.85
N ASN A 90 -1.32 -54.13 -2.79
CA ASN A 90 -1.28 -54.93 -4.00
C ASN A 90 -0.71 -54.17 -5.21
N ALA A 91 -0.05 -53.04 -4.95
CA ALA A 91 0.69 -52.36 -6.01
C ALA A 91 1.90 -53.16 -6.42
N ILE A 92 2.20 -53.20 -7.72
CA ILE A 92 3.37 -53.95 -8.17
C ILE A 92 4.38 -53.05 -8.85
N SER A 93 4.14 -51.74 -8.76
CA SER A 93 5.14 -50.76 -9.15
C SER A 93 5.08 -49.69 -8.09
N LYS A 94 6.15 -48.91 -7.92
CA LYS A 94 6.07 -47.82 -6.98
C LYS A 94 5.25 -46.69 -7.59
N PRO A 95 4.63 -45.86 -6.73
CA PRO A 95 3.74 -44.83 -7.26
C PRO A 95 4.53 -43.90 -8.17
N GLU A 96 4.01 -43.64 -9.37
CA GLU A 96 4.55 -42.56 -10.18
C GLU A 96 3.72 -41.31 -9.86
N VAL A 97 4.29 -40.39 -9.10
CA VAL A 97 3.60 -39.14 -8.75
C VAL A 97 3.67 -38.17 -9.93
N LEU A 98 2.52 -37.87 -10.52
CA LEU A 98 2.47 -37.08 -11.74
C LEU A 98 2.49 -35.57 -11.51
N THR A 99 2.13 -35.13 -10.30
CA THR A 99 1.87 -33.72 -10.05
C THR A 99 2.87 -33.11 -9.05
N PRO A 100 2.93 -31.77 -8.98
CA PRO A 100 3.81 -31.11 -8.01
C PRO A 100 3.50 -31.57 -6.58
N GLN A 101 4.54 -31.90 -5.82
CA GLN A 101 4.33 -32.49 -4.49
C GLN A 101 4.12 -31.46 -3.37
N LEU A 102 2.96 -30.83 -3.41
CA LEU A 102 2.59 -29.77 -2.48
C LEU A 102 1.31 -30.18 -1.75
N ALA A 103 1.24 -29.86 -0.46
CA ALA A 103 0.04 -30.09 0.33
C ALA A 103 -0.57 -28.76 0.63
N ARG A 104 -1.86 -28.75 0.91
CA ARG A 104 -2.53 -27.52 1.29
C ARG A 104 -2.74 -27.56 2.81
N VAL A 105 -2.29 -26.52 3.50
CA VAL A 105 -2.38 -26.46 4.96
C VAL A 105 -3.27 -25.32 5.38
N VAL A 106 -4.29 -25.62 6.18
CA VAL A 106 -5.18 -24.60 6.73
C VAL A 106 -4.67 -24.12 8.07
N SER A 107 -5.03 -22.89 8.46
CA SER A 107 -4.50 -22.27 9.67
C SER A 107 -4.80 -23.04 10.97
N ASP A 108 -5.81 -23.90 10.94
CA ASP A 108 -6.11 -24.72 12.12
C ASP A 108 -5.30 -26.04 12.13
N GLY A 109 -4.50 -26.25 11.09
CA GLY A 109 -3.66 -27.43 11.03
C GLY A 109 -4.19 -28.57 10.17
N GLU A 110 -5.36 -28.37 9.57
CA GLU A 110 -5.88 -29.37 8.62
C GLU A 110 -5.02 -29.41 7.38
N VAL A 111 -4.65 -30.62 6.96
CA VAL A 111 -3.82 -30.80 5.78
C VAL A 111 -4.53 -31.61 4.71
N LEU A 112 -4.37 -31.17 3.47
CA LEU A 112 -4.85 -31.93 2.32
C LEU A 112 -3.68 -32.17 1.38
N TYR A 113 -3.44 -33.42 1.04
CA TYR A 113 -2.47 -33.78 0.01
C TYR A 113 -3.17 -34.65 -1.03
N MET A 114 -3.12 -34.24 -2.29
CA MET A 114 -3.89 -34.95 -3.32
C MET A 114 -3.11 -35.05 -4.62
N PRO A 115 -2.09 -35.91 -4.64
CA PRO A 115 -1.29 -36.06 -5.87
C PRO A 115 -2.04 -36.92 -6.87
N SER A 116 -1.79 -36.70 -8.16
CA SER A 116 -2.25 -37.64 -9.14
C SER A 116 -1.16 -38.71 -9.29
N ILE A 117 -1.58 -39.95 -9.21
CA ILE A 117 -0.66 -41.08 -9.20
C ILE A 117 -0.99 -42.09 -10.30
N ARG A 118 0.05 -42.56 -10.98
CA ARG A 118 -0.10 -43.69 -11.87
C ARG A 118 0.61 -44.90 -11.26
N GLN A 119 -0.10 -46.02 -11.16
CA GLN A 119 0.45 -47.18 -10.48
C GLN A 119 -0.13 -48.45 -11.07
N ARG A 120 0.67 -49.51 -11.06
CA ARG A 120 0.21 -50.79 -11.55
C ARG A 120 -0.17 -51.67 -10.36
N PHE A 121 -1.26 -52.41 -10.51
CA PHE A 121 -1.77 -53.25 -9.44
C PHE A 121 -1.99 -54.69 -9.87
N SER A 122 -1.82 -55.60 -8.92
CA SER A 122 -2.26 -56.97 -9.06
C SER A 122 -3.66 -57.08 -8.45
N CYS A 123 -4.63 -57.50 -9.26
CA CYS A 123 -6.01 -57.63 -8.79
C CYS A 123 -6.85 -58.42 -9.80
N ASP A 124 -8.12 -58.64 -9.45
CA ASP A 124 -8.99 -59.49 -10.24
C ASP A 124 -9.52 -58.79 -11.50
N VAL A 125 -8.89 -59.07 -12.63
CA VAL A 125 -9.27 -58.46 -13.89
C VAL A 125 -10.32 -59.29 -14.67
N SER A 126 -10.65 -60.47 -14.17
CA SER A 126 -11.57 -61.36 -14.87
C SER A 126 -12.93 -60.69 -15.09
N GLY A 127 -13.47 -60.85 -16.29
CA GLY A 127 -14.80 -60.36 -16.61
C GLY A 127 -14.77 -58.91 -17.09
N VAL A 128 -13.58 -58.35 -17.25
CA VAL A 128 -13.45 -56.97 -17.69
C VAL A 128 -14.18 -56.71 -19.03
N ASP A 129 -14.24 -57.71 -19.90
CA ASP A 129 -14.90 -57.61 -21.21
C ASP A 129 -16.32 -58.20 -21.22
N THR A 130 -16.95 -58.21 -20.06
CA THR A 130 -18.34 -58.69 -19.95
C THR A 130 -19.23 -57.56 -19.45
N GLU A 131 -20.54 -57.79 -19.46
CA GLU A 131 -21.51 -56.81 -18.99
C GLU A 131 -21.28 -56.38 -17.54
N SER A 132 -21.02 -57.35 -16.68
CA SER A 132 -20.88 -57.04 -15.26
C SER A 132 -19.49 -56.53 -14.90
N GLY A 133 -18.55 -56.65 -15.82
CA GLY A 133 -17.21 -56.09 -15.67
C GLY A 133 -16.35 -56.78 -14.64
N ALA A 134 -15.14 -56.26 -14.47
CA ALA A 134 -14.20 -56.73 -13.47
C ALA A 134 -14.29 -55.89 -12.20
N THR A 135 -13.88 -56.46 -11.09
CA THR A 135 -13.82 -55.73 -9.84
C THR A 135 -12.41 -55.82 -9.26
N CYS A 136 -11.67 -54.74 -9.39
CA CYS A 136 -10.30 -54.65 -8.91
C CYS A 136 -10.28 -54.01 -7.53
N ARG A 137 -9.71 -54.71 -6.56
CA ARG A 137 -9.71 -54.25 -5.18
C ARG A 137 -8.33 -53.68 -4.84
N ILE A 138 -8.30 -52.43 -4.39
CA ILE A 138 -7.04 -51.78 -4.04
C ILE A 138 -6.98 -51.56 -2.54
N LYS A 139 -5.95 -52.08 -1.90
CA LYS A 139 -5.84 -52.01 -0.44
C LYS A 139 -4.77 -51.01 -0.01
N ILE A 140 -5.18 -50.00 0.76
CA ILE A 140 -4.28 -48.93 1.17
C ILE A 140 -4.32 -48.72 2.67
N GLY A 141 -3.14 -48.66 3.29
CA GLY A 141 -3.03 -48.41 4.72
C GLY A 141 -1.65 -47.95 5.13
N SER A 142 -1.49 -47.58 6.40
CA SER A 142 -0.18 -47.21 6.91
C SER A 142 0.73 -48.44 6.87
N TRP A 143 1.93 -48.26 6.33
CA TRP A 143 2.87 -49.38 6.27
C TRP A 143 3.40 -49.78 7.64
N THR A 144 3.73 -48.80 8.48
CA THR A 144 4.42 -49.08 9.75
C THR A 144 3.72 -48.64 11.04
N HIS A 145 2.58 -47.95 10.92
CA HIS A 145 1.87 -47.45 12.10
C HIS A 145 0.61 -48.24 12.39
N HIS A 146 0.52 -48.83 13.57
CA HIS A 146 -0.67 -49.60 13.95
C HIS A 146 -1.84 -48.70 14.36
N SER A 147 -2.96 -49.31 14.73
CA SER A 147 -4.23 -48.58 14.89
C SER A 147 -4.25 -47.51 16.00
N ARG A 148 -3.32 -47.54 16.96
CA ARG A 148 -3.28 -46.50 18.01
C ARG A 148 -2.47 -45.29 17.58
N GLU A 149 -1.79 -45.39 16.44
CA GLU A 149 -1.02 -44.28 15.91
C GLU A 149 -1.66 -43.66 14.67
N ILE A 150 -2.18 -44.52 13.80
CA ILE A 150 -2.88 -44.08 12.59
C ILE A 150 -4.16 -44.89 12.37
N SER A 151 -5.28 -44.18 12.29
CA SER A 151 -6.49 -44.79 11.79
C SER A 151 -6.69 -44.32 10.34
N VAL A 152 -7.30 -45.17 9.53
CA VAL A 152 -7.56 -44.85 8.14
C VAL A 152 -9.04 -45.02 7.88
N ASP A 153 -9.66 -44.04 7.24
CA ASP A 153 -11.08 -44.14 6.91
C ASP A 153 -11.39 -43.64 5.51
N PRO A 154 -12.39 -44.26 4.88
CA PRO A 154 -12.89 -43.75 3.60
C PRO A 154 -13.61 -42.44 3.85
N THR A 155 -13.65 -41.56 2.87
CA THR A 155 -14.22 -40.24 3.08
C THR A 155 -15.74 -40.28 3.06
N THR A 156 -16.33 -39.87 4.17
CA THR A 156 -17.78 -39.78 4.31
C THR A 156 -18.47 -39.23 3.07
N ASP A 160 -19.96 -39.06 -7.19
CA ASP A 160 -20.04 -39.36 -8.62
C ASP A 160 -18.73 -39.96 -9.14
N ASP A 161 -18.72 -41.29 -9.30
CA ASP A 161 -17.47 -42.03 -9.49
C ASP A 161 -16.67 -41.61 -10.73
N SER A 162 -17.35 -41.32 -11.83
CA SER A 162 -16.68 -40.95 -13.08
C SER A 162 -16.51 -39.43 -13.20
N GLU A 163 -16.71 -38.73 -12.09
CA GLU A 163 -16.70 -37.28 -12.18
C GLU A 163 -15.45 -36.77 -12.90
N TYR A 164 -14.30 -37.35 -12.57
CA TYR A 164 -13.05 -36.92 -13.18
C TYR A 164 -12.49 -37.96 -14.14
N PHE A 165 -13.23 -39.03 -14.39
CA PHE A 165 -12.72 -40.12 -15.21
C PHE A 165 -12.66 -39.73 -16.69
N SER A 166 -11.53 -40.01 -17.34
CA SER A 166 -11.34 -39.68 -18.73
C SER A 166 -12.37 -40.34 -19.66
N GLN A 167 -12.98 -39.55 -20.53
CA GLN A 167 -13.94 -40.08 -21.50
C GLN A 167 -13.21 -40.78 -22.64
N TYR A 168 -11.89 -40.65 -22.67
CA TYR A 168 -11.09 -41.20 -23.75
C TYR A 168 -10.41 -42.52 -23.38
N SER A 169 -10.64 -42.98 -22.16
CA SER A 169 -10.18 -44.30 -21.76
C SER A 169 -10.94 -45.39 -22.53
N ARG A 170 -10.30 -46.54 -22.73
CA ARG A 170 -10.97 -47.67 -23.38
C ARG A 170 -11.94 -48.34 -22.42
N PHE A 171 -11.90 -47.91 -21.17
CA PHE A 171 -12.71 -48.54 -20.13
C PHE A 171 -13.66 -47.54 -19.49
N GLU A 172 -14.63 -48.04 -18.75
CA GLU A 172 -15.58 -47.17 -18.10
C GLU A 172 -15.82 -47.72 -16.70
N ILE A 173 -16.17 -46.83 -15.78
CA ILE A 173 -16.37 -47.21 -14.40
C ILE A 173 -17.85 -47.48 -14.14
N LEU A 174 -18.14 -48.65 -13.61
CA LEU A 174 -19.52 -49.03 -13.32
C LEU A 174 -19.87 -48.67 -11.89
N ASP A 175 -18.90 -48.78 -10.99
CA ASP A 175 -19.15 -48.55 -9.56
C ASP A 175 -17.86 -48.55 -8.78
N VAL A 176 -17.84 -47.77 -7.70
CA VAL A 176 -16.71 -47.77 -6.78
C VAL A 176 -17.29 -47.91 -5.39
N THR A 177 -16.80 -48.90 -4.65
CA THR A 177 -17.19 -49.06 -3.25
C THR A 177 -15.97 -49.10 -2.32
N GLN A 178 -16.19 -48.80 -1.05
CA GLN A 178 -15.11 -48.73 -0.09
C GLN A 178 -15.44 -49.50 1.17
N LYS A 179 -14.43 -50.12 1.75
CA LYS A 179 -14.60 -50.89 2.96
C LYS A 179 -13.41 -50.63 3.87
N LYS A 180 -13.66 -50.37 5.14
CA LYS A 180 -12.57 -50.19 6.10
C LYS A 180 -12.24 -51.51 6.77
N ASN A 181 -10.95 -51.80 6.95
CA ASN A 181 -10.54 -53.03 7.64
C ASN A 181 -9.51 -52.78 8.70
N SER A 182 -9.40 -53.72 9.63
CA SER A 182 -8.42 -53.67 10.67
C SER A 182 -7.78 -55.05 10.72
N VAL A 183 -6.50 -55.15 10.40
CA VAL A 183 -5.88 -56.44 10.16
C VAL A 183 -4.67 -56.69 11.04
N THR A 184 -4.53 -57.91 11.54
CA THR A 184 -3.37 -58.26 12.34
C THR A 184 -2.42 -59.14 11.51
N TYR A 185 -1.19 -58.69 11.35
CA TYR A 185 -0.16 -59.43 10.63
C TYR A 185 0.67 -60.25 11.62
N SER A 186 1.17 -61.40 11.18
CA SER A 186 1.78 -62.33 12.12
C SER A 186 3.12 -61.80 12.63
N CYS A 187 3.67 -60.83 11.91
CA CYS A 187 4.94 -60.20 12.26
CA CYS A 187 4.94 -60.24 12.22
C CYS A 187 4.87 -59.36 13.52
N CYS A 188 3.65 -58.98 13.91
CA CYS A 188 3.46 -57.97 14.95
C CYS A 188 2.10 -58.09 15.64
N PRO A 189 2.08 -57.71 16.91
CA PRO A 189 0.93 -57.94 17.78
C PRO A 189 -0.24 -56.97 17.60
N GLU A 190 0.00 -55.81 17.02
CA GLU A 190 -1.04 -54.78 16.93
C GLU A 190 -1.79 -54.86 15.62
N ALA A 191 -2.93 -54.18 15.56
CA ALA A 191 -3.76 -54.16 14.37
C ALA A 191 -3.39 -52.96 13.49
N TYR A 192 -3.45 -53.16 12.18
CA TYR A 192 -3.16 -52.11 11.22
C TYR A 192 -4.38 -51.88 10.32
N GLU A 193 -4.80 -50.62 10.21
CA GLU A 193 -6.02 -50.30 9.48
C GLU A 193 -5.71 -50.11 8.00
N ASP A 194 -6.69 -50.45 7.17
CA ASP A 194 -6.59 -50.17 5.75
C ASP A 194 -7.97 -49.82 5.20
N VAL A 195 -7.97 -49.18 4.03
CA VAL A 195 -9.17 -48.99 3.26
C VAL A 195 -9.05 -49.82 1.98
N GLU A 196 -10.08 -50.57 1.66
CA GLU A 196 -10.13 -51.31 0.43
C GLU A 196 -11.10 -50.63 -0.52
N VAL A 197 -10.59 -50.18 -1.65
CA VAL A 197 -11.39 -49.53 -2.66
C VAL A 197 -11.63 -50.53 -3.78
N SER A 198 -12.90 -50.85 -4.01
CA SER A 198 -13.28 -51.81 -5.05
C SER A 198 -13.75 -51.08 -6.30
N LEU A 199 -12.95 -51.21 -7.36
CA LEU A 199 -13.22 -50.54 -8.62
C LEU A 199 -13.85 -51.52 -9.60
N ASN A 200 -15.14 -51.33 -9.87
CA ASN A 200 -15.89 -52.17 -10.81
C ASN A 200 -15.89 -51.49 -12.19
N PHE A 201 -15.20 -52.09 -13.14
CA PHE A 201 -15.05 -51.46 -14.45
C PHE A 201 -15.12 -52.48 -15.57
N ARG A 202 -15.35 -52.01 -16.80
CA ARG A 202 -15.38 -52.89 -17.95
C ARG A 202 -14.89 -52.18 -19.21
N LYS A 203 -14.58 -52.97 -20.23
CA LYS A 203 -14.12 -52.42 -21.49
C LYS A 203 -15.35 -51.89 -22.22
N LYS A 204 -15.23 -50.72 -22.83
CA LYS A 204 -16.34 -50.14 -23.58
C LYS A 204 -16.47 -50.81 -24.94
N GLY A 205 -17.60 -50.61 -25.62
CA GLY A 205 -17.73 -51.00 -27.01
C GLY A 205 -16.45 -50.75 -27.82
N LEU B 1 9.93 -38.27 27.92
CA LEU B 1 10.17 -38.26 26.48
C LEU B 1 8.88 -38.45 25.71
N ASP B 2 8.67 -37.63 24.69
CA ASP B 2 7.64 -37.91 23.70
C ASP B 2 8.32 -38.35 22.40
N ARG B 3 7.51 -38.71 21.41
CA ARG B 3 8.01 -39.18 20.11
C ARG B 3 8.95 -38.15 19.46
N ALA B 4 8.58 -36.88 19.56
CA ALA B 4 9.41 -35.84 18.96
C ALA B 4 10.82 -35.86 19.53
N ASP B 5 10.92 -36.00 20.86
CA ASP B 5 12.20 -36.03 21.53
C ASP B 5 13.01 -37.26 21.10
N ILE B 6 12.36 -38.42 21.11
CA ILE B 6 13.01 -39.65 20.73
C ILE B 6 13.56 -39.54 19.31
N LEU B 7 12.73 -39.13 18.37
CA LEU B 7 13.16 -39.01 16.97
C LEU B 7 14.24 -37.96 16.79
N TYR B 8 14.16 -36.89 17.56
CA TYR B 8 15.19 -35.86 17.52
C TYR B 8 16.53 -36.42 18.00
N ASN B 9 16.52 -37.12 19.12
CA ASN B 9 17.74 -37.72 19.67
C ASN B 9 18.38 -38.74 18.73
N ILE B 10 17.54 -39.56 18.13
CA ILE B 10 17.99 -40.55 17.16
C ILE B 10 18.62 -39.85 15.96
N ARG B 11 17.93 -38.84 15.43
CA ARG B 11 18.45 -38.14 14.26
C ARG B 11 19.78 -37.46 14.54
N GLN B 12 19.90 -36.82 15.71
CA GLN B 12 21.09 -36.07 16.08
C GLN B 12 22.31 -36.95 16.41
N THR B 13 22.08 -38.17 16.89
CA THR B 13 23.19 -38.98 17.38
C THR B 13 23.37 -40.26 16.59
N SER B 14 22.57 -40.45 15.56
CA SER B 14 22.66 -41.69 14.80
C SER B 14 23.81 -41.67 13.83
N ARG B 15 24.53 -42.77 13.80
CA ARG B 15 25.71 -42.92 12.96
C ARG B 15 25.35 -44.01 11.96
N PRO B 16 24.63 -43.62 10.92
CA PRO B 16 24.11 -44.55 9.91
C PRO B 16 25.25 -45.30 9.25
N ASP B 17 26.47 -44.81 9.40
CA ASP B 17 27.62 -45.38 8.73
C ASP B 17 28.38 -46.36 9.63
N VAL B 18 27.95 -46.47 10.88
CA VAL B 18 28.67 -47.27 11.86
C VAL B 18 27.91 -48.53 12.21
N ILE B 19 28.51 -49.67 11.90
CA ILE B 19 27.90 -50.96 12.21
C ILE B 19 27.84 -51.14 13.73
N PRO B 20 26.64 -51.43 14.26
CA PRO B 20 26.43 -51.45 15.72
C PRO B 20 26.94 -52.73 16.36
N THR B 21 28.20 -53.02 16.10
CA THR B 21 28.83 -54.22 16.61
C THR B 21 29.07 -54.02 18.10
N GLN B 22 28.78 -55.05 18.90
CA GLN B 22 29.01 -54.96 20.33
C GLN B 22 29.96 -56.04 20.84
N ARG B 23 31.13 -55.62 21.28
CA ARG B 23 32.07 -56.50 21.99
C ARG B 23 32.64 -57.63 21.12
N ASP B 24 33.13 -57.25 19.94
CA ASP B 24 33.78 -58.19 19.02
C ASP B 24 32.83 -59.20 18.37
N ARG B 25 31.60 -59.28 18.88
CA ARG B 25 30.57 -60.14 18.30
C ARG B 25 29.94 -59.53 17.04
N PRO B 26 29.61 -60.36 16.05
CA PRO B 26 28.95 -59.88 14.83
C PRO B 26 27.54 -59.37 15.15
N VAL B 27 27.07 -58.40 14.37
CA VAL B 27 25.67 -57.99 14.44
C VAL B 27 24.82 -59.13 13.87
N ALA B 28 23.90 -59.67 14.68
CA ALA B 28 23.06 -60.77 14.22
C ALA B 28 21.86 -60.25 13.42
N VAL B 29 21.88 -60.49 12.11
CA VAL B 29 20.79 -60.06 11.24
C VAL B 29 19.89 -61.23 10.89
N SER B 30 18.58 -61.06 11.10
CA SER B 30 17.60 -62.06 10.66
C SER B 30 16.94 -61.59 9.36
N VAL B 31 16.78 -62.51 8.41
CA VAL B 31 16.19 -62.20 7.11
C VAL B 31 15.12 -63.22 6.78
N SER B 32 13.99 -62.73 6.31
CA SER B 32 12.89 -63.59 5.93
C SER B 32 12.14 -62.91 4.78
N LEU B 33 11.89 -63.65 3.71
CA LEU B 33 11.14 -63.13 2.58
C LEU B 33 9.69 -63.57 2.64
N LYS B 34 8.76 -62.60 2.71
CA LYS B 34 7.34 -62.89 2.60
C LYS B 34 6.89 -62.61 1.17
N PHE B 35 6.62 -63.67 0.40
CA PHE B 35 6.31 -63.53 -1.02
C PHE B 35 4.89 -63.01 -1.22
N ILE B 36 4.77 -61.98 -2.04
CA ILE B 36 3.49 -61.34 -2.29
C ILE B 36 2.98 -61.69 -3.68
N ASN B 37 3.88 -61.74 -4.65
CA ASN B 37 3.48 -61.99 -6.02
C ASN B 37 4.64 -62.49 -6.87
N ILE B 38 4.28 -63.23 -7.91
CA ILE B 38 5.24 -63.67 -8.91
C ILE B 38 4.67 -63.22 -10.26
N LEU B 39 5.44 -62.37 -10.95
CA LEU B 39 5.05 -61.80 -12.23
C LEU B 39 6.11 -62.16 -13.27
N GLU B 40 5.78 -62.04 -14.55
CA GLU B 40 6.81 -62.08 -15.59
C GLU B 40 7.84 -63.23 -15.46
N VAL B 41 7.37 -64.47 -15.46
CA VAL B 41 8.24 -65.64 -15.46
C VAL B 41 8.71 -65.96 -16.89
N ASN B 42 9.95 -66.37 -17.06
CA ASN B 42 10.45 -66.73 -18.39
C ASN B 42 11.32 -67.98 -18.34
N GLU B 43 10.74 -69.11 -18.76
CA GLU B 43 11.45 -70.38 -18.68
C GLU B 43 12.59 -70.51 -19.71
N ILE B 44 12.49 -69.80 -20.81
CA ILE B 44 13.57 -69.78 -21.78
C ILE B 44 14.83 -69.11 -21.21
N THR B 45 14.66 -67.95 -20.58
CA THR B 45 15.81 -67.18 -20.10
C THR B 45 16.17 -67.45 -18.63
N ASN B 46 15.38 -68.27 -17.96
CA ASN B 46 15.54 -68.48 -16.51
C ASN B 46 15.57 -67.17 -15.72
N GLU B 47 14.56 -66.34 -15.94
CA GLU B 47 14.42 -65.09 -15.19
C GLU B 47 13.03 -64.98 -14.63
N VAL B 48 12.90 -64.32 -13.49
CA VAL B 48 11.61 -64.18 -12.85
C VAL B 48 11.52 -62.87 -12.08
N ASP B 49 10.33 -62.27 -12.07
CA ASP B 49 10.05 -61.06 -11.32
C ASP B 49 9.26 -61.41 -10.10
N VAL B 50 9.75 -61.01 -8.93
CA VAL B 50 9.08 -61.35 -7.68
C VAL B 50 8.81 -60.08 -6.87
N VAL B 51 7.67 -60.08 -6.16
CA VAL B 51 7.39 -59.06 -5.16
C VAL B 51 7.36 -59.73 -3.80
N PHE B 52 8.13 -59.20 -2.87
CA PHE B 52 8.24 -59.80 -1.55
C PHE B 52 8.51 -58.73 -0.49
N TRP B 53 8.04 -58.98 0.72
CA TRP B 53 8.47 -58.19 1.86
C TRP B 53 9.79 -58.76 2.37
N GLN B 54 10.81 -57.92 2.48
CA GLN B 54 12.10 -58.38 2.98
C GLN B 54 12.23 -58.04 4.46
N GLN B 55 11.73 -58.96 5.29
CA GLN B 55 11.71 -58.73 6.72
C GLN B 55 13.12 -58.84 7.27
N THR B 56 13.60 -57.75 7.84
CA THR B 56 14.98 -57.68 8.31
C THR B 56 15.01 -57.16 9.74
N THR B 57 15.66 -57.90 10.63
CA THR B 57 15.75 -57.48 12.03
C THR B 57 17.18 -57.55 12.53
N TRP B 58 17.51 -56.63 13.42
CA TRP B 58 18.80 -56.62 14.09
C TRP B 58 18.71 -55.70 15.27
N SER B 59 19.79 -55.67 16.04
CA SER B 59 19.83 -54.89 17.26
C SER B 59 20.90 -53.79 17.13
N ASP B 60 20.52 -52.58 17.52
CA ASP B 60 21.46 -51.47 17.61
C ASP B 60 21.24 -50.75 18.94
N ARG B 61 22.04 -51.08 19.94
CA ARG B 61 21.90 -50.50 21.28
C ARG B 61 22.11 -48.98 21.34
N THR B 62 22.82 -48.39 20.39
CA THR B 62 22.98 -46.93 20.33
C THR B 62 21.66 -46.18 20.13
N LEU B 63 20.60 -46.89 19.76
CA LEU B 63 19.31 -46.26 19.51
C LEU B 63 18.44 -46.27 20.76
N ALA B 64 18.87 -47.01 21.78
CA ALA B 64 18.05 -47.30 22.95
C ALA B 64 17.72 -46.05 23.76
N TRP B 65 16.56 -46.06 24.42
CA TRP B 65 16.20 -44.98 25.32
C TRP B 65 15.40 -45.52 26.52
N ASN B 66 15.36 -44.75 27.60
CA ASN B 66 14.56 -45.12 28.76
C ASN B 66 13.09 -44.91 28.45
N SER B 67 12.30 -45.99 28.40
CA SER B 67 10.92 -45.88 27.94
C SER B 67 9.88 -45.88 29.06
N SER B 68 10.33 -45.77 30.30
CA SER B 68 9.37 -45.64 31.39
C SER B 68 8.72 -44.28 31.21
N HIS B 69 7.39 -44.25 31.23
CA HIS B 69 6.65 -43.03 30.95
C HIS B 69 6.91 -42.46 29.54
N SER B 70 7.26 -43.33 28.59
CA SER B 70 7.55 -42.92 27.21
C SER B 70 7.07 -43.94 26.19
N PRO B 71 6.91 -43.52 24.93
CA PRO B 71 6.59 -44.51 23.89
C PRO B 71 7.63 -45.61 23.84
N ASP B 72 7.19 -46.82 23.55
CA ASP B 72 8.05 -47.99 23.53
C ASP B 72 8.69 -48.21 22.15
N GLN B 73 8.09 -47.62 21.11
CA GLN B 73 8.51 -47.82 19.73
C GLN B 73 8.27 -46.58 18.91
N VAL B 74 9.10 -46.37 17.90
CA VAL B 74 8.89 -45.29 16.93
C VAL B 74 9.23 -45.74 15.52
N SER B 75 8.67 -45.05 14.54
CA SER B 75 9.02 -45.28 13.16
C SER B 75 10.10 -44.26 12.77
N VAL B 76 11.16 -44.74 12.13
CA VAL B 76 12.33 -43.92 11.84
C VAL B 76 12.74 -44.09 10.38
N PRO B 77 12.97 -42.97 9.66
CA PRO B 77 13.47 -43.07 8.28
C PRO B 77 14.80 -43.82 8.28
N ILE B 78 15.00 -44.79 7.39
CA ILE B 78 16.23 -45.60 7.41
C ILE B 78 17.44 -44.76 7.09
N SER B 79 17.23 -43.59 6.51
CA SER B 79 18.35 -42.68 6.26
C SER B 79 19.00 -42.22 7.58
N SER B 80 18.27 -42.34 8.69
CA SER B 80 18.82 -41.95 10.00
C SER B 80 19.37 -43.14 10.81
N LEU B 81 19.39 -44.34 10.24
CA LEU B 81 19.84 -45.53 10.95
C LEU B 81 20.89 -46.26 10.16
N TRP B 82 21.77 -46.98 10.84
CA TRP B 82 22.57 -47.98 10.15
C TRP B 82 21.65 -49.10 9.74
N VAL B 83 21.85 -49.57 8.51
CA VAL B 83 21.09 -50.68 7.95
C VAL B 83 22.07 -51.68 7.35
N PRO B 84 21.81 -52.99 7.53
CA PRO B 84 22.69 -54.02 6.97
C PRO B 84 22.80 -53.87 5.45
N ASP B 85 23.99 -54.04 4.89
CA ASP B 85 24.21 -53.89 3.45
C ASP B 85 23.87 -55.19 2.70
N LEU B 86 22.64 -55.68 2.86
CA LEU B 86 22.23 -56.92 2.22
C LEU B 86 22.05 -56.77 0.71
N ALA B 87 22.41 -57.81 -0.03
CA ALA B 87 22.12 -57.83 -1.45
C ALA B 87 21.75 -59.24 -1.89
N ALA B 88 20.87 -59.33 -2.86
CA ALA B 88 20.55 -60.61 -3.45
C ALA B 88 21.58 -60.87 -4.55
N TYR B 89 22.41 -61.90 -4.36
CA TYR B 89 23.50 -62.19 -5.30
C TYR B 89 23.03 -62.45 -6.73
N ASN B 90 21.88 -63.09 -6.89
CA ASN B 90 21.40 -63.46 -8.22
C ASN B 90 20.32 -62.55 -8.78
N ALA B 91 20.14 -61.38 -8.16
CA ALA B 91 19.27 -60.34 -8.69
C ALA B 91 19.89 -59.72 -9.93
N ILE B 92 19.08 -59.45 -10.94
CA ILE B 92 19.59 -58.85 -12.17
C ILE B 92 18.98 -57.47 -12.42
N SER B 93 18.29 -56.95 -11.41
CA SER B 93 17.84 -55.56 -11.41
C SER B 93 18.07 -55.09 -10.00
N LYS B 94 18.23 -53.78 -9.81
CA LYS B 94 18.29 -53.28 -8.45
C LYS B 94 16.92 -53.33 -7.81
N PRO B 95 16.89 -53.45 -6.48
CA PRO B 95 15.59 -53.57 -5.81
C PRO B 95 14.71 -52.35 -6.11
N GLU B 96 13.47 -52.57 -6.52
CA GLU B 96 12.52 -51.47 -6.58
C GLU B 96 11.74 -51.47 -5.25
N VAL B 97 12.07 -50.54 -4.37
CA VAL B 97 11.41 -50.48 -3.07
C VAL B 97 10.04 -49.82 -3.24
N LEU B 98 8.99 -50.57 -2.92
CA LEU B 98 7.63 -50.12 -3.21
C LEU B 98 7.00 -49.29 -2.10
N THR B 99 7.56 -49.38 -0.91
CA THR B 99 6.89 -48.83 0.26
C THR B 99 7.72 -47.73 0.92
N PRO B 100 7.09 -46.93 1.80
CA PRO B 100 7.82 -45.90 2.56
C PRO B 100 9.01 -46.49 3.29
N GLN B 101 10.16 -45.83 3.19
CA GLN B 101 11.39 -46.37 3.75
C GLN B 101 11.61 -46.05 5.23
N LEU B 102 10.77 -46.65 6.08
CA LEU B 102 10.78 -46.44 7.52
C LEU B 102 11.05 -47.78 8.21
N ALA B 103 11.88 -47.75 9.23
CA ALA B 103 12.08 -48.90 10.11
C ALA B 103 11.37 -48.65 11.42
N ARG B 104 11.04 -49.73 12.12
CA ARG B 104 10.44 -49.63 13.44
C ARG B 104 11.53 -49.89 14.47
N VAL B 105 11.70 -48.97 15.41
CA VAL B 105 12.73 -49.08 16.45
C VAL B 105 12.11 -49.21 17.83
N VAL B 106 12.50 -50.26 18.56
CA VAL B 106 12.01 -50.48 19.92
C VAL B 106 12.98 -49.83 20.92
N SER B 107 12.47 -49.46 22.09
CA SER B 107 13.28 -48.73 23.09
C SER B 107 14.54 -49.48 23.56
N ASP B 108 14.57 -50.80 23.42
CA ASP B 108 15.79 -51.58 23.73
C ASP B 108 16.81 -51.64 22.57
N GLY B 109 16.46 -51.04 21.44
CA GLY B 109 17.37 -50.99 20.31
C GLY B 109 17.09 -52.01 19.21
N GLU B 110 16.07 -52.83 19.39
CA GLU B 110 15.69 -53.80 18.36
C GLU B 110 15.11 -53.04 17.18
N VAL B 111 15.56 -53.38 15.97
CA VAL B 111 15.06 -52.74 14.77
C VAL B 111 14.38 -53.73 13.85
N LEU B 112 13.27 -53.29 13.27
CA LEU B 112 12.60 -54.03 12.21
C LEU B 112 12.49 -53.16 10.95
N TYR B 113 12.98 -53.66 9.83
CA TYR B 113 12.79 -53.00 8.54
C TYR B 113 12.19 -54.01 7.60
N MET B 114 11.04 -53.70 7.04
CA MET B 114 10.34 -54.65 6.17
C MET B 114 9.72 -53.98 4.94
N PRO B 115 10.55 -53.57 3.98
CA PRO B 115 10.03 -52.97 2.76
C PRO B 115 9.43 -54.02 1.83
N SER B 116 8.46 -53.63 1.02
CA SER B 116 8.03 -54.48 -0.07
C SER B 116 8.88 -54.17 -1.28
N ILE B 117 9.41 -55.22 -1.89
CA ILE B 117 10.39 -55.05 -2.94
C ILE B 117 9.98 -55.81 -4.19
N ARG B 118 10.13 -55.16 -5.34
CA ARG B 118 10.01 -55.87 -6.60
C ARG B 118 11.39 -56.00 -7.22
N GLN B 119 11.77 -57.20 -7.63
CA GLN B 119 13.11 -57.42 -8.13
C GLN B 119 13.10 -58.57 -9.13
N ARG B 120 13.98 -58.49 -10.12
CA ARG B 120 14.11 -59.56 -11.09
C ARG B 120 15.32 -60.44 -10.77
N PHE B 121 15.15 -61.74 -10.91
CA PHE B 121 16.21 -62.68 -10.52
C PHE B 121 16.57 -63.65 -11.65
N SER B 122 17.83 -64.06 -11.68
CA SER B 122 18.27 -65.16 -12.50
C SER B 122 18.24 -66.44 -11.64
N CYS B 123 17.48 -67.42 -12.06
CA CYS B 123 17.35 -68.66 -11.28
C CYS B 123 16.67 -69.75 -12.12
N ASP B 124 16.52 -70.93 -11.52
CA ASP B 124 16.03 -72.09 -12.24
C ASP B 124 14.52 -72.06 -12.41
N VAL B 125 14.06 -71.69 -13.61
CA VAL B 125 12.64 -71.61 -13.90
C VAL B 125 12.08 -72.90 -14.53
N SER B 126 12.96 -73.86 -14.82
CA SER B 126 12.52 -75.07 -15.50
C SER B 126 11.47 -75.79 -14.66
N GLY B 127 10.45 -76.30 -15.33
CA GLY B 127 9.42 -77.10 -14.69
C GLY B 127 8.30 -76.28 -14.08
N VAL B 128 8.37 -74.96 -14.29
CA VAL B 128 7.37 -74.04 -13.73
C VAL B 128 5.97 -74.41 -14.19
N ASP B 129 5.89 -74.97 -15.38
CA ASP B 129 4.62 -75.29 -15.97
C ASP B 129 4.22 -76.76 -15.74
N THR B 130 4.82 -77.39 -14.75
CA THR B 130 4.49 -78.76 -14.42
C THR B 130 3.89 -78.83 -13.02
N GLU B 131 3.37 -79.99 -12.65
CA GLU B 131 2.86 -80.25 -11.31
C GLU B 131 3.88 -80.00 -10.19
N SER B 132 5.12 -80.48 -10.36
CA SER B 132 6.12 -80.33 -9.30
C SER B 132 6.70 -78.91 -9.25
N GLY B 133 6.44 -78.15 -10.31
CA GLY B 133 6.83 -76.76 -10.37
C GLY B 133 8.32 -76.49 -10.51
N ALA B 134 8.66 -75.20 -10.51
CA ALA B 134 10.06 -74.78 -10.56
C ALA B 134 10.51 -74.45 -9.15
N THR B 135 11.82 -74.48 -8.94
CA THR B 135 12.38 -74.07 -7.67
C THR B 135 13.44 -72.98 -7.91
N CYS B 136 13.06 -71.75 -7.59
CA CYS B 136 13.93 -70.60 -7.74
C CYS B 136 14.63 -70.30 -6.42
N ARG B 137 15.96 -70.27 -6.47
CA ARG B 137 16.77 -70.03 -5.28
C ARG B 137 17.27 -68.58 -5.24
N ILE B 138 16.96 -67.89 -4.16
CA ILE B 138 17.37 -66.50 -3.99
C ILE B 138 18.41 -66.40 -2.86
N LYS B 139 19.57 -65.87 -3.19
CA LYS B 139 20.70 -65.80 -2.25
C LYS B 139 20.93 -64.38 -1.73
N ILE B 140 20.81 -64.20 -0.41
CA ILE B 140 20.90 -62.90 0.22
C ILE B 140 21.91 -62.90 1.34
N GLY B 141 22.81 -61.92 1.33
CA GLY B 141 23.84 -61.79 2.35
C GLY B 141 24.42 -60.40 2.39
N SER B 142 25.23 -60.11 3.41
CA SER B 142 25.95 -58.83 3.47
C SER B 142 26.94 -58.74 2.32
N TRP B 143 26.92 -57.63 1.61
CA TRP B 143 27.82 -57.46 0.48
C TRP B 143 29.26 -57.33 0.92
N THR B 144 29.52 -56.57 1.98
CA THR B 144 30.89 -56.22 2.34
C THR B 144 31.33 -56.61 3.75
N HIS B 145 30.44 -57.18 4.55
CA HIS B 145 30.77 -57.51 5.93
C HIS B 145 30.89 -59.04 6.12
N HIS B 146 32.06 -59.51 6.54
CA HIS B 146 32.29 -60.93 6.73
C HIS B 146 31.64 -61.41 8.03
N SER B 147 31.78 -62.71 8.31
CA SER B 147 31.03 -63.38 9.36
C SER B 147 31.32 -62.89 10.77
N ARG B 148 32.46 -62.24 10.97
CA ARG B 148 32.78 -61.71 12.30
C ARG B 148 32.13 -60.35 12.52
N GLU B 149 31.60 -59.77 11.46
CA GLU B 149 30.95 -58.45 11.54
C GLU B 149 29.43 -58.53 11.37
N ILE B 150 28.98 -59.32 10.40
CA ILE B 150 27.56 -59.59 10.25
C ILE B 150 27.28 -61.09 10.10
N SER B 151 26.36 -61.60 10.90
CA SER B 151 25.84 -62.93 10.66
C SER B 151 24.43 -62.80 10.09
N VAL B 152 24.06 -63.72 9.22
CA VAL B 152 22.74 -63.69 8.63
C VAL B 152 22.06 -65.01 8.90
N ASP B 153 20.83 -64.96 9.38
CA ASP B 153 20.07 -66.16 9.69
C ASP B 153 18.64 -66.02 9.24
N PRO B 154 18.04 -67.12 8.75
CA PRO B 154 16.61 -67.11 8.47
C PRO B 154 15.83 -66.90 9.77
N THR B 155 14.64 -66.32 9.66
CA THR B 155 13.86 -66.03 10.85
C THR B 155 13.29 -67.29 11.50
N ASN B 158 10.06 -72.82 10.01
CA ASN B 158 8.72 -72.95 10.60
C ASN B 158 7.88 -71.67 10.63
N SER B 159 7.38 -71.30 9.45
CA SER B 159 6.43 -70.22 9.29
C SER B 159 5.88 -70.32 7.87
N ASP B 160 4.68 -69.79 7.66
CA ASP B 160 4.12 -69.77 6.32
C ASP B 160 4.53 -68.47 5.59
N ASP B 161 5.64 -68.52 4.85
CA ASP B 161 6.08 -67.40 4.02
C ASP B 161 5.16 -67.17 2.80
N SER B 162 3.91 -67.66 2.88
CA SER B 162 2.99 -67.72 1.74
C SER B 162 1.58 -67.10 1.96
N GLU B 163 1.14 -67.05 3.22
CA GLU B 163 0.10 -66.23 3.86
C GLU B 163 -0.29 -64.89 3.21
N TYR B 164 0.69 -64.21 2.63
CA TYR B 164 0.46 -62.90 2.03
C TYR B 164 0.47 -62.96 0.50
N PHE B 165 0.58 -64.17 -0.06
CA PHE B 165 0.72 -64.29 -1.50
C PHE B 165 -0.59 -63.99 -2.23
N SER B 166 -0.50 -63.17 -3.28
CA SER B 166 -1.67 -62.75 -4.04
C SER B 166 -2.42 -63.93 -4.67
N GLN B 167 -3.73 -63.97 -4.44
CA GLN B 167 -4.58 -65.00 -5.05
C GLN B 167 -4.80 -64.69 -6.54
N TYR B 168 -4.39 -63.52 -6.99
CA TYR B 168 -4.60 -63.14 -8.38
C TYR B 168 -3.39 -63.34 -9.27
N SER B 169 -2.28 -63.79 -8.69
CA SER B 169 -1.10 -64.17 -9.45
C SER B 169 -1.43 -65.36 -10.37
N ARG B 170 -0.71 -65.48 -11.49
CA ARG B 170 -0.90 -66.63 -12.39
C ARG B 170 -0.22 -67.83 -11.79
N PHE B 171 0.55 -67.61 -10.73
CA PHE B 171 1.34 -68.67 -10.14
C PHE B 171 0.88 -68.97 -8.72
N GLU B 172 1.33 -70.08 -8.19
CA GLU B 172 1.05 -70.43 -6.81
C GLU B 172 2.30 -70.97 -6.18
N ILE B 173 2.42 -70.83 -4.86
CA ILE B 173 3.59 -71.28 -4.15
C ILE B 173 3.34 -72.65 -3.54
N LEU B 174 4.26 -73.57 -3.82
CA LEU B 174 4.13 -74.93 -3.33
C LEU B 174 4.90 -75.09 -2.02
N ASP B 175 6.04 -74.42 -1.93
CA ASP B 175 6.88 -74.56 -0.76
C ASP B 175 7.98 -73.50 -0.75
N VAL B 176 8.39 -73.09 0.44
CA VAL B 176 9.52 -72.20 0.61
C VAL B 176 10.43 -72.81 1.65
N THR B 177 11.70 -73.02 1.31
CA THR B 177 12.68 -73.49 2.28
C THR B 177 13.89 -72.55 2.36
N GLN B 178 14.60 -72.60 3.47
CA GLN B 178 15.74 -71.72 3.70
C GLN B 178 16.97 -72.51 4.13
N LYS B 179 18.14 -72.02 3.71
CA LYS B 179 19.39 -72.64 4.08
C LYS B 179 20.43 -71.54 4.35
N LYS B 180 21.16 -71.67 5.44
CA LYS B 180 22.19 -70.72 5.76
C LYS B 180 23.52 -71.19 5.20
N ASN B 181 24.28 -70.29 4.58
CA ASN B 181 25.60 -70.64 4.07
C ASN B 181 26.70 -69.72 4.57
N SER B 182 27.93 -70.21 4.52
CA SER B 182 29.08 -69.40 4.84
C SER B 182 30.11 -69.64 3.76
N VAL B 183 30.36 -68.62 2.95
CA VAL B 183 31.14 -68.82 1.72
C VAL B 183 32.43 -68.02 1.73
N THR B 184 33.51 -68.67 1.36
CA THR B 184 34.73 -67.94 1.06
C THR B 184 34.84 -67.68 -0.44
N TYR B 185 35.02 -66.43 -0.82
CA TYR B 185 35.26 -66.06 -2.20
C TYR B 185 36.77 -65.91 -2.41
N SER B 186 37.24 -66.17 -3.62
CA SER B 186 38.69 -66.18 -3.85
C SER B 186 39.29 -64.77 -3.76
N CYS B 187 38.42 -63.76 -3.77
CA CYS B 187 38.83 -62.35 -3.65
CA CYS B 187 38.85 -62.38 -3.66
C CYS B 187 39.33 -61.99 -2.25
N CYS B 188 38.79 -62.67 -1.24
CA CYS B 188 38.96 -62.23 0.15
CA CYS B 188 38.97 -62.23 0.15
C CYS B 188 39.19 -63.43 1.06
N PRO B 189 39.96 -63.23 2.12
CA PRO B 189 40.30 -64.35 2.99
C PRO B 189 39.19 -64.77 3.97
N GLU B 190 38.25 -63.87 4.26
CA GLU B 190 37.24 -64.18 5.27
C GLU B 190 36.00 -64.87 4.69
N ALA B 191 35.15 -65.42 5.54
CA ALA B 191 33.90 -66.02 5.12
C ALA B 191 32.76 -65.02 5.20
N TYR B 192 31.84 -65.09 4.24
CA TYR B 192 30.67 -64.22 4.22
C TYR B 192 29.41 -65.05 4.29
N GLU B 193 28.51 -64.69 5.20
CA GLU B 193 27.29 -65.49 5.38
C GLU B 193 26.18 -65.09 4.42
N ASP B 194 25.37 -66.07 4.04
CA ASP B 194 24.17 -65.77 3.27
C ASP B 194 23.02 -66.68 3.67
N VAL B 195 21.82 -66.26 3.33
CA VAL B 195 20.66 -67.13 3.42
C VAL B 195 20.20 -67.43 1.99
N GLU B 196 19.94 -68.70 1.70
CA GLU B 196 19.34 -69.08 0.42
C GLU B 196 17.90 -69.45 0.63
N VAL B 197 17.02 -68.70 -0.01
CA VAL B 197 15.60 -68.98 0.06
C VAL B 197 15.17 -69.69 -1.22
N SER B 198 14.68 -70.92 -1.06
CA SER B 198 14.23 -71.71 -2.21
C SER B 198 12.73 -71.62 -2.35
N LEU B 199 12.29 -70.98 -3.42
CA LEU B 199 10.89 -70.80 -3.69
C LEU B 199 10.40 -71.84 -4.72
N ASN B 200 9.59 -72.78 -4.26
CA ASN B 200 9.01 -73.81 -5.12
C ASN B 200 7.61 -73.35 -5.56
N PHE B 201 7.44 -73.14 -6.85
CA PHE B 201 6.20 -72.56 -7.34
C PHE B 201 5.87 -73.10 -8.74
N ARG B 202 4.63 -72.95 -9.15
CA ARG B 202 4.20 -73.43 -10.45
C ARG B 202 3.08 -72.55 -11.00
N LYS B 203 2.85 -72.64 -12.31
CA LYS B 203 1.72 -71.96 -12.93
C LYS B 203 0.43 -72.67 -12.52
N LYS B 204 -0.60 -71.90 -12.19
CA LYS B 204 -1.91 -72.47 -11.87
C LYS B 204 -2.56 -72.98 -13.14
N GLY B 205 -3.30 -74.08 -13.01
CA GLY B 205 -3.91 -74.73 -14.15
C GLY B 205 -5.31 -74.21 -14.42
N LEU C 1 41.08 -46.38 19.17
CA LEU C 1 40.07 -46.10 18.14
C LEU C 1 39.07 -47.24 18.02
N ASP C 2 37.78 -46.91 17.99
CA ASP C 2 36.79 -47.89 17.56
C ASP C 2 36.30 -47.53 16.14
N ARG C 3 35.40 -48.35 15.60
CA ARG C 3 34.88 -48.12 14.24
C ARG C 3 34.23 -46.74 14.10
N ALA C 4 33.50 -46.33 15.12
CA ALA C 4 32.85 -45.02 15.11
C ALA C 4 33.85 -43.90 14.93
N ASP C 5 34.95 -43.96 15.67
CA ASP C 5 35.99 -42.93 15.57
C ASP C 5 36.62 -42.95 14.18
N ILE C 6 36.96 -44.15 13.70
CA ILE C 6 37.57 -44.28 12.39
C ILE C 6 36.69 -43.68 11.31
N LEU C 7 35.42 -44.09 11.28
CA LEU C 7 34.48 -43.61 10.27
C LEU C 7 34.21 -42.11 10.39
N TYR C 8 34.18 -41.61 11.63
CA TYR C 8 34.03 -40.18 11.86
C TYR C 8 35.21 -39.42 11.28
N ASN C 9 36.42 -39.87 11.58
CA ASN C 9 37.63 -39.22 11.07
C ASN C 9 37.71 -39.22 9.55
N ILE C 10 37.35 -40.36 8.95
CA ILE C 10 37.33 -40.46 7.50
C ILE C 10 36.32 -39.50 6.91
N ARG C 11 35.11 -39.48 7.47
CA ARG C 11 34.07 -38.59 6.96
C ARG C 11 34.48 -37.11 7.07
N GLN C 12 35.05 -36.73 8.20
CA GLN C 12 35.42 -35.35 8.46
C GLN C 12 36.59 -34.85 7.64
N THR C 13 37.53 -35.72 7.27
CA THR C 13 38.72 -35.28 6.57
C THR C 13 38.82 -35.78 5.15
N SER C 14 37.81 -36.48 4.68
CA SER C 14 37.97 -37.08 3.37
C SER C 14 37.61 -36.10 2.27
N ARG C 15 38.47 -36.07 1.25
CA ARG C 15 38.33 -35.19 0.10
C ARG C 15 38.05 -36.08 -1.10
N PRO C 16 36.80 -36.46 -1.30
CA PRO C 16 36.37 -37.40 -2.35
C PRO C 16 36.74 -36.87 -3.73
N ASP C 17 37.06 -35.58 -3.80
CA ASP C 17 37.31 -34.93 -5.09
C ASP C 17 38.82 -34.87 -5.39
N VAL C 18 39.64 -35.31 -4.42
CA VAL C 18 41.08 -35.20 -4.56
C VAL C 18 41.76 -36.54 -4.83
N ILE C 19 42.39 -36.65 -5.98
CA ILE C 19 43.06 -37.90 -6.34
C ILE C 19 44.24 -38.07 -5.40
N PRO C 20 44.35 -39.26 -4.76
CA PRO C 20 45.36 -39.50 -3.72
C PRO C 20 46.73 -39.80 -4.31
N THR C 21 47.15 -38.94 -5.21
CA THR C 21 48.45 -39.07 -5.84
C THR C 21 49.54 -38.81 -4.80
N GLN C 22 50.58 -39.64 -4.79
CA GLN C 22 51.68 -39.42 -3.86
C GLN C 22 53.02 -39.23 -4.58
N ARG C 23 53.61 -38.06 -4.38
CA ARG C 23 54.95 -37.73 -4.88
C ARG C 23 55.14 -37.93 -6.39
N ASP C 24 54.23 -37.33 -7.16
CA ASP C 24 54.30 -37.32 -8.62
C ASP C 24 54.37 -38.71 -9.23
N ARG C 25 53.69 -39.64 -8.59
CA ARG C 25 53.58 -41.01 -9.08
C ARG C 25 52.08 -41.23 -9.31
N PRO C 26 51.71 -41.95 -10.38
CA PRO C 26 50.28 -42.19 -10.61
C PRO C 26 49.67 -43.07 -9.53
N VAL C 27 48.39 -42.87 -9.25
CA VAL C 27 47.66 -43.81 -8.41
C VAL C 27 47.52 -45.13 -9.18
N ALA C 28 48.05 -46.21 -8.64
CA ALA C 28 47.97 -47.50 -9.29
C ALA C 28 46.61 -48.17 -9.02
N VAL C 29 45.78 -48.24 -10.05
CA VAL C 29 44.46 -48.86 -9.92
C VAL C 29 44.45 -50.25 -10.54
N SER C 30 43.97 -51.24 -9.80
CA SER C 30 43.77 -52.57 -10.33
C SER C 30 42.31 -52.78 -10.65
N VAL C 31 42.03 -53.36 -11.82
CA VAL C 31 40.66 -53.67 -12.23
C VAL C 31 40.54 -55.12 -12.66
N SER C 32 39.48 -55.77 -12.22
CA SER C 32 39.20 -57.14 -12.60
C SER C 32 37.69 -57.34 -12.63
N LEU C 33 37.19 -57.89 -13.74
CA LEU C 33 35.76 -58.18 -13.88
C LEU C 33 35.45 -59.64 -13.54
N LYS C 34 34.57 -59.85 -12.56
CA LYS C 34 34.09 -61.19 -12.23
C LYS C 34 32.71 -61.35 -12.85
N PHE C 35 32.63 -62.14 -13.92
CA PHE C 35 31.36 -62.28 -14.64
C PHE C 35 30.35 -63.13 -13.88
N ILE C 36 29.14 -62.58 -13.71
CA ILE C 36 28.08 -63.25 -12.97
C ILE C 36 27.02 -63.81 -13.90
N ASN C 37 26.72 -63.07 -14.97
CA ASN C 37 25.67 -63.48 -15.87
C ASN C 37 25.77 -62.77 -17.20
N ILE C 38 25.25 -63.44 -18.22
CA ILE C 38 25.13 -62.87 -19.56
C ILE C 38 23.67 -63.01 -19.95
N LEU C 39 23.02 -61.88 -20.19
CA LEU C 39 21.60 -61.83 -20.53
C LEU C 39 21.45 -61.12 -21.86
N GLU C 40 20.32 -61.27 -22.53
CA GLU C 40 19.98 -60.37 -23.63
C GLU C 40 21.09 -60.18 -24.68
N VAL C 41 21.58 -61.27 -25.26
CA VAL C 41 22.53 -61.20 -26.36
C VAL C 41 21.83 -60.94 -27.70
N ASN C 42 22.43 -60.13 -28.57
CA ASN C 42 21.84 -59.86 -29.89
C ASN C 42 22.90 -59.84 -30.98
N GLU C 43 22.95 -60.92 -31.77
CA GLU C 43 23.98 -61.07 -32.79
C GLU C 43 23.74 -60.15 -33.98
N ILE C 44 22.48 -59.82 -34.24
CA ILE C 44 22.19 -58.87 -35.30
C ILE C 44 22.78 -57.47 -34.98
N THR C 45 22.55 -56.98 -33.76
CA THR C 45 22.98 -55.63 -33.40
C THR C 45 24.34 -55.57 -32.71
N ASN C 46 24.93 -56.73 -32.43
CA ASN C 46 26.21 -56.75 -31.73
C ASN C 46 26.14 -56.03 -30.38
N GLU C 47 25.12 -56.38 -29.61
CA GLU C 47 24.95 -55.83 -28.28
C GLU C 47 24.74 -56.94 -27.28
N VAL C 48 25.16 -56.72 -26.05
CA VAL C 48 25.03 -57.74 -25.03
C VAL C 48 24.87 -57.09 -23.66
N ASP C 49 24.09 -57.73 -22.80
CA ASP C 49 23.91 -57.32 -21.41
C ASP C 49 24.71 -58.24 -20.51
N VAL C 50 25.55 -57.65 -19.67
CA VAL C 50 26.37 -58.45 -18.77
C VAL C 50 26.21 -57.99 -17.32
N VAL C 51 26.28 -58.94 -16.40
CA VAL C 51 26.34 -58.65 -14.99
C VAL C 51 27.69 -59.11 -14.48
N PHE C 52 28.42 -58.22 -13.83
CA PHE C 52 29.76 -58.53 -13.37
C PHE C 52 30.09 -57.74 -12.11
N TRP C 53 30.95 -58.33 -11.27
CA TRP C 53 31.52 -57.58 -10.16
C TRP C 53 32.73 -56.83 -10.70
N GLN C 54 32.74 -55.52 -10.51
CA GLN C 54 33.87 -54.73 -10.97
C GLN C 54 34.86 -54.51 -9.83
N GLN C 55 35.77 -55.46 -9.66
CA GLN C 55 36.72 -55.41 -8.56
C GLN C 55 37.77 -54.34 -8.81
N THR C 56 37.80 -53.34 -7.92
CA THR C 56 38.66 -52.18 -8.09
C THR C 56 39.45 -51.93 -6.81
N THR C 57 40.76 -51.89 -6.92
CA THR C 57 41.60 -51.63 -5.76
C THR C 57 42.58 -50.48 -6.03
N TRP C 58 42.92 -49.76 -4.96
CA TRP C 58 43.90 -48.70 -5.04
C TRP C 58 44.26 -48.32 -3.64
N SER C 59 45.26 -47.47 -3.54
CA SER C 59 45.77 -47.02 -2.26
C SER C 59 45.53 -45.52 -2.05
N ASP C 60 45.02 -45.17 -0.88
CA ASP C 60 44.83 -43.77 -0.49
C ASP C 60 45.33 -43.56 0.94
N ARG C 61 46.55 -43.05 1.09
CA ARG C 61 47.18 -43.01 2.39
C ARG C 61 46.50 -42.04 3.34
N THR C 62 45.79 -41.06 2.80
CA THR C 62 45.08 -40.11 3.65
C THR C 62 44.00 -40.80 4.48
N LEU C 63 43.66 -42.02 4.14
CA LEU C 63 42.65 -42.76 4.90
C LEU C 63 43.26 -43.57 6.05
N ALA C 64 44.58 -43.67 6.09
CA ALA C 64 45.26 -44.57 7.02
C ALA C 64 45.08 -44.20 8.48
N TRP C 65 45.11 -45.21 9.35
CA TRP C 65 45.08 -44.97 10.78
C TRP C 65 45.92 -46.01 11.51
N ASN C 66 46.34 -45.68 12.74
CA ASN C 66 47.07 -46.62 13.57
C ASN C 66 46.14 -47.71 14.08
N SER C 67 46.35 -48.95 13.64
CA SER C 67 45.39 -50.01 13.96
C SER C 67 45.79 -50.94 15.10
N SER C 68 46.84 -50.60 15.83
CA SER C 68 47.14 -51.37 17.04
C SER C 68 46.03 -51.06 18.04
N HIS C 69 45.42 -52.10 18.58
CA HIS C 69 44.28 -51.92 19.50
C HIS C 69 43.08 -51.26 18.81
N SER C 70 42.95 -51.45 17.50
CA SER C 70 41.82 -50.88 16.76
C SER C 70 41.40 -51.83 15.64
N PRO C 71 40.16 -51.66 15.13
CA PRO C 71 39.78 -52.44 13.95
C PRO C 71 40.75 -52.19 12.79
N ASP C 72 40.99 -53.23 12.00
CA ASP C 72 41.96 -53.20 10.92
C ASP C 72 41.32 -52.74 9.61
N GLN C 73 39.99 -52.85 9.52
CA GLN C 73 39.24 -52.53 8.31
C GLN C 73 37.86 -51.99 8.64
N VAL C 74 37.32 -51.13 7.78
CA VAL C 74 35.95 -50.68 7.89
C VAL C 74 35.29 -50.61 6.53
N SER C 75 33.97 -50.67 6.53
CA SER C 75 33.19 -50.41 5.34
C SER C 75 32.79 -48.93 5.29
N VAL C 76 33.04 -48.29 4.14
CA VAL C 76 32.86 -46.86 4.00
C VAL C 76 32.03 -46.54 2.75
N PRO C 77 31.02 -45.66 2.89
CA PRO C 77 30.26 -45.24 1.71
C PRO C 77 31.19 -44.59 0.70
N ILE C 78 31.12 -44.94 -0.58
CA ILE C 78 32.04 -44.36 -1.55
C ILE C 78 31.84 -42.85 -1.71
N SER C 79 30.68 -42.33 -1.30
CA SER C 79 30.46 -40.90 -1.30
C SER C 79 31.44 -40.17 -0.38
N SER C 80 32.01 -40.88 0.58
CA SER C 80 33.01 -40.29 1.47
C SER C 80 34.46 -40.53 1.04
N LEU C 81 34.69 -41.16 -0.11
CA LEU C 81 36.04 -41.48 -0.57
C LEU C 81 36.27 -40.97 -1.97
N TRP C 82 37.54 -40.72 -2.30
CA TRP C 82 37.90 -40.59 -3.71
C TRP C 82 37.80 -41.97 -4.33
N VAL C 83 37.23 -42.02 -5.53
CA VAL C 83 37.09 -43.25 -6.30
C VAL C 83 37.57 -42.95 -7.72
N PRO C 84 38.30 -43.90 -8.34
CA PRO C 84 38.80 -43.71 -9.71
C PRO C 84 37.63 -43.47 -10.65
N ASP C 85 37.77 -42.54 -11.60
CA ASP C 85 36.74 -42.24 -12.58
C ASP C 85 36.75 -43.21 -13.77
N LEU C 86 36.62 -44.50 -13.48
CA LEU C 86 36.66 -45.53 -14.53
C LEU C 86 35.37 -45.53 -15.34
N ALA C 87 35.51 -45.80 -16.63
CA ALA C 87 34.35 -46.00 -17.49
C ALA C 87 34.65 -47.08 -18.49
N ALA C 88 33.60 -47.78 -18.91
CA ALA C 88 33.72 -48.75 -19.99
C ALA C 88 33.47 -47.99 -21.28
N TYR C 89 34.49 -47.90 -22.13
CA TYR C 89 34.39 -47.13 -23.38
C TYR C 89 33.30 -47.61 -24.33
N ASN C 90 33.06 -48.92 -24.39
CA ASN C 90 32.08 -49.47 -25.33
C ASN C 90 30.75 -49.82 -24.67
N ALA C 91 30.52 -49.31 -23.46
CA ALA C 91 29.22 -49.41 -22.81
C ALA C 91 28.21 -48.52 -23.54
N ILE C 92 26.98 -48.99 -23.67
CA ILE C 92 25.95 -48.20 -24.32
C ILE C 92 24.77 -47.92 -23.39
N SER C 93 24.95 -48.26 -22.12
CA SER C 93 24.01 -47.85 -21.07
C SER C 93 24.89 -47.48 -19.90
N LYS C 94 24.39 -46.62 -19.01
CA LYS C 94 25.21 -46.32 -17.84
C LYS C 94 25.15 -47.50 -16.89
N PRO C 95 26.17 -47.63 -16.05
CA PRO C 95 26.22 -48.79 -15.15
C PRO C 95 25.00 -48.81 -14.24
N GLU C 96 24.31 -49.94 -14.18
CA GLU C 96 23.29 -50.12 -13.16
C GLU C 96 23.96 -50.80 -11.97
N VAL C 97 24.25 -50.04 -10.92
CA VAL C 97 24.90 -50.60 -9.73
C VAL C 97 23.87 -51.35 -8.90
N LEU C 98 24.08 -52.65 -8.73
CA LEU C 98 23.08 -53.54 -8.11
C LEU C 98 23.20 -53.62 -6.59
N THR C 99 24.35 -53.27 -6.06
CA THR C 99 24.69 -53.59 -4.69
C THR C 99 24.93 -52.31 -3.88
N PRO C 100 24.94 -52.43 -2.53
CA PRO C 100 25.20 -51.26 -1.67
C PRO C 100 26.54 -50.63 -1.99
N GLN C 101 26.57 -49.31 -2.10
CA GLN C 101 27.77 -48.63 -2.57
C GLN C 101 28.78 -48.32 -1.46
N LEU C 102 29.39 -49.39 -0.94
CA LEU C 102 30.37 -49.32 0.13
C LEU C 102 31.69 -49.88 -0.36
N ALA C 103 32.78 -49.21 0.03
CA ALA C 103 34.12 -49.75 -0.21
C ALA C 103 34.69 -50.25 1.11
N ARG C 104 35.66 -51.14 1.03
CA ARG C 104 36.31 -51.65 2.22
C ARG C 104 37.68 -50.97 2.31
N VAL C 105 37.97 -50.36 3.45
CA VAL C 105 39.20 -49.61 3.66
C VAL C 105 40.05 -50.25 4.75
N VAL C 106 41.29 -50.57 4.42
CA VAL C 106 42.22 -51.15 5.39
C VAL C 106 43.03 -50.04 6.08
N SER C 107 43.49 -50.30 7.30
CA SER C 107 44.15 -49.28 8.10
C SER C 107 45.39 -48.66 7.45
N ASP C 108 46.00 -49.36 6.49
CA ASP C 108 47.14 -48.81 5.76
C ASP C 108 46.73 -47.96 4.55
N GLY C 109 45.43 -47.83 4.31
CA GLY C 109 44.96 -47.00 3.21
C GLY C 109 44.58 -47.77 1.94
N GLU C 110 44.76 -49.08 1.94
CA GLU C 110 44.32 -49.89 0.80
C GLU C 110 42.80 -49.87 0.73
N VAL C 111 42.27 -49.65 -0.47
CA VAL C 111 40.83 -49.64 -0.68
C VAL C 111 40.39 -50.71 -1.65
N LEU C 112 39.25 -51.32 -1.37
CA LEU C 112 38.62 -52.26 -2.29
C LEU C 112 37.18 -51.82 -2.50
N TYR C 113 36.79 -51.66 -3.76
CA TYR C 113 35.41 -51.37 -4.10
C TYR C 113 34.99 -52.38 -5.16
N MET C 114 33.94 -53.13 -4.88
CA MET C 114 33.55 -54.24 -5.77
C MET C 114 32.04 -54.34 -5.93
N PRO C 115 31.46 -53.38 -6.66
CA PRO C 115 30.02 -53.43 -6.90
C PRO C 115 29.64 -54.46 -7.96
N SER C 116 28.45 -55.01 -7.85
CA SER C 116 27.92 -55.81 -8.93
C SER C 116 27.21 -54.86 -9.88
N ILE C 117 27.54 -54.97 -11.16
CA ILE C 117 27.05 -54.04 -12.14
C ILE C 117 26.37 -54.76 -13.30
N ARG C 118 25.23 -54.22 -13.72
CA ARG C 118 24.63 -54.66 -14.97
C ARG C 118 24.76 -53.55 -16.01
N GLN C 119 25.27 -53.91 -17.18
CA GLN C 119 25.55 -52.92 -18.19
C GLN C 119 25.45 -53.54 -19.58
N ARG C 120 25.02 -52.74 -20.53
CA ARG C 120 24.93 -53.17 -21.90
C ARG C 120 26.13 -52.67 -22.71
N PHE C 121 26.65 -53.51 -23.58
CA PHE C 121 27.87 -53.20 -24.33
C PHE C 121 27.69 -53.40 -25.84
N SER C 122 28.41 -52.61 -26.60
CA SER C 122 28.57 -52.83 -28.03
C SER C 122 29.87 -53.60 -28.23
N CYS C 123 29.77 -54.78 -28.80
CA CYS C 123 30.95 -55.61 -29.03
C CYS C 123 30.66 -56.73 -30.01
N ASP C 124 31.67 -57.53 -30.31
CA ASP C 124 31.56 -58.57 -31.32
C ASP C 124 30.79 -59.81 -30.85
N VAL C 125 29.53 -59.91 -31.22
CA VAL C 125 28.69 -61.01 -30.79
C VAL C 125 28.69 -62.19 -31.80
N SER C 126 29.34 -61.99 -32.96
CA SER C 126 29.32 -63.00 -34.00
C SER C 126 29.92 -64.32 -33.52
N GLY C 127 29.29 -65.42 -33.92
CA GLY C 127 29.78 -66.74 -33.56
C GLY C 127 29.33 -67.20 -32.19
N VAL C 128 28.47 -66.42 -31.50
CA VAL C 128 28.02 -66.76 -30.16
C VAL C 128 27.29 -68.09 -30.18
N ASP C 129 26.71 -68.41 -31.33
CA ASP C 129 25.93 -69.62 -31.48
C ASP C 129 26.72 -70.75 -32.12
N THR C 130 28.04 -70.65 -32.10
CA THR C 130 28.90 -71.70 -32.63
C THR C 130 29.74 -72.30 -31.51
N GLU C 131 30.44 -73.38 -31.82
CA GLU C 131 31.34 -74.03 -30.87
C GLU C 131 32.43 -73.13 -30.31
N SER C 132 33.04 -72.32 -31.15
CA SER C 132 34.14 -71.47 -30.70
C SER C 132 33.63 -70.21 -30.01
N GLY C 133 32.33 -69.96 -30.12
CA GLY C 133 31.68 -68.86 -29.44
C GLY C 133 32.02 -67.48 -29.94
N ALA C 134 31.48 -66.47 -29.26
CA ALA C 134 31.78 -65.07 -29.55
C ALA C 134 32.88 -64.56 -28.60
N THR C 135 33.58 -63.53 -29.00
CA THR C 135 34.54 -62.88 -28.10
C THR C 135 34.20 -61.40 -27.98
N CYS C 136 33.63 -61.04 -26.83
CA CYS C 136 33.23 -59.66 -26.55
C CYS C 136 34.34 -58.96 -25.74
N ARG C 137 34.85 -57.87 -26.30
CA ARG C 137 35.91 -57.11 -25.67
C ARG C 137 35.34 -55.89 -24.92
N ILE C 138 35.65 -55.79 -23.64
CA ILE C 138 35.20 -54.67 -22.82
C ILE C 138 36.40 -53.82 -22.41
N LYS C 139 36.33 -52.52 -22.72
CA LYS C 139 37.45 -51.60 -22.50
C LYS C 139 37.17 -50.63 -21.35
N ILE C 140 37.99 -50.71 -20.32
CA ILE C 140 37.81 -49.93 -19.11
C ILE C 140 39.05 -49.14 -18.73
N GLY C 141 38.87 -47.85 -18.49
CA GLY C 141 39.97 -46.99 -18.06
C GLY C 141 39.50 -45.69 -17.43
N SER C 142 40.43 -44.89 -16.92
CA SER C 142 40.08 -43.59 -16.37
C SER C 142 39.57 -42.68 -17.47
N TRP C 143 38.43 -42.05 -17.25
CA TRP C 143 37.88 -41.15 -18.25
C TRP C 143 38.72 -39.88 -18.44
N THR C 144 39.20 -39.29 -17.34
CA THR C 144 39.83 -37.96 -17.42
C THR C 144 41.27 -37.88 -16.89
N HIS C 145 41.81 -38.97 -16.36
CA HIS C 145 43.16 -38.95 -15.79
C HIS C 145 44.16 -39.72 -16.67
N HIS C 146 45.18 -39.01 -17.15
CA HIS C 146 46.19 -39.65 -17.99
C HIS C 146 47.14 -40.53 -17.18
N SER C 147 48.09 -41.16 -17.87
CA SER C 147 48.94 -42.19 -17.27
C SER C 147 49.86 -41.73 -16.11
N ARG C 148 50.16 -40.44 -16.03
CA ARG C 148 50.96 -39.94 -14.90
C ARG C 148 50.12 -39.72 -13.63
N GLU C 149 48.80 -39.85 -13.74
CA GLU C 149 47.91 -39.64 -12.61
C GLU C 149 47.24 -40.93 -12.20
N ILE C 150 46.80 -41.70 -13.18
CA ILE C 150 46.22 -43.02 -12.91
C ILE C 150 46.81 -44.07 -13.85
N SER C 151 47.29 -45.16 -13.28
CA SER C 151 47.62 -46.32 -14.10
C SER C 151 46.57 -47.37 -13.83
N VAL C 152 46.25 -48.13 -14.87
CA VAL C 152 45.28 -49.21 -14.75
C VAL C 152 45.92 -50.53 -15.15
N ASP C 153 45.76 -51.55 -14.33
CA ASP C 153 46.34 -52.86 -14.58
C ASP C 153 45.35 -53.95 -14.22
N PRO C 154 45.37 -55.04 -14.99
CA PRO C 154 44.56 -56.20 -14.63
C PRO C 154 45.09 -56.78 -13.33
N THR C 155 44.22 -57.45 -12.58
CA THR C 155 44.63 -58.00 -11.30
C THR C 155 45.59 -59.17 -11.50
N THR C 156 46.70 -59.12 -10.77
CA THR C 156 47.80 -60.07 -10.93
C THR C 156 47.35 -61.54 -10.85
N GLU C 157 46.28 -61.76 -10.11
CA GLU C 157 45.70 -63.08 -9.85
C GLU C 157 45.54 -64.03 -11.05
N ASN C 158 45.69 -65.33 -10.79
CA ASN C 158 45.19 -66.39 -11.66
C ASN C 158 43.81 -66.73 -11.13
N SER C 159 42.91 -67.16 -12.00
CA SER C 159 41.55 -67.33 -11.51
C SER C 159 40.77 -68.40 -12.27
N ASP C 160 39.72 -68.89 -11.63
CA ASP C 160 38.72 -69.68 -12.33
C ASP C 160 37.73 -68.69 -12.95
N ASP C 161 37.73 -68.63 -14.29
CA ASP C 161 36.96 -67.61 -15.05
C ASP C 161 35.46 -67.65 -14.83
N SER C 162 34.94 -68.77 -14.36
CA SER C 162 33.50 -68.98 -14.27
C SER C 162 33.03 -69.12 -12.83
N GLU C 163 33.94 -68.89 -11.89
CA GLU C 163 33.70 -69.17 -10.47
C GLU C 163 32.37 -68.67 -9.95
N TYR C 164 31.99 -67.48 -10.37
CA TYR C 164 30.75 -66.86 -9.87
C TYR C 164 29.69 -66.79 -10.95
N PHE C 165 29.97 -67.36 -12.12
CA PHE C 165 29.05 -67.25 -13.24
C PHE C 165 27.80 -68.12 -13.03
N SER C 166 26.63 -67.56 -13.34
CA SER C 166 25.37 -68.26 -13.09
C SER C 166 25.22 -69.53 -13.95
N GLN C 167 24.86 -70.62 -13.29
CA GLN C 167 24.62 -71.87 -14.00
C GLN C 167 23.30 -71.81 -14.77
N TYR C 168 22.51 -70.76 -14.52
CA TYR C 168 21.19 -70.67 -15.12
C TYR C 168 21.15 -69.75 -16.32
N SER C 169 22.27 -69.13 -16.63
CA SER C 169 22.41 -68.34 -17.86
C SER C 169 22.24 -69.24 -19.09
N ARG C 170 21.78 -68.66 -20.20
CA ARG C 170 21.67 -69.41 -21.45
C ARG C 170 23.04 -69.56 -22.09
N PHE C 171 24.01 -68.85 -21.53
CA PHE C 171 25.36 -68.84 -22.08
C PHE C 171 26.38 -69.44 -21.13
N GLU C 172 27.55 -69.75 -21.65
CA GLU C 172 28.61 -70.25 -20.81
C GLU C 172 29.91 -69.55 -21.21
N ILE C 173 30.81 -69.44 -20.24
CA ILE C 173 32.08 -68.77 -20.48
C ILE C 173 33.15 -69.79 -20.85
N LEU C 174 33.81 -69.54 -21.98
CA LEU C 174 34.87 -70.43 -22.45
C LEU C 174 36.24 -69.95 -21.94
N ASP C 175 36.40 -68.63 -21.87
CA ASP C 175 37.69 -68.06 -21.51
C ASP C 175 37.57 -66.56 -21.28
N VAL C 176 38.40 -66.06 -20.38
CA VAL C 176 38.51 -64.63 -20.16
C VAL C 176 39.99 -64.30 -20.21
N THR C 177 40.36 -63.33 -21.04
CA THR C 177 41.73 -62.84 -21.07
C THR C 177 41.77 -61.33 -20.87
N GLN C 178 42.91 -60.82 -20.44
CA GLN C 178 43.09 -59.41 -20.17
C GLN C 178 44.34 -58.85 -20.83
N LYS C 179 44.24 -57.61 -21.29
CA LYS C 179 45.37 -56.93 -21.91
C LYS C 179 45.37 -55.49 -21.42
N LYS C 180 46.54 -55.00 -21.03
CA LYS C 180 46.68 -53.61 -20.64
C LYS C 180 47.10 -52.78 -21.85
N ASN C 181 46.50 -51.60 -22.02
CA ASN C 181 46.87 -50.69 -23.10
C ASN C 181 47.14 -49.27 -22.63
N SER C 182 47.91 -48.55 -23.43
CA SER C 182 48.18 -47.15 -23.16
C SER C 182 47.92 -46.41 -24.46
N VAL C 183 46.90 -45.57 -24.48
CA VAL C 183 46.44 -45.00 -25.73
C VAL C 183 46.48 -43.50 -25.76
N THR C 184 46.79 -42.96 -26.93
CA THR C 184 46.74 -41.54 -27.13
C THR C 184 45.54 -41.18 -27.98
N TYR C 185 44.64 -40.39 -27.41
CA TYR C 185 43.49 -39.86 -28.13
C TYR C 185 43.81 -38.50 -28.75
N SER C 186 43.25 -38.24 -29.93
CA SER C 186 43.59 -37.02 -30.67
C SER C 186 43.17 -35.75 -29.93
N CYS C 187 42.33 -35.91 -28.91
CA CYS C 187 41.86 -34.77 -28.13
CA CYS C 187 41.86 -34.76 -28.16
C CYS C 187 42.95 -34.21 -27.22
N CYS C 188 43.82 -35.09 -26.73
CA CYS C 188 44.80 -34.68 -25.74
C CYS C 188 46.18 -35.26 -25.99
N PRO C 189 47.23 -34.58 -25.50
CA PRO C 189 48.63 -34.97 -25.75
C PRO C 189 49.12 -36.14 -24.91
N GLU C 190 48.49 -36.42 -23.78
CA GLU C 190 48.99 -37.48 -22.90
C GLU C 190 48.40 -38.85 -23.22
N ALA C 191 48.98 -39.90 -22.65
CA ALA C 191 48.47 -41.24 -22.85
C ALA C 191 47.50 -41.62 -21.74
N TYR C 192 46.48 -42.40 -22.08
CA TYR C 192 45.50 -42.88 -21.11
C TYR C 192 45.48 -44.39 -21.07
N GLU C 193 45.61 -44.97 -19.88
CA GLU C 193 45.66 -46.41 -19.78
C GLU C 193 44.27 -47.04 -19.71
N ASP C 194 44.17 -48.25 -20.23
CA ASP C 194 42.94 -49.01 -20.10
C ASP C 194 43.25 -50.49 -19.94
N VAL C 195 42.28 -51.22 -19.43
CA VAL C 195 42.35 -52.68 -19.47
C VAL C 195 41.28 -53.17 -20.44
N GLU C 196 41.63 -54.11 -21.31
CA GLU C 196 40.67 -54.73 -22.19
C GLU C 196 40.41 -56.15 -21.74
N VAL C 197 39.17 -56.42 -21.37
CA VAL C 197 38.79 -57.74 -20.91
C VAL C 197 38.06 -58.46 -22.04
N SER C 198 38.62 -59.56 -22.52
CA SER C 198 38.04 -60.30 -23.62
C SER C 198 37.28 -61.49 -23.09
N LEU C 199 35.96 -61.45 -23.26
CA LEU C 199 35.07 -62.48 -22.76
C LEU C 199 34.67 -63.42 -23.92
N ASN C 200 35.18 -64.65 -23.87
CA ASN C 200 34.85 -65.66 -24.88
C ASN C 200 33.71 -66.53 -24.35
N PHE C 201 32.56 -66.45 -25.00
CA PHE C 201 31.37 -67.13 -24.50
C PHE C 201 30.50 -67.66 -25.63
N ARG C 202 29.60 -68.58 -25.33
CA ARG C 202 28.73 -69.15 -26.34
C ARG C 202 27.39 -69.54 -25.74
N LYS C 203 26.39 -69.69 -26.58
CA LYS C 203 25.10 -70.21 -26.14
C LYS C 203 25.21 -71.70 -25.84
N LYS C 204 24.61 -72.13 -24.74
CA LYS C 204 24.63 -73.54 -24.36
C LYS C 204 23.68 -74.35 -25.25
N LEU D 1 51.26 -24.85 -4.16
CA LEU D 1 49.93 -25.45 -4.24
C LEU D 1 50.03 -26.90 -4.67
N ASP D 2 49.32 -27.77 -3.97
CA ASP D 2 49.10 -29.13 -4.48
C ASP D 2 47.66 -29.28 -5.00
N ARG D 3 47.32 -30.45 -5.53
CA ARG D 3 45.98 -30.69 -6.06
C ARG D 3 44.89 -30.45 -5.03
N ALA D 4 45.12 -30.88 -3.79
CA ALA D 4 44.15 -30.66 -2.73
C ALA D 4 43.83 -29.18 -2.52
N ASP D 5 44.87 -28.34 -2.50
CA ASP D 5 44.68 -26.91 -2.33
C ASP D 5 43.92 -26.32 -3.50
N ILE D 6 44.32 -26.68 -4.72
CA ILE D 6 43.66 -26.19 -5.92
C ILE D 6 42.19 -26.55 -5.89
N LEU D 7 41.88 -27.81 -5.64
CA LEU D 7 40.48 -28.28 -5.66
C LEU D 7 39.68 -27.66 -4.54
N TYR D 8 40.31 -27.43 -3.40
CA TYR D 8 39.66 -26.78 -2.28
C TYR D 8 39.31 -25.33 -2.65
N ASN D 9 40.27 -24.62 -3.22
CA ASN D 9 40.03 -23.23 -3.62
C ASN D 9 38.94 -23.09 -4.66
N ILE D 10 38.95 -24.00 -5.64
CA ILE D 10 37.91 -24.03 -6.68
C ILE D 10 36.54 -24.29 -6.05
N ARG D 11 36.45 -25.31 -5.21
CA ARG D 11 35.19 -25.64 -4.56
C ARG D 11 34.65 -24.48 -3.72
N GLN D 12 35.53 -23.84 -2.93
CA GLN D 12 35.13 -22.74 -2.04
C GLN D 12 34.72 -21.44 -2.75
N THR D 13 35.26 -21.18 -3.93
CA THR D 13 35.04 -19.88 -4.55
C THR D 13 34.28 -19.95 -5.87
N SER D 14 34.20 -21.14 -6.45
CA SER D 14 33.60 -21.25 -7.77
C SER D 14 32.10 -20.93 -7.70
N ARG D 15 31.62 -20.24 -8.72
CA ARG D 15 30.23 -19.83 -8.78
C ARG D 15 29.59 -20.53 -9.96
N PRO D 16 28.99 -21.70 -9.71
CA PRO D 16 28.51 -22.55 -10.81
C PRO D 16 27.33 -21.92 -11.52
N ASP D 17 26.70 -20.94 -10.88
CA ASP D 17 25.51 -20.27 -11.42
C ASP D 17 25.86 -18.99 -12.18
N VAL D 18 27.13 -18.60 -12.15
CA VAL D 18 27.56 -17.35 -12.77
C VAL D 18 28.33 -17.56 -14.08
N ILE D 19 27.76 -17.09 -15.18
CA ILE D 19 28.42 -17.20 -16.48
C ILE D 19 29.70 -16.33 -16.46
N PRO D 20 30.84 -16.94 -16.80
CA PRO D 20 32.16 -16.28 -16.67
C PRO D 20 32.43 -15.30 -17.81
N THR D 21 31.49 -14.40 -18.01
CA THR D 21 31.58 -13.40 -19.06
C THR D 21 32.65 -12.40 -18.65
N GLN D 22 33.50 -12.01 -19.59
CA GLN D 22 34.54 -11.02 -19.29
C GLN D 22 34.43 -9.77 -20.15
N ARG D 23 34.35 -8.63 -19.47
CA ARG D 23 34.19 -7.33 -20.11
C ARG D 23 32.97 -7.28 -21.03
N ASP D 24 31.88 -7.93 -20.61
CA ASP D 24 30.64 -8.02 -21.37
C ASP D 24 30.78 -8.54 -22.80
N ARG D 25 31.74 -9.42 -23.01
CA ARG D 25 31.86 -10.14 -24.26
C ARG D 25 31.26 -11.53 -24.07
N PRO D 26 30.87 -12.21 -25.14
CA PRO D 26 30.29 -13.53 -24.90
C PRO D 26 31.35 -14.56 -24.50
N VAL D 27 30.95 -15.55 -23.71
CA VAL D 27 31.82 -16.69 -23.43
C VAL D 27 31.87 -17.50 -24.70
N ALA D 28 33.06 -17.70 -25.23
CA ALA D 28 33.21 -18.49 -26.45
C ALA D 28 33.25 -19.98 -26.14
N VAL D 29 32.19 -20.69 -26.51
CA VAL D 29 32.10 -22.13 -26.29
C VAL D 29 32.37 -22.90 -27.58
N SER D 30 33.27 -23.89 -27.52
CA SER D 30 33.50 -24.79 -28.64
C SER D 30 32.80 -26.11 -28.40
N VAL D 31 32.13 -26.63 -29.42
CA VAL D 31 31.43 -27.90 -29.34
C VAL D 31 31.80 -28.81 -30.51
N SER D 32 32.05 -30.07 -30.21
CA SER D 32 32.42 -31.06 -31.20
C SER D 32 31.90 -32.40 -30.75
N LEU D 33 31.18 -33.10 -31.63
CA LEU D 33 30.66 -34.42 -31.31
C LEU D 33 31.57 -35.51 -31.88
N LYS D 34 32.10 -36.38 -31.02
CA LYS D 34 32.88 -37.53 -31.48
C LYS D 34 31.97 -38.75 -31.42
N PHE D 35 31.54 -39.25 -32.59
CA PHE D 35 30.58 -40.33 -32.62
C PHE D 35 31.19 -41.70 -32.26
N ILE D 36 30.53 -42.39 -31.36
CA ILE D 36 31.03 -43.66 -30.86
C ILE D 36 30.19 -44.81 -31.41
N ASN D 37 28.89 -44.61 -31.48
CA ASN D 37 28.02 -45.67 -31.94
C ASN D 37 26.71 -45.13 -32.45
N ILE D 38 26.09 -45.90 -33.34
CA ILE D 38 24.75 -45.63 -33.82
C ILE D 38 23.93 -46.90 -33.58
N LEU D 39 22.88 -46.78 -32.79
CA LEU D 39 22.05 -47.93 -32.38
C LEU D 39 20.60 -47.59 -32.72
N GLU D 40 19.75 -48.60 -32.80
CA GLU D 40 18.31 -48.37 -32.84
C GLU D 40 17.86 -47.31 -33.84
N VAL D 41 18.20 -47.50 -35.12
CA VAL D 41 17.73 -46.61 -36.19
C VAL D 41 16.33 -47.02 -36.65
N ASN D 42 15.48 -46.04 -36.93
CA ASN D 42 14.11 -46.33 -37.38
C ASN D 42 13.69 -45.42 -38.52
N GLU D 43 13.68 -45.96 -39.74
CA GLU D 43 13.43 -45.15 -40.92
C GLU D 43 11.95 -44.77 -41.06
N ILE D 44 11.09 -45.60 -40.48
CA ILE D 44 9.66 -45.28 -40.45
C ILE D 44 9.39 -44.02 -39.62
N THR D 45 9.94 -43.98 -38.40
CA THR D 45 9.67 -42.89 -37.47
C THR D 45 10.68 -41.74 -37.53
N ASN D 46 11.73 -41.90 -38.33
CA ASN D 46 12.79 -40.89 -38.40
C ASN D 46 13.39 -40.59 -37.04
N GLU D 47 13.75 -41.65 -36.32
CA GLU D 47 14.39 -41.52 -35.02
C GLU D 47 15.65 -42.37 -35.00
N VAL D 48 16.63 -41.93 -34.24
CA VAL D 48 17.88 -42.64 -34.14
C VAL D 48 18.49 -42.46 -32.74
N ASP D 49 19.17 -43.50 -32.26
CA ASP D 49 19.90 -43.46 -31.02
C ASP D 49 21.37 -43.34 -31.34
N VAL D 50 22.02 -42.38 -30.72
CA VAL D 50 23.45 -42.18 -30.96
C VAL D 50 24.21 -42.12 -29.66
N VAL D 51 25.43 -42.65 -29.67
CA VAL D 51 26.37 -42.45 -28.57
C VAL D 51 27.51 -41.59 -29.07
N PHE D 52 27.81 -40.52 -28.37
CA PHE D 52 28.86 -39.60 -28.80
C PHE D 52 29.51 -38.95 -27.61
N TRP D 53 30.77 -38.57 -27.75
CA TRP D 53 31.44 -37.71 -26.78
C TRP D 53 31.10 -36.29 -27.16
N GLN D 54 30.59 -35.52 -26.22
CA GLN D 54 30.27 -34.13 -26.48
C GLN D 54 31.40 -33.24 -25.96
N GLN D 55 32.40 -33.02 -26.80
CA GLN D 55 33.57 -32.27 -26.42
C GLN D 55 33.23 -30.79 -26.34
N THR D 56 33.37 -30.23 -25.13
CA THR D 56 32.94 -28.87 -24.86
C THR D 56 34.08 -28.12 -24.19
N THR D 57 34.48 -26.99 -24.76
CA THR D 57 35.55 -26.19 -24.16
C THR D 57 35.15 -24.73 -24.05
N TRP D 58 35.66 -24.08 -23.01
CA TRP D 58 35.45 -22.67 -22.79
C TRP D 58 36.45 -22.20 -21.77
N SER D 59 36.46 -20.89 -21.53
CA SER D 59 37.38 -20.31 -20.60
C SER D 59 36.64 -19.68 -19.43
N ASP D 60 37.14 -19.94 -18.22
CA ASP D 60 36.62 -19.31 -17.01
C ASP D 60 37.81 -18.85 -16.17
N ARG D 61 38.25 -17.61 -16.37
CA ARG D 61 39.41 -17.04 -15.66
C ARG D 61 39.28 -17.04 -14.12
N THR D 62 38.08 -17.20 -13.58
CA THR D 62 37.91 -17.29 -12.13
C THR D 62 38.48 -18.59 -11.54
N LEU D 63 38.75 -19.57 -12.39
CA LEU D 63 39.30 -20.83 -11.92
C LEU D 63 40.83 -20.84 -11.93
N ALA D 64 41.42 -19.81 -12.53
CA ALA D 64 42.86 -19.78 -12.79
C ALA D 64 43.70 -19.75 -11.50
N TRP D 65 44.90 -20.32 -11.58
CA TRP D 65 45.83 -20.24 -10.46
C TRP D 65 47.27 -20.15 -10.98
N ASN D 66 48.19 -19.66 -10.15
CA ASN D 66 49.60 -19.63 -10.51
C ASN D 66 50.17 -21.05 -10.47
N SER D 67 50.56 -21.58 -11.62
CA SER D 67 50.98 -22.98 -11.68
C SER D 67 52.48 -23.21 -11.65
N SER D 68 53.23 -22.17 -11.32
CA SER D 68 54.65 -22.35 -11.09
C SER D 68 54.78 -23.15 -9.80
N HIS D 69 55.56 -24.22 -9.85
CA HIS D 69 55.70 -25.12 -8.70
C HIS D 69 54.37 -25.78 -8.29
N SER D 70 53.42 -25.88 -9.23
CA SER D 70 52.11 -26.47 -8.92
C SER D 70 51.61 -27.31 -10.09
N PRO D 71 50.65 -28.22 -9.83
CA PRO D 71 50.03 -28.93 -10.93
C PRO D 71 49.42 -27.94 -11.94
N ASP D 72 49.50 -28.29 -13.22
CA ASP D 72 49.03 -27.45 -14.29
C ASP D 72 47.54 -27.70 -14.62
N GLN D 73 47.02 -28.84 -14.20
CA GLN D 73 45.65 -29.23 -14.51
C GLN D 73 45.05 -30.08 -13.40
N VAL D 74 43.74 -29.99 -13.23
CA VAL D 74 43.05 -30.88 -12.31
C VAL D 74 41.72 -31.35 -12.90
N SER D 75 41.20 -32.44 -12.37
CA SER D 75 39.87 -32.91 -12.70
C SER D 75 38.90 -32.42 -11.62
N VAL D 76 37.81 -31.83 -12.06
CA VAL D 76 36.87 -31.15 -11.17
C VAL D 76 35.46 -31.60 -11.47
N PRO D 77 34.68 -31.97 -10.44
CA PRO D 77 33.27 -32.31 -10.65
C PRO D 77 32.54 -31.11 -11.26
N ILE D 78 31.74 -31.34 -12.30
CA ILE D 78 31.09 -30.22 -12.96
C ILE D 78 30.11 -29.51 -12.02
N SER D 79 29.68 -30.19 -10.96
CA SER D 79 28.80 -29.57 -9.98
C SER D 79 29.48 -28.39 -9.30
N SER D 80 30.81 -28.33 -9.39
CA SER D 80 31.56 -27.22 -8.80
C SER D 80 31.93 -26.13 -9.80
N LEU D 81 31.49 -26.25 -11.04
CA LEU D 81 31.86 -25.31 -12.12
C LEU D 81 30.66 -24.77 -12.84
N TRP D 82 30.77 -23.57 -13.40
CA TRP D 82 29.76 -23.14 -14.36
C TRP D 82 29.97 -23.96 -15.61
N VAL D 83 28.87 -24.45 -16.17
CA VAL D 83 28.88 -25.23 -17.42
C VAL D 83 27.86 -24.62 -18.38
N PRO D 84 28.22 -24.48 -19.66
CA PRO D 84 27.29 -23.97 -20.67
C PRO D 84 25.97 -24.75 -20.70
N ASP D 85 24.85 -24.06 -20.83
CA ASP D 85 23.54 -24.74 -20.83
C ASP D 85 23.17 -25.25 -22.24
N LEU D 86 24.03 -26.08 -22.82
CA LEU D 86 23.80 -26.60 -24.16
C LEU D 86 22.67 -27.63 -24.18
N ALA D 87 21.91 -27.65 -25.26
CA ALA D 87 20.91 -28.66 -25.46
C ALA D 87 20.83 -28.96 -26.94
N ALA D 88 20.51 -30.21 -27.24
CA ALA D 88 20.24 -30.58 -28.62
C ALA D 88 18.78 -30.33 -28.88
N TYR D 89 18.50 -29.44 -29.82
CA TYR D 89 17.12 -29.04 -30.14
C TYR D 89 16.21 -30.18 -30.62
N ASN D 90 16.78 -31.12 -31.36
CA ASN D 90 15.99 -32.19 -31.93
C ASN D 90 16.13 -33.53 -31.18
N ALA D 91 16.69 -33.47 -29.98
CA ALA D 91 16.72 -34.64 -29.10
C ALA D 91 15.32 -34.93 -28.58
N ILE D 92 14.98 -36.21 -28.48
CA ILE D 92 13.65 -36.60 -28.01
C ILE D 92 13.73 -37.45 -26.77
N SER D 93 14.92 -37.52 -26.19
CA SER D 93 15.11 -38.09 -24.85
C SER D 93 16.13 -37.19 -24.15
N LYS D 94 16.16 -37.20 -22.83
CA LYS D 94 17.19 -36.40 -22.20
C LYS D 94 18.52 -37.13 -22.29
N PRO D 95 19.62 -36.37 -22.24
CA PRO D 95 20.92 -37.02 -22.42
C PRO D 95 21.15 -38.06 -21.34
N GLU D 96 21.53 -39.26 -21.73
CA GLU D 96 21.98 -40.25 -20.75
C GLU D 96 23.49 -40.13 -20.68
N VAL D 97 23.98 -39.53 -19.60
CA VAL D 97 25.43 -39.34 -19.45
C VAL D 97 26.06 -40.64 -18.97
N LEU D 98 26.93 -41.21 -19.79
CA LEU D 98 27.48 -42.54 -19.53
C LEU D 98 28.72 -42.53 -18.63
N THR D 99 29.39 -41.38 -18.54
CA THR D 99 30.70 -41.32 -17.92
C THR D 99 30.75 -40.45 -16.66
N PRO D 100 31.80 -40.59 -15.86
CA PRO D 100 31.94 -39.73 -14.67
C PRO D 100 31.88 -38.26 -15.04
N GLN D 101 31.11 -37.48 -14.30
CA GLN D 101 30.87 -36.08 -14.65
C GLN D 101 31.94 -35.12 -14.12
N LEU D 102 33.13 -35.23 -14.70
CA LEU D 102 34.28 -34.44 -14.32
C LEU D 102 34.74 -33.65 -15.52
N ALA D 103 35.16 -32.41 -15.27
CA ALA D 103 35.78 -31.59 -16.31
C ALA D 103 37.25 -31.46 -15.99
N ARG D 104 38.04 -31.14 -17.00
CA ARG D 104 39.45 -30.91 -16.80
C ARG D 104 39.67 -29.41 -16.85
N VAL D 105 40.31 -28.87 -15.82
CA VAL D 105 40.57 -27.44 -15.72
C VAL D 105 42.06 -27.17 -15.75
N VAL D 106 42.50 -26.30 -16.66
CA VAL D 106 43.89 -25.88 -16.76
C VAL D 106 44.12 -24.61 -15.93
N SER D 107 45.35 -24.42 -15.47
CA SER D 107 45.68 -23.31 -14.55
C SER D 107 45.38 -21.92 -15.09
N ASP D 108 45.25 -21.78 -16.41
CA ASP D 108 44.89 -20.50 -17.02
C ASP D 108 43.36 -20.32 -17.13
N GLY D 109 42.60 -21.32 -16.69
CA GLY D 109 41.15 -21.23 -16.68
C GLY D 109 40.46 -21.90 -17.87
N GLU D 110 41.22 -22.51 -18.76
CA GLU D 110 40.62 -23.26 -19.84
C GLU D 110 39.96 -24.51 -19.28
N VAL D 111 38.74 -24.79 -19.73
CA VAL D 111 38.01 -25.95 -19.26
C VAL D 111 37.65 -26.89 -20.41
N LEU D 112 37.79 -28.19 -20.16
CA LEU D 112 37.34 -29.22 -21.08
C LEU D 112 36.36 -30.14 -20.39
N TYR D 113 35.17 -30.27 -20.93
CA TYR D 113 34.22 -31.25 -20.45
C TYR D 113 33.81 -32.14 -21.63
N MET D 114 33.99 -33.46 -21.51
CA MET D 114 33.75 -34.35 -22.62
C MET D 114 33.09 -35.66 -22.17
N PRO D 115 31.80 -35.58 -21.85
CA PRO D 115 31.08 -36.79 -21.44
C PRO D 115 30.71 -37.65 -22.64
N SER D 116 30.60 -38.95 -22.42
CA SER D 116 29.99 -39.79 -23.42
C SER D 116 28.50 -39.79 -23.14
N ILE D 117 27.73 -39.55 -24.19
CA ILE D 117 26.30 -39.40 -24.05
C ILE D 117 25.56 -40.31 -25.00
N ARG D 118 24.50 -40.93 -24.51
CA ARG D 118 23.58 -41.64 -25.38
C ARG D 118 22.25 -40.87 -25.42
N GLN D 119 21.77 -40.60 -26.62
CA GLN D 119 20.58 -39.78 -26.77
C GLN D 119 19.83 -40.16 -28.04
N ARG D 120 18.51 -40.03 -27.99
CA ARG D 120 17.70 -40.32 -29.16
C ARG D 120 17.32 -39.00 -29.85
N PHE D 121 17.32 -39.02 -31.18
CA PHE D 121 17.07 -37.81 -31.95
C PHE D 121 15.98 -38.00 -33.00
N SER D 122 15.24 -36.94 -33.28
CA SER D 122 14.37 -36.88 -34.43
C SER D 122 15.15 -36.22 -35.58
N CYS D 123 15.30 -36.95 -36.67
CA CYS D 123 16.03 -36.43 -37.82
C CYS D 123 15.76 -37.27 -39.09
N ASP D 124 16.37 -36.88 -40.19
CA ASP D 124 16.12 -37.50 -41.47
C ASP D 124 16.84 -38.85 -41.61
N VAL D 125 16.12 -39.94 -41.40
CA VAL D 125 16.70 -41.27 -41.51
C VAL D 125 16.55 -41.87 -42.93
N SER D 126 15.85 -41.17 -43.82
CA SER D 126 15.61 -41.71 -45.15
C SER D 126 16.92 -41.98 -45.91
N GLY D 127 16.97 -43.13 -46.57
CA GLY D 127 18.12 -43.48 -47.37
C GLY D 127 19.22 -44.14 -46.57
N VAL D 128 18.95 -44.42 -45.29
CA VAL D 128 19.94 -45.08 -44.45
C VAL D 128 20.42 -46.41 -45.07
N ASP D 129 19.57 -47.01 -45.91
CA ASP D 129 19.86 -48.30 -46.52
C ASP D 129 20.33 -48.21 -47.98
N THR D 130 20.82 -47.05 -48.39
CA THR D 130 21.32 -46.87 -49.75
C THR D 130 22.81 -46.54 -49.68
N GLU D 131 23.46 -46.56 -50.84
CA GLU D 131 24.87 -46.18 -50.96
C GLU D 131 25.19 -44.80 -50.39
N SER D 132 24.34 -43.84 -50.71
CA SER D 132 24.62 -42.47 -50.31
C SER D 132 24.27 -42.24 -48.83
N GLY D 133 23.53 -43.18 -48.25
CA GLY D 133 23.20 -43.15 -46.83
C GLY D 133 22.21 -42.07 -46.43
N ALA D 134 21.95 -42.01 -45.12
CA ALA D 134 21.10 -40.97 -44.54
C ALA D 134 21.98 -39.83 -44.03
N THR D 135 21.38 -38.64 -43.90
CA THR D 135 22.08 -37.52 -43.28
C THR D 135 21.25 -36.98 -42.11
N CYS D 136 21.69 -37.30 -40.90
CA CYS D 136 21.03 -36.86 -39.69
C CYS D 136 21.68 -35.59 -39.16
N ARG D 137 20.87 -34.55 -39.01
CA ARG D 137 21.36 -33.24 -38.58
C ARG D 137 21.05 -33.03 -37.09
N ILE D 138 22.08 -32.80 -36.30
CA ILE D 138 21.94 -32.57 -34.86
C ILE D 138 22.24 -31.09 -34.52
N LYS D 139 21.28 -30.41 -33.91
CA LYS D 139 21.39 -28.98 -33.65
C LYS D 139 21.61 -28.72 -32.13
N ILE D 140 22.75 -28.11 -31.81
CA ILE D 140 23.15 -27.88 -30.43
C ILE D 140 23.47 -26.41 -30.20
N GLY D 141 22.90 -25.85 -29.15
CA GLY D 141 23.15 -24.46 -28.78
C GLY D 141 22.79 -24.18 -27.33
N SER D 142 23.11 -22.97 -26.85
CA SER D 142 22.72 -22.56 -25.51
C SER D 142 21.20 -22.45 -25.44
N TRP D 143 20.60 -23.06 -24.44
CA TRP D 143 19.15 -22.99 -24.32
C TRP D 143 18.65 -21.59 -23.98
N THR D 144 19.34 -20.89 -23.08
CA THR D 144 18.84 -19.63 -22.55
C THR D 144 19.74 -18.41 -22.72
N HIS D 145 20.94 -18.57 -23.29
CA HIS D 145 21.86 -17.43 -23.42
C HIS D 145 21.99 -17.00 -24.89
N HIS D 146 21.62 -15.76 -25.19
CA HIS D 146 21.72 -15.24 -26.55
C HIS D 146 23.18 -14.96 -26.96
N SER D 147 23.36 -14.49 -28.19
CA SER D 147 24.68 -14.39 -28.81
C SER D 147 25.66 -13.43 -28.11
N ARG D 148 25.15 -12.49 -27.32
CA ARG D 148 26.05 -11.58 -26.62
C ARG D 148 26.55 -12.18 -25.30
N GLU D 149 26.01 -13.32 -24.90
CA GLU D 149 26.42 -13.98 -23.68
C GLU D 149 27.18 -15.28 -23.96
N ILE D 150 26.67 -16.09 -24.87
CA ILE D 150 27.35 -17.32 -25.29
C ILE D 150 27.43 -17.40 -26.81
N SER D 151 28.63 -17.63 -27.31
CA SER D 151 28.79 -17.97 -28.72
C SER D 151 29.18 -19.45 -28.80
N VAL D 152 28.67 -20.12 -29.82
CA VAL D 152 28.97 -21.51 -30.02
C VAL D 152 29.63 -21.70 -31.37
N ASP D 153 30.75 -22.42 -31.39
CA ASP D 153 31.49 -22.69 -32.62
C ASP D 153 31.94 -24.14 -32.68
N PRO D 154 31.94 -24.72 -33.88
CA PRO D 154 32.52 -26.05 -34.05
C PRO D 154 34.00 -25.97 -33.76
N THR D 155 34.60 -27.08 -33.35
CA THR D 155 36.00 -27.09 -33.00
C THR D 155 36.84 -26.96 -34.26
N THR D 156 37.84 -26.10 -34.18
CA THR D 156 38.59 -25.67 -35.36
C THR D 156 39.38 -26.81 -36.04
N GLU D 157 39.61 -27.89 -35.32
CA GLU D 157 40.56 -28.93 -35.72
C GLU D 157 39.99 -29.94 -36.71
N ASN D 158 40.87 -30.56 -37.50
CA ASN D 158 40.52 -31.69 -38.36
C ASN D 158 40.64 -33.01 -37.58
N SER D 159 39.99 -34.05 -38.06
CA SER D 159 40.05 -35.34 -37.40
C SER D 159 39.45 -36.48 -38.23
N ASP D 160 39.83 -37.70 -37.86
CA ASP D 160 39.22 -38.91 -38.39
C ASP D 160 37.81 -39.03 -37.80
N ASP D 161 36.79 -38.83 -38.64
CA ASP D 161 35.38 -38.92 -38.21
C ASP D 161 35.01 -40.16 -37.42
N SER D 162 35.65 -41.28 -37.75
CA SER D 162 35.23 -42.58 -37.27
C SER D 162 36.25 -42.99 -36.25
N GLU D 163 37.12 -42.06 -35.92
CA GLU D 163 38.25 -42.37 -35.07
C GLU D 163 37.84 -43.20 -33.85
N TYR D 164 36.72 -42.84 -33.23
CA TYR D 164 36.26 -43.56 -32.06
C TYR D 164 35.00 -44.38 -32.33
N PHE D 165 34.57 -44.42 -33.58
CA PHE D 165 33.32 -45.09 -33.92
C PHE D 165 33.46 -46.61 -33.84
N SER D 166 32.50 -47.26 -33.18
CA SER D 166 32.52 -48.71 -33.00
C SER D 166 32.51 -49.50 -34.31
N GLN D 167 33.46 -50.42 -34.44
CA GLN D 167 33.51 -51.27 -35.62
C GLN D 167 32.39 -52.31 -35.58
N TYR D 168 31.67 -52.38 -34.47
CA TYR D 168 30.68 -53.44 -34.28
C TYR D 168 29.29 -52.93 -34.49
N SER D 169 29.16 -51.63 -34.72
CA SER D 169 27.86 -51.06 -35.10
C SER D 169 27.37 -51.63 -36.44
N ARG D 170 26.06 -51.69 -36.64
CA ARG D 170 25.51 -52.13 -37.92
C ARG D 170 25.66 -51.02 -38.96
N PHE D 171 26.09 -49.87 -38.51
CA PHE D 171 26.17 -48.73 -39.40
C PHE D 171 27.60 -48.24 -39.52
N GLU D 172 27.84 -47.43 -40.53
CA GLU D 172 29.14 -46.84 -40.72
C GLU D 172 28.99 -45.36 -41.06
N ILE D 173 30.02 -44.58 -40.73
CA ILE D 173 29.98 -43.16 -40.96
C ILE D 173 30.67 -42.81 -42.27
N LEU D 174 29.94 -42.12 -43.13
CA LEU D 174 30.49 -41.69 -44.41
C LEU D 174 31.13 -40.32 -44.31
N ASP D 175 30.54 -39.45 -43.50
CA ASP D 175 31.00 -38.07 -43.40
C ASP D 175 30.31 -37.35 -42.24
N VAL D 176 31.04 -36.41 -41.63
CA VAL D 176 30.49 -35.52 -40.64
C VAL D 176 30.83 -34.09 -41.03
N THR D 177 29.83 -33.22 -41.11
CA THR D 177 30.08 -31.80 -41.37
C THR D 177 29.40 -30.95 -40.32
N GLN D 178 29.87 -29.71 -40.17
CA GLN D 178 29.36 -28.80 -39.16
C GLN D 178 29.06 -27.44 -39.74
N LYS D 179 28.01 -26.82 -39.23
CA LYS D 179 27.62 -25.50 -39.67
C LYS D 179 27.18 -24.69 -38.47
N LYS D 180 27.66 -23.44 -38.38
CA LYS D 180 27.26 -22.57 -37.29
C LYS D 180 26.05 -21.74 -37.73
N ASN D 181 25.06 -21.59 -36.86
CA ASN D 181 23.91 -20.75 -37.16
C ASN D 181 23.61 -19.76 -36.04
N SER D 182 22.87 -18.71 -36.39
CA SER D 182 22.43 -17.71 -35.44
C SER D 182 20.96 -17.46 -35.74
N VAL D 183 20.09 -17.82 -34.81
CA VAL D 183 18.67 -17.85 -35.11
C VAL D 183 17.89 -16.94 -34.18
N THR D 184 16.92 -16.23 -34.72
CA THR D 184 16.02 -15.46 -33.88
C THR D 184 14.67 -16.18 -33.79
N TYR D 185 14.30 -16.59 -32.59
CA TYR D 185 13.02 -17.24 -32.34
C TYR D 185 11.96 -16.18 -32.04
N SER D 186 10.71 -16.43 -32.45
CA SER D 186 9.66 -15.42 -32.31
C SER D 186 9.36 -15.11 -30.85
N CYS D 187 9.95 -15.88 -29.95
CA CYS D 187 9.75 -15.70 -28.51
CA CYS D 187 9.74 -15.70 -28.51
C CYS D 187 10.58 -14.56 -27.92
N CYS D 188 11.73 -14.29 -28.55
CA CYS D 188 12.71 -13.40 -27.95
CA CYS D 188 12.72 -13.38 -27.95
C CYS D 188 13.34 -12.50 -29.01
N PRO D 189 13.75 -11.29 -28.62
CA PRO D 189 14.32 -10.35 -29.60
C PRO D 189 15.76 -10.66 -30.02
N GLU D 190 16.52 -11.37 -29.19
CA GLU D 190 17.94 -11.59 -29.45
C GLU D 190 18.20 -12.84 -30.29
N ALA D 191 19.43 -12.96 -30.79
CA ALA D 191 19.82 -14.10 -31.59
C ALA D 191 20.48 -15.16 -30.71
N TYR D 192 20.23 -16.42 -31.02
CA TYR D 192 20.84 -17.55 -30.28
C TYR D 192 21.66 -18.40 -31.24
N GLU D 193 22.91 -18.67 -30.86
CA GLU D 193 23.79 -19.43 -31.73
C GLU D 193 23.64 -20.92 -31.54
N ASP D 194 23.88 -21.66 -32.60
CA ASP D 194 23.88 -23.12 -32.53
C ASP D 194 24.90 -23.68 -33.52
N VAL D 195 25.30 -24.92 -33.27
CA VAL D 195 26.07 -25.66 -34.23
C VAL D 195 25.19 -26.80 -34.74
N GLU D 196 25.14 -26.98 -36.05
CA GLU D 196 24.46 -28.11 -36.66
C GLU D 196 25.47 -29.13 -37.17
N VAL D 197 25.43 -30.32 -36.60
CA VAL D 197 26.35 -31.39 -36.98
C VAL D 197 25.58 -32.36 -37.87
N SER D 198 26.02 -32.49 -39.11
CA SER D 198 25.36 -33.37 -40.06
C SER D 198 26.10 -34.69 -40.15
N LEU D 199 25.44 -35.75 -39.68
CA LEU D 199 26.02 -37.08 -39.66
C LEU D 199 25.52 -37.88 -40.85
N ASN D 200 26.39 -38.11 -41.83
CA ASN D 200 26.07 -38.94 -43.00
C ASN D 200 26.49 -40.39 -42.74
N PHE D 201 25.52 -41.29 -42.68
CA PHE D 201 25.78 -42.67 -42.30
C PHE D 201 24.87 -43.65 -43.05
N ARG D 202 25.26 -44.92 -43.10
CA ARG D 202 24.44 -45.92 -43.76
C ARG D 202 24.58 -47.27 -43.09
N LYS D 203 23.63 -48.16 -43.34
CA LYS D 203 23.72 -49.53 -42.85
C LYS D 203 24.77 -50.30 -43.64
N LYS D 204 25.61 -51.07 -42.93
CA LYS D 204 26.66 -51.87 -43.59
C LYS D 204 25.98 -53.07 -44.20
N GLY D 205 26.59 -53.72 -45.18
CA GLY D 205 25.96 -54.87 -45.81
C GLY D 205 25.55 -55.97 -44.85
N LEU E 1 26.27 -3.32 -9.91
CA LEU E 1 26.00 -4.74 -9.82
C LEU E 1 26.51 -5.48 -11.04
N ASP E 2 27.21 -6.58 -10.85
CA ASP E 2 27.48 -7.49 -11.94
C ASP E 2 26.64 -8.75 -11.78
N ARG E 3 26.72 -9.66 -12.75
CA ARG E 3 25.90 -10.87 -12.73
C ARG E 3 26.10 -11.67 -11.46
N ALA E 4 27.36 -11.78 -11.02
CA ALA E 4 27.67 -12.50 -9.80
C ALA E 4 26.90 -11.94 -8.61
N ASP E 5 26.86 -10.61 -8.48
CA ASP E 5 26.14 -9.97 -7.38
C ASP E 5 24.64 -10.25 -7.47
N ILE E 6 24.07 -10.06 -8.66
CA ILE E 6 22.66 -10.31 -8.90
C ILE E 6 22.27 -11.73 -8.52
N LEU E 7 23.02 -12.70 -9.05
CA LEU E 7 22.75 -14.11 -8.76
C LEU E 7 22.95 -14.47 -7.28
N TYR E 8 23.95 -13.86 -6.64
CA TYR E 8 24.18 -14.07 -5.22
C TYR E 8 22.99 -13.54 -4.42
N ASN E 9 22.52 -12.35 -4.77
CA ASN E 9 21.40 -11.73 -4.06
C ASN E 9 20.11 -12.54 -4.19
N ILE E 10 19.88 -13.03 -5.41
CA ILE E 10 18.70 -13.84 -5.69
C ILE E 10 18.76 -15.14 -4.92
N ARG E 11 19.91 -15.82 -4.97
CA ARG E 11 20.09 -17.06 -4.22
C ARG E 11 19.88 -16.89 -2.71
N GLN E 12 20.43 -15.80 -2.15
CA GLN E 12 20.39 -15.57 -0.72
C GLN E 12 19.01 -15.17 -0.20
N THR E 13 18.16 -14.61 -1.06
CA THR E 13 16.90 -14.04 -0.58
C THR E 13 15.69 -14.53 -1.34
N SER E 14 15.86 -15.47 -2.23
CA SER E 14 14.69 -15.96 -2.93
C SER E 14 13.99 -17.01 -2.11
N ARG E 15 12.68 -16.92 -2.11
CA ARG E 15 11.85 -17.84 -1.37
C ARG E 15 11.15 -18.76 -2.36
N PRO E 16 11.83 -19.85 -2.76
CA PRO E 16 11.27 -20.68 -3.82
C PRO E 16 9.93 -21.29 -3.42
N ASP E 17 9.65 -21.32 -2.13
CA ASP E 17 8.43 -21.94 -1.62
CA ASP E 17 8.41 -21.94 -1.68
C ASP E 17 7.32 -20.92 -1.43
N VAL E 18 7.62 -19.65 -1.68
CA VAL E 18 6.64 -18.60 -1.41
C VAL E 18 6.07 -17.99 -2.69
N ILE E 19 4.78 -18.19 -2.91
CA ILE E 19 4.10 -17.63 -4.07
C ILE E 19 4.15 -16.11 -3.99
N PRO E 20 4.66 -15.45 -5.05
CA PRO E 20 4.89 -14.00 -5.05
C PRO E 20 3.61 -13.20 -5.25
N THR E 21 2.60 -13.52 -4.46
CA THR E 21 1.32 -12.85 -4.53
C THR E 21 1.50 -11.41 -4.01
N GLN E 22 0.91 -10.45 -4.71
CA GLN E 22 0.98 -9.06 -4.25
C GLN E 22 -0.40 -8.46 -3.98
N ARG E 23 -0.60 -8.02 -2.74
CA ARG E 23 -1.88 -7.52 -2.22
C ARG E 23 -3.04 -8.51 -2.29
N ASP E 24 -2.69 -9.80 -2.30
CA ASP E 24 -3.67 -10.89 -2.42
C ASP E 24 -4.38 -10.95 -3.78
N ARG E 25 -3.81 -10.26 -4.76
CA ARG E 25 -4.21 -10.47 -6.14
C ARG E 25 -3.37 -11.61 -6.75
N PRO E 26 -4.01 -12.41 -7.61
CA PRO E 26 -3.33 -13.64 -8.03
C PRO E 26 -2.08 -13.36 -8.85
N VAL E 27 -1.12 -14.27 -8.78
CA VAL E 27 0.02 -14.26 -9.71
C VAL E 27 -0.50 -14.61 -11.10
N ALA E 28 -0.31 -13.71 -12.06
CA ALA E 28 -0.80 -13.97 -13.41
C ALA E 28 0.23 -14.78 -14.18
N VAL E 29 -0.10 -16.04 -14.46
CA VAL E 29 0.80 -16.92 -15.20
C VAL E 29 0.33 -17.09 -16.64
N SER E 30 1.26 -16.90 -17.58
CA SER E 30 0.97 -17.16 -19.00
C SER E 30 1.56 -18.50 -19.40
N VAL E 31 0.80 -19.29 -20.15
CA VAL E 31 1.25 -20.59 -20.62
C VAL E 31 0.99 -20.75 -22.11
N SER E 32 1.99 -21.25 -22.82
CA SER E 32 1.89 -21.46 -24.25
C SER E 32 2.75 -22.68 -24.61
N LEU E 33 2.16 -23.61 -25.35
CA LEU E 33 2.89 -24.79 -25.77
C LEU E 33 3.39 -24.64 -27.20
N LYS E 34 4.71 -24.74 -27.40
CA LYS E 34 5.26 -24.72 -28.75
C LYS E 34 5.59 -26.14 -29.13
N PHE E 35 4.79 -26.73 -30.01
CA PHE E 35 4.97 -28.13 -30.36
C PHE E 35 6.20 -28.38 -31.23
N ILE E 36 7.01 -29.34 -30.80
CA ILE E 36 8.24 -29.67 -31.50
C ILE E 36 8.13 -30.98 -32.26
N ASN E 37 7.44 -31.96 -31.68
CA ASN E 37 7.29 -33.25 -32.31
C ASN E 37 6.13 -34.04 -31.75
N ILE E 38 5.59 -34.92 -32.60
CA ILE E 38 4.59 -35.89 -32.18
C ILE E 38 5.17 -37.26 -32.51
N LEU E 39 5.35 -38.09 -31.49
CA LEU E 39 5.85 -39.45 -31.63
C LEU E 39 4.80 -40.44 -31.10
N GLU E 40 4.95 -41.71 -31.44
CA GLU E 40 4.20 -42.76 -30.72
C GLU E 40 2.70 -42.47 -30.52
N VAL E 41 1.97 -42.25 -31.61
CA VAL E 41 0.50 -42.14 -31.56
C VAL E 41 -0.19 -43.52 -31.53
N ASN E 42 -1.26 -43.65 -30.77
CA ASN E 42 -1.98 -44.92 -30.67
C ASN E 42 -3.50 -44.70 -30.66
N GLU E 43 -4.14 -44.97 -31.81
CA GLU E 43 -5.56 -44.68 -31.97
C GLU E 43 -6.43 -45.70 -31.25
N ILE E 44 -5.89 -46.89 -31.01
CA ILE E 44 -6.62 -47.88 -30.22
C ILE E 44 -6.74 -47.46 -28.76
N THR E 45 -5.64 -47.00 -28.16
CA THR E 45 -5.63 -46.66 -26.73
C THR E 45 -5.88 -45.18 -26.46
N ASN E 46 -5.96 -44.36 -27.51
CA ASN E 46 -6.12 -42.92 -27.34
C ASN E 46 -5.00 -42.32 -26.48
N GLU E 47 -3.77 -42.63 -26.83
CA GLU E 47 -2.59 -42.10 -26.16
C GLU E 47 -1.63 -41.55 -27.19
N VAL E 48 -0.90 -40.52 -26.79
CA VAL E 48 0.03 -39.88 -27.70
C VAL E 48 1.25 -39.34 -26.92
N ASP E 49 2.40 -39.36 -27.58
CA ASP E 49 3.64 -38.81 -27.03
C ASP E 49 3.95 -37.53 -27.74
N VAL E 50 4.15 -36.46 -26.99
CA VAL E 50 4.42 -35.16 -27.59
C VAL E 50 5.69 -34.55 -27.00
N VAL E 51 6.42 -33.83 -27.83
CA VAL E 51 7.51 -32.98 -27.37
C VAL E 51 7.10 -31.54 -27.61
N PHE E 52 7.18 -30.71 -26.57
CA PHE E 52 6.79 -29.31 -26.70
C PHE E 52 7.60 -28.42 -25.75
N TRP E 53 7.77 -27.17 -26.12
CA TRP E 53 8.34 -26.17 -25.23
C TRP E 53 7.18 -25.61 -24.42
N GLN E 54 7.29 -25.66 -23.10
CA GLN E 54 6.25 -25.15 -22.24
C GLN E 54 6.61 -23.73 -21.79
N GLN E 55 6.26 -22.76 -22.63
CA GLN E 55 6.60 -21.37 -22.36
C GLN E 55 5.75 -20.83 -21.22
N THR E 56 6.41 -20.43 -20.14
CA THR E 56 5.73 -20.04 -18.91
C THR E 56 6.30 -18.71 -18.43
N THR E 57 5.43 -17.72 -18.25
CA THR E 57 5.87 -16.41 -17.78
C THR E 57 5.07 -15.95 -16.60
N TRP E 58 5.73 -15.23 -15.71
CA TRP E 58 5.07 -14.62 -14.56
C TRP E 58 5.99 -13.59 -13.95
N SER E 59 5.46 -12.84 -13.00
CA SER E 59 6.20 -11.75 -12.40
C SER E 59 6.46 -12.06 -10.93
N ASP E 60 7.71 -11.86 -10.51
CA ASP E 60 8.09 -11.99 -9.10
C ASP E 60 8.96 -10.79 -8.70
N ARG E 61 8.35 -9.78 -8.07
CA ARG E 61 9.02 -8.52 -7.79
C ARG E 61 10.12 -8.64 -6.74
N THR E 62 10.06 -9.68 -5.91
CA THR E 62 11.15 -9.93 -4.96
C THR E 62 12.48 -10.21 -5.65
N LEU E 63 12.45 -10.48 -6.95
CA LEU E 63 13.68 -10.74 -7.68
C LEU E 63 14.26 -9.47 -8.30
N ALA E 64 13.50 -8.38 -8.25
CA ALA E 64 13.85 -7.16 -8.97
C ALA E 64 15.15 -6.53 -8.48
N TRP E 65 15.86 -5.86 -9.39
CA TRP E 65 17.02 -5.07 -9.01
C TRP E 65 17.13 -3.80 -9.85
N ASN E 66 17.88 -2.82 -9.35
CA ASN E 66 18.15 -1.61 -10.12
C ASN E 66 19.13 -1.90 -11.26
N SER E 67 18.67 -1.81 -12.50
CA SER E 67 19.50 -2.23 -13.61
C SER E 67 20.20 -1.11 -14.37
N SER E 68 20.19 0.09 -13.82
CA SER E 68 21.02 1.12 -14.42
C SER E 68 22.47 0.77 -14.11
N HIS E 69 23.31 0.73 -15.13
CA HIS E 69 24.70 0.32 -14.95
C HIS E 69 24.85 -1.13 -14.48
N SER E 70 23.91 -1.99 -14.88
CA SER E 70 23.95 -3.40 -14.51
C SER E 70 23.32 -4.24 -15.62
N PRO E 71 23.62 -5.55 -15.64
CA PRO E 71 22.91 -6.43 -16.58
C PRO E 71 21.40 -6.34 -16.36
N ASP E 72 20.66 -6.41 -17.46
CA ASP E 72 19.20 -6.30 -17.44
C ASP E 72 18.51 -7.66 -17.19
N GLN E 73 19.22 -8.75 -17.43
CA GLN E 73 18.66 -10.08 -17.34
C GLN E 73 19.73 -11.08 -16.90
N VAL E 74 19.30 -12.14 -16.22
CA VAL E 74 20.19 -13.25 -15.92
C VAL E 74 19.45 -14.58 -16.05
N SER E 75 20.21 -15.64 -16.25
CA SER E 75 19.69 -16.99 -16.21
C SER E 75 19.84 -17.55 -14.79
N VAL E 76 18.77 -18.10 -14.27
CA VAL E 76 18.73 -18.55 -12.89
C VAL E 76 18.21 -19.98 -12.82
N PRO E 77 18.89 -20.86 -12.05
CA PRO E 77 18.37 -22.22 -11.84
C PRO E 77 17.00 -22.13 -11.19
N ILE E 78 16.00 -22.89 -11.68
CA ILE E 78 14.66 -22.79 -11.14
C ILE E 78 14.59 -23.25 -9.67
N SER E 79 15.58 -24.03 -9.25
CA SER E 79 15.67 -24.43 -7.85
C SER E 79 15.83 -23.22 -6.93
N SER E 80 16.30 -22.10 -7.46
CA SER E 80 16.42 -20.86 -6.68
C SER E 80 15.24 -19.89 -6.80
N LEU E 81 14.16 -20.30 -7.49
CA LEU E 81 13.03 -19.41 -7.72
C LEU E 81 11.75 -20.11 -7.36
N TRP E 82 10.71 -19.34 -7.01
CA TRP E 82 9.37 -19.87 -6.99
C TRP E 82 8.94 -20.09 -8.44
N VAL E 83 8.32 -21.24 -8.69
CA VAL E 83 7.80 -21.59 -10.00
C VAL E 83 6.36 -22.05 -9.81
N PRO E 84 5.46 -21.65 -10.72
CA PRO E 84 4.06 -22.11 -10.66
C PRO E 84 3.97 -23.65 -10.66
N ASP E 85 3.08 -24.21 -9.84
CA ASP E 85 2.89 -25.65 -9.76
C ASP E 85 1.94 -26.17 -10.84
N LEU E 86 2.28 -25.91 -12.10
CA LEU E 86 1.46 -26.32 -13.23
C LEU E 86 1.53 -27.82 -13.43
N ALA E 87 0.42 -28.42 -13.84
CA ALA E 87 0.41 -29.81 -14.24
C ALA E 87 -0.57 -30.01 -15.38
N ALA E 88 -0.27 -30.98 -16.24
CA ALA E 88 -1.20 -31.36 -17.30
C ALA E 88 -2.13 -32.42 -16.74
N TYR E 89 -3.42 -32.10 -16.66
CA TYR E 89 -4.39 -33.01 -16.03
C TYR E 89 -4.53 -34.37 -16.71
N ASN E 90 -4.37 -34.41 -18.03
CA ASN E 90 -4.55 -35.65 -18.75
C ASN E 90 -3.21 -36.30 -19.16
N ALA E 91 -2.12 -35.87 -18.55
CA ALA E 91 -0.82 -36.52 -18.76
C ALA E 91 -0.85 -37.86 -18.09
N ILE E 92 -0.23 -38.86 -18.71
CA ILE E 92 -0.17 -40.19 -18.09
C ILE E 92 1.26 -40.63 -17.83
N SER E 93 2.19 -39.70 -18.00
CA SER E 93 3.57 -39.92 -17.55
C SER E 93 3.98 -38.60 -16.94
N LYS E 94 4.97 -38.59 -16.05
CA LYS E 94 5.47 -37.32 -15.55
C LYS E 94 6.29 -36.65 -16.64
N PRO E 95 6.38 -35.32 -16.59
CA PRO E 95 7.12 -34.58 -17.62
C PRO E 95 8.58 -35.02 -17.68
N GLU E 96 9.07 -35.36 -18.86
CA GLU E 96 10.50 -35.59 -19.04
C GLU E 96 11.08 -34.27 -19.54
N VAL E 97 11.78 -33.58 -18.65
CA VAL E 97 12.34 -32.27 -19.00
C VAL E 97 13.64 -32.51 -19.76
N LEU E 98 13.66 -32.07 -21.02
CA LEU E 98 14.78 -32.37 -21.91
C LEU E 98 15.95 -31.39 -21.81
N THR E 99 15.69 -30.19 -21.28
CA THR E 99 16.63 -29.09 -21.37
C THR E 99 17.14 -28.65 -19.99
N PRO E 100 18.23 -27.87 -19.96
CA PRO E 100 18.74 -27.33 -18.69
C PRO E 100 17.69 -26.51 -17.95
N GLN E 101 17.53 -26.76 -16.65
CA GLN E 101 16.42 -26.15 -15.91
C GLN E 101 16.71 -24.74 -15.39
N LEU E 102 16.78 -23.79 -16.32
CA LEU E 102 17.11 -22.41 -16.03
C LEU E 102 15.97 -21.52 -16.50
N ALA E 103 15.64 -20.51 -15.72
CA ALA E 103 14.66 -19.51 -16.12
C ALA E 103 15.42 -18.22 -16.40
N ARG E 104 14.82 -17.35 -17.18
CA ARG E 104 15.40 -16.06 -17.49
C ARG E 104 14.67 -15.01 -16.66
N VAL E 105 15.43 -14.24 -15.88
CA VAL E 105 14.85 -13.23 -14.98
C VAL E 105 15.24 -11.82 -15.41
N VAL E 106 14.25 -10.96 -15.59
CA VAL E 106 14.50 -9.57 -15.96
C VAL E 106 14.55 -8.69 -14.71
N SER E 107 15.26 -7.56 -14.80
CA SER E 107 15.52 -6.74 -13.62
C SER E 107 14.25 -6.22 -12.95
N ASP E 108 13.15 -6.17 -13.69
CA ASP E 108 11.87 -5.74 -13.12
C ASP E 108 11.12 -6.91 -12.45
N GLY E 109 11.68 -8.12 -12.51
CA GLY E 109 11.06 -9.27 -11.88
C GLY E 109 10.25 -10.17 -12.80
N GLU E 110 10.18 -9.84 -14.07
CA GLU E 110 9.53 -10.71 -15.03
C GLU E 110 10.37 -11.96 -15.22
N VAL E 111 9.71 -13.11 -15.17
CA VAL E 111 10.38 -14.38 -15.32
C VAL E 111 9.86 -15.15 -16.55
N LEU E 112 10.78 -15.76 -17.27
CA LEU E 112 10.44 -16.69 -18.33
C LEU E 112 11.09 -18.04 -18.05
N TYR E 113 10.28 -19.10 -18.08
CA TYR E 113 10.79 -20.46 -17.99
C TYR E 113 10.21 -21.24 -19.16
N MET E 114 11.07 -21.83 -19.99
CA MET E 114 10.60 -22.48 -21.21
C MET E 114 11.37 -23.77 -21.48
N PRO E 115 11.07 -24.82 -20.69
CA PRO E 115 11.76 -26.09 -20.90
C PRO E 115 11.14 -26.84 -22.08
N SER E 116 11.94 -27.67 -22.73
CA SER E 116 11.39 -28.60 -23.69
C SER E 116 11.01 -29.87 -22.93
N ILE E 117 9.78 -30.31 -23.16
CA ILE E 117 9.23 -31.41 -22.40
C ILE E 117 8.73 -32.52 -23.31
N ARG E 118 9.04 -33.75 -22.96
CA ARG E 118 8.38 -34.89 -23.57
C ARG E 118 7.41 -35.51 -22.58
N GLN E 119 6.18 -35.74 -23.00
CA GLN E 119 5.18 -36.27 -22.09
C GLN E 119 4.12 -37.07 -22.86
N ARG E 120 3.58 -38.10 -22.22
CA ARG E 120 2.52 -38.90 -22.84
CA ARG E 120 2.51 -38.90 -22.83
C ARG E 120 1.17 -38.41 -22.31
N PHE E 121 0.17 -38.38 -23.20
CA PHE E 121 -1.15 -37.90 -22.82
C PHE E 121 -2.27 -38.88 -23.18
N SER E 122 -3.32 -38.85 -22.38
CA SER E 122 -4.57 -39.49 -22.73
C SER E 122 -5.48 -38.46 -23.39
N CYS E 123 -5.85 -38.70 -24.64
CA CYS E 123 -6.71 -37.77 -25.36
C CYS E 123 -7.32 -38.40 -26.61
N ASP E 124 -8.13 -37.61 -27.33
CA ASP E 124 -8.87 -38.12 -28.48
C ASP E 124 -8.00 -38.27 -29.74
N VAL E 125 -7.58 -39.49 -30.02
CA VAL E 125 -6.68 -39.74 -31.16
C VAL E 125 -7.47 -40.13 -32.44
N SER E 126 -8.78 -40.30 -32.30
CA SER E 126 -9.60 -40.76 -33.42
C SER E 126 -9.51 -39.82 -34.61
N GLY E 127 -9.40 -40.39 -35.80
CA GLY E 127 -9.37 -39.57 -37.00
C GLY E 127 -7.98 -39.12 -37.36
N VAL E 128 -6.98 -39.52 -36.57
CA VAL E 128 -5.61 -39.09 -36.83
C VAL E 128 -5.12 -39.45 -38.26
N ASP E 129 -5.63 -40.56 -38.81
CA ASP E 129 -5.21 -41.04 -40.13
C ASP E 129 -6.12 -40.57 -41.26
N THR E 130 -6.88 -39.50 -40.99
CA THR E 130 -7.77 -38.93 -41.99
C THR E 130 -7.32 -37.50 -42.32
N GLU E 131 -7.92 -36.94 -43.36
CA GLU E 131 -7.67 -35.56 -43.76
C GLU E 131 -7.92 -34.56 -42.63
N SER E 132 -9.04 -34.69 -41.94
CA SER E 132 -9.39 -33.70 -40.92
C SER E 132 -8.58 -33.91 -39.64
N GLY E 133 -7.93 -35.08 -39.55
CA GLY E 133 -7.04 -35.38 -38.45
C GLY E 133 -7.70 -35.54 -37.08
N ALA E 134 -6.87 -35.78 -36.07
CA ALA E 134 -7.33 -35.93 -34.71
C ALA E 134 -7.19 -34.58 -34.00
N THR E 135 -7.95 -34.40 -32.93
CA THR E 135 -7.77 -33.23 -32.08
C THR E 135 -7.53 -33.67 -30.63
N CYS E 136 -6.29 -33.50 -30.19
CA CYS E 136 -5.89 -33.87 -28.84
C CYS E 136 -5.90 -32.63 -27.95
N ARG E 137 -6.66 -32.70 -26.86
CA ARG E 137 -6.81 -31.58 -25.95
C ARG E 137 -5.94 -31.78 -24.70
N ILE E 138 -5.04 -30.83 -24.45
CA ILE E 138 -4.14 -30.89 -23.30
C ILE E 138 -4.53 -29.83 -22.27
N LYS E 139 -4.81 -30.27 -21.05
CA LYS E 139 -5.31 -29.36 -20.01
C LYS E 139 -4.25 -29.08 -18.95
N ILE E 140 -3.86 -27.82 -18.83
CA ILE E 140 -2.80 -27.41 -17.91
C ILE E 140 -3.25 -26.30 -16.95
N GLY E 141 -3.01 -26.51 -15.66
CA GLY E 141 -3.34 -25.51 -14.64
C GLY E 141 -2.56 -25.71 -13.35
N SER E 142 -2.71 -24.78 -12.43
CA SER E 142 -2.09 -24.94 -11.11
C SER E 142 -2.72 -26.12 -10.39
N TRP E 143 -1.89 -27.00 -9.85
CA TRP E 143 -2.42 -28.15 -9.14
C TRP E 143 -3.09 -27.77 -7.83
N THR E 144 -2.49 -26.85 -7.08
CA THR E 144 -2.97 -26.58 -5.72
C THR E 144 -3.37 -25.13 -5.43
N HIS E 145 -3.19 -24.22 -6.39
CA HIS E 145 -3.54 -22.82 -6.17
C HIS E 145 -4.81 -22.41 -6.89
N HIS E 146 -5.82 -21.95 -6.16
CA HIS E 146 -7.05 -21.49 -6.78
C HIS E 146 -6.92 -20.12 -7.48
N SER E 147 -8.02 -19.65 -8.08
CA SER E 147 -7.99 -18.48 -8.96
C SER E 147 -7.60 -17.18 -8.28
N ARG E 148 -7.72 -17.12 -6.95
CA ARG E 148 -7.31 -15.92 -6.25
C ARG E 148 -5.80 -15.90 -5.97
N GLU E 149 -5.14 -17.02 -6.23
CA GLU E 149 -3.71 -17.12 -6.01
C GLU E 149 -2.93 -17.24 -7.32
N ILE E 150 -3.45 -18.05 -8.25
CA ILE E 150 -2.84 -18.17 -9.56
C ILE E 150 -3.90 -18.08 -10.64
N SER E 151 -3.68 -17.21 -11.62
CA SER E 151 -4.50 -17.21 -12.81
C SER E 151 -3.65 -17.72 -13.95
N VAL E 152 -4.27 -18.44 -14.87
CA VAL E 152 -3.57 -18.99 -16.00
C VAL E 152 -4.22 -18.48 -17.27
N ASP E 153 -3.42 -17.98 -18.20
CA ASP E 153 -3.93 -17.47 -19.47
C ASP E 153 -3.04 -17.90 -20.60
N PRO E 154 -3.64 -18.17 -21.78
CA PRO E 154 -2.85 -18.44 -22.98
C PRO E 154 -2.12 -17.18 -23.38
N THR E 155 -0.98 -17.34 -24.04
CA THR E 155 -0.14 -16.21 -24.38
C THR E 155 -0.75 -15.37 -25.49
N ASP E 160 2.87 -18.62 -35.59
CA ASP E 160 2.75 -19.77 -36.50
C ASP E 160 2.82 -21.13 -35.78
N ASP E 161 1.81 -21.97 -35.99
CA ASP E 161 1.64 -23.25 -35.29
C ASP E 161 2.79 -24.26 -35.42
N SER E 162 3.33 -24.39 -36.63
CA SER E 162 4.43 -25.30 -36.88
C SER E 162 5.79 -24.61 -36.91
N GLU E 163 5.89 -23.40 -36.41
CA GLU E 163 7.14 -22.66 -36.53
C GLU E 163 8.34 -23.50 -36.12
N TYR E 164 8.20 -24.23 -35.02
CA TYR E 164 9.32 -25.01 -34.48
C TYR E 164 9.10 -26.51 -34.62
N PHE E 165 8.04 -26.89 -35.32
CA PHE E 165 7.68 -28.30 -35.43
C PHE E 165 8.61 -29.04 -36.40
N SER E 166 9.09 -30.19 -35.97
CA SER E 166 10.03 -30.97 -36.77
C SER E 166 9.45 -31.40 -38.13
N GLN E 167 10.21 -31.13 -39.19
CA GLN E 167 9.81 -31.55 -40.53
C GLN E 167 9.99 -33.06 -40.72
N TYR E 168 10.60 -33.72 -39.75
CA TYR E 168 10.88 -35.14 -39.87
C TYR E 168 9.90 -36.01 -39.11
N SER E 169 9.00 -35.38 -38.36
CA SER E 169 7.89 -36.09 -37.71
C SER E 169 7.03 -36.80 -38.76
N ARG E 170 6.42 -37.93 -38.38
CA ARG E 170 5.49 -38.62 -39.27
C ARG E 170 4.18 -37.87 -39.31
N PHE E 171 4.04 -36.86 -38.46
CA PHE E 171 2.78 -36.15 -38.33
C PHE E 171 2.96 -34.70 -38.71
N GLU E 172 1.85 -34.02 -38.94
CA GLU E 172 1.87 -32.60 -39.24
C GLU E 172 0.75 -31.90 -38.48
N ILE E 173 0.98 -30.64 -38.15
CA ILE E 173 0.03 -29.88 -37.36
C ILE E 173 -0.87 -29.10 -38.27
N LEU E 174 -2.17 -29.24 -38.06
CA LEU E 174 -3.15 -28.55 -38.88
C LEU E 174 -3.55 -27.25 -38.24
N ASP E 175 -3.62 -27.24 -36.91
CA ASP E 175 -4.10 -26.09 -36.18
C ASP E 175 -3.91 -26.29 -34.68
N VAL E 176 -3.68 -25.19 -33.98
CA VAL E 176 -3.59 -25.19 -32.53
C VAL E 176 -4.48 -24.06 -32.02
N THR E 177 -5.42 -24.39 -31.16
CA THR E 177 -6.27 -23.38 -30.52
C THR E 177 -6.16 -23.47 -29.00
N GLN E 178 -6.56 -22.39 -28.33
CA GLN E 178 -6.47 -22.31 -26.87
C GLN E 178 -7.74 -21.77 -26.25
N LYS E 179 -8.08 -22.30 -25.09
CA LYS E 179 -9.26 -21.89 -24.38
C LYS E 179 -8.91 -21.82 -22.89
N LYS E 180 -9.28 -20.73 -22.24
CA LYS E 180 -9.08 -20.60 -20.81
C LYS E 180 -10.32 -21.12 -20.09
N ASN E 181 -10.12 -21.87 -19.01
CA ASN E 181 -11.24 -22.31 -18.19
C ASN E 181 -11.07 -22.01 -16.71
N SER E 182 -12.20 -22.00 -16.01
CA SER E 182 -12.21 -21.82 -14.57
C SER E 182 -13.10 -22.92 -14.01
N VAL E 183 -12.53 -23.84 -13.24
CA VAL E 183 -13.27 -25.03 -12.88
C VAL E 183 -13.38 -25.20 -11.38
N THR E 184 -14.59 -25.52 -10.92
CA THR E 184 -14.79 -25.84 -9.53
C THR E 184 -14.90 -27.36 -9.39
N TYR E 185 -13.98 -27.94 -8.62
CA TYR E 185 -14.00 -29.38 -8.35
C TYR E 185 -14.80 -29.66 -7.09
N SER E 186 -15.48 -30.81 -7.06
CA SER E 186 -16.38 -31.12 -5.95
C SER E 186 -15.63 -31.30 -4.63
N CYS E 187 -14.32 -31.49 -4.73
CA CYS E 187 -13.45 -31.63 -3.57
CA CYS E 187 -13.45 -31.64 -3.56
C CYS E 187 -13.21 -30.32 -2.82
N CYS E 188 -13.30 -29.20 -3.53
CA CYS E 188 -12.86 -27.91 -3.02
CA CYS E 188 -12.86 -27.90 -3.01
C CYS E 188 -13.83 -26.78 -3.39
N PRO E 189 -13.98 -25.78 -2.50
CA PRO E 189 -14.98 -24.74 -2.76
C PRO E 189 -14.55 -23.70 -3.79
N GLU E 190 -13.25 -23.51 -3.98
CA GLU E 190 -12.79 -22.44 -4.87
C GLU E 190 -12.67 -22.90 -6.31
N ALA E 191 -12.51 -21.94 -7.23
CA ALA E 191 -12.32 -22.26 -8.64
C ALA E 191 -10.83 -22.32 -8.98
N TYR E 192 -10.49 -23.21 -9.92
CA TYR E 192 -9.11 -23.40 -10.37
C TYR E 192 -9.02 -23.18 -11.86
N GLU E 193 -8.09 -22.34 -12.29
CA GLU E 193 -8.00 -21.99 -13.70
C GLU E 193 -7.13 -22.97 -14.46
N ASP E 194 -7.45 -23.16 -15.73
CA ASP E 194 -6.62 -23.96 -16.60
C ASP E 194 -6.65 -23.40 -18.02
N VAL E 195 -5.66 -23.80 -18.80
CA VAL E 195 -5.66 -23.52 -20.21
C VAL E 195 -5.79 -24.86 -20.92
N GLU E 196 -6.68 -24.93 -21.90
CA GLU E 196 -6.83 -26.12 -22.72
C GLU E 196 -6.29 -25.84 -24.10
N VAL E 197 -5.26 -26.60 -24.47
CA VAL E 197 -4.62 -26.44 -25.76
C VAL E 197 -5.07 -27.58 -26.65
N SER E 198 -5.76 -27.22 -27.73
CA SER E 198 -6.28 -28.22 -28.66
C SER E 198 -5.35 -28.36 -29.85
N LEU E 199 -4.71 -29.51 -29.95
CA LEU E 199 -3.77 -29.80 -31.02
C LEU E 199 -4.45 -30.63 -32.10
N ASN E 200 -4.70 -30.02 -33.25
CA ASN E 200 -5.27 -30.70 -34.41
C ASN E 200 -4.16 -31.17 -35.35
N PHE E 201 -4.00 -32.48 -35.48
CA PHE E 201 -2.88 -33.03 -36.23
C PHE E 201 -3.28 -34.29 -36.96
N ARG E 202 -2.46 -34.71 -37.92
CA ARG E 202 -2.75 -35.92 -38.67
C ARG E 202 -1.47 -36.60 -39.12
N LYS E 203 -1.56 -37.86 -39.49
CA LYS E 203 -0.42 -38.55 -40.08
C LYS E 203 -0.19 -38.04 -41.51
N LYS E 204 1.07 -37.82 -41.88
CA LYS E 204 1.40 -37.39 -43.23
C LYS E 204 1.23 -38.57 -44.19
N GLY E 205 0.82 -38.28 -45.42
CA GLY E 205 0.60 -39.29 -46.44
C GLY E 205 1.87 -39.94 -46.96
N LEU F 1 29.99 -47.46 24.96
CA LEU F 1 30.21 -46.02 24.91
C LEU F 1 31.53 -45.65 25.53
N ASP F 2 32.29 -44.81 24.85
CA ASP F 2 33.43 -44.17 25.50
C ASP F 2 33.11 -42.70 25.77
N ARG F 3 34.04 -41.99 26.40
CA ARG F 3 33.84 -40.58 26.72
C ARG F 3 33.53 -39.73 25.51
N ALA F 4 34.19 -40.03 24.39
CA ALA F 4 33.95 -39.28 23.16
C ALA F 4 32.50 -39.41 22.71
N ASP F 5 31.98 -40.63 22.75
CA ASP F 5 30.59 -40.87 22.37
C ASP F 5 29.62 -40.13 23.31
N ILE F 6 29.86 -40.25 24.61
CA ILE F 6 29.00 -39.62 25.60
C ILE F 6 28.92 -38.11 25.38
N LEU F 7 30.09 -37.48 25.29
CA LEU F 7 30.18 -36.05 25.06
C LEU F 7 29.59 -35.60 23.73
N TYR F 8 29.78 -36.41 22.70
CA TYR F 8 29.18 -36.14 21.41
C TYR F 8 27.65 -36.19 21.50
N ASN F 9 27.12 -37.23 22.12
CA ASN F 9 25.67 -37.33 22.28
C ASN F 9 25.08 -36.16 23.06
N ILE F 10 25.75 -35.78 24.15
CA ILE F 10 25.30 -34.69 25.00
C ILE F 10 25.32 -33.38 24.23
N ARG F 11 26.41 -33.12 23.53
CA ARG F 11 26.51 -31.90 22.72
C ARG F 11 25.43 -31.86 21.64
N GLN F 12 25.18 -32.99 20.97
CA GLN F 12 24.22 -33.05 19.87
C GLN F 12 22.77 -32.93 20.30
N THR F 13 22.49 -33.27 21.56
CA THR F 13 21.09 -33.31 22.00
C THR F 13 20.81 -32.45 23.20
N SER F 14 21.81 -31.78 23.73
CA SER F 14 21.54 -30.99 24.91
C SER F 14 20.87 -29.67 24.57
N ARG F 15 19.78 -29.40 25.27
CA ARG F 15 19.03 -28.16 25.14
C ARG F 15 19.31 -27.26 26.35
N PRO F 16 20.40 -26.49 26.29
CA PRO F 16 20.88 -25.65 27.41
C PRO F 16 19.85 -24.61 27.81
N ASP F 17 18.88 -24.38 26.93
CA ASP F 17 17.90 -23.33 27.15
C ASP F 17 16.61 -23.90 27.77
N VAL F 18 16.57 -25.20 27.93
CA VAL F 18 15.36 -25.87 28.39
C VAL F 18 15.49 -26.39 29.81
N ILE F 19 14.70 -25.83 30.73
CA ILE F 19 14.71 -26.27 32.11
C ILE F 19 14.23 -27.73 32.18
N PRO F 20 15.02 -28.60 32.84
CA PRO F 20 14.73 -30.05 32.85
C PRO F 20 13.65 -30.40 33.85
N THR F 21 12.52 -29.71 33.74
CA THR F 21 11.39 -29.94 34.61
C THR F 21 10.78 -31.29 34.25
N GLN F 22 10.45 -32.10 35.25
CA GLN F 22 9.82 -33.38 34.99
C GLN F 22 8.44 -33.46 35.61
N ARG F 23 7.47 -33.53 34.71
CA ARG F 23 6.05 -33.61 35.02
C ARG F 23 5.51 -32.52 35.96
N ASP F 24 5.72 -31.26 35.57
CA ASP F 24 5.18 -30.10 36.31
C ASP F 24 5.71 -29.97 37.76
N ARG F 25 6.75 -30.73 38.08
CA ARG F 25 7.43 -30.59 39.35
C ARG F 25 8.61 -29.65 39.16
N PRO F 26 9.00 -28.96 40.22
CA PRO F 26 10.14 -28.07 40.05
C PRO F 26 11.46 -28.83 39.97
N VAL F 27 12.44 -28.23 39.29
CA VAL F 27 13.80 -28.78 39.33
C VAL F 27 14.37 -28.45 40.71
N ALA F 28 14.75 -29.48 41.47
CA ALA F 28 15.29 -29.25 42.80
C ALA F 28 16.77 -28.92 42.69
N VAL F 29 17.11 -27.68 43.02
CA VAL F 29 18.49 -27.21 42.98
C VAL F 29 19.08 -27.08 44.39
N SER F 30 20.22 -27.70 44.62
CA SER F 30 20.91 -27.54 45.90
C SER F 30 22.02 -26.52 45.73
N VAL F 31 22.16 -25.62 46.70
CA VAL F 31 23.22 -24.63 46.68
C VAL F 31 23.96 -24.60 47.99
N SER F 32 25.28 -24.53 47.92
CA SER F 32 26.11 -24.46 49.11
C SER F 32 27.36 -23.65 48.80
N LEU F 33 27.70 -22.69 49.67
CA LEU F 33 28.88 -21.86 49.44
C LEU F 33 30.02 -22.36 50.31
N LYS F 34 31.13 -22.72 49.69
CA LYS F 34 32.34 -23.05 50.46
C LYS F 34 33.29 -21.86 50.40
N PHE F 35 33.40 -21.15 51.52
CA PHE F 35 34.20 -19.92 51.56
C PHE F 35 35.69 -20.19 51.51
N ILE F 36 36.38 -19.48 50.61
CA ILE F 36 37.81 -19.68 50.38
C ILE F 36 38.60 -18.51 50.95
N ASN F 37 38.04 -17.32 50.83
CA ASN F 37 38.76 -16.14 51.25
C ASN F 37 37.83 -14.95 51.42
N ILE F 38 38.22 -14.04 52.32
CA ILE F 38 37.56 -12.76 52.48
C ILE F 38 38.61 -11.68 52.28
N LEU F 39 38.38 -10.80 51.32
CA LEU F 39 39.34 -9.76 50.97
C LEU F 39 38.59 -8.43 51.01
N GLU F 40 39.32 -7.32 51.05
CA GLU F 40 38.70 -6.01 50.84
C GLU F 40 37.39 -5.75 51.60
N VAL F 41 37.43 -5.84 52.93
CA VAL F 41 36.28 -5.51 53.77
C VAL F 41 36.20 -4.00 54.04
N ASN F 42 34.99 -3.44 54.01
CA ASN F 42 34.83 -2.01 54.27
C ASN F 42 33.64 -1.74 55.18
N GLU F 43 33.91 -1.45 56.45
CA GLU F 43 32.85 -1.24 57.45
C GLU F 43 32.14 0.09 57.26
N ILE F 44 32.81 1.06 56.66
CA ILE F 44 32.14 2.33 56.34
C ILE F 44 31.04 2.15 55.30
N THR F 45 31.36 1.45 54.20
CA THR F 45 30.43 1.30 53.10
C THR F 45 29.58 0.04 53.16
N ASN F 46 29.85 -0.81 54.14
CA ASN F 46 29.15 -2.11 54.22
C ASN F 46 29.29 -2.91 52.94
N GLU F 47 30.51 -3.03 52.46
CA GLU F 47 30.80 -3.85 51.29
C GLU F 47 31.91 -4.84 51.61
N VAL F 48 31.87 -6.00 50.96
CA VAL F 48 32.89 -7.00 51.20
C VAL F 48 33.14 -7.81 49.91
N ASP F 49 34.39 -8.24 49.74
CA ASP F 49 34.80 -9.08 48.62
C ASP F 49 35.01 -10.49 49.14
N VAL F 50 34.34 -11.46 48.53
CA VAL F 50 34.46 -12.83 48.99
C VAL F 50 34.83 -13.77 47.84
N VAL F 51 35.65 -14.77 48.12
CA VAL F 51 35.89 -15.84 47.17
C VAL F 51 35.29 -17.10 47.75
N PHE F 52 34.46 -17.78 46.95
CA PHE F 52 33.78 -18.99 47.43
C PHE F 52 33.54 -19.96 46.29
N TRP F 53 33.51 -21.25 46.61
CA TRP F 53 33.04 -22.23 45.65
C TRP F 53 31.53 -22.27 45.74
N GLN F 54 30.87 -22.11 44.60
CA GLN F 54 29.41 -22.15 44.58
C GLN F 54 28.95 -23.55 44.16
N GLN F 55 28.85 -24.43 45.14
CA GLN F 55 28.48 -25.82 44.87
C GLN F 55 27.01 -25.91 44.49
N THR F 56 26.74 -26.36 43.26
CA THR F 56 25.40 -26.37 42.72
C THR F 56 25.08 -27.73 42.12
N THR F 57 24.00 -28.35 42.59
CA THR F 57 23.60 -29.66 42.09
C THR F 57 22.13 -29.71 41.68
N TRP F 58 21.86 -30.49 40.64
CA TRP F 58 20.50 -30.69 40.19
C TRP F 58 20.49 -31.88 39.26
N SER F 59 19.29 -32.30 38.89
CA SER F 59 19.13 -33.48 38.07
C SER F 59 18.56 -33.10 36.72
N ASP F 60 19.16 -33.65 35.65
CA ASP F 60 18.66 -33.46 34.29
C ASP F 60 18.65 -34.80 33.56
N ARG F 61 17.52 -35.49 33.55
CA ARG F 61 17.44 -36.84 32.99
C ARG F 61 17.82 -36.93 31.51
N THR F 62 17.62 -35.84 30.77
CA THR F 62 17.92 -35.82 29.33
C THR F 62 19.41 -36.06 29.04
N LEU F 63 20.25 -35.96 30.07
CA LEU F 63 21.68 -36.19 29.89
C LEU F 63 22.06 -37.65 30.13
N ALA F 64 21.12 -38.43 30.64
CA ALA F 64 21.40 -39.79 31.11
C ALA F 64 21.85 -40.73 29.99
N TRP F 65 22.67 -41.73 30.35
CA TRP F 65 23.07 -42.76 29.39
C TRP F 65 23.27 -44.11 30.10
N ASN F 66 23.17 -45.20 29.35
CA ASN F 66 23.42 -46.53 29.89
C ASN F 66 24.91 -46.68 30.15
N SER F 67 25.28 -46.82 31.41
CA SER F 67 26.71 -46.83 31.76
C SER F 67 27.33 -48.21 32.02
N SER F 68 26.63 -49.30 31.75
CA SER F 68 27.30 -50.59 31.92
C SER F 68 28.37 -50.68 30.83
N HIS F 69 29.60 -50.98 31.23
CA HIS F 69 30.72 -51.00 30.30
C HIS F 69 30.98 -49.63 29.68
N SER F 70 30.64 -48.58 30.44
CA SER F 70 30.90 -47.21 30.01
C SER F 70 31.34 -46.36 31.18
N PRO F 71 32.01 -45.26 30.91
CA PRO F 71 32.33 -44.32 31.98
C PRO F 71 31.05 -43.88 32.69
N ASP F 72 31.14 -43.71 34.00
CA ASP F 72 30.01 -43.37 34.86
C ASP F 72 29.82 -41.86 34.98
N GLN F 73 30.87 -41.10 34.66
CA GLN F 73 30.85 -39.63 34.77
C GLN F 73 31.69 -38.98 33.68
N VAL F 74 31.30 -37.77 33.28
CA VAL F 74 32.13 -36.97 32.39
C VAL F 74 32.14 -35.50 32.80
N SER F 75 33.18 -34.79 32.41
CA SER F 75 33.20 -33.34 32.57
C SER F 75 32.68 -32.70 31.29
N VAL F 76 31.75 -31.76 31.45
CA VAL F 76 31.04 -31.14 30.34
C VAL F 76 31.05 -29.62 30.43
N PRO F 77 31.40 -28.94 29.34
CA PRO F 77 31.34 -27.47 29.34
C PRO F 77 29.91 -27.02 29.65
N ILE F 78 29.71 -26.09 30.59
CA ILE F 78 28.35 -25.66 30.94
C ILE F 78 27.61 -25.05 29.76
N SER F 79 28.36 -24.60 28.76
CA SER F 79 27.72 -24.05 27.55
C SER F 79 26.90 -25.11 26.84
N SER F 80 27.17 -26.38 27.15
CA SER F 80 26.42 -27.47 26.52
C SER F 80 25.29 -28.02 27.40
N LEU F 81 25.07 -27.41 28.57
CA LEU F 81 24.07 -27.89 29.52
C LEU F 81 23.12 -26.78 29.93
N TRP F 82 21.91 -27.14 30.32
CA TRP F 82 21.08 -26.20 31.05
C TRP F 82 21.68 -26.03 32.43
N VAL F 83 21.77 -24.77 32.86
CA VAL F 83 22.25 -24.42 34.17
C VAL F 83 21.21 -23.51 34.86
N PRO F 84 20.99 -23.70 36.16
CA PRO F 84 20.06 -22.83 36.90
C PRO F 84 20.48 -21.37 36.80
N ASP F 85 19.51 -20.47 36.65
CA ASP F 85 19.79 -19.04 36.52
C ASP F 85 19.91 -18.36 37.90
N LEU F 86 20.79 -18.88 38.74
CA LEU F 86 20.98 -18.35 40.08
C LEU F 86 21.68 -16.99 40.04
N ALA F 87 21.29 -16.13 40.97
CA ALA F 87 21.96 -14.87 41.16
C ALA F 87 21.97 -14.51 42.64
N ALA F 88 23.01 -13.82 43.07
CA ALA F 88 23.07 -13.30 44.41
C ALA F 88 22.41 -11.93 44.38
N TYR F 89 21.29 -11.79 45.09
CA TYR F 89 20.51 -10.56 45.10
C TYR F 89 21.28 -9.33 45.60
N ASN F 90 22.16 -9.53 46.58
CA ASN F 90 22.88 -8.39 47.14
C ASN F 90 24.34 -8.24 46.64
N ALA F 91 24.63 -8.91 45.53
CA ALA F 91 25.91 -8.75 44.87
C ALA F 91 25.94 -7.42 44.16
N ILE F 92 27.09 -6.74 44.19
CA ILE F 92 27.20 -5.43 43.57
C ILE F 92 28.26 -5.42 42.49
N SER F 93 28.77 -6.61 42.19
CA SER F 93 29.57 -6.82 40.98
C SER F 93 29.09 -8.13 40.36
N LYS F 94 29.31 -8.31 39.06
CA LYS F 94 28.96 -9.59 38.49
C LYS F 94 29.99 -10.63 38.94
N PRO F 95 29.59 -11.90 38.99
CA PRO F 95 30.50 -12.95 39.46
C PRO F 95 31.75 -13.02 38.59
N GLU F 96 32.92 -12.96 39.19
CA GLU F 96 34.15 -13.27 38.47
C GLU F 96 34.41 -14.76 38.66
N VAL F 97 34.15 -15.54 37.63
CA VAL F 97 34.38 -16.99 37.70
C VAL F 97 35.85 -17.29 37.49
N LEU F 98 36.48 -17.85 38.52
CA LEU F 98 37.92 -18.02 38.56
C LEU F 98 38.41 -19.29 37.89
N THR F 99 37.51 -20.26 37.74
CA THR F 99 37.90 -21.61 37.36
C THR F 99 37.31 -22.02 36.00
N PRO F 100 37.87 -23.10 35.38
CA PRO F 100 37.32 -23.63 34.13
C PRO F 100 35.82 -23.94 34.28
N GLN F 101 35.02 -23.52 33.30
CA GLN F 101 33.58 -23.65 33.41
C GLN F 101 33.05 -25.01 32.93
N LEU F 102 33.34 -26.02 33.73
CA LEU F 102 32.94 -27.39 33.44
C LEU F 102 32.06 -27.89 34.57
N ALA F 103 31.04 -28.65 34.22
CA ALA F 103 30.22 -29.36 35.21
C ALA F 103 30.52 -30.84 35.12
N ARG F 104 30.22 -31.56 36.20
CA ARG F 104 30.42 -32.98 36.21
C ARG F 104 29.05 -33.63 36.09
N VAL F 105 28.89 -34.51 35.10
CA VAL F 105 27.63 -35.16 34.82
C VAL F 105 27.73 -36.67 35.08
N VAL F 106 26.84 -37.20 35.90
CA VAL F 106 26.78 -38.64 36.17
C VAL F 106 25.79 -39.31 35.22
N SER F 107 25.99 -40.61 34.97
CA SER F 107 25.22 -41.33 33.96
C SER F 107 23.71 -41.36 34.23
N ASP F 108 23.31 -41.12 35.47
CA ASP F 108 21.88 -41.03 35.80
C ASP F 108 21.31 -39.61 35.61
N GLY F 109 22.16 -38.66 35.21
CA GLY F 109 21.72 -37.31 34.94
C GLY F 109 21.97 -36.32 36.06
N GLU F 110 22.56 -36.78 37.16
CA GLU F 110 22.93 -35.86 38.23
C GLU F 110 24.05 -34.94 37.76
N VAL F 111 23.90 -33.65 38.03
CA VAL F 111 24.91 -32.68 37.63
C VAL F 111 25.48 -31.94 38.83
N LEU F 112 26.79 -31.72 38.79
CA LEU F 112 27.48 -30.91 39.77
C LEU F 112 28.23 -29.82 39.04
N TYR F 113 27.99 -28.58 39.44
CA TYR F 113 28.77 -27.46 38.91
C TYR F 113 29.27 -26.69 40.14
N MET F 114 30.59 -26.55 40.25
CA MET F 114 31.17 -25.91 41.42
C MET F 114 32.31 -24.95 41.08
N PRO F 115 31.98 -23.79 40.48
CA PRO F 115 33.02 -22.81 40.15
C PRO F 115 33.51 -22.07 41.38
N SER F 116 34.76 -21.62 41.35
CA SER F 116 35.22 -20.69 42.35
C SER F 116 34.90 -19.30 41.85
N ILE F 117 34.29 -18.50 42.71
CA ILE F 117 33.80 -17.19 42.33
C ILE F 117 34.28 -16.11 43.27
N ARG F 118 34.73 -15.00 42.71
CA ARG F 118 35.00 -13.81 43.48
C ARG F 118 33.90 -12.78 43.18
N GLN F 119 33.33 -12.21 44.22
CA GLN F 119 32.23 -11.29 44.00
C GLN F 119 32.16 -10.33 45.17
N ARG F 120 31.67 -9.13 44.90
CA ARG F 120 31.54 -8.12 45.93
C ARG F 120 30.06 -8.03 46.35
N PHE F 121 29.83 -7.87 47.64
CA PHE F 121 28.48 -7.84 48.19
C PHE F 121 28.20 -6.62 49.06
N SER F 122 26.96 -6.19 49.07
CA SER F 122 26.48 -5.21 50.02
C SER F 122 25.82 -5.99 51.15
N CYS F 123 26.33 -5.80 52.37
CA CYS F 123 25.81 -6.51 53.52
C CYS F 123 26.32 -5.89 54.82
N ASP F 124 25.90 -6.45 55.95
CA ASP F 124 26.20 -5.85 57.25
C ASP F 124 27.60 -6.15 57.73
N VAL F 125 28.49 -5.17 57.59
CA VAL F 125 29.88 -5.36 57.95
C VAL F 125 30.16 -4.87 59.38
N SER F 126 29.16 -4.29 60.02
CA SER F 126 29.38 -3.73 61.35
C SER F 126 29.83 -4.80 62.35
N GLY F 127 30.78 -4.43 63.21
CA GLY F 127 31.27 -5.34 64.23
C GLY F 127 32.33 -6.31 63.74
N VAL F 128 32.77 -6.14 62.50
CA VAL F 128 33.80 -7.00 61.94
C VAL F 128 35.10 -7.04 62.78
N ASP F 129 35.39 -5.95 63.50
CA ASP F 129 36.63 -5.83 64.31
C ASP F 129 36.40 -6.07 65.79
N THR F 130 35.34 -6.80 66.12
CA THR F 130 35.04 -7.13 67.52
C THR F 130 35.06 -8.64 67.68
N GLU F 131 35.00 -9.09 68.93
CA GLU F 131 34.97 -10.51 69.26
C GLU F 131 33.83 -11.25 68.59
N SER F 132 32.66 -10.62 68.55
CA SER F 132 31.48 -11.30 68.02
C SER F 132 31.41 -11.20 66.50
N GLY F 133 32.23 -10.33 65.93
CA GLY F 133 32.36 -10.23 64.48
C GLY F 133 31.15 -9.65 63.76
N ALA F 134 31.26 -9.57 62.44
CA ALA F 134 30.16 -9.13 61.59
C ALA F 134 29.39 -10.35 61.06
N THR F 135 28.15 -10.13 60.66
CA THR F 135 27.39 -11.18 60.01
C THR F 135 26.89 -10.69 58.66
N CYS F 136 27.52 -11.16 57.60
CA CYS F 136 27.15 -10.80 56.23
C CYS F 136 26.20 -11.85 55.65
N ARG F 137 25.04 -11.40 55.21
CA ARG F 137 24.01 -12.29 54.68
C ARG F 137 24.01 -12.23 53.15
N ILE F 138 24.17 -13.38 52.51
CA ILE F 138 24.19 -13.48 51.06
C ILE F 138 22.96 -14.21 50.57
N LYS F 139 22.19 -13.56 49.69
CA LYS F 139 20.92 -14.12 49.25
C LYS F 139 21.00 -14.61 47.81
N ILE F 140 20.74 -15.90 47.60
CA ILE F 140 20.88 -16.52 46.30
C ILE F 140 19.62 -17.28 45.91
N GLY F 141 19.12 -17.03 44.70
CA GLY F 141 17.96 -17.72 44.16
C GLY F 141 17.85 -17.62 42.65
N SER F 142 16.90 -18.34 42.08
CA SER F 142 16.61 -18.20 40.67
C SER F 142 16.13 -16.80 40.34
N TRP F 143 16.72 -16.20 39.31
CA TRP F 143 16.32 -14.85 38.94
C TRP F 143 14.93 -14.81 38.30
N THR F 144 14.63 -15.79 37.44
CA THR F 144 13.39 -15.74 36.65
C THR F 144 12.45 -16.92 36.80
N HIS F 145 12.83 -17.93 37.57
CA HIS F 145 11.98 -19.12 37.75
C HIS F 145 11.33 -19.18 39.13
N HIS F 146 10.00 -19.17 39.19
CA HIS F 146 9.29 -19.24 40.46
C HIS F 146 9.33 -20.66 41.06
N SER F 147 8.72 -20.83 42.23
CA SER F 147 8.84 -22.04 43.03
C SER F 147 8.29 -23.33 42.38
N ARG F 148 7.39 -23.22 41.40
CA ARG F 148 6.90 -24.43 40.73
C ARG F 148 7.86 -24.88 39.63
N GLU F 149 8.87 -24.07 39.34
CA GLU F 149 9.85 -24.41 38.31
C GLU F 149 11.24 -24.70 38.88
N ILE F 150 11.67 -23.88 39.83
CA ILE F 150 12.92 -24.11 40.54
C ILE F 150 12.70 -23.99 42.05
N SER F 151 13.13 -25.01 42.78
CA SER F 151 13.19 -24.89 44.23
C SER F 151 14.67 -24.81 44.61
N VAL F 152 14.97 -24.04 45.65
CA VAL F 152 16.34 -23.87 46.08
C VAL F 152 16.43 -24.29 47.52
N ASP F 153 17.40 -25.13 47.83
CA ASP F 153 17.61 -25.59 49.21
C ASP F 153 19.06 -25.60 49.60
N PRO F 154 19.37 -25.24 50.85
CA PRO F 154 20.75 -25.34 51.34
C PRO F 154 21.16 -26.80 51.38
N THR F 155 22.45 -27.05 51.22
CA THR F 155 22.90 -28.40 51.08
C THR F 155 22.77 -29.07 52.41
N THR F 156 22.03 -30.15 52.33
CA THR F 156 22.30 -31.29 53.15
C THR F 156 23.65 -31.12 53.82
N ASP F 160 33.13 -28.45 58.84
CA ASP F 160 33.92 -27.29 59.25
C ASP F 160 33.90 -26.18 58.20
N ASP F 161 33.34 -25.03 58.59
CA ASP F 161 33.12 -23.91 57.68
C ASP F 161 34.41 -23.32 57.16
N SER F 162 35.52 -23.67 57.79
CA SER F 162 36.80 -23.14 57.37
C SER F 162 37.60 -24.21 56.67
N GLU F 163 36.92 -25.29 56.27
CA GLU F 163 37.65 -26.41 55.68
C GLU F 163 38.55 -25.94 54.55
N TYR F 164 38.02 -25.10 53.66
CA TYR F 164 38.79 -24.64 52.51
C TYR F 164 39.20 -23.17 52.63
N PHE F 165 38.94 -22.56 53.78
CA PHE F 165 39.20 -21.14 53.96
C PHE F 165 40.70 -20.88 54.10
N SER F 166 41.18 -19.88 53.37
CA SER F 166 42.60 -19.53 53.38
C SER F 166 43.11 -19.10 54.76
N GLN F 167 44.21 -19.70 55.19
CA GLN F 167 44.81 -19.36 56.48
C GLN F 167 45.52 -18.00 56.40
N TYR F 168 45.64 -17.45 55.20
CA TYR F 168 46.40 -16.23 54.98
C TYR F 168 45.52 -15.01 54.83
N SER F 169 44.20 -15.22 54.87
CA SER F 169 43.25 -14.11 54.91
C SER F 169 43.43 -13.30 56.18
N ARG F 170 43.13 -12.00 56.14
CA ARG F 170 43.19 -11.18 57.35
CA ARG F 170 43.21 -11.18 57.36
C ARG F 170 41.98 -11.45 58.23
N PHE F 171 41.06 -12.26 57.73
CA PHE F 171 39.83 -12.53 58.46
C PHE F 171 39.71 -14.01 58.78
N GLU F 172 38.79 -14.32 59.69
CA GLU F 172 38.52 -15.71 60.02
C GLU F 172 37.02 -15.93 60.12
N ILE F 173 36.59 -17.15 59.85
CA ILE F 173 35.17 -17.46 59.85
C ILE F 173 34.78 -18.04 61.20
N LEU F 174 33.75 -17.44 61.81
CA LEU F 174 33.28 -17.87 63.11
C LEU F 174 32.16 -18.88 62.96
N ASP F 175 31.30 -18.66 61.97
CA ASP F 175 30.17 -19.53 61.74
C ASP F 175 29.52 -19.23 60.42
N VAL F 176 28.93 -20.26 59.82
CA VAL F 176 28.14 -20.13 58.60
C VAL F 176 26.81 -20.83 58.83
N THR F 177 25.70 -20.12 58.63
CA THR F 177 24.37 -20.70 58.73
C THR F 177 23.58 -20.45 57.45
N GLN F 178 22.55 -21.28 57.22
CA GLN F 178 21.75 -21.19 56.02
C GLN F 178 20.26 -21.21 56.35
N LYS F 179 19.50 -20.47 55.56
CA LYS F 179 18.07 -20.40 55.75
C LYS F 179 17.41 -20.38 54.36
N LYS F 180 16.40 -21.20 54.16
CA LYS F 180 15.66 -21.20 52.91
C LYS F 180 14.48 -20.24 53.01
N ASN F 181 14.25 -19.45 51.95
CA ASN F 181 13.09 -18.58 51.92
C ASN F 181 12.26 -18.73 50.65
N SER F 182 11.01 -18.30 50.76
CA SER F 182 10.11 -18.27 49.62
C SER F 182 9.46 -16.89 49.59
N VAL F 183 9.79 -16.11 48.57
CA VAL F 183 9.41 -14.71 48.60
C VAL F 183 8.51 -14.32 47.44
N THR F 184 7.53 -13.49 47.75
CA THR F 184 6.69 -12.93 46.71
C THR F 184 7.07 -11.47 46.52
N TYR F 185 7.53 -11.15 45.31
CA TYR F 185 7.84 -9.77 44.95
C TYR F 185 6.62 -9.08 44.34
N SER F 186 6.48 -7.79 44.58
CA SER F 186 5.28 -7.07 44.16
C SER F 186 5.14 -7.02 42.65
N CYS F 187 6.20 -7.35 41.93
CA CYS F 187 6.20 -7.33 40.47
CA CYS F 187 6.18 -7.31 40.48
C CYS F 187 5.42 -8.50 39.89
N CYS F 188 5.34 -9.59 40.65
CA CYS F 188 4.86 -10.85 40.09
C CYS F 188 4.02 -11.61 41.08
N PRO F 189 3.06 -12.40 40.58
CA PRO F 189 2.12 -13.10 41.47
C PRO F 189 2.68 -14.36 42.14
N GLU F 190 3.72 -14.96 41.58
CA GLU F 190 4.24 -16.23 42.09
C GLU F 190 5.32 -16.04 43.16
N ALA F 191 5.63 -17.09 43.89
CA ALA F 191 6.71 -17.06 44.87
C ALA F 191 8.04 -17.52 44.27
N TYR F 192 9.13 -16.89 44.69
CA TYR F 192 10.47 -17.25 44.24
C TYR F 192 11.30 -17.67 45.44
N GLU F 193 11.96 -18.80 45.31
CA GLU F 193 12.73 -19.33 46.42
C GLU F 193 14.14 -18.80 46.42
N ASP F 194 14.71 -18.66 47.61
CA ASP F 194 16.11 -18.29 47.73
C ASP F 194 16.73 -19.00 48.94
N VAL F 195 18.06 -19.06 48.94
CA VAL F 195 18.79 -19.49 50.12
C VAL F 195 19.56 -18.29 50.66
N GLU F 196 19.46 -18.04 51.97
CA GLU F 196 20.23 -16.98 52.61
C GLU F 196 21.36 -17.58 53.40
N VAL F 197 22.59 -17.27 53.00
CA VAL F 197 23.76 -17.79 53.69
C VAL F 197 24.34 -16.69 54.56
N SER F 198 24.32 -16.92 55.86
CA SER F 198 24.82 -15.94 56.83
C SER F 198 26.23 -16.29 57.24
N LEU F 199 27.16 -15.42 56.84
CA LEU F 199 28.58 -15.61 57.11
C LEU F 199 29.00 -14.75 58.31
N ASN F 200 29.27 -15.39 59.44
CA ASN F 200 29.74 -14.71 60.64
C ASN F 200 31.26 -14.74 60.68
N PHE F 201 31.88 -13.58 60.53
CA PHE F 201 33.34 -13.51 60.43
C PHE F 201 33.88 -12.29 61.17
N ARG F 202 35.18 -12.29 61.45
CA ARG F 202 35.80 -11.15 62.11
C ARG F 202 37.23 -11.01 61.64
N LYS F 203 37.81 -9.83 61.90
CA LYS F 203 39.22 -9.61 61.62
C LYS F 203 40.05 -10.35 62.67
N LYS F 204 41.13 -10.99 62.24
CA LYS F 204 42.02 -11.69 63.17
C LYS F 204 42.81 -10.65 63.93
N GLY F 205 43.17 -10.98 65.18
CA GLY F 205 44.02 -10.09 65.97
C GLY F 205 45.04 -9.47 65.05
N ARG F 206 45.31 -8.18 65.22
CA ARG F 206 46.08 -7.49 64.18
C ARG F 206 47.55 -7.91 64.13
N SER F 207 47.97 -8.71 65.11
CA SER F 207 49.35 -9.16 65.20
C SER F 207 49.61 -10.59 64.69
N LEU G 1 2.11 -29.14 23.51
CA LEU G 1 3.40 -28.47 23.60
C LEU G 1 3.98 -28.59 24.99
N ASP G 2 5.25 -28.94 25.07
CA ASP G 2 5.98 -28.78 26.32
C ASP G 2 6.98 -27.60 26.21
N ARG G 3 7.68 -27.30 27.30
CA ARG G 3 8.62 -26.17 27.31
C ARG G 3 9.67 -26.30 26.22
N ALA G 4 10.16 -27.53 26.01
CA ALA G 4 11.18 -27.75 25.01
C ALA G 4 10.68 -27.36 23.63
N ASP G 5 9.44 -27.73 23.30
CA ASP G 5 8.85 -27.40 21.99
C ASP G 5 8.69 -25.88 21.85
N ILE G 6 8.18 -25.25 22.91
CA ILE G 6 7.95 -23.81 22.90
C ILE G 6 9.26 -23.06 22.66
N LEU G 7 10.28 -23.44 23.43
CA LEU G 7 11.58 -22.78 23.34
C LEU G 7 12.25 -23.04 21.99
N TYR G 8 12.06 -24.25 21.48
CA TYR G 8 12.58 -24.60 20.15
C TYR G 8 11.91 -23.74 19.07
N ASN G 9 10.58 -23.62 19.13
CA ASN G 9 9.86 -22.81 18.15
C ASN G 9 10.25 -21.34 18.17
N ILE G 10 10.40 -20.80 19.38
CA ILE G 10 10.81 -19.41 19.56
C ILE G 10 12.21 -19.20 19.01
N ARG G 11 13.14 -20.07 19.37
CA ARG G 11 14.50 -19.98 18.86
C ARG G 11 14.57 -20.02 17.33
N GLN G 12 13.82 -20.95 16.72
CA GLN G 12 13.85 -21.19 15.27
C GLN G 12 13.19 -20.09 14.45
N THR G 13 12.21 -19.41 15.04
CA THR G 13 11.46 -18.41 14.28
C THR G 13 11.67 -17.00 14.78
N SER G 14 12.41 -16.84 15.87
CA SER G 14 12.50 -15.49 16.41
C SER G 14 13.47 -14.62 15.60
N ARG G 15 13.07 -13.37 15.47
CA ARG G 15 13.76 -12.37 14.70
C ARG G 15 14.14 -11.22 15.64
N PRO G 16 15.29 -11.36 16.32
CA PRO G 16 15.76 -10.42 17.36
C PRO G 16 15.99 -9.02 16.78
N ASP G 17 16.14 -8.95 15.48
CA ASP G 17 16.44 -7.70 14.79
C ASP G 17 15.18 -6.97 14.29
N VAL G 18 14.02 -7.62 14.46
CA VAL G 18 12.75 -7.07 13.96
C VAL G 18 11.86 -6.52 15.06
N ILE G 19 11.64 -5.22 15.05
CA ILE G 19 10.75 -4.58 16.02
C ILE G 19 9.32 -5.10 15.83
N PRO G 20 8.70 -5.61 16.91
CA PRO G 20 7.41 -6.30 16.82
C PRO G 20 6.25 -5.32 16.73
N THR G 21 6.37 -4.41 15.77
CA THR G 21 5.35 -3.41 15.56
C THR G 21 4.11 -4.08 14.98
N GLN G 22 2.94 -3.72 15.49
CA GLN G 22 1.69 -4.29 14.95
C GLN G 22 0.74 -3.23 14.41
N ARG G 23 0.39 -3.38 13.13
CA ARG G 23 -0.51 -2.47 12.42
C ARG G 23 -0.01 -1.02 12.45
N ASP G 24 1.30 -0.85 12.32
CA ASP G 24 1.94 0.46 12.40
C ASP G 24 1.47 1.28 13.61
N ARG G 25 1.37 0.62 14.74
CA ARG G 25 1.27 1.27 16.03
C ARG G 25 2.69 1.21 16.52
N PRO G 26 3.08 2.12 17.43
CA PRO G 26 4.38 1.93 18.07
C PRO G 26 4.33 0.76 19.05
N VAL G 27 5.47 0.10 19.26
CA VAL G 27 5.56 -0.89 20.32
C VAL G 27 5.51 -0.15 21.64
N ALA G 28 4.53 -0.46 22.48
CA ALA G 28 4.41 0.22 23.77
C ALA G 28 5.32 -0.42 24.83
N VAL G 29 6.39 0.28 25.19
CA VAL G 29 7.35 -0.23 26.16
C VAL G 29 7.15 0.45 27.51
N SER G 30 7.01 -0.33 28.56
CA SER G 30 6.97 0.19 29.93
C SER G 30 8.32 0.04 30.58
N VAL G 31 8.76 1.07 31.29
CA VAL G 31 10.02 1.05 32.01
C VAL G 31 9.83 1.51 33.45
N SER G 32 10.47 0.80 34.36
CA SER G 32 10.42 1.13 35.78
C SER G 32 11.73 0.70 36.43
N LEU G 33 12.36 1.60 37.17
CA LEU G 33 13.60 1.30 37.86
C LEU G 33 13.31 0.96 39.34
N LYS G 34 13.67 -0.25 39.76
CA LYS G 34 13.59 -0.60 41.18
C LYS G 34 14.98 -0.46 41.79
N PHE G 35 15.17 0.55 42.63
CA PHE G 35 16.52 0.85 43.13
C PHE G 35 16.93 -0.12 44.23
N ILE G 36 18.12 -0.70 44.07
CA ILE G 36 18.64 -1.69 45.00
C ILE G 36 19.71 -1.09 45.91
N ASN G 37 20.55 -0.25 45.33
CA ASN G 37 21.67 0.30 46.09
C ASN G 37 22.22 1.56 45.45
N ILE G 38 22.84 2.39 46.28
CA ILE G 38 23.52 3.59 45.84
C ILE G 38 24.91 3.47 46.44
N LEU G 39 25.92 3.47 45.58
CA LEU G 39 27.32 3.32 45.99
C LEU G 39 28.10 4.48 45.40
N GLU G 40 29.29 4.74 45.91
CA GLU G 40 30.22 5.65 45.23
C GLU G 40 29.61 6.99 44.76
N VAL G 41 29.04 7.76 45.67
CA VAL G 41 28.54 9.10 45.36
C VAL G 41 29.67 10.15 45.39
N ASN G 42 29.65 11.10 44.46
CA ASN G 42 30.68 12.13 44.43
C ASN G 42 30.09 13.51 44.14
N GLU G 43 29.98 14.34 45.19
CA GLU G 43 29.32 15.64 45.07
C GLU G 43 30.18 16.65 44.33
N ILE G 44 31.50 16.46 44.37
CA ILE G 44 32.39 17.31 43.60
C ILE G 44 32.19 17.12 42.09
N THR G 45 32.15 15.87 41.65
CA THR G 45 32.09 15.58 40.21
C THR G 45 30.66 15.37 39.69
N ASN G 46 29.68 15.37 40.58
CA ASN G 46 28.30 15.10 40.19
C ASN G 46 28.15 13.74 39.47
N GLU G 47 28.69 12.71 40.11
CA GLU G 47 28.61 11.36 39.57
C GLU G 47 28.15 10.41 40.64
N VAL G 48 27.42 9.38 40.25
CA VAL G 48 26.90 8.44 41.22
C VAL G 48 26.82 7.05 40.59
N ASP G 49 27.04 6.03 41.41
CA ASP G 49 26.91 4.64 41.01
C ASP G 49 25.63 4.09 41.59
N VAL G 50 24.78 3.52 40.75
CA VAL G 50 23.52 2.98 41.21
C VAL G 50 23.35 1.52 40.78
N VAL G 51 22.70 0.74 41.63
CA VAL G 51 22.28 -0.60 41.25
C VAL G 51 20.77 -0.62 41.27
N PHE G 52 20.16 -1.07 40.17
CA PHE G 52 18.71 -1.06 40.04
C PHE G 52 18.25 -2.19 39.14
N TRP G 53 17.04 -2.69 39.37
CA TRP G 53 16.39 -3.60 38.43
C TRP G 53 15.70 -2.75 37.39
N GLN G 54 16.01 -2.98 36.13
CA GLN G 54 15.39 -2.22 35.04
C GLN G 54 14.21 -3.03 34.49
N GLN G 55 13.05 -2.86 35.12
CA GLN G 55 11.87 -3.60 34.73
C GLN G 55 11.34 -3.08 33.40
N THR G 56 11.30 -3.96 32.40
CA THR G 56 10.95 -3.58 31.04
C THR G 56 9.91 -4.54 30.49
N THR G 57 8.77 -4.00 30.08
CA THR G 57 7.73 -4.86 29.50
C THR G 57 7.30 -4.37 28.13
N TRP G 58 6.94 -5.32 27.28
CA TRP G 58 6.36 -5.00 25.98
C TRP G 58 5.71 -6.25 25.42
N SER G 59 5.05 -6.09 24.28
CA SER G 59 4.30 -7.19 23.68
C SER G 59 4.90 -7.52 22.34
N ASP G 60 5.09 -8.81 22.10
CA ASP G 60 5.56 -9.33 20.81
C ASP G 60 4.71 -10.53 20.36
N ARG G 61 3.70 -10.28 19.53
CA ARG G 61 2.73 -11.30 19.16
C ARG G 61 3.32 -12.46 18.35
N THR G 62 4.49 -12.24 17.74
CA THR G 62 5.16 -13.31 17.01
C THR G 62 5.65 -14.44 17.94
N LEU G 63 5.71 -14.16 19.23
CA LEU G 63 6.15 -15.16 20.20
C LEU G 63 4.99 -16.01 20.72
N ALA G 64 3.76 -15.63 20.38
CA ALA G 64 2.57 -16.24 20.98
C ALA G 64 2.40 -17.70 20.62
N TRP G 65 1.81 -18.47 21.53
CA TRP G 65 1.44 -19.87 21.24
C TRP G 65 0.13 -20.25 21.92
N ASN G 66 -0.52 -21.29 21.42
CA ASN G 66 -1.73 -21.82 22.06
C ASN G 66 -1.37 -22.54 23.35
N SER G 67 -1.77 -21.98 24.49
CA SER G 67 -1.34 -22.53 25.77
C SER G 67 -2.34 -23.48 26.45
N SER G 68 -3.32 -23.98 25.70
CA SER G 68 -4.22 -24.99 26.27
C SER G 68 -3.43 -26.31 26.37
N HIS G 69 -3.44 -26.91 27.55
CA HIS G 69 -2.63 -28.11 27.79
C HIS G 69 -1.15 -27.84 27.61
N SER G 70 -0.75 -26.57 27.78
CA SER G 70 0.65 -26.19 27.66
C SER G 70 1.08 -25.20 28.75
N PRO G 71 2.39 -25.11 29.00
CA PRO G 71 2.88 -24.06 29.91
C PRO G 71 2.46 -22.68 29.41
N ASP G 72 2.14 -21.81 30.35
CA ASP G 72 1.64 -20.47 30.06
C ASP G 72 2.80 -19.46 29.88
N GLN G 73 3.98 -19.79 30.42
CA GLN G 73 5.13 -18.89 30.39
C GLN G 73 6.43 -19.68 30.30
N VAL G 74 7.44 -19.07 29.70
CA VAL G 74 8.77 -19.67 29.67
C VAL G 74 9.83 -18.59 29.85
N SER G 75 11.02 -19.01 30.25
CA SER G 75 12.15 -18.11 30.32
C SER G 75 12.96 -18.29 29.05
N VAL G 76 13.31 -17.17 28.42
CA VAL G 76 13.96 -17.19 27.11
C VAL G 76 15.19 -16.28 27.12
N PRO G 77 16.32 -16.76 26.59
CA PRO G 77 17.51 -15.91 26.48
C PRO G 77 17.21 -14.69 25.62
N ILE G 78 17.61 -13.50 26.06
CA ILE G 78 17.25 -12.30 25.29
C ILE G 78 17.90 -12.30 23.90
N SER G 79 18.97 -13.08 23.75
CA SER G 79 19.61 -13.21 22.45
C SER G 79 18.65 -13.83 21.41
N SER G 80 17.61 -14.50 21.87
CA SER G 80 16.62 -15.07 20.96
C SER G 80 15.37 -14.21 20.77
N LEU G 81 15.36 -13.00 21.34
CA LEU G 81 14.18 -12.12 21.26
C LEU G 81 14.57 -10.75 20.78
N TRP G 82 13.62 -10.04 20.18
CA TRP G 82 13.80 -8.61 20.00
C TRP G 82 13.68 -7.95 21.35
N VAL G 83 14.57 -7.01 21.62
CA VAL G 83 14.55 -6.26 22.86
C VAL G 83 14.66 -4.78 22.51
N PRO G 84 13.91 -3.91 23.23
CA PRO G 84 13.96 -2.47 23.00
C PRO G 84 15.37 -1.92 23.15
N ASP G 85 15.80 -1.02 22.27
CA ASP G 85 17.15 -0.48 22.33
C ASP G 85 17.24 0.71 23.30
N LEU G 86 16.86 0.48 24.56
CA LEU G 86 16.85 1.52 25.58
C LEU G 86 18.27 1.90 26.01
N ALA G 87 18.46 3.17 26.28
CA ALA G 87 19.72 3.62 26.84
C ALA G 87 19.45 4.74 27.81
N ALA G 88 20.27 4.82 28.85
CA ALA G 88 20.24 5.93 29.78
C ALA G 88 21.12 7.04 29.20
N TYR G 89 20.51 8.17 28.86
CA TYR G 89 21.20 9.29 28.20
C TYR G 89 22.35 9.87 29.02
N ASN G 90 22.20 9.89 30.34
CA ASN G 90 23.22 10.50 31.20
C ASN G 90 24.11 9.49 31.91
N ALA G 91 24.08 8.23 31.46
CA ALA G 91 25.01 7.21 31.94
C ALA G 91 26.41 7.50 31.42
N ILE G 92 27.42 7.29 32.26
CA ILE G 92 28.79 7.54 31.84
C ILE G 92 29.63 6.28 31.89
N SER G 93 28.95 5.15 32.07
CA SER G 93 29.57 3.83 31.90
C SER G 93 28.54 2.95 31.22
N LYS G 94 28.98 1.91 30.52
CA LYS G 94 27.97 1.03 29.94
C LYS G 94 27.35 0.19 31.05
N PRO G 95 26.12 -0.27 30.84
CA PRO G 95 25.44 -1.03 31.90
C PRO G 95 26.23 -2.27 32.26
N GLU G 96 26.49 -2.49 33.54
CA GLU G 96 27.02 -3.77 33.98
C GLU G 96 25.82 -4.64 34.37
N VAL G 97 25.44 -5.57 33.51
CA VAL G 97 24.32 -6.44 33.81
C VAL G 97 24.76 -7.52 34.78
N LEU G 98 24.13 -7.54 35.97
CA LEU G 98 24.57 -8.38 37.07
C LEU G 98 23.96 -9.79 37.05
N THR G 99 22.84 -9.94 36.34
CA THR G 99 22.01 -11.12 36.44
C THR G 99 21.93 -11.89 35.12
N PRO G 100 21.51 -13.16 35.18
CA PRO G 100 21.32 -13.96 33.95
C PRO G 100 20.40 -13.25 32.94
N GLN G 101 20.81 -13.19 31.69
CA GLN G 101 20.07 -12.44 30.69
C GLN G 101 18.89 -13.19 30.05
N LEU G 102 17.86 -13.41 30.85
CA LEU G 102 16.67 -14.13 30.43
C LEU G 102 15.46 -13.22 30.57
N ALA G 103 14.56 -13.30 29.60
CA ALA G 103 13.29 -12.62 29.71
C ALA G 103 12.20 -13.65 29.94
N ARG G 104 11.08 -13.20 30.51
CA ARG G 104 9.95 -14.08 30.73
C ARG G 104 8.90 -13.79 29.67
N VAL G 105 8.47 -14.83 28.97
CA VAL G 105 7.53 -14.69 27.85
C VAL G 105 6.24 -15.43 28.16
N VAL G 106 5.13 -14.70 28.07
CA VAL G 106 3.81 -15.29 28.29
C VAL G 106 3.21 -15.75 26.95
N SER G 107 2.32 -16.74 27.00
CA SER G 107 1.78 -17.34 25.79
C SER G 107 1.05 -16.36 24.85
N ASP G 108 0.62 -15.23 25.38
CA ASP G 108 -0.03 -14.19 24.54
C ASP G 108 0.99 -13.22 23.93
N GLY G 109 2.28 -13.41 24.21
CA GLY G 109 3.30 -12.57 23.63
C GLY G 109 3.82 -11.46 24.53
N GLU G 110 3.25 -11.33 25.72
CA GLU G 110 3.75 -10.35 26.68
C GLU G 110 5.14 -10.76 27.16
N VAL G 111 6.06 -9.79 27.15
CA VAL G 111 7.43 -10.04 27.57
C VAL G 111 7.82 -9.17 28.76
N LEU G 112 8.56 -9.78 29.69
CA LEU G 112 9.14 -9.09 30.83
C LEU G 112 10.65 -9.37 30.86
N TYR G 113 11.43 -8.30 30.85
CA TYR G 113 12.86 -8.40 31.03
C TYR G 113 13.25 -7.48 32.19
N MET G 114 13.90 -8.04 33.22
CA MET G 114 14.20 -7.24 34.40
C MET G 114 15.56 -7.59 34.96
N PRO G 115 16.63 -7.13 34.27
CA PRO G 115 17.99 -7.37 34.77
C PRO G 115 18.32 -6.45 35.94
N SER G 116 19.19 -6.91 36.83
CA SER G 116 19.79 -6.00 37.78
C SER G 116 21.02 -5.37 37.15
N ILE G 117 21.10 -4.04 37.21
CA ILE G 117 22.12 -3.31 36.51
C ILE G 117 22.89 -2.39 37.47
N ARG G 118 24.21 -2.38 37.32
CA ARG G 118 25.02 -1.36 37.97
C ARG G 118 25.55 -0.40 36.92
N GLN G 119 25.35 0.89 37.14
CA GLN G 119 25.73 1.86 36.14
C GLN G 119 26.10 3.18 36.80
N ARG G 120 27.03 3.90 36.19
CA ARG G 120 27.43 5.20 36.75
C ARG G 120 26.74 6.32 35.97
N PHE G 121 26.29 7.35 36.67
CA PHE G 121 25.55 8.43 36.01
C PHE G 121 26.14 9.80 36.32
N SER G 122 25.99 10.71 35.36
CA SER G 122 26.22 12.12 35.58
C SER G 122 24.88 12.77 35.91
N CYS G 123 24.78 13.34 37.11
CA CYS G 123 23.55 14.00 37.55
C CYS G 123 23.79 14.91 38.76
N ASP G 124 22.73 15.55 39.22
CA ASP G 124 22.84 16.56 40.27
C ASP G 124 22.97 15.91 41.66
N VAL G 125 24.19 15.90 42.18
CA VAL G 125 24.49 15.29 43.47
C VAL G 125 24.49 16.32 44.61
N SER G 126 24.30 17.59 44.27
CA SER G 126 24.35 18.63 45.29
C SER G 126 23.24 18.42 46.32
N GLY G 127 23.59 18.60 47.58
CA GLY G 127 22.60 18.51 48.64
C GLY G 127 22.43 17.11 49.15
N VAL G 128 23.25 16.18 48.65
CA VAL G 128 23.14 14.79 49.07
C VAL G 128 23.34 14.63 50.57
N ASP G 129 24.12 15.54 51.14
CA ASP G 129 24.45 15.56 52.56
C ASP G 129 23.60 16.57 53.34
N THR G 130 22.41 16.88 52.83
CA THR G 130 21.51 17.80 53.53
C THR G 130 20.22 17.06 53.88
N GLU G 131 19.39 17.70 54.68
CA GLU G 131 18.08 17.16 55.06
C GLU G 131 17.19 16.77 53.86
N SER G 132 17.13 17.65 52.87
CA SER G 132 16.24 17.49 51.72
C SER G 132 16.88 16.60 50.64
N GLY G 133 18.15 16.31 50.80
CA GLY G 133 18.87 15.39 49.93
C GLY G 133 19.13 15.89 48.52
N ALA G 134 19.74 15.03 47.72
CA ALA G 134 19.98 15.32 46.32
C ALA G 134 18.88 14.73 45.46
N THR G 135 18.69 15.28 44.26
CA THR G 135 17.76 14.70 43.32
C THR G 135 18.45 14.37 41.99
N CYS G 136 18.70 13.09 41.76
CA CYS G 136 19.41 12.64 40.57
C CYS G 136 18.40 12.18 39.53
N ARG G 137 18.47 12.78 38.35
CA ARG G 137 17.50 12.51 37.30
C ARG G 137 18.15 11.58 36.28
N ILE G 138 17.50 10.44 36.04
CA ILE G 138 17.98 9.46 35.07
C ILE G 138 17.02 9.43 33.88
N LYS G 139 17.57 9.65 32.69
CA LYS G 139 16.77 9.73 31.47
C LYS G 139 16.97 8.49 30.58
N ILE G 140 15.88 7.75 30.35
CA ILE G 140 15.92 6.51 29.59
C ILE G 140 14.92 6.50 28.44
N GLY G 141 15.40 6.14 27.24
CA GLY G 141 14.54 6.09 26.07
C GLY G 141 15.17 5.25 24.95
N SER G 142 14.42 5.00 23.88
CA SER G 142 14.96 4.28 22.73
C SER G 142 16.05 5.11 22.07
N TRP G 143 17.20 4.51 21.82
CA TRP G 143 18.28 5.23 21.17
C TRP G 143 17.99 5.59 19.73
N THR G 144 17.38 4.68 18.97
CA THR G 144 17.22 4.90 17.53
C THR G 144 15.79 4.85 16.99
N HIS G 145 14.82 4.52 17.82
CA HIS G 145 13.43 4.44 17.37
C HIS G 145 12.60 5.65 17.83
N HIS G 146 12.05 6.41 16.88
CA HIS G 146 11.21 7.54 17.21
C HIS G 146 9.82 7.12 17.72
N SER G 147 8.98 8.12 18.04
CA SER G 147 7.72 7.87 18.72
C SER G 147 6.68 7.04 17.98
N ARG G 148 6.78 6.93 16.65
CA ARG G 148 5.85 6.08 15.89
C ARG G 148 6.26 4.60 15.87
N GLU G 149 7.46 4.31 16.36
CA GLU G 149 7.96 2.93 16.41
C GLU G 149 8.03 2.39 17.82
N ILE G 150 8.50 3.22 18.75
CA ILE G 150 8.53 2.85 20.17
C ILE G 150 8.00 3.98 21.06
N SER G 151 7.05 3.65 21.90
CA SER G 151 6.64 4.59 22.92
C SER G 151 7.16 4.08 24.26
N VAL G 152 7.54 5.00 25.12
CA VAL G 152 8.05 4.64 26.43
C VAL G 152 7.18 5.28 27.50
N ASP G 153 6.74 4.50 28.47
CA ASP G 153 5.91 5.01 29.56
C ASP G 153 6.36 4.44 30.90
N PRO G 154 6.25 5.23 31.96
CA PRO G 154 6.51 4.70 33.30
C PRO G 154 5.41 3.70 33.64
N THR G 155 5.74 2.74 34.51
CA THR G 155 4.81 1.68 34.84
C THR G 155 3.65 2.17 35.72
N ASP G 160 6.23 0.92 46.02
CA ASP G 160 7.01 1.53 47.10
C ASP G 160 8.45 1.76 46.69
N ASP G 161 8.96 2.95 47.03
CA ASP G 161 10.22 3.46 46.51
C ASP G 161 11.47 2.71 46.96
N SER G 162 11.47 2.25 48.21
CA SER G 162 12.63 1.57 48.79
C SER G 162 12.31 0.12 49.13
N GLU G 163 11.30 -0.45 48.50
CA GLU G 163 10.87 -1.81 48.82
C GLU G 163 12.02 -2.81 48.74
N TYR G 164 12.89 -2.63 47.74
CA TYR G 164 14.01 -3.55 47.53
C TYR G 164 15.35 -2.88 47.85
N PHE G 165 15.31 -1.65 48.36
CA PHE G 165 16.54 -0.90 48.57
C PHE G 165 17.30 -1.45 49.77
N SER G 166 18.61 -1.62 49.61
CA SER G 166 19.45 -2.21 50.65
C SER G 166 19.50 -1.38 51.93
N GLN G 167 19.26 -2.02 53.05
CA GLN G 167 19.32 -1.36 54.34
C GLN G 167 20.77 -1.09 54.76
N TYR G 168 21.72 -1.62 53.99
CA TYR G 168 23.13 -1.50 54.34
C TYR G 168 23.84 -0.43 53.53
N SER G 169 23.14 0.19 52.60
CA SER G 169 23.68 1.32 51.87
C SER G 169 23.97 2.49 52.83
N ARG G 170 24.94 3.32 52.49
CA ARG G 170 25.21 4.54 53.27
C ARG G 170 24.17 5.60 52.99
N PHE G 171 23.30 5.33 52.02
CA PHE G 171 22.32 6.31 51.63
C PHE G 171 20.91 5.78 51.84
N GLU G 172 19.94 6.69 51.80
CA GLU G 172 18.55 6.29 51.88
C GLU G 172 17.75 7.03 50.83
N ILE G 173 16.66 6.42 50.38
CA ILE G 173 15.80 7.03 49.39
C ILE G 173 14.67 7.79 50.03
N LEU G 174 14.54 9.06 49.68
CA LEU G 174 13.48 9.90 50.20
C LEU G 174 12.24 9.85 49.31
N ASP G 175 12.46 9.79 48.00
CA ASP G 175 11.35 9.81 47.05
C ASP G 175 11.86 9.45 45.65
N VAL G 176 10.98 8.84 44.86
CA VAL G 176 11.25 8.60 43.46
C VAL G 176 10.06 9.09 42.66
N THR G 177 10.30 9.94 41.68
CA THR G 177 9.22 10.38 40.80
C THR G 177 9.57 10.11 39.34
N GLN G 178 8.55 10.07 38.49
CA GLN G 178 8.75 9.81 37.07
C GLN G 178 8.04 10.80 36.18
N LYS G 179 8.66 11.13 35.07
CA LYS G 179 8.08 12.05 34.11
C LYS G 179 8.34 11.51 32.69
N LYS G 180 7.32 11.53 31.85
CA LYS G 180 7.47 11.12 30.47
C LYS G 180 7.78 12.33 29.60
N ASN G 181 8.74 12.21 28.70
CA ASN G 181 9.04 13.29 27.77
C ASN G 181 9.06 12.85 26.33
N SER G 182 8.91 13.81 25.43
CA SER G 182 9.03 13.55 24.02
C SER G 182 9.89 14.65 23.45
N VAL G 183 11.05 14.27 22.92
CA VAL G 183 12.08 15.25 22.56
C VAL G 183 12.55 15.19 21.11
N THR G 184 12.90 16.33 20.54
CA THR G 184 13.44 16.38 19.19
C THR G 184 14.93 16.72 19.23
N TYR G 185 15.74 15.84 18.66
CA TYR G 185 17.18 16.07 18.56
C TYR G 185 17.53 16.70 17.21
N SER G 186 18.55 17.56 17.18
CA SER G 186 18.84 18.34 15.99
C SER G 186 19.31 17.48 14.83
N CYS G 187 19.56 16.22 15.11
CA CYS G 187 20.04 15.27 14.12
CA CYS G 187 20.05 15.29 14.11
C CYS G 187 18.93 14.77 13.19
N CYS G 188 17.69 14.81 13.64
CA CYS G 188 16.62 14.20 12.86
C CYS G 188 15.26 14.82 13.18
N PRO G 189 14.25 14.58 12.34
CA PRO G 189 12.96 15.30 12.31
C PRO G 189 11.86 14.75 13.25
N GLU G 190 11.99 13.52 13.69
CA GLU G 190 10.93 12.92 14.51
C GLU G 190 11.17 13.12 16.01
N ALA G 191 10.16 12.83 16.82
CA ALA G 191 10.26 12.90 18.26
C ALA G 191 10.64 11.54 18.85
N TYR G 192 11.48 11.57 19.88
CA TYR G 192 11.88 10.38 20.61
C TYR G 192 11.43 10.45 22.05
N GLU G 193 10.73 9.41 22.51
CA GLU G 193 10.20 9.43 23.87
C GLU G 193 11.23 8.96 24.88
N ASP G 194 11.11 9.47 26.10
CA ASP G 194 11.96 9.02 27.20
C ASP G 194 11.20 9.09 28.51
N VAL G 195 11.69 8.36 29.50
CA VAL G 195 11.18 8.47 30.85
C VAL G 195 12.30 9.04 31.69
N GLU G 196 11.96 10.05 32.49
CA GLU G 196 12.93 10.61 33.43
C GLU G 196 12.57 10.18 34.83
N VAL G 197 13.50 9.46 35.46
CA VAL G 197 13.28 8.98 36.81
C VAL G 197 14.09 9.84 37.76
N SER G 198 13.39 10.59 38.61
CA SER G 198 14.07 11.45 39.58
C SER G 198 14.23 10.77 40.93
N LEU G 199 15.47 10.50 41.30
CA LEU G 199 15.79 9.79 42.52
C LEU G 199 16.24 10.79 43.58
N ASN G 200 15.41 10.96 44.60
CA ASN G 200 15.72 11.88 45.70
C ASN G 200 16.30 11.09 46.87
N PHE G 201 17.57 11.33 47.18
CA PHE G 201 18.27 10.52 48.16
C PHE G 201 19.25 11.35 48.99
N ARG G 202 19.64 10.83 50.15
CA ARG G 202 20.61 11.53 50.98
C ARG G 202 21.50 10.55 51.73
N LYS G 203 22.63 11.05 52.24
CA LYS G 203 23.47 10.25 53.09
C LYS G 203 22.83 10.08 54.47
N LYS G 204 22.92 8.86 55.02
CA LYS G 204 22.37 8.58 56.34
C LYS G 204 23.34 9.09 57.39
N GLY G 205 22.92 9.13 58.65
CA GLY G 205 23.82 9.53 59.73
C GLY G 205 25.19 8.86 59.63
N LEU H 1 6.98 -5.01 0.81
CA LEU H 1 7.98 -5.30 1.82
C LEU H 1 7.55 -4.78 3.18
N ASP H 2 7.70 -5.60 4.21
CA ASP H 2 7.61 -5.11 5.58
C ASP H 2 9.01 -5.06 6.20
N ARG H 3 9.11 -4.59 7.44
CA ARG H 3 10.41 -4.47 8.12
C ARG H 3 11.14 -5.81 8.19
N ALA H 4 10.41 -6.87 8.50
CA ALA H 4 11.00 -8.20 8.57
C ALA H 4 11.70 -8.58 7.25
N ASP H 5 11.04 -8.31 6.13
CA ASP H 5 11.60 -8.63 4.82
C ASP H 5 12.85 -7.79 4.56
N ILE H 6 12.75 -6.49 4.79
CA ILE H 6 13.88 -5.60 4.61
C ILE H 6 15.08 -6.06 5.42
N LEU H 7 14.89 -6.27 6.72
CA LEU H 7 15.98 -6.70 7.60
C LEU H 7 16.53 -8.07 7.21
N TYR H 8 15.66 -8.97 6.75
CA TYR H 8 16.09 -10.28 6.29
C TYR H 8 16.99 -10.16 5.05
N ASN H 9 16.56 -9.34 4.09
CA ASN H 9 17.34 -9.10 2.89
C ASN H 9 18.70 -8.48 3.15
N ILE H 10 18.73 -7.50 4.06
CA ILE H 10 19.95 -6.84 4.42
C ILE H 10 20.89 -7.84 5.09
N ARG H 11 20.38 -8.61 6.05
CA ARG H 11 21.19 -9.60 6.75
C ARG H 11 21.77 -10.65 5.80
N GLN H 12 20.95 -11.11 4.85
CA GLN H 12 21.35 -12.18 3.91
C GLN H 12 22.35 -11.72 2.85
N THR H 13 22.34 -10.45 2.49
CA THR H 13 23.19 -10.00 1.39
C THR H 13 24.15 -8.91 1.80
N SER H 14 24.21 -8.60 3.09
CA SER H 14 25.11 -7.55 3.51
C SER H 14 26.55 -8.07 3.53
N ARG H 15 27.46 -7.24 3.04
CA ARG H 15 28.87 -7.57 3.02
C ARG H 15 29.56 -6.57 3.94
N PRO H 16 29.56 -6.86 5.26
CA PRO H 16 30.12 -5.93 6.26
C PRO H 16 31.59 -5.65 6.01
N ASP H 17 32.23 -6.52 5.24
CA ASP H 17 33.68 -6.43 5.00
C ASP H 17 34.00 -5.68 3.71
N VAL H 18 32.98 -5.31 2.94
CA VAL H 18 33.16 -4.65 1.66
C VAL H 18 32.80 -3.16 1.69
N ILE H 19 33.80 -2.31 1.45
CA ILE H 19 33.58 -0.88 1.43
C ILE H 19 32.67 -0.52 0.25
N PRO H 20 31.58 0.20 0.51
CA PRO H 20 30.56 0.48 -0.50
C PRO H 20 30.98 1.58 -1.46
N THR H 21 32.16 1.42 -2.03
CA THR H 21 32.70 2.39 -2.97
C THR H 21 31.89 2.31 -4.27
N GLN H 22 31.55 3.45 -4.85
CA GLN H 22 30.81 3.46 -6.11
C GLN H 22 31.51 4.25 -7.21
N ARG H 23 31.66 3.62 -8.37
CA ARG H 23 32.25 4.27 -9.55
C ARG H 23 33.64 4.85 -9.28
N ASP H 24 34.44 4.10 -8.52
CA ASP H 24 35.78 4.52 -8.11
C ASP H 24 35.86 5.93 -7.56
N ARG H 25 34.81 6.31 -6.85
CA ARG H 25 34.79 7.51 -6.04
C ARG H 25 34.90 7.05 -4.59
N PRO H 26 35.54 7.84 -3.74
CA PRO H 26 35.63 7.46 -2.32
C PRO H 26 34.27 7.49 -1.66
N VAL H 27 34.09 6.67 -0.63
CA VAL H 27 32.88 6.74 0.17
C VAL H 27 32.97 8.02 0.98
N ALA H 28 32.00 8.91 0.82
CA ALA H 28 31.99 10.17 1.55
C ALA H 28 31.42 10.00 2.94
N VAL H 29 32.29 10.08 3.95
CA VAL H 29 31.87 9.92 5.34
C VAL H 29 31.78 11.27 6.04
N SER H 30 30.65 11.54 6.68
CA SER H 30 30.52 12.73 7.51
C SER H 30 30.72 12.35 8.97
N VAL H 31 31.48 13.17 9.69
CA VAL H 31 31.69 12.95 11.13
C VAL H 31 31.42 14.23 11.91
N SER H 32 30.70 14.09 13.02
CA SER H 32 30.41 15.21 13.89
C SER H 32 30.35 14.71 15.32
N LEU H 33 31.03 15.39 16.24
CA LEU H 33 31.00 15.00 17.66
C LEU H 33 30.06 15.88 18.45
N LYS H 34 29.05 15.28 19.07
CA LYS H 34 28.14 16.03 19.95
C LYS H 34 28.56 15.78 21.39
N PHE H 35 29.17 16.79 22.02
CA PHE H 35 29.71 16.58 23.35
C PHE H 35 28.63 16.50 24.44
N ILE H 36 28.72 15.47 25.26
CA ILE H 36 27.73 15.24 26.30
C ILE H 36 28.30 15.58 27.67
N ASN H 37 29.57 15.25 27.88
CA ASN H 37 30.18 15.47 29.18
C ASN H 37 31.70 15.47 29.10
N ILE H 38 32.30 16.18 30.05
CA ILE H 38 33.73 16.18 30.24
C ILE H 38 33.99 15.80 31.69
N LEU H 39 34.69 14.69 31.88
CA LEU H 39 34.96 14.14 33.21
C LEU H 39 36.47 14.00 33.33
N GLU H 40 36.97 13.86 34.56
CA GLU H 40 38.37 13.44 34.76
C GLU H 40 39.42 14.20 33.92
N VAL H 41 39.47 15.52 34.07
CA VAL H 41 40.49 16.35 33.41
C VAL H 41 41.78 16.37 34.24
N ASN H 42 42.93 16.35 33.57
CA ASN H 42 44.22 16.35 34.28
C ASN H 42 45.24 17.22 33.57
N GLU H 43 45.46 18.42 34.13
CA GLU H 43 46.31 19.40 33.48
C GLU H 43 47.79 19.03 33.57
N ILE H 44 48.15 18.25 34.59
CA ILE H 44 49.53 17.79 34.73
C ILE H 44 49.89 16.82 33.61
N THR H 45 49.01 15.85 33.33
CA THR H 45 49.32 14.81 32.35
C THR H 45 48.78 15.12 30.95
N ASN H 46 48.03 16.21 30.80
CA ASN H 46 47.39 16.52 29.53
C ASN H 46 46.51 15.38 29.02
N GLU H 47 45.65 14.87 29.89
CA GLU H 47 44.70 13.84 29.53
C GLU H 47 43.30 14.28 29.95
N VAL H 48 42.30 13.82 29.21
CA VAL H 48 40.91 14.16 29.51
C VAL H 48 39.97 13.03 29.10
N ASP H 49 38.88 12.89 29.85
CA ASP H 49 37.84 11.92 29.57
C ASP H 49 36.63 12.64 29.02
N VAL H 50 36.16 12.21 27.86
CA VAL H 50 35.03 12.86 27.22
C VAL H 50 33.95 11.86 26.87
N VAL H 51 32.71 12.29 27.00
CA VAL H 51 31.59 11.53 26.50
C VAL H 51 30.98 12.34 25.38
N PHE H 52 30.78 11.71 24.23
CA PHE H 52 30.25 12.38 23.05
C PHE H 52 29.49 11.40 22.16
N TRP H 53 28.51 11.92 21.42
CA TRP H 53 27.87 11.14 20.37
C TRP H 53 28.72 11.31 19.12
N GLN H 54 29.14 10.19 18.54
CA GLN H 54 29.93 10.24 17.33
C GLN H 54 29.02 10.04 16.12
N GLN H 55 28.47 11.15 15.63
CA GLN H 55 27.50 11.11 14.53
C GLN H 55 28.25 10.84 13.26
N THR H 56 27.94 9.70 12.65
CA THR H 56 28.62 9.24 11.44
C THR H 56 27.60 8.90 10.34
N THR H 57 27.76 9.50 9.17
CA THR H 57 26.86 9.21 8.05
C THR H 57 27.64 8.87 6.79
N TRP H 58 27.04 8.00 5.98
CA TRP H 58 27.57 7.63 4.69
C TRP H 58 26.50 6.92 3.89
N SER H 59 26.82 6.64 2.63
CA SER H 59 25.89 6.02 1.74
C SER H 59 26.37 4.64 1.34
N ASP H 60 25.47 3.66 1.40
CA ASP H 60 25.75 2.32 0.93
C ASP H 60 24.60 1.83 0.04
N ARG H 61 24.79 1.98 -1.26
CA ARG H 61 23.74 1.68 -2.22
C ARG H 61 23.26 0.22 -2.17
N THR H 62 24.14 -0.70 -1.77
CA THR H 62 23.79 -2.11 -1.68
C THR H 62 22.67 -2.40 -0.67
N LEU H 63 22.41 -1.46 0.23
CA LEU H 63 21.36 -1.64 1.22
C LEU H 63 20.00 -1.14 0.75
N ALA H 64 19.99 -0.45 -0.39
CA ALA H 64 18.80 0.26 -0.85
C ALA H 64 17.64 -0.67 -1.21
N TRP H 65 16.42 -0.19 -1.03
CA TRP H 65 15.23 -0.93 -1.44
C TRP H 65 14.14 0.00 -1.94
N ASN H 66 13.22 -0.51 -2.74
CA ASN H 66 12.09 0.28 -3.23
C ASN H 66 11.10 0.51 -2.07
N SER H 67 10.97 1.76 -1.63
CA SER H 67 10.18 2.03 -0.42
C SER H 67 8.75 2.51 -0.67
N SER H 68 8.26 2.39 -1.90
CA SER H 68 6.86 2.68 -2.13
C SER H 68 6.06 1.53 -1.52
N HIS H 69 5.08 1.86 -0.70
CA HIS H 69 4.30 0.84 0.01
C HIS H 69 5.15 0.03 1.00
N SER H 70 6.20 0.63 1.53
CA SER H 70 7.08 -0.04 2.49
C SER H 70 7.66 0.95 3.49
N PRO H 71 8.16 0.45 4.64
CA PRO H 71 8.84 1.38 5.54
C PRO H 71 10.01 2.07 4.82
N ASP H 72 10.23 3.33 5.16
CA ASP H 72 11.26 4.15 4.55
C ASP H 72 12.62 3.99 5.25
N GLN H 73 12.62 3.50 6.50
CA GLN H 73 13.82 3.38 7.32
C GLN H 73 13.75 2.19 8.25
N VAL H 74 14.90 1.63 8.59
CA VAL H 74 14.95 0.58 9.61
C VAL H 74 16.18 0.74 10.48
N SER H 75 16.12 0.19 11.68
CA SER H 75 17.29 0.11 12.55
C SER H 75 17.97 -1.25 12.35
N VAL H 76 19.28 -1.22 12.12
CA VAL H 76 20.04 -2.40 11.74
C VAL H 76 21.26 -2.53 12.62
N PRO H 77 21.51 -3.73 13.18
CA PRO H 77 22.73 -3.96 13.97
C PRO H 77 23.96 -3.70 13.10
N ILE H 78 24.93 -2.93 13.58
CA ILE H 78 26.08 -2.60 12.75
C ILE H 78 26.88 -3.83 12.35
N SER H 79 26.74 -4.91 13.09
CA SER H 79 27.40 -6.17 12.72
C SER H 79 26.91 -6.66 11.35
N SER H 80 25.76 -6.18 10.90
CA SER H 80 25.23 -6.56 9.59
C SER H 80 25.54 -5.55 8.48
N LEU H 81 26.31 -4.52 8.78
CA LEU H 81 26.62 -3.46 7.81
C LEU H 81 28.10 -3.22 7.72
N TRP H 82 28.57 -2.74 6.57
CA TRP H 82 29.89 -2.13 6.53
C TRP H 82 29.84 -0.82 7.29
N VAL H 83 30.85 -0.59 8.10
CA VAL H 83 31.00 0.63 8.86
C VAL H 83 32.42 1.18 8.65
N PRO H 84 32.55 2.51 8.51
CA PRO H 84 33.87 3.13 8.31
C PRO H 84 34.80 2.79 9.45
N ASP H 85 36.06 2.48 9.15
CA ASP H 85 37.04 2.14 10.18
C ASP H 85 37.67 3.37 10.84
N LEU H 86 36.83 4.24 11.39
CA LEU H 86 37.30 5.48 11.98
C LEU H 86 38.00 5.22 13.31
N ALA H 87 39.03 6.01 13.60
CA ALA H 87 39.67 5.97 14.89
C ALA H 87 40.13 7.37 15.29
N ALA H 88 40.12 7.65 16.58
CA ALA H 88 40.69 8.90 17.09
C ALA H 88 42.17 8.67 17.31
N TYR H 89 42.99 9.39 16.56
CA TYR H 89 44.45 9.21 16.61
C TYR H 89 45.06 9.44 17.99
N ASN H 90 44.51 10.40 18.74
CA ASN H 90 45.08 10.75 20.04
C ASN H 90 44.29 10.17 21.23
N ALA H 91 43.43 9.19 20.95
CA ALA H 91 42.76 8.45 22.03
C ALA H 91 43.76 7.55 22.73
N ILE H 92 43.65 7.42 24.05
CA ILE H 92 44.58 6.58 24.79
C ILE H 92 43.85 5.45 25.50
N SER H 93 42.57 5.32 25.22
CA SER H 93 41.79 4.17 25.62
C SER H 93 40.93 3.81 24.43
N LYS H 94 40.50 2.55 24.34
CA LYS H 94 39.60 2.21 23.25
C LYS H 94 38.22 2.77 23.55
N PRO H 95 37.43 3.02 22.50
CA PRO H 95 36.12 3.64 22.74
C PRO H 95 35.25 2.77 23.62
N GLU H 96 34.67 3.33 24.67
CA GLU H 96 33.65 2.60 25.41
C GLU H 96 32.33 3.02 24.83
N VAL H 97 31.70 2.13 24.07
CA VAL H 97 30.44 2.43 23.43
C VAL H 97 29.33 2.24 24.45
N LEU H 98 28.63 3.31 24.76
CA LEU H 98 27.63 3.32 25.83
C LEU H 98 26.24 2.85 25.41
N THR H 99 25.96 2.89 24.11
CA THR H 99 24.59 2.72 23.63
C THR H 99 24.43 1.48 22.75
N PRO H 100 23.18 1.05 22.52
CA PRO H 100 22.93 -0.09 21.62
C PRO H 100 23.56 0.14 20.23
N GLN H 101 24.27 -0.85 19.71
CA GLN H 101 25.01 -0.67 18.46
C GLN H 101 24.15 -0.89 17.21
N LEU H 102 23.25 0.06 16.96
CA LEU H 102 22.34 0.03 15.84
C LEU H 102 22.55 1.25 14.96
N ALA H 103 22.49 1.05 13.65
CA ALA H 103 22.53 2.17 12.70
C ALA H 103 21.16 2.31 12.11
N ARG H 104 20.85 3.49 11.60
CA ARG H 104 19.60 3.73 10.95
C ARG H 104 19.85 3.77 9.44
N VAL H 105 19.11 2.95 8.70
CA VAL H 105 19.30 2.83 7.25
C VAL H 105 18.05 3.30 6.52
N VAL H 106 18.24 4.24 5.59
CA VAL H 106 17.14 4.75 4.78
C VAL H 106 17.06 3.95 3.49
N SER H 107 15.87 3.91 2.88
CA SER H 107 15.63 3.07 1.68
C SER H 107 16.51 3.41 0.49
N ASP H 108 17.07 4.62 0.47
CA ASP H 108 18.00 4.99 -0.60
C ASP H 108 19.45 4.60 -0.30
N GLY H 109 19.67 4.00 0.87
CA GLY H 109 21.00 3.53 1.23
C GLY H 109 21.78 4.46 2.14
N GLU H 110 21.19 5.60 2.49
CA GLU H 110 21.83 6.49 3.45
C GLU H 110 21.86 5.84 4.82
N VAL H 111 23.02 5.91 5.47
CA VAL H 111 23.21 5.32 6.78
C VAL H 111 23.59 6.35 7.82
N LEU H 112 22.99 6.24 8.99
CA LEU H 112 23.38 7.04 10.15
C LEU H 112 23.75 6.09 11.31
N TYR H 113 24.94 6.27 11.87
CA TYR H 113 25.33 5.56 13.07
C TYR H 113 25.79 6.60 14.09
N MET H 114 25.17 6.64 15.25
CA MET H 114 25.47 7.68 16.21
C MET H 114 25.55 7.15 17.63
N PRO H 115 26.60 6.39 17.95
CA PRO H 115 26.75 5.87 19.31
C PRO H 115 27.22 6.94 20.29
N SER H 116 26.85 6.79 21.55
CA SER H 116 27.45 7.61 22.58
C SER H 116 28.71 6.91 23.05
N ILE H 117 29.82 7.64 23.07
CA ILE H 117 31.11 7.05 23.36
C ILE H 117 31.80 7.78 24.51
N ARG H 118 32.39 7.01 25.42
CA ARG H 118 33.28 7.57 26.42
C ARG H 118 34.72 7.14 26.10
N GLN H 119 35.63 8.10 26.06
CA GLN H 119 36.98 7.80 25.63
C GLN H 119 37.95 8.77 26.26
N ARG H 120 39.17 8.33 26.50
CA ARG H 120 40.16 9.19 27.10
C ARG H 120 41.11 9.64 26.02
N PHE H 121 41.53 10.90 26.08
CA PHE H 121 42.39 11.48 25.04
C PHE H 121 43.65 12.15 25.61
N SER H 122 44.70 12.11 24.81
CA SER H 122 45.88 12.91 25.07
C SER H 122 45.76 14.20 24.26
N CYS H 123 45.76 15.34 24.94
CA CYS H 123 45.62 16.63 24.27
C CYS H 123 45.99 17.80 25.22
N ASP H 124 45.94 19.01 24.69
CA ASP H 124 46.38 20.18 25.43
C ASP H 124 45.36 20.65 26.46
N VAL H 125 45.57 20.27 27.72
CA VAL H 125 44.68 20.64 28.81
C VAL H 125 45.08 21.96 29.50
N SER H 126 46.21 22.55 29.08
CA SER H 126 46.71 23.76 29.74
C SER H 126 45.69 24.89 29.62
N GLY H 127 45.49 25.62 30.72
CA GLY H 127 44.62 26.78 30.72
C GLY H 127 43.17 26.43 31.00
N VAL H 128 42.90 25.14 31.22
CA VAL H 128 41.54 24.69 31.50
C VAL H 128 40.92 25.48 32.65
N ASP H 129 41.78 26.03 33.50
CA ASP H 129 41.35 26.71 34.70
C ASP H 129 41.45 28.23 34.56
N THR H 130 41.47 28.71 33.31
CA THR H 130 41.53 30.14 33.06
C THR H 130 40.26 30.58 32.34
N GLU H 131 40.10 31.89 32.19
CA GLU H 131 38.95 32.45 31.47
C GLU H 131 38.85 31.92 30.04
N SER H 132 39.98 31.89 29.34
CA SER H 132 40.00 31.53 27.92
C SER H 132 39.95 30.00 27.73
N GLY H 133 40.19 29.27 28.81
CA GLY H 133 40.03 27.83 28.81
C GLY H 133 41.11 27.06 28.08
N ALA H 134 40.98 25.75 28.07
CA ALA H 134 41.85 24.86 27.29
C ALA H 134 41.24 24.59 25.93
N THR H 135 42.09 24.22 24.98
CA THR H 135 41.59 23.77 23.68
C THR H 135 42.16 22.39 23.38
N CYS H 136 41.29 21.39 23.48
CA CYS H 136 41.65 20.00 23.24
C CYS H 136 41.27 19.61 21.81
N ARG H 137 42.26 19.18 21.05
CA ARG H 137 42.06 18.82 19.65
C ARG H 137 41.94 17.30 19.49
N ILE H 138 40.83 16.85 18.92
CA ILE H 138 40.61 15.42 18.71
C ILE H 138 40.67 15.13 17.22
N LYS H 139 41.52 14.19 16.83
CA LYS H 139 41.75 13.87 15.42
C LYS H 139 41.17 12.50 15.05
N ILE H 140 40.24 12.52 14.09
CA ILE H 140 39.52 11.31 13.70
C ILE H 140 39.59 11.09 12.20
N GLY H 141 39.93 9.87 11.82
CA GLY H 141 39.97 9.52 10.40
C GLY H 141 39.97 8.01 10.18
N SER H 142 39.84 7.59 8.94
CA SER H 142 39.95 6.17 8.60
C SER H 142 41.35 5.66 8.94
N TRP H 143 41.41 4.53 9.64
CA TRP H 143 42.70 3.99 10.02
C TRP H 143 43.46 3.41 8.83
N THR H 144 42.75 2.72 7.94
CA THR H 144 43.42 1.98 6.87
C THR H 144 43.01 2.35 5.43
N HIS H 145 42.04 3.23 5.27
CA HIS H 145 41.58 3.61 3.92
C HIS H 145 42.06 5.01 3.52
N HIS H 146 42.82 5.11 2.44
CA HIS H 146 43.32 6.41 1.97
C HIS H 146 42.20 7.23 1.30
N SER H 147 42.57 8.42 0.84
CA SER H 147 41.61 9.40 0.36
C SER H 147 40.80 9.00 -0.87
N ARG H 148 41.28 8.05 -1.65
CA ARG H 148 40.53 7.62 -2.83
C ARG H 148 39.48 6.57 -2.46
N GLU H 149 39.51 6.12 -1.21
CA GLU H 149 38.59 5.09 -0.74
C GLU H 149 37.62 5.64 0.30
N ILE H 150 38.12 6.46 1.23
CA ILE H 150 37.28 7.15 2.18
C ILE H 150 37.66 8.64 2.28
N SER H 151 36.67 9.50 2.12
CA SER H 151 36.86 10.90 2.47
C SER H 151 36.12 11.17 3.77
N VAL H 152 36.68 12.05 4.58
CA VAL H 152 36.05 12.42 5.83
C VAL H 152 35.81 13.92 5.82
N ASP H 153 34.61 14.33 6.20
CA ASP H 153 34.26 15.75 6.27
C ASP H 153 33.43 16.05 7.50
N PRO H 154 33.63 17.25 8.07
CA PRO H 154 32.77 17.69 9.17
C PRO H 154 31.36 17.91 8.65
N THR H 155 30.37 17.76 9.51
CA THR H 155 28.98 17.84 9.08
C THR H 155 28.57 19.28 8.74
N ASP H 160 24.97 24.65 17.75
CA ASP H 160 24.87 24.89 19.19
C ASP H 160 25.72 23.86 19.96
N ASP H 161 26.98 24.22 20.20
CA ASP H 161 27.96 23.34 20.82
C ASP H 161 27.47 22.60 22.07
N SER H 162 26.80 23.33 22.96
CA SER H 162 26.38 22.76 24.25
C SER H 162 25.02 22.10 24.20
N GLU H 163 24.40 22.02 23.03
CA GLU H 163 23.01 21.61 22.96
C GLU H 163 22.71 20.40 23.84
N TYR H 164 23.60 19.41 23.79
CA TYR H 164 23.38 18.19 24.57
C TYR H 164 24.34 18.07 25.75
N PHE H 165 25.12 19.11 26.00
CA PHE H 165 26.15 19.05 27.04
C PHE H 165 25.54 19.10 28.44
N SER H 166 25.99 18.21 29.30
CA SER H 166 25.46 18.12 30.66
C SER H 166 25.65 19.39 31.48
N GLN H 167 24.56 19.86 32.09
CA GLN H 167 24.64 21.05 32.94
C GLN H 167 25.31 20.70 34.27
N TYR H 168 25.54 19.42 34.49
CA TYR H 168 26.07 18.98 35.77
C TYR H 168 27.56 18.70 35.74
N SER H 169 28.15 18.84 34.56
CA SER H 169 29.60 18.72 34.43
C SER H 169 30.30 19.86 35.21
N ARG H 170 31.52 19.60 35.67
CA ARG H 170 32.30 20.64 36.32
C ARG H 170 32.84 21.61 35.29
N PHE H 171 32.67 21.27 34.02
CA PHE H 171 33.23 22.06 32.95
C PHE H 171 32.15 22.63 32.06
N GLU H 172 32.51 23.62 31.25
CA GLU H 172 31.59 24.18 30.29
C GLU H 172 32.29 24.36 28.96
N ILE H 173 31.52 24.30 27.88
CA ILE H 173 32.07 24.42 26.54
C ILE H 173 32.00 25.86 26.06
N LEU H 174 33.13 26.39 25.64
CA LEU H 174 33.17 27.76 25.16
C LEU H 174 33.00 27.81 23.66
N ASP H 175 33.53 26.81 22.96
CA ASP H 175 33.48 26.78 21.50
C ASP H 175 33.95 25.42 20.97
N VAL H 176 33.42 25.03 19.83
CA VAL H 176 33.85 23.83 19.12
C VAL H 176 34.08 24.24 17.69
N THR H 177 35.27 23.96 17.16
CA THR H 177 35.57 24.20 15.74
C THR H 177 36.10 22.94 15.08
N GLN H 178 35.96 22.88 13.76
CA GLN H 178 36.35 21.71 13.00
C GLN H 178 37.23 22.06 11.81
N LYS H 179 38.19 21.20 11.52
CA LYS H 179 39.09 21.42 10.40
C LYS H 179 39.32 20.08 9.72
N LYS H 180 39.22 20.06 8.40
CA LYS H 180 39.50 18.85 7.65
C LYS H 180 40.97 18.82 7.22
N ASN H 181 41.61 17.67 7.34
CA ASN H 181 42.99 17.54 6.90
C ASN H 181 43.20 16.34 5.98
N SER H 182 44.28 16.42 5.21
CA SER H 182 44.69 15.31 4.37
C SER H 182 46.17 15.10 4.66
N VAL H 183 46.53 13.95 5.20
CA VAL H 183 47.90 13.74 5.68
C VAL H 183 48.61 12.54 5.02
N THR H 184 49.88 12.71 4.65
CA THR H 184 50.71 11.60 4.17
C THR H 184 51.65 11.12 5.28
N TYR H 185 51.51 9.86 5.67
CA TYR H 185 52.37 9.27 6.68
C TYR H 185 53.57 8.59 6.03
N SER H 186 54.72 8.62 6.70
CA SER H 186 55.95 8.12 6.11
C SER H 186 55.88 6.61 5.83
N CYS H 187 54.90 5.96 6.42
CA CYS H 187 54.68 4.52 6.25
CA CYS H 187 54.71 4.53 6.24
C CYS H 187 54.10 4.16 4.88
N CYS H 188 53.38 5.11 4.28
CA CYS H 188 52.57 4.81 3.09
C CYS H 188 52.58 5.98 2.11
N PRO H 189 52.43 5.70 0.80
CA PRO H 189 52.50 6.74 -0.24
C PRO H 189 51.23 7.60 -0.41
N GLU H 190 50.09 7.08 0.00
CA GLU H 190 48.82 7.79 -0.24
C GLU H 190 48.48 8.74 0.90
N ALA H 191 47.52 9.63 0.64
CA ALA H 191 47.00 10.57 1.64
C ALA H 191 45.82 9.99 2.42
N TYR H 192 45.78 10.27 3.72
CA TYR H 192 44.68 9.83 4.59
C TYR H 192 43.99 11.02 5.19
N GLU H 193 42.66 11.07 5.08
CA GLU H 193 41.91 12.23 5.53
C GLU H 193 41.50 12.10 6.98
N ASP H 194 41.45 13.23 7.67
CA ASP H 194 40.96 13.25 9.03
C ASP H 194 40.17 14.52 9.28
N VAL H 195 39.33 14.49 10.30
CA VAL H 195 38.72 15.69 10.83
C VAL H 195 39.33 15.97 12.20
N GLU H 196 39.73 17.21 12.42
CA GLU H 196 40.19 17.65 13.74
C GLU H 196 39.13 18.50 14.40
N VAL H 197 38.64 18.02 15.54
CA VAL H 197 37.63 18.74 16.31
C VAL H 197 38.30 19.42 17.48
N SER H 198 38.24 20.75 17.50
CA SER H 198 38.85 21.52 18.58
C SER H 198 37.82 21.93 19.63
N LEU H 199 37.95 21.36 20.81
CA LEU H 199 37.01 21.60 21.89
C LEU H 199 37.60 22.61 22.86
N ASN H 200 37.04 23.82 22.85
CA ASN H 200 37.46 24.88 23.75
C ASN H 200 36.57 24.85 25.00
N PHE H 201 37.16 24.53 26.15
CA PHE H 201 36.38 24.37 27.37
C PHE H 201 37.14 24.86 28.58
N ARG H 202 36.42 25.12 29.68
CA ARG H 202 37.05 25.56 30.93
C ARG H 202 36.29 25.03 32.13
N LYS H 203 36.92 25.10 33.31
CA LYS H 203 36.27 24.73 34.55
C LYS H 203 35.32 25.84 34.94
N LYS H 204 34.12 25.48 35.37
CA LYS H 204 33.14 26.47 35.83
C LYS H 204 33.60 27.10 37.15
N GLY H 205 33.24 28.37 37.33
CA GLY H 205 33.72 29.17 38.44
C GLY H 205 33.33 28.64 39.81
N LEU I 1 37.65 -8.66 -11.47
CA LEU I 1 37.42 -8.75 -10.04
C LEU I 1 37.12 -7.39 -9.46
N ASP I 2 36.10 -7.30 -8.61
CA ASP I 2 35.93 -6.10 -7.80
C ASP I 2 36.29 -6.43 -6.34
N ARG I 3 36.21 -5.43 -5.47
CA ARG I 3 36.59 -5.63 -4.07
C ARG I 3 35.77 -6.72 -3.42
N ALA I 4 34.48 -6.77 -3.72
CA ALA I 4 33.61 -7.77 -3.13
C ALA I 4 34.10 -9.19 -3.47
N ASP I 5 34.47 -9.41 -4.73
CA ASP I 5 34.97 -10.72 -5.16
C ASP I 5 36.27 -11.06 -4.44
N ILE I 6 37.19 -10.10 -4.40
CA ILE I 6 38.49 -10.31 -3.76
C ILE I 6 38.32 -10.69 -2.30
N LEU I 7 37.50 -9.92 -1.57
CA LEU I 7 37.27 -10.15 -0.15
C LEU I 7 36.54 -11.45 0.10
N TYR I 8 35.61 -11.79 -0.80
CA TYR I 8 34.91 -13.06 -0.74
C TYR I 8 35.89 -14.23 -0.91
N ASN I 9 36.76 -14.13 -1.90
CA ASN I 9 37.73 -15.20 -2.16
C ASN I 9 38.69 -15.39 -0.99
N ILE I 10 39.16 -14.27 -0.45
CA ILE I 10 40.07 -14.31 0.69
C ILE I 10 39.38 -14.97 1.89
N ARG I 11 38.15 -14.53 2.17
CA ARG I 11 37.42 -15.08 3.30
C ARG I 11 37.20 -16.57 3.15
N GLN I 12 36.84 -17.01 1.95
CA GLN I 12 36.51 -18.41 1.68
C GLN I 12 37.70 -19.35 1.70
N THR I 13 38.89 -18.85 1.44
CA THR I 13 40.03 -19.73 1.23
C THR I 13 41.25 -19.41 2.06
N SER I 14 41.23 -18.26 2.74
CA SER I 14 42.32 -17.91 3.64
C SER I 14 42.29 -18.81 4.88
N ARG I 15 43.47 -19.23 5.31
CA ARG I 15 43.61 -20.18 6.38
C ARG I 15 44.34 -19.49 7.53
N PRO I 16 43.59 -18.83 8.42
CA PRO I 16 44.19 -17.95 9.41
C PRO I 16 45.11 -18.71 10.37
N ASP I 17 44.94 -20.03 10.44
CA ASP I 17 45.70 -20.88 11.35
C ASP I 17 46.96 -21.47 10.69
N VAL I 18 47.13 -21.23 9.40
CA VAL I 18 48.24 -21.84 8.68
C VAL I 18 49.33 -20.81 8.35
N ILE I 19 50.51 -20.99 8.92
CA ILE I 19 51.64 -20.13 8.60
C ILE I 19 52.03 -20.24 7.11
N PRO I 20 52.09 -19.11 6.41
CA PRO I 20 52.29 -19.10 4.95
C PRO I 20 53.74 -19.33 4.57
N THR I 21 54.31 -20.39 5.12
CA THR I 21 55.69 -20.74 4.86
C THR I 21 55.78 -21.24 3.42
N GLN I 22 56.82 -20.84 2.69
CA GLN I 22 57.01 -21.30 1.32
C GLN I 22 58.37 -21.97 1.13
N ARG I 23 58.37 -23.24 0.76
CA ARG I 23 59.60 -23.97 0.42
C ARG I 23 60.66 -24.13 1.54
N ASP I 24 60.22 -24.52 2.73
CA ASP I 24 61.14 -24.75 3.85
C ASP I 24 61.87 -23.48 4.30
N ARG I 25 61.28 -22.33 4.01
CA ARG I 25 61.87 -21.04 4.33
C ARG I 25 61.03 -20.34 5.39
N PRO I 26 61.65 -19.56 6.27
CA PRO I 26 60.82 -18.90 7.27
C PRO I 26 60.02 -17.76 6.67
N VAL I 27 58.86 -17.47 7.25
CA VAL I 27 58.14 -16.26 6.91
C VAL I 27 58.90 -15.07 7.48
N ALA I 28 59.31 -14.15 6.61
CA ALA I 28 60.09 -13.00 7.05
C ALA I 28 59.15 -11.90 7.54
N VAL I 29 59.15 -11.68 8.85
CA VAL I 29 58.30 -10.67 9.46
C VAL I 29 59.12 -9.43 9.81
N SER I 30 58.65 -8.26 9.38
CA SER I 30 59.26 -6.99 9.78
C SER I 30 58.42 -6.36 10.88
N VAL I 31 59.09 -5.84 11.90
CA VAL I 31 58.41 -5.18 13.02
C VAL I 31 59.06 -3.82 13.30
N SER I 32 58.22 -2.81 13.48
CA SER I 32 58.68 -1.48 13.82
C SER I 32 57.67 -0.82 14.74
N LEU I 33 58.14 -0.22 15.83
CA LEU I 33 57.24 0.47 16.75
C LEU I 33 57.29 1.97 16.52
N LYS I 34 56.14 2.57 16.22
CA LYS I 34 56.05 4.03 16.10
C LYS I 34 55.42 4.56 17.40
N PHE I 35 56.25 5.17 18.24
CA PHE I 35 55.77 5.62 19.53
C PHE I 35 54.87 6.86 19.41
N ILE I 36 53.72 6.79 20.07
CA ILE I 36 52.73 7.83 20.01
C ILE I 36 52.70 8.59 21.33
N ASN I 37 52.83 7.88 22.43
CA ASN I 37 52.74 8.50 23.74
C ASN I 37 53.35 7.64 24.82
N ILE I 38 53.82 8.31 25.87
CA ILE I 38 54.29 7.66 27.07
C ILE I 38 53.48 8.23 28.24
N LEU I 39 52.76 7.35 28.93
CA LEU I 39 51.90 7.74 30.05
C LEU I 39 52.35 6.94 31.28
N GLU I 40 51.93 7.37 32.46
CA GLU I 40 52.07 6.52 33.65
C GLU I 40 53.45 5.85 33.84
N VAL I 41 54.51 6.65 33.94
CA VAL I 41 55.85 6.15 34.24
C VAL I 41 56.04 6.01 35.75
N ASN I 42 56.72 4.95 36.18
CA ASN I 42 56.98 4.72 37.61
C ASN I 42 58.40 4.23 37.86
N GLU I 43 59.25 5.13 38.34
CA GLU I 43 60.65 4.82 38.52
C GLU I 43 60.90 3.91 39.71
N ILE I 44 59.96 3.89 40.66
CA ILE I 44 60.08 3.01 41.81
C ILE I 44 59.89 1.56 41.38
N THR I 45 58.84 1.30 40.61
CA THR I 45 58.50 -0.07 40.21
C THR I 45 59.10 -0.49 38.87
N ASN I 46 59.78 0.42 38.18
CA ASN I 46 60.26 0.14 36.83
C ASN I 46 59.17 -0.36 35.89
N GLU I 47 58.08 0.39 35.83
CA GLU I 47 56.99 0.08 34.91
C GLU I 47 56.62 1.32 34.11
N VAL I 48 56.11 1.12 32.91
CA VAL I 48 55.76 2.24 32.06
C VAL I 48 54.62 1.85 31.13
N ASP I 49 53.78 2.82 30.82
CA ASP I 49 52.66 2.66 29.90
C ASP I 49 53.01 3.35 28.61
N VAL I 50 52.92 2.63 27.50
CA VAL I 50 53.26 3.20 26.21
C VAL I 50 52.14 2.98 25.20
N VAL I 51 51.95 3.96 24.32
CA VAL I 51 51.09 3.80 23.16
C VAL I 51 51.97 3.87 21.93
N PHE I 52 51.83 2.88 21.06
CA PHE I 52 52.66 2.81 19.87
C PHE I 52 51.91 2.12 18.75
N TRP I 53 52.22 2.48 17.50
CA TRP I 53 51.74 1.71 16.36
C TRP I 53 52.71 0.55 16.17
N GLN I 54 52.18 -0.68 16.10
CA GLN I 54 53.02 -1.83 15.89
C GLN I 54 52.99 -2.23 14.42
N GLN I 55 53.85 -1.60 13.64
CA GLN I 55 53.89 -1.82 12.20
C GLN I 55 54.47 -3.19 11.89
N THR I 56 53.65 -4.04 11.29
CA THR I 56 54.02 -5.43 11.07
C THR I 56 53.77 -5.79 9.61
N THR I 57 54.81 -6.30 8.93
CA THR I 57 54.67 -6.68 7.53
C THR I 57 55.18 -8.08 7.27
N TRP I 58 54.54 -8.74 6.32
CA TRP I 58 54.97 -10.06 5.90
C TRP I 58 54.28 -10.41 4.60
N SER I 59 54.67 -11.54 4.02
CA SER I 59 54.13 -11.93 2.75
C SER I 59 53.34 -13.23 2.89
N ASP I 60 52.15 -13.25 2.31
CA ASP I 60 51.37 -14.47 2.25
C ASP I 60 50.84 -14.66 0.82
N ARG I 61 51.55 -15.47 0.03
CA ARG I 61 51.21 -15.64 -1.38
C ARG I 61 49.86 -16.31 -1.58
N THR I 62 49.34 -16.99 -0.57
CA THR I 62 48.01 -17.60 -0.71
C THR I 62 46.90 -16.55 -0.85
N LEU I 63 47.20 -15.30 -0.51
CA LEU I 63 46.19 -14.24 -0.63
C LEU I 63 46.26 -13.53 -1.98
N ALA I 64 47.29 -13.83 -2.75
CA ALA I 64 47.57 -13.11 -3.99
C ALA I 64 46.49 -13.27 -5.05
N TRP I 65 46.30 -12.24 -5.87
CA TRP I 65 45.42 -12.30 -7.04
C TRP I 65 45.98 -11.49 -8.21
N ASN I 66 45.52 -11.82 -9.41
CA ASN I 66 45.89 -11.06 -10.60
C ASN I 66 45.18 -9.71 -10.60
N SER I 67 45.94 -8.63 -10.42
CA SER I 67 45.33 -7.31 -10.26
C SER I 67 45.27 -6.46 -11.54
N SER I 68 45.49 -7.07 -12.70
CA SER I 68 45.17 -6.41 -13.96
C SER I 68 43.64 -6.34 -14.03
N HIS I 69 43.12 -5.16 -14.34
CA HIS I 69 41.67 -4.95 -14.31
C HIS I 69 41.03 -5.13 -12.92
N SER I 70 41.77 -4.81 -11.85
CA SER I 70 41.24 -5.01 -10.49
C SER I 70 41.92 -4.12 -9.46
N PRO I 71 41.25 -3.91 -8.31
CA PRO I 71 41.91 -3.19 -7.23
C PRO I 71 43.21 -3.86 -6.85
N ASP I 72 44.22 -3.05 -6.53
CA ASP I 72 45.56 -3.52 -6.20
C ASP I 72 45.71 -3.89 -4.72
N GLN I 73 44.81 -3.38 -3.87
CA GLN I 73 44.88 -3.58 -2.44
C GLN I 73 43.48 -3.61 -1.84
N VAL I 74 43.33 -4.31 -0.71
CA VAL I 74 42.09 -4.26 0.04
C VAL I 74 42.38 -4.30 1.54
N SER I 75 41.42 -3.82 2.33
CA SER I 75 41.48 -3.92 3.78
C SER I 75 40.75 -5.19 4.20
N VAL I 76 41.38 -5.99 5.05
CA VAL I 76 40.84 -7.28 5.42
C VAL I 76 40.88 -7.45 6.92
N PRO I 77 39.77 -7.92 7.53
CA PRO I 77 39.78 -8.21 8.96
C PRO I 77 40.86 -9.25 9.28
N ILE I 78 41.68 -9.02 10.31
CA ILE I 78 42.74 -9.98 10.61
C ILE I 78 42.19 -11.35 10.99
N SER I 79 40.94 -11.41 11.44
CA SER I 79 40.31 -12.70 11.73
C SER I 79 40.24 -13.60 10.48
N SER I 80 40.36 -12.99 9.29
CA SER I 80 40.35 -13.78 8.06
C SER I 80 41.75 -14.09 7.51
N LEU I 81 42.81 -13.70 8.23
CA LEU I 81 44.19 -13.88 7.76
C LEU I 81 45.03 -14.57 8.81
N TRP I 82 46.08 -15.26 8.36
CA TRP I 82 47.12 -15.67 9.29
C TRP I 82 47.88 -14.42 9.71
N VAL I 83 48.15 -14.32 11.00
CA VAL I 83 48.92 -13.21 11.54
C VAL I 83 50.04 -13.80 12.42
N PRO I 84 51.24 -13.20 12.38
CA PRO I 84 52.36 -13.65 13.21
C PRO I 84 52.00 -13.60 14.69
N ASP I 85 52.41 -14.61 15.47
CA ASP I 85 52.06 -14.68 16.88
C ASP I 85 53.09 -13.92 17.72
N LEU I 86 53.25 -12.64 17.39
CA LEU I 86 54.22 -11.81 18.09
C LEU I 86 53.76 -11.50 19.50
N ALA I 87 54.70 -11.45 20.43
CA ALA I 87 54.41 -10.99 21.77
C ALA I 87 55.59 -10.18 22.31
N ALA I 88 55.29 -9.18 23.14
CA ALA I 88 56.33 -8.46 23.87
C ALA I 88 56.65 -9.25 25.13
N TYR I 89 57.88 -9.74 25.23
CA TYR I 89 58.30 -10.56 26.36
C TYR I 89 58.21 -9.87 27.72
N ASN I 90 58.49 -8.58 27.76
CA ASN I 90 58.49 -7.86 29.03
C ASN I 90 57.22 -7.03 29.25
N ALA I 91 56.17 -7.32 28.48
CA ALA I 91 54.88 -6.70 28.72
C ALA I 91 54.25 -7.28 29.98
N ILE I 92 53.56 -6.44 30.75
CA ILE I 92 52.94 -6.92 31.98
C ILE I 92 51.44 -6.69 31.96
N SER I 93 50.94 -6.35 30.79
CA SER I 93 49.50 -6.31 30.53
C SER I 93 49.32 -6.80 29.12
N LYS I 94 48.16 -7.36 28.81
CA LYS I 94 47.95 -7.75 27.43
C LYS I 94 47.76 -6.52 26.58
N PRO I 95 48.07 -6.62 25.28
CA PRO I 95 47.94 -5.45 24.41
C PRO I 95 46.51 -4.93 24.41
N GLU I 96 46.33 -3.63 24.64
CA GLU I 96 45.02 -3.02 24.41
C GLU I 96 45.04 -2.45 23.00
N VAL I 97 44.38 -3.13 22.08
CA VAL I 97 44.35 -2.70 20.68
C VAL I 97 43.34 -1.57 20.52
N LEU I 98 43.81 -0.39 20.14
CA LEU I 98 42.99 0.82 20.15
C LEU I 98 42.21 1.02 18.85
N THR I 99 42.66 0.38 17.78
CA THR I 99 42.18 0.69 16.44
C THR I 99 41.43 -0.48 15.80
N PRO I 100 40.66 -0.21 14.73
CA PRO I 100 39.97 -1.29 14.00
C PRO I 100 40.96 -2.36 13.54
N GLN I 101 40.64 -3.63 13.76
CA GLN I 101 41.58 -4.70 13.48
C GLN I 101 41.53 -5.18 12.03
N LEU I 102 42.06 -4.32 11.15
CA LEU I 102 42.13 -4.59 9.71
C LEU I 102 43.58 -4.56 9.24
N ALA I 103 43.91 -5.45 8.33
CA ALA I 103 45.22 -5.43 7.70
C ALA I 103 45.02 -5.02 6.27
N ARG I 104 46.09 -4.55 5.64
CA ARG I 104 46.04 -4.13 4.26
C ARG I 104 46.77 -5.21 3.45
N VAL I 105 46.11 -5.73 2.44
CA VAL I 105 46.65 -6.80 1.63
C VAL I 105 46.83 -6.35 0.19
N VAL I 106 48.06 -6.48 -0.31
CA VAL I 106 48.37 -6.14 -1.69
C VAL I 106 48.17 -7.38 -2.59
N SER I 107 47.86 -7.16 -3.87
CA SER I 107 47.57 -8.24 -4.81
C SER I 107 48.69 -9.29 -4.95
N ASP I 108 49.91 -8.92 -4.62
CA ASP I 108 51.02 -9.88 -4.66
C ASP I 108 51.15 -10.68 -3.35
N GLY I 109 50.31 -10.38 -2.37
CA GLY I 109 50.30 -11.12 -1.12
C GLY I 109 51.03 -10.43 0.03
N GLU I 110 51.60 -9.27 -0.23
CA GLU I 110 52.21 -8.51 0.85
C GLU I 110 51.13 -8.02 1.83
N VAL I 111 51.39 -8.19 3.11
CA VAL I 111 50.44 -7.78 4.13
C VAL I 111 51.06 -6.73 5.06
N LEU I 112 50.25 -5.74 5.41
CA LEU I 112 50.60 -4.75 6.42
C LEU I 112 49.52 -4.74 7.50
N TYR I 113 49.93 -4.86 8.75
CA TYR I 113 49.01 -4.75 9.87
C TYR I 113 49.67 -3.79 10.85
N MET I 114 48.98 -2.69 11.17
CA MET I 114 49.59 -1.66 12.02
C MET I 114 48.60 -1.09 13.01
N PRO I 115 48.25 -1.89 14.03
CA PRO I 115 47.35 -1.38 15.07
C PRO I 115 48.05 -0.40 15.99
N SER I 116 47.29 0.52 16.57
CA SER I 116 47.78 1.29 17.68
C SER I 116 47.51 0.53 18.96
N ILE I 117 48.56 0.36 19.76
CA ILE I 117 48.47 -0.45 20.96
C ILE I 117 48.87 0.32 22.20
N ARG I 118 48.10 0.15 23.26
CA ARG I 118 48.53 0.61 24.55
C ARG I 118 48.92 -0.60 25.42
N GLN I 119 50.10 -0.57 26.01
CA GLN I 119 50.56 -1.71 26.78
C GLN I 119 51.50 -1.26 27.90
N ARG I 120 51.50 -2.00 28.99
CA ARG I 120 52.38 -1.69 30.12
CA ARG I 120 52.38 -1.69 30.12
C ARG I 120 53.59 -2.62 30.05
N PHE I 121 54.77 -2.09 30.36
CA PHE I 121 56.00 -2.87 30.28
C PHE I 121 56.80 -2.81 31.57
N SER I 122 57.53 -3.88 31.85
CA SER I 122 58.57 -3.89 32.87
C SER I 122 59.90 -3.59 32.19
N CYS I 123 60.55 -2.49 32.59
CA CYS I 123 61.82 -2.11 31.99
C CYS I 123 62.56 -1.06 32.83
N ASP I 124 63.75 -0.68 32.37
CA ASP I 124 64.61 0.19 33.15
C ASP I 124 64.18 1.66 33.06
N VAL I 125 63.51 2.15 34.10
CA VAL I 125 62.99 3.51 34.12
C VAL I 125 63.97 4.49 34.79
N SER I 126 65.05 3.96 35.34
CA SER I 126 65.99 4.80 36.09
C SER I 126 66.57 5.88 35.20
N GLY I 127 66.68 7.09 35.74
CA GLY I 127 67.26 8.18 35.01
C GLY I 127 66.24 8.93 34.15
N VAL I 128 64.98 8.53 34.22
CA VAL I 128 63.94 9.14 33.40
C VAL I 128 63.85 10.63 33.69
N ASP I 129 64.23 10.98 34.91
CA ASP I 129 64.16 12.37 35.34
C ASP I 129 65.48 13.09 35.21
N THR I 130 66.35 12.63 34.31
CA THR I 130 67.62 13.30 34.07
C THR I 130 67.78 13.68 32.61
N GLU I 131 68.83 14.46 32.33
CA GLU I 131 69.17 14.89 30.97
C GLU I 131 69.38 13.73 29.99
N SER I 132 70.08 12.70 30.44
CA SER I 132 70.38 11.56 29.57
C SER I 132 69.17 10.60 29.45
N GLY I 133 68.20 10.77 30.35
CA GLY I 133 66.96 10.02 30.30
C GLY I 133 67.07 8.56 30.67
N ALA I 134 65.93 7.88 30.63
CA ALA I 134 65.86 6.45 30.84
C ALA I 134 65.90 5.73 29.48
N THR I 135 66.31 4.46 29.50
CA THR I 135 66.27 3.65 28.29
C THR I 135 65.48 2.39 28.57
N CYS I 136 64.26 2.35 28.04
CA CYS I 136 63.36 1.20 28.19
C CYS I 136 63.46 0.28 26.99
N ARG I 137 63.79 -0.98 27.25
CA ARG I 137 63.98 -1.94 26.18
C ARG I 137 62.74 -2.83 26.04
N ILE I 138 62.17 -2.88 24.84
CA ILE I 138 60.99 -3.69 24.58
C ILE I 138 61.35 -4.84 23.65
N LYS I 139 61.09 -6.07 24.11
CA LYS I 139 61.48 -7.26 23.35
C LYS I 139 60.28 -7.94 22.70
N ILE I 140 60.29 -8.04 21.37
CA ILE I 140 59.17 -8.60 20.63
C ILE I 140 59.61 -9.72 19.69
N GLY I 141 58.93 -10.85 19.75
CA GLY I 141 59.22 -11.97 18.87
C GLY I 141 58.06 -12.96 18.78
N SER I 142 58.17 -13.92 17.88
CA SER I 142 57.16 -14.98 17.80
C SER I 142 57.14 -15.80 19.10
N TRP I 143 55.96 -16.03 19.65
CA TRP I 143 55.85 -16.76 20.90
C TRP I 143 56.15 -18.25 20.71
N THR I 144 55.65 -18.83 19.61
CA THR I 144 55.74 -20.27 19.42
C THR I 144 56.46 -20.74 18.15
N HIS I 145 56.87 -19.83 17.28
CA HIS I 145 57.55 -20.25 16.05
C HIS I 145 59.05 -19.94 16.07
N HIS I 146 59.87 -20.99 15.93
CA HIS I 146 61.32 -20.83 15.94
C HIS I 146 61.83 -20.23 14.64
N SER I 147 63.14 -20.01 14.57
CA SER I 147 63.76 -19.29 13.46
C SER I 147 63.60 -19.86 12.06
N ARG I 148 63.28 -21.16 11.94
CA ARG I 148 63.09 -21.76 10.61
C ARG I 148 61.65 -21.57 10.11
N GLU I 149 60.79 -21.03 10.96
CA GLU I 149 59.39 -20.79 10.61
C GLU I 149 59.06 -19.30 10.56
N ILE I 150 59.59 -18.55 11.51
CA ILE I 150 59.46 -17.10 11.50
C ILE I 150 60.80 -16.40 11.81
N SER I 151 61.23 -15.54 10.90
CA SER I 151 62.31 -14.60 11.21
C SER I 151 61.69 -13.23 11.49
N VAL I 152 62.33 -12.48 12.36
CA VAL I 152 61.85 -11.16 12.71
C VAL I 152 62.96 -10.17 12.48
N ASP I 153 62.64 -9.07 11.79
CA ASP I 153 63.64 -8.03 11.54
C ASP I 153 63.08 -6.64 11.76
N PRO I 154 63.96 -5.71 12.18
CA PRO I 154 63.58 -4.29 12.23
C PRO I 154 63.51 -3.76 10.81
N THR I 155 62.68 -2.76 10.57
CA THR I 155 62.48 -2.27 9.22
C THR I 155 63.65 -1.40 8.71
N ASP I 160 62.02 8.54 11.54
CA ASP I 160 62.02 9.60 12.54
C ASP I 160 61.35 9.17 13.85
N ASP I 161 62.04 9.41 14.96
CA ASP I 161 61.63 8.93 16.27
C ASP I 161 60.35 9.58 16.82
N SER I 162 60.34 10.91 16.85
CA SER I 162 59.19 11.66 17.33
C SER I 162 58.26 12.10 16.19
N GLU I 163 58.29 11.41 15.06
CA GLU I 163 57.46 11.86 13.97
C GLU I 163 55.99 11.88 14.37
N TYR I 164 55.56 10.81 15.04
CA TYR I 164 54.16 10.70 15.45
C TYR I 164 53.97 10.87 16.95
N PHE I 165 55.04 11.19 17.66
CA PHE I 165 54.96 11.27 19.11
C PHE I 165 54.21 12.52 19.56
N SER I 166 53.29 12.36 20.50
CA SER I 166 52.47 13.46 21.00
C SER I 166 53.29 14.59 21.64
N GLN I 167 53.02 15.82 21.21
CA GLN I 167 53.68 16.97 21.81
C GLN I 167 53.15 17.25 23.20
N TYR I 168 52.06 16.59 23.58
CA TYR I 168 51.39 16.89 24.86
C TYR I 168 51.72 15.90 25.95
N SER I 169 52.53 14.89 25.60
CA SER I 169 53.08 13.97 26.58
C SER I 169 53.97 14.72 27.60
N ARG I 170 54.08 14.20 28.82
CA ARG I 170 54.96 14.80 29.81
C ARG I 170 56.39 14.43 29.48
N PHE I 171 56.54 13.48 28.55
CA PHE I 171 57.86 12.98 28.23
C PHE I 171 58.26 13.33 26.81
N GLU I 172 59.55 13.19 26.53
CA GLU I 172 60.05 13.36 25.17
C GLU I 172 61.01 12.24 24.81
N ILE I 173 61.06 11.92 23.52
CA ILE I 173 61.92 10.84 23.05
C ILE I 173 63.27 11.41 22.63
N LEU I 174 64.34 10.84 23.18
CA LEU I 174 65.68 11.26 22.82
C LEU I 174 66.24 10.43 21.68
N ASP I 175 65.91 9.14 21.67
CA ASP I 175 66.44 8.24 20.66
C ASP I 175 65.72 6.90 20.70
N VAL I 176 65.63 6.25 19.55
CA VAL I 176 65.12 4.89 19.46
C VAL I 176 66.10 4.06 18.65
N THR I 177 66.57 2.95 19.22
CA THR I 177 67.45 2.05 18.50
C THR I 177 66.87 0.63 18.48
N GLN I 178 67.31 -0.17 17.52
CA GLN I 178 66.80 -1.53 17.37
C GLN I 178 67.92 -2.54 17.24
N LYS I 179 67.70 -3.73 17.80
CA LYS I 179 68.68 -4.79 17.73
C LYS I 179 67.94 -6.10 17.48
N LYS I 180 68.43 -6.90 16.55
CA LYS I 180 67.84 -8.20 16.29
C LYS I 180 68.57 -9.28 17.10
N ASN I 181 67.84 -10.20 17.70
CA ASN I 181 68.45 -11.29 18.46
C ASN I 181 67.91 -12.64 18.07
N SER I 182 68.69 -13.67 18.36
CA SER I 182 68.27 -15.04 18.14
C SER I 182 68.57 -15.80 19.42
N VAL I 183 67.54 -16.27 20.10
CA VAL I 183 67.74 -16.79 21.45
C VAL I 183 67.31 -18.25 21.57
N THR I 184 68.15 -19.05 22.23
CA THR I 184 67.77 -20.42 22.56
C THR I 184 67.36 -20.50 24.03
N TYR I 185 66.11 -20.87 24.27
CA TYR I 185 65.63 -21.02 25.62
C TYR I 185 65.80 -22.46 26.09
N SER I 186 66.05 -22.66 27.39
CA SER I 186 66.37 -24.00 27.89
C SER I 186 65.19 -24.97 27.75
N CYS I 187 64.02 -24.43 27.42
CA CYS I 187 62.81 -25.23 27.21
CA CYS I 187 62.82 -25.26 27.23
C CYS I 187 62.81 -25.98 25.89
N CYS I 188 63.42 -25.37 24.87
CA CYS I 188 63.33 -25.86 23.50
CA CYS I 188 63.34 -25.85 23.48
C CYS I 188 64.71 -25.90 22.83
N PRO I 189 64.90 -26.81 21.86
CA PRO I 189 66.22 -26.92 21.20
C PRO I 189 66.48 -25.87 20.11
N GLU I 190 65.42 -25.26 19.56
CA GLU I 190 65.61 -24.34 18.44
C GLU I 190 65.80 -22.90 18.91
N ALA I 191 66.25 -22.05 18.00
CA ALA I 191 66.42 -20.61 18.28
C ALA I 191 65.16 -19.83 17.92
N TYR I 192 64.84 -18.84 18.72
CA TYR I 192 63.70 -17.96 18.47
C TYR I 192 64.18 -16.52 18.30
N GLU I 193 63.74 -15.88 17.23
CA GLU I 193 64.18 -14.51 16.95
C GLU I 193 63.33 -13.47 17.65
N ASP I 194 63.95 -12.35 17.99
CA ASP I 194 63.22 -11.23 18.55
C ASP I 194 63.88 -9.93 18.11
N VAL I 195 63.11 -8.85 18.21
CA VAL I 195 63.64 -7.52 18.01
C VAL I 195 63.56 -6.81 19.35
N GLU I 196 64.67 -6.18 19.76
CA GLU I 196 64.68 -5.38 20.95
C GLU I 196 64.67 -3.90 20.57
N VAL I 197 63.63 -3.19 21.01
CA VAL I 197 63.50 -1.77 20.74
C VAL I 197 63.82 -0.98 22.01
N SER I 198 64.89 -0.19 21.94
CA SER I 198 65.37 0.58 23.08
C SER I 198 64.86 2.00 22.96
N LEU I 199 63.96 2.37 23.87
CA LEU I 199 63.37 3.68 23.90
C LEU I 199 64.07 4.53 24.97
N ASN I 200 64.82 5.52 24.49
CA ASN I 200 65.50 6.46 25.37
C ASN I 200 64.63 7.71 25.52
N PHE I 201 64.14 7.97 26.73
CA PHE I 201 63.18 9.05 26.95
C PHE I 201 63.43 9.70 28.32
N ARG I 202 62.91 10.91 28.50
CA ARG I 202 63.01 11.57 29.79
C ARG I 202 61.79 12.44 30.08
N LYS I 203 61.64 12.87 31.33
CA LYS I 203 60.54 13.75 31.68
C LYS I 203 60.91 15.16 31.25
N LYS I 204 59.96 15.88 30.64
CA LYS I 204 60.18 17.26 30.22
C LYS I 204 60.17 18.16 31.46
N GLY I 205 60.77 19.34 31.45
CA GLY I 205 60.52 20.22 32.58
C GLY I 205 59.20 20.94 32.41
N ARG I 206 58.49 21.19 33.51
CA ARG I 206 57.28 22.04 33.48
C ARG I 206 57.48 23.29 32.59
N SER I 207 58.71 23.77 32.50
CA SER I 207 59.03 25.00 31.79
C SER I 207 59.39 24.83 30.30
N LEU J 1 51.94 -34.83 3.44
CA LEU J 1 51.24 -33.83 4.24
C LEU J 1 52.03 -32.55 4.34
N ASP J 2 51.36 -31.42 4.14
CA ASP J 2 51.95 -30.13 4.49
C ASP J 2 51.24 -29.57 5.74
N ARG J 3 51.71 -28.42 6.23
CA ARG J 3 51.12 -27.83 7.43
C ARG J 3 49.62 -27.60 7.29
N ALA J 4 49.19 -27.16 6.11
CA ALA J 4 47.78 -26.87 5.88
C ALA J 4 46.95 -28.15 6.07
N ASP J 5 47.47 -29.27 5.58
CA ASP J 5 46.73 -30.53 5.67
C ASP J 5 46.63 -30.95 7.12
N ILE J 6 47.76 -30.88 7.82
CA ILE J 6 47.83 -31.26 9.22
C ILE J 6 46.85 -30.43 10.05
N LEU J 7 46.88 -29.12 9.87
CA LEU J 7 46.03 -28.24 10.65
C LEU J 7 44.57 -28.44 10.31
N TYR J 8 44.30 -28.70 9.04
CA TYR J 8 42.94 -29.00 8.60
C TYR J 8 42.43 -30.29 9.27
N ASN J 9 43.26 -31.33 9.27
CA ASN J 9 42.86 -32.60 9.87
C ASN J 9 42.62 -32.49 11.36
N ILE J 10 43.49 -31.76 12.04
CA ILE J 10 43.35 -31.52 13.46
C ILE J 10 42.05 -30.75 13.76
N ARG J 11 41.80 -29.69 13.00
CA ARG J 11 40.61 -28.87 13.20
C ARG J 11 39.34 -29.69 12.98
N GLN J 12 39.33 -30.51 11.93
CA GLN J 12 38.14 -31.28 11.54
C GLN J 12 37.82 -32.42 12.51
N THR J 13 38.83 -32.89 13.24
CA THR J 13 38.64 -34.09 14.07
C THR J 13 39.06 -33.90 15.50
N SER J 14 39.41 -32.69 15.89
CA SER J 14 39.71 -32.51 17.30
C SER J 14 38.42 -32.38 18.10
N ARG J 15 38.40 -33.06 19.23
CA ARG J 15 37.30 -32.99 20.15
C ARG J 15 37.89 -32.37 21.39
N PRO J 16 37.88 -31.03 21.44
CA PRO J 16 38.44 -30.22 22.52
C PRO J 16 37.80 -30.53 23.87
N ASP J 17 36.63 -31.16 23.82
CA ASP J 17 35.86 -31.45 25.03
C ASP J 17 36.12 -32.87 25.56
N VAL J 18 36.91 -33.63 24.83
CA VAL J 18 37.16 -35.03 25.18
C VAL J 18 38.56 -35.26 25.73
N ILE J 19 38.63 -35.64 27.00
CA ILE J 19 39.93 -35.93 27.63
C ILE J 19 40.56 -37.13 26.91
N PRO J 20 41.82 -36.98 26.47
CA PRO J 20 42.49 -38.02 25.66
C PRO J 20 43.03 -39.15 26.53
N THR J 21 42.15 -39.71 27.34
CA THR J 21 42.50 -40.82 28.21
C THR J 21 42.70 -42.07 27.35
N GLN J 22 43.75 -42.84 27.62
CA GLN J 22 44.01 -44.05 26.87
C GLN J 22 44.07 -45.31 27.74
N ARG J 23 43.35 -46.33 27.29
CA ARG J 23 43.15 -47.57 28.04
C ARG J 23 42.98 -47.31 29.53
N ASP J 24 42.01 -46.45 29.83
CA ASP J 24 41.61 -46.10 31.19
C ASP J 24 42.70 -45.76 32.21
N ARG J 25 43.83 -45.24 31.72
CA ARG J 25 44.82 -44.62 32.60
C ARG J 25 44.76 -43.10 32.47
N PRO J 26 45.15 -42.40 33.54
CA PRO J 26 45.00 -40.93 33.54
C PRO J 26 45.89 -40.26 32.51
N VAL J 27 45.47 -39.10 32.05
CA VAL J 27 46.31 -38.29 31.19
C VAL J 27 47.36 -37.69 32.10
N ALA J 28 48.63 -37.96 31.81
CA ALA J 28 49.72 -37.44 32.63
C ALA J 28 50.07 -36.02 32.21
N VAL J 29 49.75 -35.06 33.07
CA VAL J 29 50.02 -33.65 32.77
C VAL J 29 51.21 -33.16 33.58
N SER J 30 52.18 -32.56 32.89
CA SER J 30 53.31 -31.92 33.57
C SER J 30 53.08 -30.43 33.66
N VAL J 31 53.38 -29.83 34.82
CA VAL J 31 53.23 -28.40 35.01
C VAL J 31 54.46 -27.80 35.63
N SER J 32 54.89 -26.67 35.10
CA SER J 32 56.06 -25.98 35.61
C SER J 32 55.86 -24.47 35.43
N LEU J 33 56.10 -23.71 36.49
CA LEU J 33 55.98 -22.25 36.40
C LEU J 33 57.34 -21.60 36.21
N LYS J 34 57.52 -20.87 35.10
CA LYS J 34 58.75 -20.08 34.91
C LYS J 34 58.44 -18.64 35.26
N PHE J 35 58.94 -18.19 36.40
CA PHE J 35 58.60 -16.86 36.89
C PHE J 35 59.32 -15.75 36.11
N ILE J 36 58.54 -14.76 35.67
CA ILE J 36 59.06 -13.67 34.86
C ILE J 36 59.15 -12.39 35.68
N ASN J 37 58.14 -12.16 36.51
CA ASN J 37 58.11 -10.92 37.27
C ASN J 37 57.21 -11.03 38.49
N ILE J 38 57.52 -10.21 39.48
CA ILE J 38 56.72 -10.09 40.68
C ILE J 38 56.42 -8.60 40.86
N LEU J 39 55.13 -8.27 40.82
CA LEU J 39 54.68 -6.88 40.86
C LEU J 39 53.69 -6.77 42.02
N GLU J 40 53.38 -5.55 42.43
CA GLU J 40 52.27 -5.31 43.34
C GLU J 40 52.19 -6.28 44.55
N VAL J 41 53.23 -6.35 45.36
CA VAL J 41 53.21 -7.14 46.58
C VAL J 41 52.54 -6.36 47.72
N ASN J 42 51.75 -7.04 48.53
CA ASN J 42 51.10 -6.39 49.67
C ASN J 42 51.15 -7.24 50.92
N GLU J 43 52.05 -6.91 51.85
CA GLU J 43 52.25 -7.71 53.05
C GLU J 43 51.10 -7.57 54.05
N ILE J 44 50.41 -6.43 54.04
CA ILE J 44 49.22 -6.25 54.86
C ILE J 44 48.10 -7.21 54.48
N THR J 45 47.80 -7.31 53.18
CA THR J 45 46.69 -8.16 52.72
C THR J 45 47.08 -9.58 52.29
N ASN J 46 48.37 -9.87 52.31
CA ASN J 46 48.87 -11.17 51.85
C ASN J 46 48.42 -11.47 50.40
N GLU J 47 48.65 -10.52 49.51
CA GLU J 47 48.32 -10.68 48.10
C GLU J 47 49.52 -10.28 47.26
N VAL J 48 49.64 -10.91 46.11
CA VAL J 48 50.78 -10.65 45.25
C VAL J 48 50.40 -10.88 43.79
N ASP J 49 51.00 -10.09 42.91
CA ASP J 49 50.81 -10.20 41.46
C ASP J 49 52.02 -10.85 40.87
N VAL J 50 51.82 -11.93 40.13
CA VAL J 50 52.95 -12.62 39.51
C VAL J 50 52.75 -12.77 37.99
N VAL J 51 53.84 -12.65 37.24
CA VAL J 51 53.86 -13.00 35.83
C VAL J 51 54.73 -14.23 35.68
N PHE J 52 54.20 -15.27 35.04
CA PHE J 52 54.91 -16.53 34.88
C PHE J 52 54.49 -17.21 33.60
N TRP J 53 55.40 -18.01 33.03
CA TRP J 53 55.03 -18.89 31.92
C TRP J 53 54.52 -20.17 32.55
N GLN J 54 53.32 -20.58 32.16
CA GLN J 54 52.76 -21.82 32.70
C GLN J 54 53.02 -22.97 31.73
N GLN J 55 54.18 -23.59 31.86
CA GLN J 55 54.59 -24.64 30.95
C GLN J 55 53.78 -25.91 31.23
N THR J 56 53.00 -26.33 30.23
CA THR J 56 52.08 -27.44 30.42
C THR J 56 52.27 -28.44 29.27
N THR J 57 52.52 -29.70 29.62
CA THR J 57 52.69 -30.73 28.59
C THR J 57 51.84 -31.93 28.88
N TRP J 58 51.39 -32.58 27.81
CA TRP J 58 50.63 -33.81 27.91
C TRP J 58 50.60 -34.45 26.55
N SER J 59 50.05 -35.65 26.50
CA SER J 59 50.00 -36.44 25.28
C SER J 59 48.56 -36.64 24.82
N ASP J 60 48.33 -36.40 23.55
CA ASP J 60 47.03 -36.68 22.94
C ASP J 60 47.23 -37.39 21.60
N ARG J 61 47.10 -38.71 21.59
CA ARG J 61 47.42 -39.48 20.38
C ARG J 61 46.46 -39.21 19.22
N THR J 62 45.26 -38.74 19.53
CA THR J 62 44.29 -38.44 18.49
C THR J 62 44.80 -37.34 17.56
N LEU J 63 45.81 -36.61 18.00
CA LEU J 63 46.37 -35.55 17.15
C LEU J 63 47.52 -36.03 16.26
N ALA J 64 47.94 -37.28 16.46
CA ALA J 64 49.16 -37.80 15.83
C ALA J 64 49.02 -37.93 14.32
N TRP J 65 50.13 -37.77 13.61
CA TRP J 65 50.14 -38.02 12.17
C TRP J 65 51.48 -38.63 11.75
N ASN J 66 51.51 -39.30 10.60
CA ASN J 66 52.74 -39.84 10.04
C ASN J 66 53.61 -38.70 9.50
N SER J 67 54.76 -38.46 10.12
CA SER J 67 55.56 -37.29 9.78
C SER J 67 56.75 -37.56 8.84
N SER J 68 56.81 -38.74 8.24
CA SER J 68 57.82 -39.00 7.21
C SER J 68 57.45 -38.14 6.00
N HIS J 69 58.39 -37.37 5.50
CA HIS J 69 58.12 -36.42 4.42
C HIS J 69 57.08 -35.36 4.81
N SER J 70 57.01 -35.07 6.12
CA SER J 70 56.06 -34.08 6.61
C SER J 70 56.65 -33.28 7.75
N PRO J 71 56.08 -32.09 8.02
CA PRO J 71 56.51 -31.35 9.21
C PRO J 71 56.32 -32.19 10.47
N ASP J 72 57.24 -32.03 11.42
CA ASP J 72 57.23 -32.81 12.64
C ASP J 72 56.40 -32.13 13.73
N GLN J 73 56.16 -30.83 13.58
CA GLN J 73 55.46 -30.06 14.60
C GLN J 73 54.65 -28.95 13.95
N VAL J 74 53.57 -28.55 14.63
CA VAL J 74 52.80 -27.39 14.20
C VAL J 74 52.29 -26.59 15.40
N SER J 75 51.98 -25.32 15.16
CA SER J 75 51.34 -24.50 16.18
C SER J 75 49.84 -24.54 15.94
N VAL J 76 49.09 -24.80 17.01
CA VAL J 76 47.65 -25.00 16.91
C VAL J 76 46.92 -24.13 17.93
N PRO J 77 45.87 -23.43 17.48
CA PRO J 77 45.07 -22.65 18.46
C PRO J 77 44.48 -23.60 19.50
N ILE J 78 44.58 -23.26 20.79
CA ILE J 78 44.09 -24.17 21.82
C ILE J 78 42.59 -24.39 21.74
N SER J 79 41.88 -23.51 21.06
CA SER J 79 40.45 -23.69 20.85
C SER J 79 40.16 -24.94 20.02
N SER J 80 41.19 -25.44 19.32
CA SER J 80 41.03 -26.65 18.52
C SER J 80 41.55 -27.91 19.20
N LEU J 81 41.96 -27.80 20.45
CA LEU J 81 42.54 -28.96 21.16
C LEU J 81 41.89 -29.11 22.51
N TRP J 82 41.90 -30.33 23.03
CA TRP J 82 41.59 -30.52 24.44
C TRP J 82 42.75 -29.96 25.24
N VAL J 83 42.43 -29.21 26.29
CA VAL J 83 43.42 -28.68 27.19
C VAL J 83 43.02 -29.05 28.62
N PRO J 84 43.99 -29.40 29.47
CA PRO J 84 43.73 -29.71 30.88
C PRO J 84 43.03 -28.53 31.59
N ASP J 85 42.03 -28.83 32.43
CA ASP J 85 41.29 -27.77 33.13
C ASP J 85 42.01 -27.37 34.42
N LEU J 86 43.25 -26.94 34.29
CA LEU J 86 44.04 -26.54 35.45
C LEU J 86 43.56 -25.21 36.04
N ALA J 87 43.63 -25.08 37.36
CA ALA J 87 43.35 -23.81 37.99
C ALA J 87 44.26 -23.66 39.19
N ALA J 88 44.61 -22.42 39.50
CA ALA J 88 45.36 -22.14 40.71
C ALA J 88 44.34 -21.92 41.83
N TYR J 89 44.37 -22.79 42.84
CA TYR J 89 43.38 -22.75 43.93
C TYR J 89 43.38 -21.46 44.73
N ASN J 90 44.56 -20.85 44.89
CA ASN J 90 44.64 -19.64 45.70
C ASN J 90 44.75 -18.35 44.88
N ALA J 91 44.44 -18.43 43.59
CA ALA J 91 44.34 -17.25 42.73
C ALA J 91 43.09 -16.45 43.09
N ILE J 92 43.21 -15.13 43.12
CA ILE J 92 42.07 -14.30 43.47
C ILE J 92 41.67 -13.39 42.33
N SER J 93 42.25 -13.65 41.16
CA SER J 93 41.83 -13.03 39.91
C SER J 93 41.89 -14.12 38.86
N LYS J 94 41.08 -14.03 37.82
CA LYS J 94 41.24 -15.01 36.75
C LYS J 94 42.53 -14.72 35.98
N PRO J 95 43.08 -15.77 35.34
CA PRO J 95 44.38 -15.61 34.66
C PRO J 95 44.27 -14.59 33.54
N GLU J 96 45.16 -13.61 33.52
CA GLU J 96 45.25 -12.72 32.37
C GLU J 96 46.31 -13.32 31.44
N VAL J 97 45.86 -13.92 30.34
CA VAL J 97 46.77 -14.56 29.42
C VAL J 97 47.38 -13.51 28.51
N LEU J 98 48.69 -13.34 28.59
CA LEU J 98 49.39 -12.23 27.93
C LEU J 98 49.79 -12.53 26.49
N THR J 99 49.86 -13.81 26.14
CA THR J 99 50.46 -14.21 24.87
C THR J 99 49.43 -14.87 23.94
N PRO J 100 49.77 -15.03 22.65
CA PRO J 100 48.89 -15.72 21.69
C PRO J 100 48.58 -17.16 22.15
N GLN J 101 47.31 -17.54 22.09
CA GLN J 101 46.88 -18.81 22.67
C GLN J 101 47.06 -19.99 21.72
N LEU J 102 48.32 -20.35 21.48
CA LEU J 102 48.68 -21.42 20.57
C LEU J 102 49.46 -22.46 21.34
N ALA J 103 49.21 -23.74 21.05
CA ALA J 103 50.01 -24.83 21.61
C ALA J 103 50.86 -25.41 20.50
N ARG J 104 51.91 -26.10 20.88
CA ARG J 104 52.78 -26.73 19.90
C ARG J 104 52.50 -28.22 19.95
N VAL J 105 52.18 -28.80 18.80
CA VAL J 105 51.83 -30.21 18.70
C VAL J 105 52.86 -30.99 17.88
N VAL J 106 53.39 -32.07 18.46
CA VAL J 106 54.36 -32.92 17.78
C VAL J 106 53.65 -34.07 17.10
N SER J 107 54.25 -34.61 16.05
CA SER J 107 53.56 -35.62 15.22
C SER J 107 53.18 -36.87 16.00
N ASP J 108 53.79 -37.09 17.16
CA ASP J 108 53.46 -38.26 17.97
C ASP J 108 52.33 -37.95 18.96
N GLY J 109 51.85 -36.71 18.95
CA GLY J 109 50.75 -36.34 19.82
C GLY J 109 51.15 -35.60 21.09
N GLU J 110 52.45 -35.41 21.30
CA GLU J 110 52.89 -34.63 22.44
C GLU J 110 52.49 -33.17 22.26
N VAL J 111 51.96 -32.58 23.33
CA VAL J 111 51.51 -31.20 23.28
C VAL J 111 52.21 -30.35 24.30
N LEU J 112 52.61 -29.14 23.88
CA LEU J 112 53.17 -28.15 24.80
C LEU J 112 52.33 -26.88 24.69
N TYR J 113 51.81 -26.41 25.82
CA TYR J 113 51.15 -25.11 25.89
C TYR J 113 51.84 -24.29 26.97
N MET J 114 52.35 -23.11 26.62
CA MET J 114 53.12 -22.31 27.56
C MET J 114 52.78 -20.84 27.46
N PRO J 115 51.60 -20.44 27.97
CA PRO J 115 51.24 -19.02 27.92
C PRO J 115 51.97 -18.25 29.03
N SER J 116 52.22 -16.98 28.78
CA SER J 116 52.61 -16.09 29.86
C SER J 116 51.35 -15.56 30.52
N ILE J 117 51.30 -15.66 31.84
CA ILE J 117 50.11 -15.35 32.60
C ILE J 117 50.41 -14.35 33.71
N ARG J 118 49.55 -13.36 33.86
CA ARG J 118 49.60 -12.49 35.03
C ARG J 118 48.39 -12.81 35.88
N GLN J 119 48.65 -13.08 37.16
CA GLN J 119 47.57 -13.45 38.06
C GLN J 119 47.86 -12.98 39.49
N ARG J 120 46.80 -12.68 40.23
CA ARG J 120 46.96 -12.25 41.61
C ARG J 120 46.66 -13.43 42.53
N PHE J 121 47.45 -13.58 43.59
CA PHE J 121 47.31 -14.72 44.50
C PHE J 121 47.17 -14.31 45.96
N SER J 122 46.47 -15.12 46.73
CA SER J 122 46.44 -15.02 48.18
C SER J 122 47.44 -16.01 48.73
N CYS J 123 48.44 -15.51 49.46
CA CYS J 123 49.50 -16.36 49.98
C CYS J 123 50.32 -15.63 51.05
N ASP J 124 51.32 -16.32 51.60
CA ASP J 124 52.05 -15.80 52.74
C ASP J 124 53.12 -14.80 52.29
N VAL J 125 52.82 -13.52 52.45
CA VAL J 125 53.75 -12.46 52.06
C VAL J 125 54.66 -11.98 53.20
N SER J 126 54.41 -12.47 54.41
CA SER J 126 55.23 -12.08 55.56
C SER J 126 56.72 -12.34 55.35
N GLY J 127 57.54 -11.37 55.73
CA GLY J 127 58.99 -11.52 55.68
C GLY J 127 59.55 -11.15 54.33
N VAL J 128 58.71 -10.68 53.42
CA VAL J 128 59.17 -10.29 52.09
C VAL J 128 60.29 -9.23 52.13
N ASP J 129 60.28 -8.37 53.16
CA ASP J 129 61.26 -7.30 53.31
C ASP J 129 62.39 -7.68 54.27
N THR J 130 62.59 -8.98 54.46
CA THR J 130 63.64 -9.47 55.35
C THR J 130 64.65 -10.28 54.54
N GLU J 131 65.75 -10.64 55.18
CA GLU J 131 66.79 -11.45 54.55
C GLU J 131 66.27 -12.77 54.00
N SER J 132 65.49 -13.47 54.80
CA SER J 132 65.04 -14.80 54.41
C SER J 132 63.84 -14.75 53.46
N GLY J 133 63.24 -13.56 53.34
CA GLY J 133 62.16 -13.35 52.40
C GLY J 133 60.84 -14.01 52.75
N ALA J 134 59.87 -13.85 51.86
CA ALA J 134 58.57 -14.48 51.99
C ALA J 134 58.53 -15.76 51.16
N THR J 135 57.64 -16.66 51.52
CA THR J 135 57.43 -17.86 50.73
C THR J 135 55.97 -17.97 50.35
N CYS J 136 55.69 -17.70 49.08
CA CYS J 136 54.32 -17.75 48.55
C CYS J 136 54.09 -19.09 47.88
N ARG J 137 53.07 -19.80 48.34
CA ARG J 137 52.77 -21.14 47.83
C ARG J 137 51.60 -21.09 46.85
N ILE J 138 51.83 -21.54 45.62
CA ILE J 138 50.81 -21.53 44.59
C ILE J 138 50.37 -22.95 44.28
N LYS J 139 49.07 -23.21 44.43
CA LYS J 139 48.55 -24.57 44.28
C LYS J 139 47.78 -24.72 42.98
N ILE J 140 48.24 -25.62 42.11
CA ILE J 140 47.65 -25.82 40.77
C ILE J 140 47.26 -27.28 40.53
N GLY J 141 46.03 -27.49 40.07
CA GLY J 141 45.57 -28.84 39.75
C GLY J 141 44.35 -28.82 38.84
N SER J 142 43.93 -29.99 38.37
CA SER J 142 42.69 -30.10 37.61
C SER J 142 41.50 -29.72 38.49
N TRP J 143 40.64 -28.86 37.98
CA TRP J 143 39.48 -28.45 38.72
C TRP J 143 38.45 -29.59 38.88
N THR J 144 38.21 -30.34 37.81
CA THR J 144 37.11 -31.30 37.80
C THR J 144 37.49 -32.76 37.54
N HIS J 145 38.77 -33.02 37.25
CA HIS J 145 39.21 -34.40 36.93
C HIS J 145 40.01 -35.01 38.06
N HIS J 146 39.53 -36.11 38.63
CA HIS J 146 40.23 -36.79 39.71
C HIS J 146 41.46 -37.57 39.22
N SER J 147 42.18 -38.20 40.15
CA SER J 147 43.47 -38.79 39.87
C SER J 147 43.48 -39.94 38.85
N ARG J 148 42.34 -40.59 38.61
CA ARG J 148 42.29 -41.64 37.57
C ARG J 148 42.10 -41.08 36.15
N GLU J 149 41.85 -39.78 36.07
CA GLU J 149 41.61 -39.14 34.79
C GLU J 149 42.73 -38.15 34.42
N ILE J 150 43.21 -37.40 35.42
CA ILE J 150 44.35 -36.51 35.23
C ILE J 150 45.35 -36.64 36.38
N SER J 151 46.61 -36.85 36.05
CA SER J 151 47.64 -36.80 37.06
C SER J 151 48.45 -35.54 36.78
N VAL J 152 48.96 -34.92 37.82
CA VAL J 152 49.73 -33.70 37.68
C VAL J 152 51.08 -33.91 38.34
N ASP J 153 52.14 -33.60 37.61
CA ASP J 153 53.49 -33.74 38.12
C ASP J 153 54.34 -32.51 37.80
N PRO J 154 55.24 -32.15 38.71
CA PRO J 154 56.21 -31.10 38.39
C PRO J 154 57.16 -31.61 37.31
N THR J 155 57.70 -30.70 36.52
CA THR J 155 58.53 -31.09 35.38
C THR J 155 59.89 -31.63 35.83
N ASP J 160 67.25 -23.56 36.29
CA ASP J 160 67.66 -22.36 36.98
C ASP J 160 66.46 -21.43 37.20
N ASP J 161 66.27 -21.00 38.45
CA ASP J 161 65.05 -20.29 38.84
C ASP J 161 64.83 -18.97 38.11
N SER J 162 65.68 -17.99 38.42
CA SER J 162 65.58 -16.66 37.86
C SER J 162 66.01 -16.60 36.40
N GLU J 163 66.08 -17.74 35.71
CA GLU J 163 66.59 -17.72 34.35
C GLU J 163 65.88 -16.67 33.50
N TYR J 164 64.55 -16.58 33.64
CA TYR J 164 63.77 -15.64 32.86
C TYR J 164 63.21 -14.49 33.71
N PHE J 165 63.62 -14.42 34.98
CA PHE J 165 63.05 -13.42 35.87
C PHE J 165 63.62 -12.04 35.56
N SER J 166 62.73 -11.05 35.50
CA SER J 166 63.12 -9.69 35.16
C SER J 166 64.10 -9.07 36.16
N GLN J 167 65.18 -8.50 35.64
CA GLN J 167 66.18 -7.84 36.46
C GLN J 167 65.66 -6.49 36.94
N TYR J 168 64.52 -6.08 36.40
CA TYR J 168 63.97 -4.76 36.72
C TYR J 168 62.85 -4.79 37.75
N SER J 169 62.47 -5.99 38.16
CA SER J 169 61.54 -6.17 39.28
C SER J 169 62.13 -5.59 40.59
N ARG J 170 61.27 -5.13 41.49
CA ARG J 170 61.71 -4.66 42.79
C ARG J 170 62.08 -5.85 43.68
N PHE J 171 61.76 -7.04 43.20
CA PHE J 171 61.97 -8.24 44.00
C PHE J 171 62.98 -9.15 43.33
N GLU J 172 63.46 -10.13 44.10
CA GLU J 172 64.36 -11.13 43.58
C GLU J 172 63.96 -12.49 44.11
N ILE J 173 64.25 -13.53 43.33
CA ILE J 173 63.88 -14.88 43.70
C ILE J 173 65.03 -15.58 44.40
N LEU J 174 64.78 -16.09 45.60
CA LEU J 174 65.80 -16.76 46.37
C LEU J 174 65.78 -18.27 46.08
N ASP J 175 64.58 -18.81 45.88
CA ASP J 175 64.45 -20.25 45.65
C ASP J 175 63.04 -20.59 45.19
N VAL J 176 62.93 -21.64 44.40
CA VAL J 176 61.64 -22.19 44.00
C VAL J 176 61.67 -23.68 44.25
N THR J 177 60.70 -24.19 45.00
CA THR J 177 60.58 -25.63 45.21
C THR J 177 59.18 -26.10 44.82
N GLN J 178 59.08 -27.41 44.56
CA GLN J 178 57.82 -28.01 44.14
C GLN J 178 57.49 -29.26 44.94
N LYS J 179 56.20 -29.46 45.16
CA LYS J 179 55.73 -30.62 45.89
C LYS J 179 54.45 -31.11 45.23
N LYS J 180 54.36 -32.41 45.00
CA LYS J 180 53.14 -32.98 44.43
C LYS J 180 52.22 -33.43 45.54
N ASN J 181 50.92 -33.17 45.39
CA ASN J 181 49.97 -33.64 46.41
C ASN J 181 48.79 -34.37 45.81
N SER J 182 48.15 -35.19 46.63
CA SER J 182 46.92 -35.88 46.23
C SER J 182 45.90 -35.67 47.34
N VAL J 183 44.84 -34.91 47.03
CA VAL J 183 43.94 -34.45 48.07
C VAL J 183 42.51 -34.96 47.87
N THR J 184 41.91 -35.49 48.93
CA THR J 184 40.50 -35.82 48.93
C THR J 184 39.69 -34.71 49.60
N TYR J 185 38.75 -34.12 48.86
CA TYR J 185 37.88 -33.07 49.40
C TYR J 185 36.59 -33.70 49.95
N SER J 186 36.04 -33.12 51.01
CA SER J 186 34.89 -33.72 51.68
C SER J 186 33.66 -33.74 50.77
N CYS J 187 33.71 -33.04 49.65
CA CYS J 187 32.58 -32.97 48.73
CA CYS J 187 32.57 -32.97 48.74
C CYS J 187 32.50 -34.18 47.81
N CYS J 188 33.66 -34.76 47.50
CA CYS J 188 33.74 -35.79 46.45
C CYS J 188 34.65 -36.93 46.88
N PRO J 189 34.28 -38.18 46.56
CA PRO J 189 34.96 -39.36 47.09
C PRO J 189 36.37 -39.59 46.55
N GLU J 190 36.70 -39.03 45.39
CA GLU J 190 37.98 -39.37 44.76
C GLU J 190 39.06 -38.38 45.14
N ALA J 191 40.30 -38.71 44.84
CA ALA J 191 41.43 -37.83 45.12
C ALA J 191 41.75 -36.96 43.90
N TYR J 192 42.19 -35.73 44.16
CA TYR J 192 42.54 -34.79 43.10
C TYR J 192 43.98 -34.35 43.29
N GLU J 193 44.77 -34.44 42.23
CA GLU J 193 46.20 -34.15 42.35
C GLU J 193 46.47 -32.67 42.11
N ASP J 194 47.48 -32.15 42.80
CA ASP J 194 47.92 -30.79 42.56
C ASP J 194 49.44 -30.71 42.66
N VAL J 195 49.99 -29.63 42.12
CA VAL J 195 51.39 -29.29 42.36
C VAL J 195 51.42 -27.98 43.14
N GLU J 196 52.22 -27.96 44.20
CA GLU J 196 52.40 -26.76 44.99
C GLU J 196 53.78 -26.18 44.71
N VAL J 197 53.80 -24.98 44.15
CA VAL J 197 55.05 -24.32 43.82
C VAL J 197 55.32 -23.26 44.87
N SER J 198 56.41 -23.44 45.61
CA SER J 198 56.76 -22.51 46.66
C SER J 198 57.79 -21.52 46.15
N LEU J 199 57.38 -20.26 46.09
CA LEU J 199 58.24 -19.19 45.60
C LEU J 199 58.81 -18.39 46.77
N ASN J 200 60.12 -18.53 46.99
CA ASN J 200 60.81 -17.81 48.06
C ASN J 200 61.45 -16.57 47.46
N PHE J 201 60.98 -15.39 47.88
CA PHE J 201 61.42 -14.15 47.26
C PHE J 201 61.49 -13.02 48.29
N ARG J 202 62.23 -11.97 47.97
CA ARG J 202 62.35 -10.83 48.86
C ARG J 202 62.49 -9.52 48.09
N LYS J 203 62.30 -8.40 48.78
CA LYS J 203 62.50 -7.10 48.19
C LYS J 203 64.01 -6.84 48.10
N LYS J 204 64.46 -6.31 46.97
CA LYS J 204 65.87 -5.97 46.80
C LYS J 204 66.21 -4.74 47.60
N GLY J 205 67.50 -4.54 47.88
CA GLY J 205 67.94 -3.38 48.64
C GLY J 205 69.40 -3.00 48.45
N LEU K 1 -51.60 24.52 3.57
CA LEU K 1 -50.88 24.04 2.40
C LEU K 1 -51.74 24.13 1.14
N ASP K 2 -51.18 24.70 0.08
CA ASP K 2 -51.82 24.56 -1.23
C ASP K 2 -51.04 23.55 -2.10
N ARG K 3 -51.53 23.30 -3.31
CA ARG K 3 -50.88 22.34 -4.20
C ARG K 3 -49.42 22.70 -4.47
N ALA K 4 -49.15 23.99 -4.66
CA ALA K 4 -47.79 24.46 -4.91
C ALA K 4 -46.86 24.08 -3.78
N ASP K 5 -47.30 24.30 -2.54
CA ASP K 5 -46.49 23.93 -1.37
C ASP K 5 -46.24 22.43 -1.33
N ILE K 6 -47.30 21.64 -1.49
CA ILE K 6 -47.21 20.20 -1.45
C ILE K 6 -46.21 19.69 -2.49
N LEU K 7 -46.37 20.12 -3.73
CA LEU K 7 -45.50 19.68 -4.81
C LEU K 7 -44.06 20.16 -4.62
N TYR K 8 -43.90 21.38 -4.09
CA TYR K 8 -42.58 21.87 -3.76
C TYR K 8 -41.91 20.99 -2.69
N ASN K 9 -42.65 20.67 -1.63
CA ASN K 9 -42.08 19.84 -0.57
C ASN K 9 -41.69 18.45 -1.04
N ILE K 10 -42.56 17.85 -1.85
CA ILE K 10 -42.30 16.53 -2.41
C ILE K 10 -41.06 16.58 -3.29
N ARG K 11 -40.99 17.55 -4.20
CA ARG K 11 -39.84 17.69 -5.07
C ARG K 11 -38.53 17.85 -4.29
N GLN K 12 -38.55 18.71 -3.27
CA GLN K 12 -37.37 19.01 -2.45
C GLN K 12 -36.89 17.85 -1.56
N THR K 13 -37.80 16.98 -1.14
CA THR K 13 -37.48 15.95 -0.13
C THR K 13 -37.67 14.51 -0.57
N SER K 14 -38.51 14.28 -1.57
CA SER K 14 -38.69 12.93 -2.06
C SER K 14 -37.35 12.40 -2.52
N ARG K 15 -37.08 11.14 -2.23
CA ARG K 15 -35.84 10.53 -2.68
C ARG K 15 -36.20 9.39 -3.63
N PRO K 16 -36.12 9.65 -4.93
CA PRO K 16 -36.63 8.72 -5.95
C PRO K 16 -35.83 7.43 -6.01
N ASP K 17 -34.63 7.45 -5.45
CA ASP K 17 -33.72 6.32 -5.53
C ASP K 17 -33.80 5.47 -4.27
N VAL K 18 -34.61 5.89 -3.31
CA VAL K 18 -34.73 5.19 -2.03
C VAL K 18 -36.04 4.42 -1.87
N ILE K 19 -35.95 3.10 -1.79
CA ILE K 19 -37.14 2.28 -1.60
C ILE K 19 -37.74 2.59 -0.22
N PRO K 20 -39.06 2.90 -0.17
CA PRO K 20 -39.70 3.39 1.07
C PRO K 20 -40.03 2.24 2.01
N THR K 21 -39.03 1.43 2.31
CA THR K 21 -39.20 0.30 3.18
C THR K 21 -39.41 0.82 4.59
N GLN K 22 -40.35 0.23 5.33
CA GLN K 22 -40.58 0.65 6.70
C GLN K 22 -40.45 -0.49 7.70
N ARG K 23 -39.64 -0.25 8.73
CA ARG K 23 -39.31 -1.25 9.73
C ARG K 23 -38.89 -2.57 9.07
N ASP K 24 -38.14 -2.43 7.98
CA ASP K 24 -37.61 -3.57 7.26
C ASP K 24 -38.67 -4.55 6.74
N ARG K 25 -39.89 -4.08 6.54
CA ARG K 25 -40.89 -4.87 5.82
C ARG K 25 -40.84 -4.58 4.34
N PRO K 26 -41.30 -5.51 3.51
CA PRO K 26 -41.27 -5.18 2.09
C PRO K 26 -42.30 -4.11 1.73
N VAL K 27 -41.98 -3.30 0.73
CA VAL K 27 -42.98 -2.42 0.15
C VAL K 27 -44.02 -3.28 -0.58
N ALA K 28 -45.27 -3.19 -0.18
CA ALA K 28 -46.31 -4.00 -0.82
C ALA K 28 -46.81 -3.30 -2.09
N VAL K 29 -46.48 -3.88 -3.24
CA VAL K 29 -46.88 -3.32 -4.53
C VAL K 29 -48.05 -4.11 -5.13
N SER K 30 -49.11 -3.41 -5.54
CA SER K 30 -50.21 -4.05 -6.25
C SER K 30 -50.09 -3.77 -7.73
N VAL K 31 -50.32 -4.80 -8.54
CA VAL K 31 -50.28 -4.66 -9.99
C VAL K 31 -51.52 -5.27 -10.63
N SER K 32 -52.06 -4.56 -11.60
CA SER K 32 -53.25 -5.00 -12.31
C SER K 32 -53.16 -4.45 -13.72
N LEU K 33 -53.37 -5.32 -14.72
CA LEU K 33 -53.37 -4.90 -16.11
C LEU K 33 -54.81 -4.74 -16.60
N LYS K 34 -55.14 -3.53 -17.06
CA LYS K 34 -56.42 -3.30 -17.72
C LYS K 34 -56.19 -3.29 -19.21
N PHE K 35 -56.65 -4.33 -19.89
CA PHE K 35 -56.39 -4.48 -21.31
C PHE K 35 -57.24 -3.54 -22.15
N ILE K 36 -56.58 -2.81 -23.05
CA ILE K 36 -57.24 -1.84 -23.92
C ILE K 36 -57.37 -2.33 -25.35
N ASN K 37 -56.33 -3.03 -25.83
CA ASN K 37 -56.33 -3.49 -27.18
C ASN K 37 -55.32 -4.60 -27.41
N ILE K 38 -55.63 -5.44 -28.40
CA ILE K 38 -54.72 -6.46 -28.87
C ILE K 38 -54.52 -6.21 -30.35
N LEU K 39 -53.28 -5.96 -30.75
CA LEU K 39 -52.92 -5.72 -32.14
C LEU K 39 -51.89 -6.75 -32.58
N GLU K 40 -51.66 -6.90 -33.88
CA GLU K 40 -50.48 -7.62 -34.37
C GLU K 40 -50.19 -8.96 -33.66
N VAL K 41 -51.15 -9.87 -33.70
CA VAL K 41 -50.92 -11.23 -33.21
C VAL K 41 -50.25 -12.12 -34.26
N ASN K 42 -49.34 -12.99 -33.83
CA ASN K 42 -48.64 -13.88 -34.77
C ASN K 42 -48.51 -15.30 -34.23
N GLU K 43 -49.34 -16.21 -34.73
CA GLU K 43 -49.39 -17.55 -34.20
C GLU K 43 -48.18 -18.39 -34.63
N ILE K 44 -47.54 -18.00 -35.73
CA ILE K 44 -46.34 -18.70 -36.16
C ILE K 44 -45.18 -18.44 -35.18
N THR K 45 -44.99 -17.17 -34.81
CA THR K 45 -43.85 -16.79 -33.98
C THR K 45 -44.18 -16.73 -32.49
N ASN K 46 -45.44 -16.94 -32.13
CA ASN K 46 -45.86 -16.79 -30.74
C ASN K 46 -45.52 -15.41 -30.15
N GLU K 47 -45.89 -14.35 -30.87
CA GLU K 47 -45.67 -13.00 -30.40
C GLU K 47 -46.96 -12.23 -30.51
N VAL K 48 -47.16 -11.26 -29.62
CA VAL K 48 -48.36 -10.47 -29.62
C VAL K 48 -48.07 -9.05 -29.14
N ASP K 49 -48.81 -8.08 -29.67
CA ASP K 49 -48.74 -6.68 -29.29
C ASP K 49 -49.95 -6.31 -28.50
N VAL K 50 -49.75 -5.78 -27.30
CA VAL K 50 -50.87 -5.48 -26.43
C VAL K 50 -50.80 -4.04 -25.95
N VAL K 51 -51.96 -3.42 -25.79
CA VAL K 51 -52.05 -2.14 -25.09
C VAL K 51 -52.83 -2.33 -23.80
N PHE K 52 -52.30 -1.85 -22.70
CA PHE K 52 -52.92 -2.06 -21.39
C PHE K 52 -52.55 -0.92 -20.44
N TRP K 53 -53.43 -0.63 -19.50
CA TRP K 53 -53.09 0.25 -18.41
C TRP K 53 -52.43 -0.58 -17.34
N GLN K 54 -51.22 -0.19 -16.94
CA GLN K 54 -50.53 -0.92 -15.88
C GLN K 54 -50.79 -0.27 -14.53
N GLN K 55 -51.88 -0.66 -13.88
CA GLN K 55 -52.26 -0.06 -12.62
C GLN K 55 -51.33 -0.52 -11.51
N THR K 56 -50.63 0.44 -10.90
CA THR K 56 -49.61 0.14 -9.91
C THR K 56 -49.82 0.98 -8.67
N THR K 57 -49.97 0.34 -7.52
CA THR K 57 -50.16 1.07 -6.27
C THR K 57 -49.19 0.61 -5.19
N TRP K 58 -48.76 1.57 -4.37
CA TRP K 58 -47.90 1.28 -3.24
C TRP K 58 -47.97 2.47 -2.31
N SER K 59 -47.35 2.31 -1.14
CA SER K 59 -47.35 3.35 -0.14
C SER K 59 -45.93 3.88 0.08
N ASP K 60 -45.80 5.21 0.12
CA ASP K 60 -44.55 5.86 0.48
C ASP K 60 -44.83 6.95 1.54
N ARG K 61 -44.67 6.60 2.82
CA ARG K 61 -45.00 7.50 3.94
C ARG K 61 -44.21 8.81 3.90
N THR K 62 -43.08 8.82 3.20
CA THR K 62 -42.25 10.02 3.13
C THR K 62 -42.92 11.13 2.32
N LEU K 63 -43.96 10.80 1.57
CA LEU K 63 -44.67 11.79 0.76
C LEU K 63 -45.85 12.37 1.52
N ALA K 64 -46.16 11.81 2.69
CA ALA K 64 -47.37 12.18 3.41
C ALA K 64 -47.37 13.62 3.91
N TRP K 65 -48.56 14.22 4.01
CA TRP K 65 -48.70 15.54 4.61
C TRP K 65 -50.02 15.67 5.35
N ASN K 66 -50.10 16.63 6.28
CA ASN K 66 -51.33 16.89 7.01
C ASN K 66 -52.34 17.58 6.10
N SER K 67 -53.44 16.89 5.78
CA SER K 67 -54.39 17.42 4.79
C SER K 67 -55.63 18.12 5.36
N SER K 68 -55.63 18.47 6.64
CA SER K 68 -56.74 19.28 7.13
C SER K 68 -56.51 20.69 6.56
N HIS K 69 -57.54 21.25 5.93
CA HIS K 69 -57.43 22.55 5.26
C HIS K 69 -56.43 22.54 4.11
N SER K 70 -56.28 21.39 3.45
CA SER K 70 -55.38 21.25 2.31
C SER K 70 -55.93 20.25 1.29
N PRO K 71 -55.45 20.32 0.04
CA PRO K 71 -55.84 19.30 -0.92
C PRO K 71 -55.45 17.92 -0.39
N ASP K 72 -56.26 16.92 -0.71
CA ASP K 72 -56.07 15.56 -0.25
C ASP K 72 -55.19 14.73 -1.22
N GLN K 73 -55.09 15.18 -2.46
CA GLN K 73 -54.34 14.47 -3.48
C GLN K 73 -53.70 15.42 -4.47
N VAL K 74 -52.56 15.03 -5.02
CA VAL K 74 -51.95 15.79 -6.11
C VAL K 74 -51.43 14.86 -7.20
N SER K 75 -51.25 15.41 -8.40
CA SER K 75 -50.58 14.68 -9.47
C SER K 75 -49.10 15.07 -9.48
N VAL K 76 -48.23 14.06 -9.54
CA VAL K 76 -46.80 14.26 -9.37
C VAL K 76 -46.04 13.54 -10.48
N PRO K 77 -45.10 14.23 -11.13
CA PRO K 77 -44.27 13.56 -12.15
C PRO K 77 -43.53 12.39 -11.50
N ILE K 78 -43.52 11.21 -12.12
CA ILE K 78 -42.86 10.07 -11.51
C ILE K 78 -41.35 10.28 -11.34
N SER K 79 -40.78 11.20 -12.11
CA SER K 79 -39.38 11.54 -11.96
C SER K 79 -39.07 12.09 -10.56
N SER K 80 -40.10 12.58 -9.86
CA SER K 80 -39.91 13.09 -8.50
C SER K 80 -40.26 12.07 -7.40
N LEU K 81 -40.56 10.82 -7.76
CA LEU K 81 -40.99 9.81 -6.79
C LEU K 81 -40.19 8.53 -6.96
N TRP K 82 -40.08 7.76 -5.91
CA TRP K 82 -39.61 6.40 -6.07
C TRP K 82 -40.73 5.62 -6.74
N VAL K 83 -40.35 4.79 -7.71
CA VAL K 83 -41.30 3.95 -8.42
C VAL K 83 -40.75 2.52 -8.41
N PRO K 84 -41.62 1.53 -8.24
CA PRO K 84 -41.17 0.12 -8.24
C PRO K 84 -40.51 -0.22 -9.56
N ASP K 85 -39.42 -1.01 -9.54
CA ASP K 85 -38.69 -1.37 -10.77
C ASP K 85 -39.31 -2.62 -11.41
N LEU K 86 -40.60 -2.56 -11.72
CA LEU K 86 -41.29 -3.67 -12.35
C LEU K 86 -40.88 -3.85 -13.81
N ALA K 87 -40.81 -5.10 -14.24
CA ALA K 87 -40.58 -5.41 -15.63
C ALA K 87 -41.38 -6.64 -16.00
N ALA K 88 -41.84 -6.69 -17.25
CA ALA K 88 -42.46 -7.89 -17.77
C ALA K 88 -41.35 -8.81 -18.28
N TYR K 89 -41.21 -9.99 -17.68
CA TYR K 89 -40.14 -10.91 -18.01
C TYR K 89 -40.17 -11.39 -19.46
N ASN K 90 -41.36 -11.55 -20.02
CA ASN K 90 -41.46 -12.08 -21.37
C ASN K 90 -41.76 -11.02 -22.43
N ALA K 91 -41.54 -9.75 -22.08
CA ALA K 91 -41.65 -8.66 -23.04
C ALA K 91 -40.46 -8.74 -23.99
N ILE K 92 -40.69 -8.46 -25.26
CA ILE K 92 -39.61 -8.46 -26.24
C ILE K 92 -39.41 -7.08 -26.87
N SER K 93 -40.08 -6.07 -26.32
CA SER K 93 -39.82 -4.69 -26.66
C SER K 93 -39.90 -3.91 -25.37
N LYS K 94 -39.23 -2.77 -25.29
CA LYS K 94 -39.37 -2.00 -24.07
C LYS K 94 -40.73 -1.32 -24.05
N PRO K 95 -41.23 -1.02 -22.86
CA PRO K 95 -42.58 -0.46 -22.78
C PRO K 95 -42.66 0.85 -23.54
N GLU K 96 -43.62 0.98 -24.43
CA GLU K 96 -43.91 2.28 -25.02
C GLU K 96 -44.99 2.93 -24.14
N VAL K 97 -44.60 3.90 -23.33
CA VAL K 97 -45.56 4.57 -22.45
C VAL K 97 -46.33 5.62 -23.24
N LEU K 98 -47.65 5.44 -23.34
CA LEU K 98 -48.47 6.26 -24.22
C LEU K 98 -48.97 7.55 -23.57
N THR K 99 -48.96 7.59 -22.25
CA THR K 99 -49.65 8.64 -21.51
C THR K 99 -48.67 9.51 -20.72
N PRO K 100 -49.14 10.70 -20.27
CA PRO K 100 -48.31 11.55 -19.41
C PRO K 100 -47.84 10.81 -18.15
N GLN K 101 -46.56 10.93 -17.85
CA GLN K 101 -45.97 10.14 -16.75
C GLN K 101 -46.14 10.79 -15.38
N LEU K 102 -47.39 10.79 -14.91
CA LEU K 102 -47.75 11.36 -13.63
C LEU K 102 -48.36 10.30 -12.76
N ALA K 103 -48.01 10.32 -11.47
CA ALA K 103 -48.65 9.47 -10.46
C ALA K 103 -49.56 10.33 -9.60
N ARG K 104 -50.55 9.70 -8.99
CA ARG K 104 -51.44 10.40 -8.10
C ARG K 104 -51.04 10.05 -6.67
N VAL K 105 -50.81 11.07 -5.86
CA VAL K 105 -50.34 10.87 -4.50
C VAL K 105 -51.39 11.36 -3.51
N VAL K 106 -51.77 10.50 -2.56
CA VAL K 106 -52.73 10.88 -1.53
C VAL K 106 -51.97 11.36 -0.30
N SER K 107 -52.61 12.20 0.51
CA SER K 107 -51.95 12.83 1.66
C SER K 107 -51.40 11.84 2.69
N ASP K 108 -51.91 10.62 2.69
CA ASP K 108 -51.40 9.60 3.60
C ASP K 108 -50.23 8.82 3.00
N GLY K 109 -49.82 9.19 1.80
CA GLY K 109 -48.66 8.56 1.16
C GLY K 109 -48.98 7.45 0.17
N GLU K 110 -50.27 7.14 0.00
CA GLU K 110 -50.65 6.16 -1.00
C GLU K 110 -50.38 6.71 -2.40
N VAL K 111 -49.77 5.88 -3.23
CA VAL K 111 -49.48 6.27 -4.61
C VAL K 111 -50.16 5.38 -5.64
N LEU K 112 -50.66 6.00 -6.70
CA LEU K 112 -51.23 5.29 -7.82
C LEU K 112 -50.53 5.79 -9.07
N TYR K 113 -49.95 4.86 -9.83
CA TYR K 113 -49.39 5.16 -11.14
C TYR K 113 -50.01 4.21 -12.15
N MET K 114 -50.63 4.75 -13.21
CA MET K 114 -51.38 3.90 -14.14
C MET K 114 -51.19 4.37 -15.58
N PRO K 115 -50.01 4.11 -16.14
CA PRO K 115 -49.78 4.51 -17.53
C PRO K 115 -50.44 3.54 -18.49
N SER K 116 -50.78 4.04 -19.67
CA SER K 116 -51.17 3.16 -20.74
C SER K 116 -49.91 2.76 -21.49
N ILE K 117 -49.75 1.46 -21.70
CA ILE K 117 -48.51 0.94 -22.25
C ILE K 117 -48.78 0.07 -23.47
N ARG K 118 -48.00 0.26 -24.51
CA ARG K 118 -48.00 -0.69 -25.60
C ARG K 118 -46.69 -1.48 -25.59
N GLN K 119 -46.78 -2.80 -25.64
CA GLN K 119 -45.58 -3.61 -25.52
C GLN K 119 -45.80 -4.92 -26.24
N ARG K 120 -44.71 -5.48 -26.76
CA ARG K 120 -44.79 -6.74 -27.48
C ARG K 120 -44.30 -7.87 -26.57
N PHE K 121 -44.97 -9.01 -26.61
CA PHE K 121 -44.65 -10.14 -25.75
C PHE K 121 -44.40 -11.45 -26.50
N SER K 122 -43.56 -12.29 -25.92
CA SER K 122 -43.41 -13.66 -26.35
C SER K 122 -44.30 -14.51 -25.42
N CYS K 123 -45.25 -15.21 -26.00
CA CYS K 123 -46.14 -16.06 -25.23
C CYS K 123 -46.91 -17.02 -26.15
N ASP K 124 -47.76 -17.85 -25.56
CA ASP K 124 -48.45 -18.91 -26.29
C ASP K 124 -49.64 -18.36 -27.06
N VAL K 125 -49.47 -18.21 -28.37
CA VAL K 125 -50.52 -17.67 -29.23
C VAL K 125 -51.38 -18.79 -29.85
N SER K 126 -50.98 -20.05 -29.65
CA SER K 126 -51.66 -21.16 -30.30
C SER K 126 -53.14 -21.23 -29.92
N GLY K 127 -53.98 -21.47 -30.92
CA GLY K 127 -55.41 -21.59 -30.68
C GLY K 127 -56.13 -20.25 -30.66
N VAL K 128 -55.43 -19.18 -31.00
CA VAL K 128 -56.04 -17.86 -31.05
C VAL K 128 -57.24 -17.82 -31.99
N ASP K 129 -57.26 -18.71 -32.98
CA ASP K 129 -58.33 -18.72 -33.97
C ASP K 129 -59.38 -19.80 -33.72
N THR K 130 -59.44 -20.30 -32.49
CA THR K 130 -60.44 -21.30 -32.13
C THR K 130 -61.39 -20.73 -31.07
N GLU K 131 -62.48 -21.46 -30.83
CA GLU K 131 -63.45 -21.07 -29.82
C GLU K 131 -62.83 -20.84 -28.44
N SER K 132 -61.95 -21.76 -28.06
CA SER K 132 -61.40 -21.71 -26.72
C SER K 132 -60.30 -20.65 -26.64
N GLY K 133 -59.83 -20.20 -27.80
CA GLY K 133 -58.88 -19.10 -27.86
C GLY K 133 -57.48 -19.44 -27.40
N ALA K 134 -56.61 -18.44 -27.44
CA ALA K 134 -55.25 -18.56 -26.93
C ALA K 134 -55.16 -18.06 -25.48
N THR K 135 -54.16 -18.53 -24.76
CA THR K 135 -53.92 -18.00 -23.42
C THR K 135 -52.49 -17.47 -23.30
N CYS K 136 -52.36 -16.14 -23.34
CA CYS K 136 -51.06 -15.48 -23.26
C CYS K 136 -50.76 -15.10 -21.81
N ARG K 137 -49.64 -15.58 -21.30
CA ARG K 137 -49.28 -15.38 -19.91
C ARG K 137 -48.21 -14.27 -19.82
N ILE K 138 -48.50 -13.21 -19.06
CA ILE K 138 -47.58 -12.09 -18.90
C ILE K 138 -47.05 -12.06 -17.47
N LYS K 139 -45.74 -12.09 -17.33
CA LYS K 139 -45.11 -12.21 -16.01
C LYS K 139 -44.43 -10.91 -15.59
N ILE K 140 -44.91 -10.33 -14.49
CA ILE K 140 -44.42 -9.03 -14.05
C ILE K 140 -43.94 -9.09 -12.60
N GLY K 141 -42.75 -8.55 -12.35
CA GLY K 141 -42.19 -8.52 -11.00
C GLY K 141 -41.08 -7.49 -10.89
N SER K 142 -40.61 -7.23 -9.67
CA SER K 142 -39.45 -6.38 -9.47
C SER K 142 -38.21 -7.00 -10.12
N TRP K 143 -37.48 -6.19 -10.86
CA TRP K 143 -36.30 -6.69 -11.54
C TRP K 143 -35.17 -6.99 -10.57
N THR K 144 -34.97 -6.12 -9.58
CA THR K 144 -33.78 -6.20 -8.73
C THR K 144 -34.06 -6.31 -7.23
N HIS K 145 -35.33 -6.26 -6.83
CA HIS K 145 -35.66 -6.32 -5.40
C HIS K 145 -36.30 -7.66 -5.03
N HIS K 146 -35.66 -8.39 -4.11
CA HIS K 146 -36.18 -9.69 -3.67
C HIS K 146 -37.38 -9.52 -2.73
N SER K 147 -37.94 -10.64 -2.29
CA SER K 147 -39.21 -10.67 -1.56
C SER K 147 -39.21 -9.96 -0.21
N ARG K 148 -38.05 -9.80 0.40
CA ARG K 148 -38.02 -9.08 1.67
C ARG K 148 -38.03 -7.55 1.46
N GLU K 149 -37.89 -7.13 0.21
CA GLU K 149 -37.83 -5.71 -0.13
C GLU K 149 -39.06 -5.27 -0.91
N ILE K 150 -39.46 -6.07 -1.89
CA ILE K 150 -40.71 -5.81 -2.62
C ILE K 150 -41.56 -7.08 -2.67
N SER K 151 -42.83 -6.95 -2.30
CA SER K 151 -43.78 -8.02 -2.59
C SER K 151 -44.70 -7.51 -3.69
N VAL K 152 -45.15 -8.43 -4.53
CA VAL K 152 -46.05 -8.08 -5.63
C VAL K 152 -47.31 -8.93 -5.54
N ASP K 153 -48.46 -8.27 -5.60
CA ASP K 153 -49.73 -8.96 -5.51
C ASP K 153 -50.69 -8.43 -6.54
N PRO K 154 -51.55 -9.31 -7.07
CA PRO K 154 -52.62 -8.86 -7.96
C PRO K 154 -53.61 -8.03 -7.14
N THR K 155 -54.30 -7.11 -7.80
CA THR K 155 -55.20 -6.21 -7.10
C THR K 155 -56.42 -6.98 -6.59
N THR K 156 -56.75 -6.78 -5.31
CA THR K 156 -57.72 -7.65 -4.64
C THR K 156 -59.11 -7.62 -5.26
N ASP K 160 -64.15 -6.32 -13.97
CA ASP K 160 -64.78 -6.49 -15.28
C ASP K 160 -63.76 -6.48 -16.44
N ASP K 161 -63.54 -7.64 -17.05
CA ASP K 161 -62.36 -7.88 -17.89
C ASP K 161 -62.29 -7.12 -19.22
N SER K 162 -63.44 -6.91 -19.87
CA SER K 162 -63.45 -6.11 -21.10
C SER K 162 -63.95 -4.69 -20.84
N GLU K 163 -63.84 -4.23 -19.60
CA GLU K 163 -64.42 -2.94 -19.27
C GLU K 163 -63.87 -1.81 -20.16
N TYR K 164 -62.55 -1.81 -20.36
CA TYR K 164 -61.91 -0.76 -21.15
C TYR K 164 -61.43 -1.25 -22.50
N PHE K 165 -61.73 -2.50 -22.83
CA PHE K 165 -61.18 -3.11 -24.04
C PHE K 165 -61.89 -2.57 -25.28
N SER K 166 -61.10 -2.23 -26.30
CA SER K 166 -61.64 -1.62 -27.50
C SER K 166 -62.61 -2.55 -28.27
N GLN K 167 -63.78 -2.01 -28.61
CA GLN K 167 -64.75 -2.78 -29.38
C GLN K 167 -64.34 -2.88 -30.85
N TYR K 168 -63.29 -2.15 -31.22
CA TYR K 168 -62.83 -2.14 -32.60
C TYR K 168 -61.61 -3.03 -32.86
N SER K 169 -61.13 -3.68 -31.81
CA SER K 169 -60.09 -4.69 -31.97
C SER K 169 -60.58 -5.90 -32.78
N ARG K 170 -59.68 -6.55 -33.50
CA ARG K 170 -60.06 -7.77 -34.23
C ARG K 170 -60.21 -8.91 -33.25
N PHE K 171 -59.84 -8.69 -31.99
CA PHE K 171 -59.85 -9.76 -31.00
C PHE K 171 -60.81 -9.41 -29.87
N GLU K 172 -61.12 -10.41 -29.06
CA GLU K 172 -61.99 -10.24 -27.93
C GLU K 172 -61.44 -11.02 -26.74
N ILE K 173 -61.70 -10.52 -25.55
CA ILE K 173 -61.14 -11.14 -24.35
C ILE K 173 -62.16 -12.09 -23.76
N LEU K 174 -61.73 -13.32 -23.51
CA LEU K 174 -62.63 -14.33 -22.97
C LEU K 174 -62.51 -14.37 -21.46
N ASP K 175 -61.30 -14.16 -20.97
CA ASP K 175 -61.05 -14.25 -19.53
C ASP K 175 -59.67 -13.73 -19.20
N VAL K 176 -59.52 -13.17 -18.01
CA VAL K 176 -58.22 -12.75 -17.49
C VAL K 176 -58.07 -13.30 -16.07
N THR K 177 -57.01 -14.07 -15.83
CA THR K 177 -56.74 -14.58 -14.49
C THR K 177 -55.35 -14.17 -14.04
N GLN K 178 -55.11 -14.20 -12.73
CA GLN K 178 -53.86 -13.78 -12.16
C GLN K 178 -53.33 -14.77 -11.15
N LYS K 179 -52.02 -14.92 -11.11
CA LYS K 179 -51.39 -15.83 -10.19
C LYS K 179 -50.13 -15.18 -9.65
N LYS K 180 -49.94 -15.25 -8.34
CA LYS K 180 -48.74 -14.71 -7.72
C LYS K 180 -47.68 -15.82 -7.65
N ASN K 181 -46.43 -15.48 -7.97
CA ASN K 181 -45.33 -16.43 -7.81
C ASN K 181 -44.15 -15.87 -7.06
N SER K 182 -43.35 -16.78 -6.51
CA SER K 182 -42.13 -16.41 -5.83
C SER K 182 -41.04 -17.33 -6.38
N VAL K 183 -40.07 -16.76 -7.08
CA VAL K 183 -39.12 -17.57 -7.82
C VAL K 183 -37.67 -17.35 -7.40
N THR K 184 -36.90 -18.44 -7.29
CA THR K 184 -35.47 -18.34 -7.05
C THR K 184 -34.69 -18.58 -8.35
N TYR K 185 -33.92 -17.57 -8.76
CA TYR K 185 -33.09 -17.66 -9.96
C TYR K 185 -31.70 -18.12 -9.58
N SER K 186 -31.05 -18.86 -10.47
CA SER K 186 -29.78 -19.50 -10.12
C SER K 186 -28.67 -18.45 -9.92
N CYS K 187 -28.96 -17.23 -10.34
CA CYS K 187 -28.02 -16.12 -10.21
CA CYS K 187 -28.01 -16.13 -10.22
C CYS K 187 -27.90 -15.61 -8.78
N CYS K 188 -28.96 -15.79 -7.99
CA CYS K 188 -29.01 -15.20 -6.67
C CYS K 188 -29.73 -16.09 -5.65
N PRO K 189 -29.39 -15.96 -4.35
CA PRO K 189 -29.92 -16.83 -3.29
C PRO K 189 -31.34 -16.50 -2.83
N GLU K 190 -31.81 -15.27 -3.05
CA GLU K 190 -33.10 -14.86 -2.53
C GLU K 190 -34.24 -15.13 -3.50
N ALA K 191 -35.47 -15.03 -3.01
CA ALA K 191 -36.65 -15.22 -3.85
C ALA K 191 -37.17 -13.89 -4.39
N TYR K 192 -37.69 -13.92 -5.61
CA TYR K 192 -38.22 -12.72 -6.26
C TYR K 192 -39.66 -12.98 -6.62
N GLU K 193 -40.54 -12.07 -6.23
CA GLU K 193 -41.95 -12.24 -6.47
C GLU K 193 -42.36 -11.72 -7.86
N ASP K 194 -43.36 -12.35 -8.43
CA ASP K 194 -43.95 -11.88 -9.67
C ASP K 194 -45.45 -12.18 -9.68
N VAL K 195 -46.16 -11.45 -10.53
CA VAL K 195 -47.55 -11.75 -10.81
C VAL K 195 -47.64 -12.21 -12.25
N GLU K 196 -48.32 -13.33 -12.45
CA GLU K 196 -48.56 -13.83 -13.81
C GLU K 196 -49.99 -13.55 -14.22
N VAL K 197 -50.15 -12.76 -15.27
CA VAL K 197 -51.46 -12.42 -15.76
C VAL K 197 -51.75 -13.25 -17.00
N SER K 198 -52.75 -14.12 -16.90
CA SER K 198 -53.13 -14.98 -18.02
C SER K 198 -54.29 -14.37 -18.79
N LEU K 199 -53.99 -13.94 -20.01
CA LEU K 199 -54.99 -13.34 -20.89
C LEU K 199 -55.54 -14.38 -21.89
N ASN K 200 -56.78 -14.78 -21.69
CA ASN K 200 -57.44 -15.73 -22.58
C ASN K 200 -58.26 -14.94 -23.62
N PHE K 201 -57.84 -15.03 -24.87
CA PHE K 201 -58.45 -14.22 -25.93
C PHE K 201 -58.55 -14.98 -27.24
N ARG K 202 -59.39 -14.50 -28.15
CA ARG K 202 -59.53 -15.14 -29.46
C ARG K 202 -59.86 -14.13 -30.52
N LYS K 203 -59.69 -14.52 -31.78
CA LYS K 203 -60.06 -13.66 -32.89
C LYS K 203 -61.59 -13.67 -33.04
N LYS K 204 -62.16 -12.49 -33.28
CA LYS K 204 -63.60 -12.41 -33.45
C LYS K 204 -63.93 -13.07 -34.78
N GLY K 205 -65.01 -13.84 -34.81
CA GLY K 205 -65.41 -14.51 -36.03
C GLY K 205 -65.34 -13.55 -37.20
N ARG K 206 -65.15 -14.07 -38.42
CA ARG K 206 -65.07 -13.18 -39.58
C ARG K 206 -66.44 -12.55 -39.91
N SER K 207 -67.50 -13.04 -39.27
CA SER K 207 -68.82 -12.41 -39.41
C SER K 207 -68.96 -11.12 -38.59
N LEU L 1 -26.50 3.27 9.65
CA LEU L 1 -26.84 3.63 8.28
C LEU L 1 -28.14 2.95 7.86
N ASP L 2 -29.03 3.72 7.23
CA ASP L 2 -30.15 3.09 6.52
C ASP L 2 -29.91 3.19 5.01
N ARG L 3 -30.84 2.68 4.22
CA ARG L 3 -30.72 2.71 2.76
C ARG L 3 -30.57 4.15 2.25
N ALA L 4 -31.35 5.06 2.80
CA ALA L 4 -31.32 6.45 2.36
C ALA L 4 -29.90 7.01 2.50
N ASP L 5 -29.28 6.76 3.65
CA ASP L 5 -27.92 7.26 3.90
C ASP L 5 -26.94 6.63 2.90
N ILE L 6 -27.05 5.32 2.71
CA ILE L 6 -26.14 4.60 1.82
C ILE L 6 -26.22 5.15 0.42
N LEU L 7 -27.44 5.28 -0.10
CA LEU L 7 -27.68 5.81 -1.43
C LEU L 7 -27.27 7.26 -1.57
N TYR L 8 -27.45 8.05 -0.51
CA TYR L 8 -27.03 9.43 -0.53
C TYR L 8 -25.50 9.53 -0.61
N ASN L 9 -24.81 8.72 0.18
CA ASN L 9 -23.35 8.73 0.19
C ASN L 9 -22.78 8.31 -1.16
N ILE L 10 -23.39 7.29 -1.75
CA ILE L 10 -22.96 6.77 -3.03
C ILE L 10 -23.15 7.84 -4.10
N ARG L 11 -24.33 8.45 -4.11
CA ARG L 11 -24.64 9.50 -5.07
C ARG L 11 -23.67 10.70 -4.96
N GLN L 12 -23.39 11.10 -3.73
CA GLN L 12 -22.55 12.27 -3.47
C GLN L 12 -21.08 12.04 -3.78
N THR L 13 -20.64 10.79 -3.76
CA THR L 13 -19.22 10.47 -3.89
C THR L 13 -18.86 9.53 -5.02
N SER L 14 -19.86 8.86 -5.58
CA SER L 14 -19.55 7.95 -6.67
C SER L 14 -19.01 8.74 -7.86
N ARG L 15 -18.00 8.19 -8.50
CA ARG L 15 -17.41 8.84 -9.66
C ARG L 15 -17.68 7.97 -10.87
N PRO L 16 -18.83 8.16 -11.52
CA PRO L 16 -19.26 7.26 -12.60
C PRO L 16 -18.27 7.25 -13.76
N ASP L 17 -17.43 8.27 -13.82
CA ASP L 17 -16.49 8.43 -14.93
C ASP L 17 -15.12 7.85 -14.59
N VAL L 18 -14.95 7.39 -13.36
CA VAL L 18 -13.65 6.91 -12.90
C VAL L 18 -13.61 5.40 -12.76
N ILE L 19 -12.78 4.75 -13.57
CA ILE L 19 -12.60 3.30 -13.48
C ILE L 19 -11.99 2.96 -12.12
N PRO L 20 -12.63 2.04 -11.37
CA PRO L 20 -12.23 1.72 -10.00
C PRO L 20 -11.03 0.77 -9.97
N THR L 21 -9.99 1.17 -10.68
CA THR L 21 -8.76 0.40 -10.74
C THR L 21 -8.07 0.50 -9.37
N GLN L 22 -7.57 -0.62 -8.86
CA GLN L 22 -6.85 -0.61 -7.59
C GLN L 22 -5.40 -1.11 -7.74
N ARG L 23 -4.47 -0.19 -7.52
CA ARG L 23 -3.03 -0.43 -7.67
C ARG L 23 -2.60 -0.84 -9.09
N ASP L 24 -3.11 -0.10 -10.07
CA ASP L 24 -2.71 -0.26 -11.47
C ASP L 24 -2.98 -1.64 -12.08
N ARG L 25 -3.67 -2.50 -11.35
CA ARG L 25 -4.10 -3.77 -11.91
C ARG L 25 -5.59 -3.71 -12.30
N PRO L 26 -5.97 -4.53 -13.28
CA PRO L 26 -7.23 -4.31 -14.00
C PRO L 26 -8.48 -4.58 -13.18
N VAL L 27 -9.56 -3.87 -13.49
CA VAL L 27 -10.85 -4.21 -12.93
C VAL L 27 -11.30 -5.55 -13.54
N ALA L 28 -11.53 -6.56 -12.71
CA ALA L 28 -11.94 -7.85 -13.22
C ALA L 28 -13.44 -7.88 -13.44
N VAL L 29 -13.85 -7.93 -14.71
CA VAL L 29 -15.26 -7.95 -15.05
C VAL L 29 -15.68 -9.33 -15.48
N SER L 30 -16.76 -9.84 -14.89
CA SER L 30 -17.34 -11.11 -15.36
C SER L 30 -18.55 -10.85 -16.26
N VAL L 31 -18.64 -11.58 -17.37
CA VAL L 31 -19.79 -11.44 -18.27
C VAL L 31 -20.39 -12.79 -18.59
N SER L 32 -21.71 -12.86 -18.54
CA SER L 32 -22.44 -14.08 -18.85
C SER L 32 -23.76 -13.70 -19.49
N LEU L 33 -24.09 -14.32 -20.63
CA LEU L 33 -25.35 -14.07 -21.29
C LEU L 33 -26.36 -15.18 -20.97
N LYS L 34 -27.48 -14.80 -20.37
CA LYS L 34 -28.59 -15.75 -20.16
C LYS L 34 -29.63 -15.54 -21.25
N PHE L 35 -29.71 -16.48 -22.18
CA PHE L 35 -30.58 -16.32 -23.34
C PHE L 35 -32.06 -16.50 -23.02
N ILE L 36 -32.88 -15.54 -23.41
CA ILE L 36 -34.30 -15.56 -23.09
C ILE L 36 -35.11 -15.91 -24.34
N ASN L 37 -34.70 -15.38 -25.48
CA ASN L 37 -35.46 -15.62 -26.69
C ASN L 37 -34.62 -15.39 -27.93
N ILE L 38 -35.00 -16.06 -29.00
CA ILE L 38 -34.43 -15.84 -30.31
C ILE L 38 -35.58 -15.52 -31.27
N LEU L 39 -35.58 -14.33 -31.82
CA LEU L 39 -36.63 -13.85 -32.71
C LEU L 39 -36.02 -13.48 -34.06
N GLU L 40 -36.84 -13.33 -35.09
CA GLU L 40 -36.36 -12.73 -36.34
C GLU L 40 -35.00 -13.25 -36.86
N VAL L 41 -34.89 -14.55 -37.09
CA VAL L 41 -33.69 -15.11 -37.71
C VAL L 41 -33.73 -14.99 -39.24
N ASN L 42 -32.59 -14.69 -39.86
CA ASN L 42 -32.54 -14.56 -41.32
C ASN L 42 -31.30 -15.22 -41.92
N GLU L 43 -31.49 -16.39 -42.53
CA GLU L 43 -30.36 -17.18 -43.02
C GLU L 43 -29.77 -16.61 -44.30
N ILE L 44 -30.57 -15.85 -45.02
CA ILE L 44 -30.06 -15.16 -46.21
C ILE L 44 -29.06 -14.06 -45.85
N THR L 45 -29.41 -13.24 -44.84
CA THR L 45 -28.57 -12.10 -44.48
C THR L 45 -27.60 -12.37 -43.32
N ASN L 46 -27.68 -13.56 -42.73
CA ASN L 46 -26.88 -13.87 -41.55
C ASN L 46 -27.09 -12.86 -40.42
N GLU L 47 -28.34 -12.59 -40.09
CA GLU L 47 -28.67 -11.69 -39.00
C GLU L 47 -29.67 -12.37 -38.06
N VAL L 48 -29.59 -12.02 -36.78
CA VAL L 48 -30.46 -12.61 -35.80
C VAL L 48 -30.79 -11.60 -34.69
N ASP L 49 -32.00 -11.70 -34.16
CA ASP L 49 -32.45 -10.89 -33.03
C ASP L 49 -32.47 -11.76 -31.79
N VAL L 50 -31.80 -11.31 -30.75
CA VAL L 50 -31.75 -12.10 -29.52
C VAL L 50 -32.15 -11.27 -28.34
N VAL L 51 -32.83 -11.89 -27.39
CA VAL L 51 -33.08 -11.29 -26.10
C VAL L 51 -32.30 -12.08 -25.06
N PHE L 52 -31.55 -11.38 -24.22
CA PHE L 52 -30.72 -12.04 -23.22
C PHE L 52 -30.52 -11.16 -22.01
N TRP L 53 -30.33 -11.78 -20.86
CA TRP L 53 -29.85 -11.03 -19.70
C TRP L 53 -28.34 -10.94 -19.77
N GLN L 54 -27.80 -9.73 -19.72
CA GLN L 54 -26.35 -9.55 -19.74
C GLN L 54 -25.80 -9.44 -18.33
N GLN L 55 -25.54 -10.59 -17.72
CA GLN L 55 -25.08 -10.61 -16.33
C GLN L 55 -23.65 -10.09 -16.23
N THR L 56 -23.47 -9.00 -15.50
CA THR L 56 -22.19 -8.32 -15.45
C THR L 56 -21.81 -8.06 -14.00
N THR L 57 -20.63 -8.52 -13.60
CA THR L 57 -20.20 -8.30 -12.21
C THR L 57 -18.80 -7.73 -12.14
N TRP L 58 -18.57 -6.90 -11.13
CA TRP L 58 -17.25 -6.34 -10.90
C TRP L 58 -17.22 -5.74 -9.52
N SER L 59 -16.04 -5.32 -9.10
CA SER L 59 -15.87 -4.79 -7.76
C SER L 59 -15.49 -3.32 -7.83
N ASP L 60 -16.15 -2.51 -7.02
CA ASP L 60 -15.79 -1.11 -6.86
C ASP L 60 -15.73 -0.76 -5.36
N ARG L 61 -14.53 -0.81 -4.78
CA ARG L 61 -14.36 -0.56 -3.34
C ARG L 61 -14.83 0.82 -2.92
N THR L 62 -14.82 1.79 -3.81
CA THR L 62 -15.26 3.14 -3.45
C THR L 62 -16.72 3.17 -3.01
N LEU L 63 -17.46 2.12 -3.34
CA LEU L 63 -18.88 2.05 -2.97
C LEU L 63 -19.10 1.39 -1.60
N ALA L 64 -18.05 0.82 -1.04
CA ALA L 64 -18.17 0.00 0.16
C ALA L 64 -18.63 0.78 1.37
N TRP L 65 -19.32 0.11 2.29
CA TRP L 65 -19.69 0.72 3.57
C TRP L 65 -19.67 -0.33 4.68
N ASN L 66 -19.56 0.13 5.91
CA ASN L 66 -19.65 -0.77 7.07
C ASN L 66 -21.08 -1.24 7.26
N SER L 67 -21.33 -2.55 7.10
CA SER L 67 -22.71 -3.03 7.09
C SER L 67 -23.16 -3.70 8.39
N SER L 68 -22.43 -3.50 9.47
CA SER L 68 -22.92 -3.97 10.75
C SER L 68 -24.06 -3.04 11.15
N HIS L 69 -25.21 -3.63 11.50
CA HIS L 69 -26.40 -2.84 11.82
C HIS L 69 -26.89 -2.00 10.64
N SER L 70 -26.59 -2.45 9.41
CA SER L 70 -27.01 -1.73 8.22
C SER L 70 -27.41 -2.70 7.13
N PRO L 71 -28.19 -2.24 6.15
CA PRO L 71 -28.47 -3.09 5.00
C PRO L 71 -27.18 -3.55 4.32
N ASP L 72 -27.19 -4.77 3.81
CA ASP L 72 -26.01 -5.39 3.20
C ASP L 72 -25.93 -5.11 1.69
N GLN L 73 -27.07 -4.75 1.10
CA GLN L 73 -27.15 -4.47 -0.32
C GLN L 73 -28.14 -3.36 -0.61
N VAL L 74 -27.91 -2.62 -1.69
CA VAL L 74 -28.92 -1.70 -2.20
C VAL L 74 -29.01 -1.74 -3.73
N SER L 75 -30.13 -1.30 -4.26
CA SER L 75 -30.27 -1.12 -5.70
C SER L 75 -29.92 0.33 -6.05
N VAL L 76 -29.06 0.51 -7.04
CA VAL L 76 -28.53 1.82 -7.40
C VAL L 76 -28.67 2.08 -8.90
N PRO L 77 -29.20 3.27 -9.27
CA PRO L 77 -29.28 3.61 -10.70
C PRO L 77 -27.88 3.59 -11.30
N ILE L 78 -27.68 2.95 -12.46
CA ILE L 78 -26.33 2.87 -13.02
C ILE L 78 -25.78 4.26 -13.38
N SER L 79 -26.66 5.24 -13.53
CA SER L 79 -26.19 6.60 -13.79
C SER L 79 -25.32 7.13 -12.64
N SER L 80 -25.50 6.55 -11.45
CA SER L 80 -24.68 6.94 -10.29
C SER L 80 -23.43 6.08 -10.05
N LEU L 81 -23.14 5.14 -10.94
CA LEU L 81 -22.00 4.23 -10.76
C LEU L 81 -21.11 4.23 -12.00
N TRP L 82 -19.85 3.87 -11.82
CA TRP L 82 -19.05 3.51 -12.98
C TRP L 82 -19.53 2.16 -13.45
N VAL L 83 -19.70 2.02 -14.76
CA VAL L 83 -20.07 0.76 -15.39
C VAL L 83 -19.05 0.46 -16.50
N PRO L 84 -18.67 -0.83 -16.67
CA PRO L 84 -17.73 -1.21 -17.74
C PRO L 84 -18.29 -0.83 -19.11
N ASP L 85 -17.44 -0.31 -19.99
CA ASP L 85 -17.86 0.11 -21.34
C ASP L 85 -17.89 -1.08 -22.32
N LEU L 86 -18.65 -2.12 -21.98
CA LEU L 86 -18.75 -3.30 -22.81
C LEU L 86 -19.55 -3.02 -24.08
N ALA L 87 -19.13 -3.63 -25.19
CA ALA L 87 -19.93 -3.60 -26.41
C ALA L 87 -19.82 -4.94 -27.09
N ALA L 88 -20.88 -5.31 -27.80
CA ALA L 88 -20.84 -6.50 -28.65
C ALA L 88 -20.29 -6.08 -30.00
N TYR L 89 -19.15 -6.63 -30.38
CA TYR L 89 -18.48 -6.22 -31.62
C TYR L 89 -19.27 -6.48 -32.90
N ASN L 90 -20.04 -7.57 -32.92
CA ASN L 90 -20.79 -7.91 -34.13
C ASN L 90 -22.29 -7.55 -34.04
N ALA L 91 -22.64 -6.69 -33.08
CA ALA L 91 -24.01 -6.18 -32.98
C ALA L 91 -24.23 -5.17 -34.10
N ILE L 92 -25.42 -5.18 -34.69
CA ILE L 92 -25.69 -4.26 -35.80
C ILE L 92 -26.84 -3.32 -35.44
N SER L 93 -27.26 -3.37 -34.19
CA SER L 93 -28.18 -2.38 -33.65
C SER L 93 -27.67 -2.04 -32.26
N LYS L 94 -27.98 -0.87 -31.75
CA LYS L 94 -27.58 -0.59 -30.38
C LYS L 94 -28.46 -1.38 -29.44
N PRO L 95 -27.95 -1.69 -28.24
CA PRO L 95 -28.72 -2.50 -27.29
C PRO L 95 -30.04 -1.82 -26.95
N GLU L 96 -31.15 -2.55 -27.05
CA GLU L 96 -32.42 -2.06 -26.53
C GLU L 96 -32.55 -2.63 -25.12
N VAL L 97 -32.34 -1.79 -24.12
CA VAL L 97 -32.40 -2.23 -22.74
C VAL L 97 -33.86 -2.28 -22.33
N LEU L 98 -34.32 -3.47 -21.95
CA LEU L 98 -35.73 -3.72 -21.71
C LEU L 98 -36.17 -3.45 -20.28
N THR L 99 -35.22 -3.44 -19.37
CA THR L 99 -35.54 -3.45 -17.95
C THR L 99 -35.06 -2.17 -17.27
N PRO L 100 -35.55 -1.90 -16.03
CA PRO L 100 -35.08 -0.75 -15.23
C PRO L 100 -33.57 -0.78 -15.06
N GLN L 101 -32.91 0.36 -15.29
CA GLN L 101 -31.45 0.39 -15.27
C GLN L 101 -30.83 0.58 -13.87
N LEU L 102 -30.94 -0.47 -13.05
CA LEU L 102 -30.45 -0.47 -11.68
C LEU L 102 -29.42 -1.60 -11.52
N ALA L 103 -28.38 -1.32 -10.76
CA ALA L 103 -27.39 -2.34 -10.41
C ALA L 103 -27.57 -2.65 -8.93
N ARG L 104 -27.15 -3.84 -8.53
CA ARG L 104 -27.21 -4.22 -7.15
C ARG L 104 -25.81 -4.08 -6.56
N VAL L 105 -25.67 -3.31 -5.50
CA VAL L 105 -24.38 -3.07 -4.86
C VAL L 105 -24.32 -3.69 -3.46
N VAL L 106 -23.32 -4.52 -3.22
CA VAL L 106 -23.10 -5.11 -1.91
C VAL L 106 -22.15 -4.23 -1.04
N SER L 107 -22.25 -4.35 0.27
CA SER L 107 -21.53 -3.45 1.17
C SER L 107 -20.00 -3.55 1.03
N ASP L 108 -19.51 -4.66 0.48
CA ASP L 108 -18.08 -4.78 0.20
C ASP L 108 -17.65 -4.20 -1.16
N GLY L 109 -18.60 -3.66 -1.91
CA GLY L 109 -18.27 -3.04 -3.18
C GLY L 109 -18.50 -3.90 -4.41
N GLU L 110 -18.95 -5.13 -4.20
CA GLU L 110 -19.29 -6.00 -5.33
C GLU L 110 -20.53 -5.49 -6.01
N VAL L 111 -20.50 -5.41 -7.33
CA VAL L 111 -21.61 -4.88 -8.12
C VAL L 111 -22.13 -5.92 -9.09
N LEU L 112 -23.46 -6.00 -9.20
CA LEU L 112 -24.10 -6.80 -10.21
C LEU L 112 -25.02 -5.92 -11.04
N TYR L 113 -24.85 -5.97 -12.35
CA TYR L 113 -25.77 -5.31 -13.28
C TYR L 113 -26.22 -6.35 -14.29
N MET L 114 -27.53 -6.56 -14.40
CA MET L 114 -28.04 -7.61 -15.28
C MET L 114 -29.30 -7.17 -16.02
N PRO L 115 -29.13 -6.29 -17.01
CA PRO L 115 -30.28 -5.85 -17.80
C PRO L 115 -30.72 -6.92 -18.78
N SER L 116 -32.01 -6.94 -19.12
CA SER L 116 -32.45 -7.74 -20.25
C SER L 116 -32.30 -6.88 -21.50
N ILE L 117 -31.68 -7.45 -22.52
CA ILE L 117 -31.34 -6.70 -23.71
C ILE L 117 -31.85 -7.38 -24.95
N ARG L 118 -32.40 -6.59 -25.86
CA ARG L 118 -32.70 -7.10 -27.19
C ARG L 118 -31.75 -6.44 -28.17
N GLN L 119 -31.10 -7.25 -29.01
CA GLN L 119 -30.11 -6.70 -29.92
C GLN L 119 -30.01 -7.57 -31.16
N ARG L 120 -29.70 -6.95 -32.29
CA ARG L 120 -29.55 -7.69 -33.53
C ARG L 120 -28.06 -7.90 -33.82
N PHE L 121 -27.71 -9.10 -34.28
CA PHE L 121 -26.32 -9.43 -34.54
C PHE L 121 -26.08 -9.94 -35.96
N SER L 122 -24.88 -9.67 -36.46
CA SER L 122 -24.36 -10.32 -37.65
C SER L 122 -23.55 -11.55 -37.23
N CYS L 123 -23.99 -12.72 -37.65
CA CYS L 123 -23.29 -13.95 -37.31
C CYS L 123 -23.70 -15.09 -38.23
N ASP L 124 -23.13 -16.26 -38.02
CA ASP L 124 -23.33 -17.42 -38.88
C ASP L 124 -24.67 -18.11 -38.60
N VAL L 125 -25.65 -17.84 -39.46
CA VAL L 125 -26.98 -18.41 -39.30
C VAL L 125 -27.17 -19.71 -40.11
N SER L 126 -26.16 -20.08 -40.90
CA SER L 126 -26.29 -21.26 -41.75
C SER L 126 -26.52 -22.52 -40.92
N GLY L 127 -27.42 -23.36 -41.40
CA GLY L 127 -27.70 -24.62 -40.74
C GLY L 127 -28.74 -24.50 -39.64
N VAL L 128 -29.31 -23.31 -39.45
CA VAL L 128 -30.29 -23.09 -38.41
C VAL L 128 -31.47 -24.04 -38.56
N ASP L 129 -31.73 -24.44 -39.79
CA ASP L 129 -32.87 -25.29 -40.09
C ASP L 129 -32.45 -26.74 -40.24
N THR L 130 -31.36 -27.14 -39.58
CA THR L 130 -30.91 -28.52 -39.60
C THR L 130 -30.79 -29.11 -38.19
N GLU L 131 -30.57 -30.42 -38.11
CA GLU L 131 -30.43 -31.14 -36.87
C GLU L 131 -29.31 -30.57 -35.98
N SER L 132 -28.20 -30.23 -36.61
CA SER L 132 -27.06 -29.75 -35.84
C SER L 132 -27.15 -28.24 -35.57
N GLY L 133 -28.08 -27.58 -36.27
CA GLY L 133 -28.39 -26.17 -36.03
C GLY L 133 -27.29 -25.21 -36.45
N ALA L 134 -27.53 -23.92 -36.19
CA ALA L 134 -26.56 -22.89 -36.47
C ALA L 134 -25.77 -22.56 -35.20
N THR L 135 -24.59 -22.01 -35.38
CA THR L 135 -23.80 -21.53 -34.24
C THR L 135 -23.46 -20.06 -34.43
N CYS L 136 -24.15 -19.22 -33.67
CA CYS L 136 -23.95 -17.77 -33.70
C CYS L 136 -23.00 -17.35 -32.60
N ARG L 137 -21.90 -16.71 -33.00
CA ARG L 137 -20.87 -16.28 -32.06
C ARG L 137 -21.04 -14.78 -31.72
N ILE L 138 -21.20 -14.48 -30.44
CA ILE L 138 -21.31 -13.09 -29.99
C ILE L 138 -20.06 -12.67 -29.23
N LYS L 139 -19.44 -11.58 -29.65
CA LYS L 139 -18.17 -11.14 -29.08
C LYS L 139 -18.36 -9.86 -28.28
N ILE L 140 -18.03 -9.92 -26.99
CA ILE L 140 -18.24 -8.81 -26.05
C ILE L 140 -16.98 -8.48 -25.26
N GLY L 141 -16.62 -7.20 -25.25
CA GLY L 141 -15.45 -6.73 -24.52
C GLY L 141 -15.49 -5.24 -24.25
N SER L 142 -14.55 -4.76 -23.46
CA SER L 142 -14.40 -3.32 -23.24
C SER L 142 -14.07 -2.63 -24.56
N TRP L 143 -14.80 -1.57 -24.88
CA TRP L 143 -14.52 -0.85 -26.11
C TRP L 143 -13.20 -0.08 -26.07
N THR L 144 -12.91 0.56 -24.95
CA THR L 144 -11.77 1.47 -24.87
C THR L 144 -10.72 1.15 -23.81
N HIS L 145 -10.95 0.13 -22.98
CA HIS L 145 -9.98 -0.21 -21.94
C HIS L 145 -9.20 -1.50 -22.26
N HIS L 146 -7.88 -1.40 -22.35
CA HIS L 146 -7.05 -2.57 -22.62
C HIS L 146 -6.90 -3.47 -21.39
N SER L 147 -6.17 -4.57 -21.56
CA SER L 147 -6.13 -5.64 -20.56
C SER L 147 -5.56 -5.28 -19.18
N ARG L 148 -4.74 -4.24 -19.10
CA ARG L 148 -4.22 -3.81 -17.82
C ARG L 148 -5.24 -2.96 -17.04
N GLU L 149 -6.34 -2.58 -17.70
CA GLU L 149 -7.36 -1.75 -17.06
C GLU L 149 -8.66 -2.52 -16.84
N ILE L 150 -9.07 -3.29 -17.84
CA ILE L 150 -10.23 -4.19 -17.70
C ILE L 150 -9.91 -5.58 -18.21
N SER L 151 -10.15 -6.59 -17.37
CA SER L 151 -10.13 -7.96 -17.86
C SER L 151 -11.56 -8.46 -17.95
N VAL L 152 -11.83 -9.30 -18.92
CA VAL L 152 -13.16 -9.86 -19.09
C VAL L 152 -13.07 -11.36 -19.04
N ASP L 153 -13.91 -11.98 -18.22
CA ASP L 153 -13.95 -13.44 -18.12
C ASP L 153 -15.37 -13.96 -18.11
N PRO L 154 -15.58 -15.15 -18.68
CA PRO L 154 -16.90 -15.78 -18.59
C PRO L 154 -17.13 -16.19 -17.14
N THR L 155 -18.39 -16.27 -16.74
CA THR L 155 -18.74 -16.54 -15.35
C THR L 155 -18.45 -17.99 -14.97
N ASP L 160 -27.14 -23.88 -16.28
CA ASP L 160 -27.99 -24.36 -17.37
C ASP L 160 -28.11 -23.31 -18.48
N ASP L 161 -28.38 -23.79 -19.71
CA ASP L 161 -28.35 -22.93 -20.89
C ASP L 161 -29.70 -22.30 -21.19
N SER L 162 -30.74 -23.14 -21.25
CA SER L 162 -32.08 -22.68 -21.58
C SER L 162 -32.92 -22.52 -20.31
N GLU L 163 -32.27 -22.43 -19.16
CA GLU L 163 -32.99 -22.29 -17.91
C GLU L 163 -34.07 -21.21 -18.03
N TYR L 164 -33.73 -20.11 -18.70
CA TYR L 164 -34.65 -18.97 -18.79
C TYR L 164 -35.19 -18.80 -20.21
N PHE L 165 -34.81 -19.71 -21.10
CA PHE L 165 -35.18 -19.57 -22.50
C PHE L 165 -36.67 -19.84 -22.72
N SER L 166 -37.30 -18.98 -23.49
CA SER L 166 -38.74 -19.08 -23.73
C SER L 166 -39.14 -20.38 -24.44
N GLN L 167 -40.13 -21.07 -23.88
CA GLN L 167 -40.64 -22.28 -24.50
C GLN L 167 -41.49 -21.96 -25.73
N TYR L 168 -41.76 -20.69 -25.96
CA TYR L 168 -42.64 -20.28 -27.04
C TYR L 168 -41.88 -19.77 -28.26
N SER L 169 -40.56 -19.73 -28.14
CA SER L 169 -39.72 -19.35 -29.28
C SER L 169 -39.85 -20.41 -30.36
N ARG L 170 -39.64 -20.02 -31.61
CA ARG L 170 -39.65 -20.97 -32.73
C ARG L 170 -38.36 -21.78 -32.73
N PHE L 171 -37.44 -21.39 -31.86
CA PHE L 171 -36.13 -21.99 -31.87
C PHE L 171 -35.86 -22.65 -30.53
N GLU L 172 -34.82 -23.48 -30.50
CA GLU L 172 -34.39 -24.10 -29.25
C GLU L 172 -32.88 -24.05 -29.16
N ILE L 173 -32.38 -24.02 -27.93
CA ILE L 173 -30.95 -23.96 -27.71
C ILE L 173 -30.38 -25.35 -27.52
N LEU L 174 -29.36 -25.67 -28.31
CA LEU L 174 -28.70 -26.98 -28.20
C LEU L 174 -27.53 -26.91 -27.24
N ASP L 175 -26.81 -25.78 -27.25
CA ASP L 175 -25.61 -25.65 -26.43
C ASP L 175 -25.11 -24.21 -26.43
N VAL L 176 -24.51 -23.81 -25.32
CA VAL L 176 -23.85 -22.51 -25.22
C VAL L 176 -22.44 -22.72 -24.68
N THR L 177 -21.44 -22.23 -25.40
CA THR L 177 -20.06 -22.31 -24.92
C THR L 177 -19.43 -20.93 -24.91
N GLN L 178 -18.37 -20.79 -24.12
CA GLN L 178 -17.69 -19.51 -23.96
C GLN L 178 -16.18 -19.63 -24.09
N LYS L 179 -15.57 -18.62 -24.68
CA LYS L 179 -14.13 -18.61 -24.87
C LYS L 179 -13.63 -17.20 -24.58
N LYS L 180 -12.57 -17.08 -23.80
CA LYS L 180 -12.00 -15.77 -23.53
C LYS L 180 -10.91 -15.50 -24.56
N ASN L 181 -10.84 -14.25 -25.05
CA ASN L 181 -9.77 -13.89 -25.98
C ASN L 181 -9.07 -12.63 -25.58
N SER L 182 -7.85 -12.46 -26.09
CA SER L 182 -7.09 -11.26 -25.89
C SER L 182 -6.57 -10.85 -27.26
N VAL L 183 -7.02 -9.70 -27.75
CA VAL L 183 -6.75 -9.36 -29.12
C VAL L 183 -6.02 -8.04 -29.27
N THR L 184 -5.05 -8.02 -30.17
CA THR L 184 -4.36 -6.79 -30.48
C THR L 184 -4.87 -6.26 -31.82
N TYR L 185 -5.44 -5.06 -31.79
CA TYR L 185 -5.90 -4.39 -33.00
C TYR L 185 -4.77 -3.53 -33.59
N SER L 186 -4.71 -3.43 -34.92
CA SER L 186 -3.60 -2.75 -35.58
C SER L 186 -3.61 -1.25 -35.24
N CYS L 187 -4.73 -0.81 -34.68
CA CYS L 187 -4.92 0.59 -34.28
CA CYS L 187 -4.90 0.59 -34.30
C CYS L 187 -4.15 0.96 -33.01
N CYS L 188 -4.04 0.01 -32.10
CA CYS L 188 -3.47 0.27 -30.79
CA CYS L 188 -3.46 0.27 -30.78
C CYS L 188 -2.42 -0.78 -30.41
N PRO L 189 -1.44 -0.40 -29.58
CA PRO L 189 -0.38 -1.33 -29.18
C PRO L 189 -0.77 -2.33 -28.10
N GLU L 190 -1.82 -2.04 -27.34
CA GLU L 190 -2.17 -2.92 -26.21
C GLU L 190 -3.16 -4.02 -26.62
N ALA L 191 -3.32 -5.01 -25.74
CA ALA L 191 -4.28 -6.08 -25.96
C ALA L 191 -5.64 -5.76 -25.31
N TYR L 192 -6.72 -6.15 -25.99
CA TYR L 192 -8.07 -5.94 -25.45
C TYR L 192 -8.77 -7.27 -25.28
N GLU L 193 -9.35 -7.48 -24.10
CA GLU L 193 -9.96 -8.77 -23.81
C GLU L 193 -11.40 -8.82 -24.27
N ASP L 194 -11.84 -10.02 -24.64
CA ASP L 194 -13.24 -10.22 -24.97
C ASP L 194 -13.70 -11.62 -24.59
N VAL L 195 -15.00 -11.77 -24.46
CA VAL L 195 -15.57 -13.08 -24.27
C VAL L 195 -16.39 -13.39 -25.53
N GLU L 196 -16.20 -14.58 -26.09
CA GLU L 196 -17.00 -15.03 -27.22
C GLU L 196 -17.99 -16.08 -26.77
N VAL L 197 -19.27 -15.76 -26.90
CA VAL L 197 -20.31 -16.67 -26.51
C VAL L 197 -20.89 -17.33 -27.76
N SER L 198 -20.74 -18.65 -27.85
CA SER L 198 -21.21 -19.39 -29.02
C SER L 198 -22.55 -20.01 -28.71
N LEU L 199 -23.58 -19.52 -29.40
CA LEU L 199 -24.92 -20.00 -29.21
C LEU L 199 -25.29 -20.98 -30.31
N ASN L 200 -25.42 -22.26 -29.95
CA ASN L 200 -25.80 -23.31 -30.88
C ASN L 200 -27.32 -23.52 -30.78
N PHE L 201 -28.04 -23.20 -31.84
CA PHE L 201 -29.50 -23.26 -31.81
C PHE L 201 -30.06 -23.70 -33.15
N ARG L 202 -31.33 -24.13 -33.17
CA ARG L 202 -31.98 -24.57 -34.39
C ARG L 202 -33.47 -24.28 -34.34
N LYS L 203 -34.11 -24.32 -35.50
CA LYS L 203 -35.54 -24.16 -35.56
C LYS L 203 -36.21 -25.44 -35.07
N LYS L 204 -37.27 -25.30 -34.28
CA LYS L 204 -38.00 -26.45 -33.78
C LYS L 204 -38.85 -27.07 -34.90
N LEU M 1 -0.75 12.48 -9.31
CA LEU M 1 -2.07 12.37 -9.90
C LEU M 1 -2.48 10.92 -10.10
N ASP M 2 -3.71 10.59 -9.70
CA ASP M 2 -4.30 9.32 -10.10
C ASP M 2 -5.41 9.59 -11.14
N ARG M 3 -6.01 8.51 -11.66
CA ARG M 3 -7.04 8.65 -12.68
C ARG M 3 -8.20 9.55 -12.23
N ALA M 4 -8.60 9.43 -10.98
CA ALA M 4 -9.70 10.22 -10.44
C ALA M 4 -9.37 11.70 -10.52
N ASP M 5 -8.14 12.08 -10.17
CA ASP M 5 -7.73 13.48 -10.23
C ASP M 5 -7.72 13.98 -11.68
N ILE M 6 -7.12 13.21 -12.57
CA ILE M 6 -7.06 13.54 -13.99
C ILE M 6 -8.47 13.76 -14.57
N LEU M 7 -9.36 12.83 -14.32
CA LEU M 7 -10.72 12.91 -14.86
C LEU M 7 -11.50 14.05 -14.22
N TYR M 8 -11.29 14.28 -12.93
CA TYR M 8 -11.87 15.42 -12.25
C TYR M 8 -11.41 16.75 -12.87
N ASN M 9 -10.11 16.88 -13.11
CA ASN M 9 -9.57 18.11 -13.68
C ASN M 9 -10.08 18.38 -15.09
N ILE M 10 -10.16 17.32 -15.87
CA ILE M 10 -10.66 17.41 -17.24
C ILE M 10 -12.12 17.83 -17.23
N ARG M 11 -12.92 17.18 -16.40
CA ARG M 11 -14.34 17.50 -16.30
C ARG M 11 -14.57 18.96 -15.86
N GLN M 12 -13.80 19.40 -14.87
CA GLN M 12 -13.98 20.75 -14.31
C GLN M 12 -13.52 21.87 -15.23
N THR M 13 -12.57 21.59 -16.11
CA THR M 13 -12.03 22.62 -16.99
C THR M 13 -12.41 22.33 -18.44
N SER M 14 -13.37 21.42 -18.62
CA SER M 14 -13.79 21.01 -19.96
C SER M 14 -14.53 22.15 -20.66
N ARG M 15 -14.09 22.44 -21.88
CA ARG M 15 -14.72 23.40 -22.80
C ARG M 15 -15.13 22.67 -24.07
N PRO M 16 -16.18 21.84 -24.01
CA PRO M 16 -16.57 21.01 -25.15
C PRO M 16 -16.95 21.84 -26.37
N ASP M 17 -17.23 23.11 -26.16
CA ASP M 17 -17.74 23.98 -27.21
C ASP M 17 -16.61 24.78 -27.86
N VAL M 18 -15.40 24.64 -27.33
CA VAL M 18 -14.26 25.43 -27.77
C VAL M 18 -13.27 24.59 -28.59
N ILE M 19 -13.11 24.94 -29.87
CA ILE M 19 -12.17 24.25 -30.74
C ILE M 19 -10.74 24.51 -30.23
N PRO M 20 -9.97 23.43 -29.99
CA PRO M 20 -8.65 23.54 -29.35
C PRO M 20 -7.59 24.00 -30.33
N THR M 21 -7.87 25.11 -31.00
CA THR M 21 -6.96 25.67 -31.97
C THR M 21 -5.76 26.25 -31.23
N GLN M 22 -4.56 26.02 -31.75
CA GLN M 22 -3.36 26.58 -31.14
C GLN M 22 -2.54 27.42 -32.14
N ARG M 23 -2.34 28.70 -31.84
CA ARG M 23 -1.46 29.54 -32.66
C ARG M 23 -1.91 29.76 -34.11
N ASP M 24 -3.21 30.02 -34.28
CA ASP M 24 -3.77 30.41 -35.58
C ASP M 24 -3.68 29.28 -36.62
N ARG M 25 -3.28 28.11 -36.17
CA ARG M 25 -3.12 26.95 -37.03
C ARG M 25 -4.31 26.01 -36.85
N PRO M 26 -4.83 25.45 -37.97
CA PRO M 26 -6.02 24.60 -37.85
C PRO M 26 -5.76 23.40 -36.96
N VAL M 27 -6.81 22.90 -36.32
CA VAL M 27 -6.72 21.63 -35.63
C VAL M 27 -6.61 20.52 -36.68
N ALA M 28 -5.53 19.75 -36.62
CA ALA M 28 -5.32 18.70 -37.60
C ALA M 28 -6.08 17.43 -37.19
N VAL M 29 -7.14 17.10 -37.94
CA VAL M 29 -7.94 15.93 -37.63
C VAL M 29 -7.63 14.79 -38.61
N SER M 30 -7.36 13.60 -38.08
CA SER M 30 -7.20 12.42 -38.91
C SER M 30 -8.48 11.58 -38.86
N VAL M 31 -8.89 11.08 -40.02
CA VAL M 31 -10.08 10.25 -40.10
C VAL M 31 -9.78 9.00 -40.92
N SER M 32 -10.22 7.85 -40.40
CA SER M 32 -10.05 6.59 -41.09
C SER M 32 -11.26 5.71 -40.77
N LEU M 33 -11.87 5.14 -41.79
CA LEU M 33 -13.00 4.23 -41.59
C LEU M 33 -12.55 2.77 -41.64
N LYS M 34 -12.79 2.02 -40.58
CA LYS M 34 -12.53 0.58 -40.55
C LYS M 34 -13.85 -0.15 -40.77
N PHE M 35 -14.04 -0.72 -41.95
CA PHE M 35 -15.31 -1.33 -42.29
C PHE M 35 -15.53 -2.66 -41.58
N ILE M 36 -16.70 -2.80 -40.98
CA ILE M 36 -17.03 -3.98 -40.18
C ILE M 36 -18.06 -4.84 -40.91
N ASN M 37 -19.02 -4.19 -41.55
CA ASN M 37 -20.06 -4.93 -42.25
C ASN M 37 -20.75 -4.08 -43.29
N ILE M 38 -21.30 -4.76 -44.29
CA ILE M 38 -22.13 -4.16 -45.31
C ILE M 38 -23.45 -4.93 -45.28
N LEU M 39 -24.53 -4.23 -44.97
CA LEU M 39 -25.87 -4.81 -44.90
C LEU M 39 -26.78 -4.08 -45.89
N GLU M 40 -27.92 -4.65 -46.22
CA GLU M 40 -28.96 -3.88 -46.91
C GLU M 40 -28.49 -3.02 -48.10
N VAL M 41 -27.87 -3.65 -49.10
CA VAL M 41 -27.52 -2.98 -50.35
C VAL M 41 -28.70 -2.93 -51.33
N ASN M 42 -28.84 -1.82 -52.06
CA ASN M 42 -29.94 -1.68 -53.00
C ASN M 42 -29.49 -1.01 -54.30
N GLU M 43 -29.30 -1.81 -55.34
CA GLU M 43 -28.77 -1.30 -56.60
C GLU M 43 -29.79 -0.45 -57.37
N ILE M 44 -31.07 -0.68 -57.13
CA ILE M 44 -32.10 0.13 -57.77
C ILE M 44 -32.06 1.56 -57.22
N THR M 45 -31.97 1.71 -55.89
CA THR M 45 -32.04 3.03 -55.28
C THR M 45 -30.66 3.65 -55.02
N ASN M 46 -29.59 2.91 -55.29
CA ASN M 46 -28.25 3.37 -54.97
C ASN M 46 -28.11 3.76 -53.48
N GLU M 47 -28.53 2.87 -52.59
CA GLU M 47 -28.39 3.09 -51.16
C GLU M 47 -27.73 1.89 -50.53
N VAL M 48 -27.01 2.13 -49.45
CA VAL M 48 -26.32 1.04 -48.79
C VAL M 48 -26.22 1.32 -47.29
N ASP M 49 -26.26 0.25 -46.50
CA ASP M 49 -26.09 0.32 -45.05
C ASP M 49 -24.73 -0.21 -44.70
N VAL M 50 -23.96 0.58 -43.97
CA VAL M 50 -22.61 0.17 -43.61
C VAL M 50 -22.40 0.28 -42.09
N VAL M 51 -21.64 -0.66 -41.55
CA VAL M 51 -21.11 -0.55 -40.20
C VAL M 51 -19.59 -0.35 -40.27
N PHE M 52 -19.11 0.68 -39.59
CA PHE M 52 -17.68 0.99 -39.62
C PHE M 52 -17.24 1.65 -38.33
N TRP M 53 -15.98 1.46 -37.97
CA TRP M 53 -15.40 2.20 -36.87
C TRP M 53 -14.92 3.49 -37.48
N GLN M 54 -15.32 4.63 -36.92
CA GLN M 54 -14.84 5.92 -37.43
C GLN M 54 -13.67 6.44 -36.59
N GLN M 55 -12.46 6.04 -36.97
CA GLN M 55 -11.29 6.33 -36.17
C GLN M 55 -10.95 7.80 -36.37
N THR M 56 -10.96 8.55 -35.27
CA THR M 56 -10.78 9.99 -35.34
C THR M 56 -9.74 10.44 -34.32
N THR M 57 -8.70 11.13 -34.78
CA THR M 57 -7.68 11.60 -33.86
C THR M 57 -7.41 13.08 -34.05
N TRP M 58 -7.02 13.73 -32.97
CA TRP M 58 -6.64 15.14 -32.98
C TRP M 58 -5.98 15.46 -31.67
N SER M 59 -5.44 16.67 -31.60
CA SER M 59 -4.71 17.11 -30.44
C SER M 59 -5.47 18.24 -29.72
N ASP M 60 -5.60 18.11 -28.40
CA ASP M 60 -6.14 19.19 -27.57
C ASP M 60 -5.23 19.42 -26.36
N ARG M 61 -4.36 20.40 -26.48
CA ARG M 61 -3.30 20.64 -25.50
C ARG M 61 -3.84 21.07 -24.14
N THR M 62 -5.06 21.60 -24.12
CA THR M 62 -5.70 22.00 -22.87
C THR M 62 -6.01 20.79 -21.97
N LEU M 63 -5.93 19.59 -22.52
CA LEU M 63 -6.22 18.39 -21.75
C LEU M 63 -4.96 17.80 -21.12
N ALA M 64 -3.81 18.31 -21.52
CA ALA M 64 -2.52 17.72 -21.16
C ALA M 64 -2.24 17.77 -19.67
N TRP M 65 -1.49 16.78 -19.19
CA TRP M 65 -1.02 16.77 -17.81
C TRP M 65 0.38 16.16 -17.69
N ASN M 66 1.06 16.47 -16.60
CA ASN M 66 2.37 15.88 -16.33
C ASN M 66 2.19 14.43 -15.91
N SER M 67 2.64 13.48 -16.73
CA SER M 67 2.36 12.06 -16.49
C SER M 67 3.51 11.29 -15.87
N SER M 68 4.57 11.99 -15.47
CA SER M 68 5.58 11.34 -14.66
C SER M 68 4.91 11.02 -13.32
N HIS M 69 5.02 9.78 -12.88
CA HIS M 69 4.34 9.34 -11.66
C HIS M 69 2.79 9.40 -11.73
N SER M 70 2.20 9.23 -12.91
CA SER M 70 0.75 9.27 -13.10
C SER M 70 0.34 8.40 -14.30
N PRO M 71 -0.95 8.01 -14.37
CA PRO M 71 -1.42 7.34 -15.58
C PRO M 71 -1.14 8.19 -16.83
N ASP M 72 -0.80 7.51 -17.91
CA ASP M 72 -0.44 8.14 -19.17
C ASP M 72 -1.67 8.42 -20.05
N GLN M 73 -2.76 7.70 -19.79
CA GLN M 73 -3.97 7.77 -20.61
C GLN M 73 -5.22 7.56 -19.77
N VAL M 74 -6.32 8.16 -20.20
CA VAL M 74 -7.60 7.90 -19.57
C VAL M 74 -8.71 7.84 -20.62
N SER M 75 -9.81 7.18 -20.27
CA SER M 75 -10.99 7.18 -21.09
C SER M 75 -11.92 8.27 -20.57
N VAL M 76 -12.44 9.09 -21.47
CA VAL M 76 -13.21 10.28 -21.14
C VAL M 76 -14.49 10.35 -21.96
N PRO M 77 -15.64 10.59 -21.32
CA PRO M 77 -16.89 10.75 -22.07
C PRO M 77 -16.75 11.89 -23.04
N ILE M 78 -17.15 11.72 -24.30
CA ILE M 78 -16.97 12.80 -25.27
C ILE M 78 -17.77 14.04 -24.90
N SER M 79 -18.77 13.88 -24.04
CA SER M 79 -19.56 15.02 -23.59
C SER M 79 -18.70 15.99 -22.81
N SER M 80 -17.54 15.53 -22.33
CA SER M 80 -16.62 16.40 -21.59
C SER M 80 -15.48 16.96 -22.44
N LEU M 81 -15.49 16.70 -23.74
CA LEU M 81 -14.38 17.11 -24.60
C LEU M 81 -14.92 17.84 -25.82
N TRP M 82 -14.13 18.72 -26.40
CA TRP M 82 -14.42 19.18 -27.75
C TRP M 82 -14.19 18.01 -28.70
N VAL M 83 -15.09 17.87 -29.65
CA VAL M 83 -14.98 16.83 -30.67
C VAL M 83 -15.23 17.52 -32.02
N PRO M 84 -14.48 17.12 -33.06
CA PRO M 84 -14.66 17.68 -34.40
C PRO M 84 -16.10 17.46 -34.90
N ASP M 85 -16.69 18.48 -35.54
CA ASP M 85 -18.06 18.37 -36.06
C ASP M 85 -18.13 17.71 -37.42
N LEU M 86 -17.58 16.50 -37.52
CA LEU M 86 -17.54 15.76 -38.78
C LEU M 86 -18.92 15.25 -39.16
N ALA M 87 -19.20 15.27 -40.46
CA ALA M 87 -20.42 14.66 -40.97
C ALA M 87 -20.12 14.01 -42.31
N ALA M 88 -20.84 12.92 -42.62
CA ALA M 88 -20.77 12.31 -43.94
C ALA M 88 -21.78 13.02 -44.82
N TYR M 89 -21.28 13.69 -45.87
CA TYR M 89 -22.13 14.50 -46.75
C TYR M 89 -23.23 13.70 -47.47
N ASN M 90 -22.92 12.45 -47.83
CA ASN M 90 -23.88 11.64 -48.56
C ASN M 90 -24.62 10.60 -47.70
N ALA M 91 -24.58 10.79 -46.38
CA ALA M 91 -25.37 9.99 -45.45
C ALA M 91 -26.84 10.38 -45.56
N ILE M 92 -27.73 9.39 -45.50
CA ILE M 92 -29.15 9.66 -45.59
C ILE M 92 -29.89 9.20 -44.34
N SER M 93 -29.12 8.84 -43.32
CA SER M 93 -29.66 8.62 -41.99
C SER M 93 -28.65 9.20 -41.02
N LYS M 94 -29.08 9.58 -39.82
CA LYS M 94 -28.09 10.07 -38.86
C LYS M 94 -27.30 8.90 -38.31
N PRO M 95 -26.07 9.16 -37.89
CA PRO M 95 -25.22 8.04 -37.44
C PRO M 95 -25.85 7.31 -36.26
N GLU M 96 -25.99 5.99 -36.36
CA GLU M 96 -26.37 5.21 -35.20
C GLU M 96 -25.06 4.77 -34.53
N VAL M 97 -24.75 5.41 -33.40
CA VAL M 97 -23.53 5.08 -32.66
C VAL M 97 -23.75 3.81 -31.83
N LEU M 98 -23.01 2.75 -32.16
CA LEU M 98 -23.29 1.45 -31.55
C LEU M 98 -22.57 1.24 -30.21
N THR M 99 -21.54 2.03 -29.94
CA THR M 99 -20.62 1.75 -28.86
C THR M 99 -20.63 2.84 -27.78
N PRO M 100 -20.10 2.54 -26.59
CA PRO M 100 -20.00 3.56 -25.54
C PRO M 100 -19.24 4.79 -26.02
N GLN M 101 -19.79 5.97 -25.75
CA GLN M 101 -19.23 7.21 -26.30
C GLN M 101 -18.09 7.81 -25.49
N LEU M 102 -16.94 7.12 -25.55
CA LEU M 102 -15.77 7.47 -24.77
C LEU M 102 -14.61 7.68 -25.73
N ALA M 103 -13.79 8.66 -25.43
CA ALA M 103 -12.59 8.91 -26.21
C ALA M 103 -11.42 8.58 -25.30
N ARG M 104 -10.28 8.28 -25.91
CA ARG M 104 -9.08 8.00 -25.17
C ARG M 104 -8.18 9.23 -25.25
N VAL M 105 -7.75 9.71 -24.09
CA VAL M 105 -6.93 10.93 -24.01
C VAL M 105 -5.55 10.59 -23.44
N VAL M 106 -4.50 10.98 -24.17
CA VAL M 106 -3.13 10.80 -23.71
C VAL M 106 -2.66 12.06 -22.98
N SER M 107 -1.71 11.90 -22.05
CA SER M 107 -1.26 13.00 -21.19
C SER M 107 -0.69 14.20 -21.95
N ASP M 108 -0.28 14.01 -23.20
CA ASP M 108 0.20 15.12 -24.02
C ASP M 108 -0.93 15.84 -24.76
N GLY M 109 -2.17 15.36 -24.60
CA GLY M 109 -3.31 16.00 -25.24
C GLY M 109 -3.80 15.33 -26.50
N GLU M 110 -3.15 14.26 -26.94
CA GLU M 110 -3.61 13.52 -28.10
C GLU M 110 -4.92 12.82 -27.75
N VAL M 111 -5.89 12.91 -28.64
CA VAL M 111 -7.18 12.26 -28.41
C VAL M 111 -7.51 11.27 -29.53
N LEU M 112 -8.09 10.14 -29.13
CA LEU M 112 -8.60 9.16 -30.06
C LEU M 112 -10.07 8.90 -29.75
N TYR M 113 -10.92 9.04 -30.76
CA TYR M 113 -12.32 8.67 -30.63
C TYR M 113 -12.65 7.73 -31.78
N MET M 114 -13.16 6.54 -31.47
CA MET M 114 -13.38 5.53 -32.51
C MET M 114 -14.66 4.74 -32.27
N PRO M 115 -15.79 5.38 -32.49
CA PRO M 115 -17.07 4.69 -32.31
C PRO M 115 -17.35 3.75 -33.47
N SER M 116 -18.08 2.68 -33.20
CA SER M 116 -18.65 1.91 -34.29
C SER M 116 -19.98 2.52 -34.64
N ILE M 117 -20.15 2.74 -35.94
CA ILE M 117 -21.30 3.47 -36.46
C ILE M 117 -22.03 2.69 -37.56
N ARG M 118 -23.35 2.65 -37.46
CA ARG M 118 -24.15 2.15 -38.55
C ARG M 118 -24.86 3.32 -39.23
N GLN M 119 -24.73 3.42 -40.53
CA GLN M 119 -25.28 4.56 -41.25
C GLN M 119 -25.67 4.17 -42.67
N ARG M 120 -26.73 4.78 -43.19
CA ARG M 120 -27.11 4.52 -44.58
CA ARG M 120 -27.17 4.55 -44.57
C ARG M 120 -26.57 5.64 -45.47
N PHE M 121 -26.13 5.26 -46.66
CA PHE M 121 -25.55 6.23 -47.59
C PHE M 121 -26.17 6.19 -48.97
N SER M 122 -26.17 7.34 -49.62
CA SER M 122 -26.50 7.42 -51.03
C SER M 122 -25.19 7.41 -51.81
N CYS M 123 -25.02 6.41 -52.66
CA CYS M 123 -23.79 6.29 -53.44
C CYS M 123 -23.98 5.31 -54.61
N ASP M 124 -22.92 5.15 -55.40
CA ASP M 124 -22.97 4.33 -56.60
C ASP M 124 -22.92 2.83 -56.29
N VAL M 125 -24.07 2.17 -56.31
CA VAL M 125 -24.18 0.74 -56.03
C VAL M 125 -24.11 -0.12 -57.32
N SER M 126 -24.06 0.52 -58.49
CA SER M 126 -24.06 -0.23 -59.73
C SER M 126 -22.87 -1.17 -59.83
N GLY M 127 -23.11 -2.38 -60.32
CA GLY M 127 -22.04 -3.34 -60.53
C GLY M 127 -21.69 -4.13 -59.28
N VAL M 128 -22.47 -3.93 -58.22
CA VAL M 128 -22.22 -4.64 -56.96
C VAL M 128 -22.22 -6.16 -57.16
N ASP M 129 -22.94 -6.61 -58.19
CA ASP M 129 -23.10 -8.04 -58.46
C ASP M 129 -22.19 -8.54 -59.57
N THR M 130 -21.14 -7.80 -59.87
CA THR M 130 -20.17 -8.22 -60.88
C THR M 130 -18.82 -8.48 -60.22
N GLU M 131 -17.90 -9.06 -60.98
CA GLU M 131 -16.53 -9.30 -60.52
C GLU M 131 -15.82 -8.04 -60.03
N SER M 132 -15.93 -6.95 -60.78
CA SER M 132 -15.20 -5.75 -60.44
C SER M 132 -15.89 -5.00 -59.29
N GLY M 133 -17.13 -5.38 -58.99
CA GLY M 133 -17.87 -4.83 -57.87
C GLY M 133 -18.31 -3.37 -58.00
N ALA M 134 -18.98 -2.89 -56.97
CA ALA M 134 -19.37 -1.49 -56.89
C ALA M 134 -18.30 -0.66 -56.15
N THR M 135 -18.28 0.64 -56.38
CA THR M 135 -17.41 1.53 -55.62
C THR M 135 -18.25 2.64 -55.01
N CYS M 136 -18.44 2.56 -53.69
CA CYS M 136 -19.24 3.51 -52.96
C CYS M 136 -18.33 4.52 -52.29
N ARG M 137 -18.54 5.80 -52.61
CA ARG M 137 -17.69 6.88 -52.12
C ARG M 137 -18.35 7.58 -50.93
N ILE M 138 -17.66 7.62 -49.80
CA ILE M 138 -18.19 8.26 -48.60
C ILE M 138 -17.39 9.53 -48.32
N LYS M 139 -18.07 10.67 -48.25
CA LYS M 139 -17.40 11.95 -48.07
C LYS M 139 -17.61 12.51 -46.65
N ILE M 140 -16.51 12.70 -45.94
CA ILE M 140 -16.54 13.14 -44.52
C ILE M 140 -15.68 14.37 -44.30
N GLY M 141 -16.25 15.37 -43.64
CA GLY M 141 -15.53 16.59 -43.32
C GLY M 141 -16.21 17.39 -42.23
N SER M 142 -15.56 18.46 -41.77
CA SER M 142 -16.17 19.33 -40.77
C SER M 142 -17.39 20.02 -41.38
N TRP M 143 -18.51 20.00 -40.67
CA TRP M 143 -19.71 20.64 -41.18
C TRP M 143 -19.60 22.17 -41.22
N THR M 144 -19.04 22.76 -40.16
CA THR M 144 -19.03 24.22 -40.03
C THR M 144 -17.67 24.90 -39.91
N HIS M 145 -16.58 24.13 -39.89
CA HIS M 145 -15.25 24.73 -39.73
C HIS M 145 -14.44 24.68 -41.03
N HIS M 146 -14.04 25.85 -41.53
CA HIS M 146 -13.24 25.90 -42.76
C HIS M 146 -11.78 25.49 -42.53
N SER M 147 -10.98 25.52 -43.59
CA SER M 147 -9.63 24.94 -43.55
C SER M 147 -8.62 25.58 -42.60
N ARG M 148 -8.85 26.82 -42.15
CA ARG M 148 -7.94 27.47 -41.19
C ARG M 148 -8.28 27.08 -39.75
N GLU M 149 -9.39 26.38 -39.57
CA GLU M 149 -9.81 25.96 -38.25
C GLU M 149 -9.70 24.45 -38.07
N ILE M 150 -10.08 23.70 -39.10
CA ILE M 150 -9.96 22.24 -39.06
C ILE M 150 -9.39 21.74 -40.39
N SER M 151 -8.33 20.94 -40.30
CA SER M 151 -7.86 20.24 -41.48
C SER M 151 -8.22 18.79 -41.28
N VAL M 152 -8.51 18.11 -42.37
CA VAL M 152 -8.86 16.71 -42.33
C VAL M 152 -7.92 15.93 -43.25
N ASP M 153 -7.36 14.85 -42.74
CA ASP M 153 -6.43 14.03 -43.53
C ASP M 153 -6.69 12.57 -43.28
N PRO M 154 -6.49 11.74 -44.32
CA PRO M 154 -6.58 10.29 -44.14
C PRO M 154 -5.42 9.84 -43.27
N THR M 155 -5.60 8.74 -42.56
CA THR M 155 -4.60 8.28 -41.62
C THR M 155 -3.38 7.70 -42.33
N ASP M 160 -5.03 -2.62 -44.13
CA ASP M 160 -5.68 -3.86 -44.57
C ASP M 160 -7.21 -3.77 -44.57
N ASP M 161 -7.78 -3.41 -45.72
CA ASP M 161 -9.23 -3.23 -45.91
C ASP M 161 -10.13 -4.15 -45.05
N SER M 162 -9.94 -5.46 -45.15
CA SER M 162 -10.84 -6.43 -44.49
C SER M 162 -10.42 -6.91 -43.10
N GLU M 163 -9.46 -6.25 -42.46
CA GLU M 163 -8.97 -6.76 -41.19
C GLU M 163 -10.09 -7.03 -40.18
N TYR M 164 -11.03 -6.11 -40.07
CA TYR M 164 -12.11 -6.26 -39.09
C TYR M 164 -13.45 -6.59 -39.77
N PHE M 165 -13.44 -6.82 -41.07
CA PHE M 165 -14.70 -6.97 -41.81
C PHE M 165 -15.30 -8.35 -41.56
N SER M 166 -16.59 -8.36 -41.27
CA SER M 166 -17.30 -9.60 -40.94
C SER M 166 -17.25 -10.64 -42.05
N GLN M 167 -16.86 -11.86 -41.69
CA GLN M 167 -16.84 -12.96 -42.67
C GLN M 167 -18.25 -13.45 -42.96
N TYR M 168 -19.23 -12.94 -42.23
CA TYR M 168 -20.61 -13.42 -42.36
C TYR M 168 -21.47 -12.47 -43.14
N SER M 169 -20.91 -11.33 -43.54
CA SER M 169 -21.56 -10.43 -44.50
C SER M 169 -21.82 -11.15 -45.85
N ARG M 170 -22.86 -10.73 -46.57
CA ARG M 170 -23.11 -11.27 -47.90
C ARG M 170 -22.16 -10.63 -48.90
N PHE M 171 -21.41 -9.64 -48.45
CA PHE M 171 -20.53 -8.90 -49.33
C PHE M 171 -19.09 -9.07 -48.90
N GLU M 172 -18.18 -8.67 -49.78
CA GLU M 172 -16.76 -8.71 -49.50
C GLU M 172 -16.10 -7.45 -50.02
N ILE M 173 -15.04 -7.04 -49.35
CA ILE M 173 -14.33 -5.83 -49.74
C ILE M 173 -13.19 -6.15 -50.69
N LEU M 174 -13.17 -5.48 -51.82
CA LEU M 174 -12.12 -5.65 -52.82
C LEU M 174 -10.98 -4.67 -52.60
N ASP M 175 -11.34 -3.45 -52.22
CA ASP M 175 -10.34 -2.40 -52.05
C ASP M 175 -10.96 -1.19 -51.36
N VAL M 176 -10.13 -0.48 -50.61
CA VAL M 176 -10.51 0.80 -50.00
C VAL M 176 -9.43 1.81 -50.34
N THR M 177 -9.83 2.92 -50.96
CA THR M 177 -8.90 4.02 -51.21
C THR M 177 -9.41 5.34 -50.61
N GLN M 178 -8.48 6.26 -50.39
CA GLN M 178 -8.82 7.52 -49.77
C GLN M 178 -8.24 8.70 -50.54
N LYS M 179 -8.97 9.80 -50.56
CA LYS M 179 -8.57 11.00 -51.25
C LYS M 179 -8.94 12.21 -50.40
N LYS M 180 -8.00 13.14 -50.24
CA LYS M 180 -8.28 14.36 -49.50
C LYS M 180 -8.72 15.44 -50.48
N ASN M 181 -9.75 16.20 -50.12
CA ASN M 181 -10.21 17.32 -50.95
C ASN M 181 -10.39 18.60 -50.16
N SER M 182 -10.37 19.71 -50.89
CA SER M 182 -10.59 21.01 -50.29
C SER M 182 -11.61 21.69 -51.18
N VAL M 183 -12.79 21.95 -50.64
CA VAL M 183 -13.90 22.39 -51.48
C VAL M 183 -14.47 23.72 -51.05
N THR M 184 -14.83 24.55 -52.02
CA THR M 184 -15.53 25.79 -51.68
C THR M 184 -17.02 25.66 -51.99
N TYR M 185 -17.85 25.99 -51.01
CA TYR M 185 -19.29 26.01 -51.19
C TYR M 185 -19.73 27.44 -51.43
N SER M 186 -20.81 27.63 -52.18
CA SER M 186 -21.16 28.98 -52.62
C SER M 186 -21.71 29.79 -51.45
N CYS M 187 -22.15 29.08 -50.43
CA CYS M 187 -22.67 29.71 -49.22
CA CYS M 187 -22.68 29.70 -49.22
C CYS M 187 -21.60 30.51 -48.50
N CYS M 188 -20.34 30.12 -48.67
CA CYS M 188 -19.25 30.69 -47.88
C CYS M 188 -17.97 30.85 -48.67
N PRO M 189 -17.14 31.83 -48.28
CA PRO M 189 -15.93 32.20 -49.01
C PRO M 189 -14.74 31.29 -48.76
N GLU M 190 -14.74 30.58 -47.64
CA GLU M 190 -13.57 29.76 -47.28
C GLU M 190 -13.66 28.33 -47.79
N ALA M 191 -12.53 27.62 -47.77
CA ALA M 191 -12.50 26.23 -48.20
C ALA M 191 -12.72 25.29 -47.02
N TYR M 192 -13.42 24.19 -47.26
CA TYR M 192 -13.67 23.19 -46.24
C TYR M 192 -13.08 21.86 -46.68
N GLU M 193 -12.29 21.24 -45.81
CA GLU M 193 -11.63 20.00 -46.17
C GLU M 193 -12.51 18.79 -45.95
N ASP M 194 -12.32 17.76 -46.76
CA ASP M 194 -12.98 16.49 -46.54
C ASP M 194 -12.06 15.34 -46.92
N VAL M 195 -12.40 14.16 -46.42
CA VAL M 195 -11.78 12.93 -46.89
C VAL M 195 -12.84 12.15 -47.62
N GLU M 196 -12.53 11.64 -48.81
CA GLU M 196 -13.42 10.74 -49.54
C GLU M 196 -12.89 9.32 -49.48
N VAL M 197 -13.67 8.43 -48.87
CA VAL M 197 -13.29 7.04 -48.74
C VAL M 197 -14.06 6.23 -49.77
N SER M 198 -13.32 5.60 -50.69
CA SER M 198 -13.94 4.81 -51.74
C SER M 198 -13.89 3.34 -51.40
N LEU M 199 -15.07 2.78 -51.17
CA LEU M 199 -15.22 1.39 -50.78
C LEU M 199 -15.64 0.55 -52.01
N ASN M 200 -14.71 -0.27 -52.48
CA ASN M 200 -14.95 -1.16 -53.61
C ASN M 200 -15.34 -2.54 -53.07
N PHE M 201 -16.58 -2.94 -53.32
CA PHE M 201 -17.09 -4.17 -52.74
C PHE M 201 -18.03 -4.87 -53.72
N ARG M 202 -18.31 -6.15 -53.47
CA ARG M 202 -19.23 -6.92 -54.31
C ARG M 202 -19.95 -7.99 -53.53
N LYS M 203 -21.03 -8.50 -54.08
CA LYS M 203 -21.75 -9.59 -53.45
C LYS M 203 -20.96 -10.90 -53.64
N LYS M 204 -20.88 -11.72 -52.59
CA LYS M 204 -20.18 -13.01 -52.67
C LYS M 204 -21.15 -13.98 -53.31
N GLY M 205 -20.77 -15.21 -53.59
CA GLY M 205 -21.82 -16.16 -53.94
C GLY M 205 -22.71 -16.53 -52.76
N ARG M 206 -23.99 -16.84 -53.01
CA ARG M 206 -24.83 -17.49 -52.00
C ARG M 206 -24.25 -18.85 -51.60
N LEU N 1 -9.95 39.20 -26.94
CA LEU N 1 -10.84 38.05 -26.87
C LEU N 1 -10.31 36.89 -27.71
N ASP N 2 -10.32 35.69 -27.15
CA ASP N 2 -10.12 34.50 -27.96
C ASP N 2 -11.46 33.75 -28.09
N ARG N 3 -11.47 32.64 -28.84
CA ARG N 3 -12.68 31.86 -29.04
C ARG N 3 -13.30 31.41 -27.72
N ALA N 4 -12.47 30.96 -26.80
CA ALA N 4 -12.95 30.53 -25.50
C ALA N 4 -13.74 31.63 -24.80
N ASP N 5 -13.23 32.85 -24.83
CA ASP N 5 -13.90 33.98 -24.18
C ASP N 5 -15.23 34.27 -24.85
N ILE N 6 -15.20 34.33 -26.18
CA ILE N 6 -16.41 34.60 -26.97
C ILE N 6 -17.49 33.57 -26.67
N LEU N 7 -17.13 32.28 -26.71
CA LEU N 7 -18.10 31.20 -26.50
C LEU N 7 -18.60 31.19 -25.05
N TYR N 8 -17.73 31.50 -24.11
CA TYR N 8 -18.12 31.62 -22.73
C TYR N 8 -19.15 32.76 -22.55
N ASN N 9 -18.85 33.94 -23.11
CA ASN N 9 -19.77 35.06 -23.01
C ASN N 9 -21.14 34.79 -23.63
N ILE N 10 -21.14 34.13 -24.78
CA ILE N 10 -22.37 33.78 -25.46
C ILE N 10 -23.17 32.79 -24.62
N ARG N 11 -22.50 31.76 -24.12
CA ARG N 11 -23.17 30.77 -23.29
C ARG N 11 -23.78 31.39 -22.03
N GLN N 12 -23.02 32.28 -21.38
CA GLN N 12 -23.46 32.91 -20.14
C GLN N 12 -24.61 33.91 -20.31
N THR N 13 -24.80 34.45 -21.51
CA THR N 13 -25.71 35.58 -21.66
C THR N 13 -26.65 35.56 -22.85
N SER N 14 -26.41 34.67 -23.80
CA SER N 14 -27.34 34.54 -24.91
C SER N 14 -28.61 33.87 -24.41
N ARG N 15 -29.75 34.50 -24.70
CA ARG N 15 -31.02 34.06 -24.13
C ARG N 15 -31.81 33.30 -25.18
N PRO N 16 -31.66 31.98 -25.17
CA PRO N 16 -32.13 31.14 -26.30
C PRO N 16 -33.63 31.22 -26.45
N ASP N 17 -34.31 31.66 -25.39
CA ASP N 17 -35.78 31.71 -25.38
C ASP N 17 -36.32 33.08 -25.79
N VAL N 18 -35.42 34.05 -25.96
CA VAL N 18 -35.82 35.43 -26.26
C VAL N 18 -35.60 35.82 -27.73
N ILE N 19 -36.68 36.07 -28.46
CA ILE N 19 -36.58 36.49 -29.85
C ILE N 19 -35.86 37.85 -29.92
N PRO N 20 -34.79 37.94 -30.73
CA PRO N 20 -33.94 39.14 -30.75
C PRO N 20 -34.56 40.27 -31.58
N THR N 21 -35.80 40.60 -31.24
CA THR N 21 -36.53 41.65 -31.92
C THR N 21 -35.92 42.99 -31.53
N GLN N 22 -35.74 43.88 -32.50
CA GLN N 22 -35.18 45.20 -32.20
C GLN N 22 -36.10 46.34 -32.64
N ARG N 23 -36.44 47.22 -31.70
CA ARG N 23 -37.19 48.45 -31.98
C ARG N 23 -38.53 48.22 -32.69
N ASP N 24 -39.30 47.26 -32.20
CA ASP N 24 -40.63 46.97 -32.73
C ASP N 24 -40.64 46.45 -34.17
N ARG N 25 -39.50 45.97 -34.65
CA ARG N 25 -39.41 45.43 -36.01
C ARG N 25 -39.16 43.93 -35.98
N PRO N 26 -39.72 43.21 -36.96
CA PRO N 26 -39.61 41.74 -36.94
C PRO N 26 -38.18 41.29 -37.18
N VAL N 27 -37.81 40.14 -36.62
CA VAL N 27 -36.56 39.50 -36.95
C VAL N 27 -36.66 38.99 -38.39
N ALA N 28 -35.78 39.48 -39.26
CA ALA N 28 -35.85 39.07 -40.67
C ALA N 28 -35.10 37.75 -40.86
N VAL N 29 -35.84 36.68 -41.12
CA VAL N 29 -35.25 35.35 -41.31
C VAL N 29 -35.22 35.01 -42.79
N SER N 30 -34.06 34.57 -43.28
CA SER N 30 -33.95 34.07 -44.64
C SER N 30 -33.89 32.55 -44.63
N VAL N 31 -34.64 31.92 -45.54
CA VAL N 31 -34.69 30.47 -45.64
C VAL N 31 -34.46 30.03 -47.07
N SER N 32 -33.63 29.01 -47.23
CA SER N 32 -33.34 28.46 -48.56
C SER N 32 -33.07 26.97 -48.40
N LEU N 33 -33.71 26.16 -49.23
CA LEU N 33 -33.49 24.73 -49.19
C LEU N 33 -32.54 24.29 -50.30
N LYS N 34 -31.41 23.69 -49.92
CA LYS N 34 -30.50 23.11 -50.91
C LYS N 34 -30.74 21.61 -50.96
N PHE N 35 -31.36 21.15 -52.03
CA PHE N 35 -31.74 19.75 -52.14
C PHE N 35 -30.55 18.82 -52.42
N ILE N 36 -30.46 17.75 -51.64
CA ILE N 36 -29.32 16.86 -51.69
C ILE N 36 -29.77 15.53 -52.30
N ASN N 37 -30.96 15.10 -51.94
CA ASN N 37 -31.46 13.81 -52.41
C ASN N 37 -32.97 13.70 -52.29
N ILE N 38 -33.53 12.87 -53.16
CA ILE N 38 -34.93 12.53 -53.13
C ILE N 38 -34.98 11.00 -53.09
N LEU N 39 -35.58 10.47 -52.03
CA LEU N 39 -35.67 9.02 -51.80
C LEU N 39 -37.14 8.68 -51.64
N GLU N 40 -37.49 7.41 -51.75
CA GLU N 40 -38.81 6.94 -51.32
C GLU N 40 -40.00 7.80 -51.80
N VAL N 41 -40.13 7.98 -53.11
CA VAL N 41 -41.30 8.64 -53.69
C VAL N 41 -42.50 7.68 -53.83
N ASN N 42 -43.70 8.17 -53.58
CA ASN N 42 -44.89 7.32 -53.69
C ASN N 42 -46.04 8.07 -54.34
N GLU N 43 -46.30 7.76 -55.61
CA GLU N 43 -47.29 8.51 -56.38
C GLU N 43 -48.72 8.14 -55.98
N ILE N 44 -48.90 6.94 -55.44
CA ILE N 44 -50.20 6.53 -54.93
C ILE N 44 -50.61 7.38 -53.72
N THR N 45 -49.70 7.50 -52.75
CA THR N 45 -50.01 8.18 -51.49
C THR N 45 -49.65 9.67 -51.48
N ASN N 46 -49.04 10.17 -52.55
CA ASN N 46 -48.57 11.55 -52.58
C ASN N 46 -47.63 11.91 -51.40
N GLU N 47 -46.62 11.07 -51.18
CA GLU N 47 -45.66 11.30 -50.12
C GLU N 47 -44.26 11.18 -50.72
N VAL N 48 -43.32 11.91 -50.14
CA VAL N 48 -41.96 11.88 -50.63
C VAL N 48 -40.99 12.12 -49.49
N ASP N 49 -39.81 11.50 -49.60
CA ASP N 49 -38.73 11.67 -48.64
C ASP N 49 -37.67 12.51 -49.27
N VAL N 50 -37.29 13.59 -48.60
CA VAL N 50 -36.28 14.49 -49.14
C VAL N 50 -35.14 14.74 -48.15
N VAL N 51 -33.94 14.84 -48.68
CA VAL N 51 -32.81 15.32 -47.90
C VAL N 51 -32.39 16.67 -48.43
N PHE N 52 -32.26 17.65 -47.53
CA PHE N 52 -31.94 19.01 -47.94
C PHE N 52 -31.20 19.74 -46.83
N TRP N 53 -30.35 20.69 -47.22
CA TRP N 53 -29.77 21.63 -46.27
C TRP N 53 -30.74 22.77 -46.07
N GLN N 54 -31.14 23.01 -44.83
CA GLN N 54 -32.07 24.10 -44.56
C GLN N 54 -31.31 25.35 -44.15
N GLN N 55 -30.87 26.12 -45.14
CA GLN N 55 -30.06 27.30 -44.90
C GLN N 55 -30.91 28.37 -44.24
N THR N 56 -30.54 28.75 -43.03
CA THR N 56 -31.31 29.72 -42.27
C THR N 56 -30.41 30.83 -41.74
N THR N 57 -30.76 32.08 -42.03
CA THR N 57 -29.96 33.21 -41.56
C THR N 57 -30.82 34.25 -40.88
N TRP N 58 -30.25 34.89 -39.87
CA TRP N 58 -30.92 35.97 -39.18
C TRP N 58 -29.89 36.72 -38.36
N SER N 59 -30.32 37.83 -37.78
CA SER N 59 -29.42 38.67 -37.01
C SER N 59 -29.84 38.69 -35.54
N ASP N 60 -28.86 38.52 -34.65
CA ASP N 60 -29.09 38.67 -33.23
C ASP N 60 -27.98 39.53 -32.60
N ARG N 61 -28.26 40.81 -32.39
CA ARG N 61 -27.25 41.73 -31.88
C ARG N 61 -26.78 41.42 -30.46
N THR N 62 -27.59 40.74 -29.67
CA THR N 62 -27.15 40.35 -28.32
C THR N 62 -25.94 39.40 -28.34
N LEU N 63 -25.62 38.86 -29.52
CA LEU N 63 -24.49 37.95 -29.64
C LEU N 63 -23.23 38.70 -30.03
N ALA N 64 -23.38 39.96 -30.43
CA ALA N 64 -22.27 40.74 -30.98
C ALA N 64 -21.10 40.95 -30.01
N TRP N 65 -19.89 41.06 -30.56
CA TRP N 65 -18.71 41.39 -29.77
C TRP N 65 -17.76 42.25 -30.58
N ASN N 66 -16.86 42.95 -29.88
CA ASN N 66 -15.81 43.73 -30.54
C ASN N 66 -14.75 42.80 -31.10
N SER N 67 -14.62 42.77 -32.43
CA SER N 67 -13.73 41.78 -33.07
C SER N 67 -12.37 42.31 -33.54
N SER N 68 -11.97 43.51 -33.15
CA SER N 68 -10.62 43.95 -33.47
C SER N 68 -9.66 43.12 -32.62
N HIS N 69 -8.65 42.53 -33.25
CA HIS N 69 -7.73 41.64 -32.56
C HIS N 69 -8.42 40.41 -31.97
N SER N 70 -9.54 40.03 -32.59
CA SER N 70 -10.27 38.85 -32.16
C SER N 70 -10.80 38.07 -33.35
N PRO N 71 -11.15 36.79 -33.13
CA PRO N 71 -11.80 36.03 -34.19
C PRO N 71 -13.08 36.76 -34.63
N ASP N 72 -13.38 36.66 -35.92
CA ASP N 72 -14.52 37.31 -36.52
C ASP N 72 -15.77 36.43 -36.47
N GLN N 73 -15.58 35.13 -36.30
CA GLN N 73 -16.68 34.15 -36.33
C GLN N 73 -16.41 32.98 -35.41
N VAL N 74 -17.47 32.42 -34.84
CA VAL N 74 -17.36 31.17 -34.11
C VAL N 74 -18.50 30.22 -34.43
N SER N 75 -18.27 28.94 -34.19
CA SER N 75 -19.31 27.94 -34.26
C SER N 75 -19.92 27.76 -32.85
N VAL N 76 -21.24 27.78 -32.78
CA VAL N 76 -21.95 27.80 -31.49
C VAL N 76 -23.05 26.74 -31.50
N PRO N 77 -23.14 25.93 -30.44
CA PRO N 77 -24.26 24.96 -30.36
C PRO N 77 -25.58 25.72 -30.37
N ILE N 78 -26.57 25.30 -31.15
CA ILE N 78 -27.82 26.06 -31.23
C ILE N 78 -28.56 26.07 -29.90
N SER N 79 -28.23 25.13 -29.03
CA SER N 79 -28.85 25.10 -27.70
C SER N 79 -28.50 26.36 -26.92
N SER N 80 -27.43 27.05 -27.33
CA SER N 80 -27.02 28.28 -26.68
C SER N 80 -27.53 29.55 -27.39
N LEU N 81 -28.34 29.40 -28.43
CA LEU N 81 -28.80 30.57 -29.20
C LEU N 81 -30.30 30.55 -29.34
N TRP N 82 -30.91 31.72 -29.52
CA TRP N 82 -32.27 31.73 -30.03
C TRP N 82 -32.24 31.29 -31.49
N VAL N 83 -33.19 30.43 -31.83
CA VAL N 83 -33.34 29.97 -33.20
C VAL N 83 -34.81 30.16 -33.61
N PRO N 84 -35.07 30.55 -34.88
CA PRO N 84 -36.44 30.73 -35.37
C PRO N 84 -37.21 29.43 -35.27
N ASP N 85 -38.49 29.49 -34.87
CA ASP N 85 -39.29 28.28 -34.70
C ASP N 85 -39.95 27.86 -36.03
N LEU N 86 -39.12 27.67 -37.06
CA LEU N 86 -39.62 27.29 -38.38
C LEU N 86 -40.15 25.87 -38.39
N ALA N 87 -41.21 25.66 -39.15
CA ALA N 87 -41.69 24.30 -39.42
C ALA N 87 -42.20 24.20 -40.83
N ALA N 88 -42.07 23.01 -41.40
CA ALA N 88 -42.67 22.73 -42.69
C ALA N 88 -44.10 22.27 -42.44
N TYR N 89 -45.07 23.06 -42.94
CA TYR N 89 -46.49 22.77 -42.74
C TYR N 89 -46.97 21.43 -43.29
N ASN N 90 -46.41 21.00 -44.42
CA ASN N 90 -46.86 19.75 -45.02
C ASN N 90 -45.93 18.57 -44.77
N ALA N 91 -45.05 18.70 -43.77
CA ALA N 91 -44.18 17.60 -43.33
C ALA N 91 -45.03 16.59 -42.58
N ILE N 92 -44.77 15.30 -42.80
CA ILE N 92 -45.54 14.27 -42.13
C ILE N 92 -44.66 13.43 -41.21
N SER N 93 -43.42 13.87 -41.05
CA SER N 93 -42.51 13.28 -40.08
C SER N 93 -41.75 14.44 -39.48
N LYS N 94 -41.26 14.31 -38.25
CA LYS N 94 -40.45 15.38 -37.72
C LYS N 94 -39.08 15.38 -38.40
N PRO N 95 -38.44 16.55 -38.47
CA PRO N 95 -37.15 16.65 -39.15
C PRO N 95 -36.12 15.69 -38.53
N GLU N 96 -35.49 14.86 -39.34
CA GLU N 96 -34.35 14.10 -38.88
C GLU N 96 -33.11 14.94 -39.20
N VAL N 97 -32.52 15.57 -38.18
CA VAL N 97 -31.35 16.40 -38.40
C VAL N 97 -30.12 15.50 -38.50
N LEU N 98 -29.43 15.55 -39.63
CA LEU N 98 -28.39 14.58 -39.95
C LEU N 98 -27.01 15.06 -39.47
N THR N 99 -26.87 16.36 -39.25
CA THR N 99 -25.55 16.97 -39.03
C THR N 99 -25.40 17.53 -37.61
N PRO N 100 -24.16 17.81 -37.20
CA PRO N 100 -23.93 18.44 -35.89
C PRO N 100 -24.68 19.78 -35.76
N GLN N 101 -25.36 19.97 -34.64
CA GLN N 101 -26.26 21.11 -34.49
C GLN N 101 -25.55 22.39 -34.01
N LEU N 102 -24.75 22.95 -34.91
CA LEU N 102 -23.96 24.14 -34.65
C LEU N 102 -24.35 25.23 -35.65
N ALA N 103 -24.45 26.45 -35.17
CA ALA N 103 -24.66 27.61 -36.02
C ALA N 103 -23.35 28.39 -36.06
N ARG N 104 -23.19 29.18 -37.11
CA ARG N 104 -22.02 30.04 -37.25
C ARG N 104 -22.45 31.45 -36.92
N VAL N 105 -21.73 32.08 -35.99
CA VAL N 105 -22.07 33.43 -35.53
C VAL N 105 -20.96 34.42 -35.88
N VAL N 106 -21.32 35.51 -36.57
CA VAL N 106 -20.37 36.54 -36.91
C VAL N 106 -20.35 37.61 -35.83
N SER N 107 -19.24 38.33 -35.70
CA SER N 107 -19.06 39.30 -34.61
C SER N 107 -20.10 40.43 -34.59
N ASP N 108 -20.75 40.69 -35.72
CA ASP N 108 -21.80 41.70 -35.79
C ASP N 108 -23.18 41.12 -35.40
N GLY N 109 -23.22 39.83 -35.08
CA GLY N 109 -24.46 39.18 -34.67
C GLY N 109 -25.22 38.44 -35.77
N GLU N 110 -24.70 38.45 -37.00
CA GLU N 110 -25.28 37.64 -38.07
C GLU N 110 -25.11 36.17 -37.75
N VAL N 111 -26.19 35.40 -37.90
CA VAL N 111 -26.17 33.97 -37.62
C VAL N 111 -26.54 33.17 -38.85
N LEU N 112 -25.81 32.07 -39.06
CA LEU N 112 -26.12 31.09 -40.09
C LEU N 112 -26.27 29.71 -39.46
N TYR N 113 -27.41 29.08 -39.71
CA TYR N 113 -27.63 27.71 -39.28
C TYR N 113 -28.07 26.92 -40.53
N MET N 114 -27.32 25.88 -40.86
CA MET N 114 -27.58 25.13 -42.06
C MET N 114 -27.46 23.62 -41.86
N PRO N 115 -28.44 23.02 -41.16
CA PRO N 115 -28.40 21.58 -40.96
C PRO N 115 -28.83 20.82 -42.21
N SER N 116 -28.31 19.61 -42.37
CA SER N 116 -28.87 18.72 -43.37
C SER N 116 -30.00 17.93 -42.74
N ILE N 117 -31.15 17.94 -43.39
CA ILE N 117 -32.36 17.38 -42.83
C ILE N 117 -32.97 16.36 -43.77
N ARG N 118 -33.40 15.23 -43.21
CA ARG N 118 -34.23 14.30 -43.97
C ARG N 118 -35.64 14.34 -43.41
N GLN N 119 -36.62 14.53 -44.28
CA GLN N 119 -37.98 14.69 -43.84
C GLN N 119 -38.96 14.17 -44.90
N ARG N 120 -40.09 13.67 -44.46
CA ARG N 120 -41.10 13.17 -45.37
C ARG N 120 -42.19 14.23 -45.51
N PHE N 121 -42.69 14.40 -46.74
CA PHE N 121 -43.69 15.42 -47.00
C PHE N 121 -44.91 14.85 -47.72
N SER N 122 -46.05 15.49 -47.48
CA SER N 122 -47.26 15.28 -48.25
C SER N 122 -47.33 16.36 -49.31
N CYS N 123 -47.33 15.96 -50.58
CA CYS N 123 -47.38 16.92 -51.67
C CYS N 123 -47.75 16.24 -52.99
N ASP N 124 -47.84 17.04 -54.05
CA ASP N 124 -48.26 16.55 -55.36
C ASP N 124 -47.16 15.78 -56.09
N VAL N 125 -47.25 14.45 -56.06
CA VAL N 125 -46.27 13.58 -56.69
C VAL N 125 -46.69 13.19 -58.13
N SER N 126 -47.88 13.58 -58.53
CA SER N 126 -48.39 13.18 -59.83
C SER N 126 -47.46 13.66 -60.96
N GLY N 127 -47.19 12.78 -61.91
CA GLY N 127 -46.42 13.17 -63.08
C GLY N 127 -44.94 13.01 -62.88
N VAL N 128 -44.55 12.46 -61.73
CA VAL N 128 -43.15 12.26 -61.43
C VAL N 128 -42.45 11.41 -62.51
N ASP N 129 -43.23 10.56 -63.19
CA ASP N 129 -42.70 9.64 -64.19
C ASP N 129 -42.98 10.13 -65.61
N THR N 130 -43.21 11.44 -65.76
CA THR N 130 -43.42 12.05 -67.07
C THR N 130 -42.30 13.06 -67.37
N GLU N 131 -42.28 13.56 -68.60
CA GLU N 131 -41.29 14.53 -69.04
C GLU N 131 -41.32 15.79 -68.19
N SER N 132 -42.52 16.24 -67.91
CA SER N 132 -42.67 17.50 -67.21
C SER N 132 -42.49 17.31 -65.69
N GLY N 133 -42.46 16.06 -65.24
CA GLY N 133 -42.24 15.73 -63.84
C GLY N 133 -43.32 16.17 -62.86
N ALA N 134 -43.07 15.91 -61.59
CA ALA N 134 -43.97 16.31 -60.53
C ALA N 134 -43.48 17.64 -59.96
N THR N 135 -44.38 18.38 -59.31
CA THR N 135 -44.02 19.60 -58.61
C THR N 135 -44.49 19.52 -57.17
N CYS N 136 -43.54 19.29 -56.26
CA CYS N 136 -43.83 19.17 -54.83
C CYS N 136 -43.59 20.52 -54.15
N ARG N 137 -44.60 21.00 -53.45
CA ARG N 137 -44.56 22.31 -52.82
C ARG N 137 -44.34 22.16 -51.31
N ILE N 138 -43.27 22.76 -50.80
CA ILE N 138 -42.94 22.67 -49.38
C ILE N 138 -43.12 24.04 -48.74
N LYS N 139 -43.94 24.09 -47.70
CA LYS N 139 -44.31 25.36 -47.08
C LYS N 139 -43.67 25.50 -45.69
N ILE N 140 -42.86 26.54 -45.52
CA ILE N 140 -42.05 26.72 -44.31
C ILE N 140 -42.26 28.12 -43.75
N GLY N 141 -42.56 28.20 -42.45
CA GLY N 141 -42.75 29.48 -41.78
C GLY N 141 -42.62 29.35 -40.28
N SER N 142 -42.63 30.49 -39.58
CA SER N 142 -42.62 30.46 -38.11
C SER N 142 -43.93 29.84 -37.61
N TRP N 143 -43.82 28.92 -36.67
CA TRP N 143 -45.01 28.24 -36.15
C TRP N 143 -45.85 29.18 -35.28
N THR N 144 -45.20 29.98 -34.45
CA THR N 144 -45.91 30.76 -33.45
C THR N 144 -45.68 32.28 -33.48
N HIS N 145 -44.79 32.76 -34.35
CA HIS N 145 -44.55 34.20 -34.46
C HIS N 145 -45.18 34.85 -35.70
N HIS N 146 -46.08 35.80 -35.50
CA HIS N 146 -46.71 36.49 -36.61
C HIS N 146 -45.75 37.48 -37.32
N SER N 147 -46.24 38.12 -38.38
CA SER N 147 -45.40 38.94 -39.25
C SER N 147 -44.70 40.13 -38.60
N ARG N 148 -45.20 40.60 -37.47
CA ARG N 148 -44.53 41.71 -36.77
C ARG N 148 -43.35 41.21 -35.91
N GLU N 149 -43.24 39.90 -35.74
CA GLU N 149 -42.18 39.33 -34.92
C GLU N 149 -41.14 38.58 -35.75
N ILE N 150 -41.62 37.83 -36.74
CA ILE N 150 -40.72 37.15 -37.66
C ILE N 150 -41.19 37.34 -39.10
N SER N 151 -40.28 37.78 -39.96
CA SER N 151 -40.56 37.77 -41.40
C SER N 151 -39.70 36.68 -42.01
N VAL N 152 -40.25 36.02 -43.01
CA VAL N 152 -39.52 34.97 -43.70
C VAL N 152 -39.42 35.33 -45.17
N ASP N 153 -38.21 35.22 -45.72
CA ASP N 153 -37.95 35.54 -47.12
C ASP N 153 -37.01 34.52 -47.73
N PRO N 154 -37.24 34.20 -49.01
CA PRO N 154 -36.30 33.33 -49.73
C PRO N 154 -34.97 34.06 -49.86
N THR N 155 -33.88 33.32 -49.95
CA THR N 155 -32.56 33.92 -50.03
C THR N 155 -32.31 34.61 -51.37
N GLU N 163 -26.91 21.99 -57.52
CA GLU N 163 -25.49 22.13 -57.25
C GLU N 163 -25.00 21.06 -56.29
N TYR N 164 -25.80 20.75 -55.28
CA TYR N 164 -25.42 19.75 -54.29
C TYR N 164 -26.23 18.45 -54.42
N PHE N 165 -27.06 18.39 -55.45
CA PHE N 165 -27.96 17.24 -55.59
C PHE N 165 -27.20 15.99 -56.01
N SER N 166 -27.49 14.87 -55.34
CA SER N 166 -26.76 13.63 -55.57
C SER N 166 -26.99 13.10 -57.00
N GLN N 167 -25.90 12.77 -57.67
CA GLN N 167 -25.97 12.20 -59.02
C GLN N 167 -26.43 10.73 -58.97
N TYR N 168 -26.56 10.18 -57.76
CA TYR N 168 -26.92 8.77 -57.61
C TYR N 168 -28.39 8.56 -57.25
N SER N 169 -29.10 9.67 -57.05
CA SER N 169 -30.55 9.62 -56.85
C SER N 169 -31.23 9.05 -58.09
N ARG N 170 -32.37 8.37 -57.90
CA ARG N 170 -33.16 7.88 -59.04
C ARG N 170 -33.87 9.04 -59.72
N PHE N 171 -33.80 10.21 -59.10
CA PHE N 171 -34.54 11.35 -59.59
C PHE N 171 -33.60 12.47 -59.99
N GLU N 172 -34.13 13.43 -60.73
CA GLU N 172 -33.36 14.61 -61.09
C GLU N 172 -34.23 15.85 -60.89
N ILE N 173 -33.58 16.97 -60.61
CA ILE N 173 -34.30 18.21 -60.39
C ILE N 173 -34.35 19.02 -61.68
N LEU N 174 -35.56 19.41 -62.07
CA LEU N 174 -35.75 20.20 -63.27
C LEU N 174 -35.73 21.68 -62.96
N ASP N 175 -36.27 22.05 -61.79
CA ASP N 175 -36.38 23.44 -61.44
C ASP N 175 -36.81 23.59 -59.99
N VAL N 176 -36.34 24.66 -59.35
CA VAL N 176 -36.78 25.03 -58.01
C VAL N 176 -37.19 26.49 -58.05
N THR N 177 -38.40 26.79 -57.60
CA THR N 177 -38.86 28.17 -57.48
C THR N 177 -39.35 28.46 -56.06
N GLN N 178 -39.36 29.74 -55.70
CA GLN N 178 -39.78 30.14 -54.37
C GLN N 178 -40.81 31.25 -54.41
N LYS N 179 -41.73 31.22 -53.47
CA LYS N 179 -42.77 32.23 -53.37
C LYS N 179 -42.98 32.57 -51.90
N LYS N 180 -43.03 33.87 -51.58
CA LYS N 180 -43.29 34.29 -50.21
C LYS N 180 -44.79 34.52 -50.02
N ASN N 181 -45.33 34.06 -48.90
CA ASN N 181 -46.74 34.28 -48.59
C ASN N 181 -46.96 34.86 -47.21
N SER N 182 -48.11 35.51 -47.05
CA SER N 182 -48.53 36.02 -45.77
C SER N 182 -49.97 35.55 -45.55
N VAL N 183 -50.17 34.70 -44.55
CA VAL N 183 -51.44 34.00 -44.42
C VAL N 183 -52.13 34.30 -43.10
N THR N 184 -53.43 34.53 -43.19
CA THR N 184 -54.21 34.68 -41.97
C THR N 184 -54.96 33.41 -41.65
N TYR N 185 -54.66 32.82 -40.51
CA TYR N 185 -55.33 31.61 -40.08
C TYR N 185 -56.53 31.97 -39.20
N SER N 186 -57.58 31.16 -39.27
CA SER N 186 -58.83 31.52 -38.60
C SER N 186 -58.68 31.51 -37.08
N CYS N 187 -57.56 30.97 -36.60
CA CYS N 187 -57.28 30.88 -35.18
CA CYS N 187 -57.29 30.88 -35.18
C CYS N 187 -56.79 32.20 -34.59
N CYS N 188 -56.13 33.01 -35.41
CA CYS N 188 -55.41 34.17 -34.92
CA CYS N 188 -55.42 34.19 -34.92
C CYS N 188 -55.64 35.38 -35.83
N PRO N 189 -55.69 36.57 -35.24
CA PRO N 189 -55.96 37.79 -36.00
C PRO N 189 -54.79 38.27 -36.86
N GLU N 190 -53.56 37.88 -36.52
CA GLU N 190 -52.40 38.39 -37.24
C GLU N 190 -52.02 37.53 -38.45
N ALA N 191 -51.17 38.08 -39.31
CA ALA N 191 -50.67 37.35 -40.47
C ALA N 191 -49.37 36.63 -40.14
N TYR N 192 -49.18 35.44 -40.70
CA TYR N 192 -47.96 34.66 -40.53
C TYR N 192 -47.30 34.44 -41.87
N GLU N 193 -46.00 34.73 -41.97
CA GLU N 193 -45.31 34.60 -43.24
C GLU N 193 -44.79 33.18 -43.48
N ASP N 194 -44.74 32.77 -44.73
CA ASP N 194 -44.10 31.52 -45.09
C ASP N 194 -43.37 31.66 -46.41
N VAL N 195 -42.45 30.74 -46.66
CA VAL N 195 -41.88 30.59 -47.97
C VAL N 195 -42.35 29.26 -48.56
N GLU N 196 -42.82 29.27 -49.79
CA GLU N 196 -43.19 28.04 -50.49
C GLU N 196 -42.14 27.68 -51.53
N VAL N 197 -41.53 26.53 -51.35
CA VAL N 197 -40.48 26.08 -52.25
C VAL N 197 -41.06 25.01 -53.13
N SER N 198 -41.13 25.29 -54.43
CA SER N 198 -41.69 24.35 -55.40
C SER N 198 -40.57 23.58 -56.07
N LEU N 199 -40.50 22.29 -55.78
CA LEU N 199 -39.48 21.41 -56.32
C LEU N 199 -40.04 20.62 -57.50
N ASN N 200 -39.57 20.94 -58.70
CA ASN N 200 -40.00 20.25 -59.93
C ASN N 200 -38.98 19.15 -60.24
N PHE N 201 -39.41 17.90 -60.20
CA PHE N 201 -38.48 16.79 -60.33
C PHE N 201 -39.16 15.63 -61.03
N ARG N 202 -38.37 14.69 -61.54
CA ARG N 202 -38.90 13.53 -62.24
C ARG N 202 -37.98 12.34 -62.10
N LYS N 203 -38.50 11.16 -62.42
CA LYS N 203 -37.70 9.93 -62.33
C LYS N 203 -36.79 9.89 -63.54
N LYS N 204 -35.53 9.52 -63.33
CA LYS N 204 -34.59 9.40 -64.44
C LYS N 204 -34.83 8.13 -65.24
N GLY N 205 -34.25 8.06 -66.43
CA GLY N 205 -34.33 6.85 -67.24
C GLY N 205 -34.00 5.59 -66.46
N LEU O 1 -41.43 46.55 -18.95
CA LEU O 1 -41.02 45.19 -19.24
C LEU O 1 -40.79 45.01 -20.73
N ASP O 2 -39.68 44.34 -21.09
CA ASP O 2 -39.51 43.84 -22.44
C ASP O 2 -39.67 42.32 -22.46
N ARG O 3 -39.58 41.72 -23.65
CA ARG O 3 -39.74 40.27 -23.78
C ARG O 3 -38.75 39.50 -22.90
N ALA O 4 -37.52 39.99 -22.83
CA ALA O 4 -36.50 39.32 -22.05
C ALA O 4 -36.90 39.25 -20.58
N ASP O 5 -37.41 40.36 -20.06
CA ASP O 5 -37.86 40.41 -18.66
C ASP O 5 -39.02 39.44 -18.42
N ILE O 6 -39.99 39.49 -19.32
CA ILE O 6 -41.16 38.64 -19.19
C ILE O 6 -40.76 37.16 -19.17
N LEU O 7 -39.95 36.76 -20.15
CA LEU O 7 -39.51 35.38 -20.25
C LEU O 7 -38.63 34.97 -19.08
N TYR O 8 -37.82 35.91 -18.58
CA TYR O 8 -36.99 35.64 -17.43
C TYR O 8 -37.86 35.38 -16.21
N ASN O 9 -38.85 36.23 -15.99
CA ASN O 9 -39.75 36.10 -14.84
C ASN O 9 -40.56 34.79 -14.88
N ILE O 10 -41.07 34.46 -16.05
CA ILE O 10 -41.80 33.22 -16.24
C ILE O 10 -40.90 32.00 -15.95
N ARG O 11 -39.69 32.00 -16.53
CA ARG O 11 -38.76 30.91 -16.28
C ARG O 11 -38.41 30.77 -14.80
N GLN O 12 -38.18 31.88 -14.11
CA GLN O 12 -37.75 31.86 -12.72
C GLN O 12 -38.83 31.47 -11.74
N THR O 13 -40.09 31.66 -12.10
CA THR O 13 -41.17 31.42 -11.16
C THR O 13 -42.31 30.51 -11.66
N SER O 14 -42.07 29.65 -12.62
CA SER O 14 -43.21 29.07 -13.33
C SER O 14 -44.00 27.94 -12.65
N ARG O 15 -43.30 26.97 -12.06
CA ARG O 15 -44.00 25.82 -11.45
C ARG O 15 -44.79 25.02 -12.49
N PRO O 16 -44.08 24.40 -13.43
CA PRO O 16 -44.65 23.59 -14.51
C PRO O 16 -45.41 22.39 -13.96
N ASP O 17 -45.16 22.04 -12.71
CA ASP O 17 -45.73 20.85 -12.09
C ASP O 17 -46.99 21.19 -11.30
N VAL O 18 -47.32 22.48 -11.21
CA VAL O 18 -48.46 22.91 -10.42
C VAL O 18 -49.63 23.36 -11.27
N ILE O 19 -50.75 22.65 -11.15
CA ILE O 19 -51.95 22.99 -11.91
C ILE O 19 -52.47 24.34 -11.41
N PRO O 20 -52.70 25.30 -12.34
CA PRO O 20 -53.05 26.68 -11.97
C PRO O 20 -54.53 26.81 -11.60
N THR O 21 -54.95 25.97 -10.69
CA THR O 21 -56.32 25.97 -10.23
C THR O 21 -56.55 27.25 -9.42
N GLN O 22 -57.67 27.91 -9.65
CA GLN O 22 -57.97 29.10 -8.85
C GLN O 22 -59.26 28.98 -8.06
N ARG O 23 -59.11 29.05 -6.73
CA ARG O 23 -60.24 29.05 -5.81
C ARG O 23 -61.11 27.79 -5.95
N ASP O 24 -60.47 26.63 -5.85
CA ASP O 24 -61.16 25.34 -5.83
C ASP O 24 -62.13 25.18 -7.00
N ARG O 25 -61.71 25.67 -8.16
CA ARG O 25 -62.49 25.60 -9.37
C ARG O 25 -61.58 24.98 -10.45
N PRO O 26 -62.13 24.11 -11.29
CA PRO O 26 -61.24 23.41 -12.23
C PRO O 26 -60.61 24.36 -13.24
N VAL O 27 -59.43 24.01 -13.73
CA VAL O 27 -58.84 24.71 -14.85
C VAL O 27 -59.66 24.37 -16.10
N ALA O 28 -60.23 25.38 -16.76
CA ALA O 28 -61.05 25.12 -17.94
C ALA O 28 -60.16 24.99 -19.18
N VAL O 29 -60.03 23.78 -19.71
CA VAL O 29 -59.22 23.54 -20.88
C VAL O 29 -60.11 23.37 -22.11
N SER O 30 -59.82 24.12 -23.16
CA SER O 30 -60.47 23.92 -24.46
C SER O 30 -59.59 23.09 -25.37
N VAL O 31 -60.20 22.15 -26.09
CA VAL O 31 -59.48 21.31 -27.05
C VAL O 31 -60.21 21.26 -28.37
N SER O 32 -59.46 21.40 -29.45
CA SER O 32 -60.00 21.35 -30.79
C SER O 32 -58.95 20.77 -31.72
N LEU O 33 -59.34 19.79 -32.54
CA LEU O 33 -58.42 19.17 -33.47
C LEU O 33 -58.63 19.74 -34.88
N LYS O 34 -57.59 20.33 -35.44
CA LYS O 34 -57.64 20.78 -36.84
C LYS O 34 -56.94 19.74 -37.71
N PHE O 35 -57.71 18.99 -38.47
CA PHE O 35 -57.15 17.89 -39.24
C PHE O 35 -56.38 18.38 -40.46
N ILE O 36 -55.17 17.88 -40.60
CA ILE O 36 -54.28 18.29 -41.68
C ILE O 36 -54.16 17.19 -42.74
N ASN O 37 -54.10 15.94 -42.28
CA ASN O 37 -53.90 14.83 -43.21
C ASN O 37 -54.33 13.49 -42.62
N ILE O 38 -54.71 12.58 -43.49
CA ILE O 38 -55.04 11.22 -43.12
C ILE O 38 -54.18 10.32 -43.98
N LEU O 39 -53.33 9.53 -43.34
CA LEU O 39 -52.37 8.68 -44.03
C LEU O 39 -52.60 7.24 -43.53
N GLU O 40 -52.08 6.26 -44.24
CA GLU O 40 -52.00 4.91 -43.70
C GLU O 40 -53.29 4.38 -43.05
N VAL O 41 -54.38 4.35 -43.79
CA VAL O 41 -55.65 3.77 -43.28
C VAL O 41 -55.67 2.25 -43.47
N ASN O 42 -56.21 1.52 -42.50
CA ASN O 42 -56.28 0.07 -42.60
C ASN O 42 -57.61 -0.47 -42.11
N GLU O 43 -58.49 -0.82 -43.06
CA GLU O 43 -59.83 -1.27 -42.71
C GLU O 43 -59.85 -2.66 -42.09
N ILE O 44 -58.84 -3.48 -42.41
CA ILE O 44 -58.73 -4.79 -41.78
C ILE O 44 -58.44 -4.68 -40.27
N THR O 45 -57.47 -3.84 -39.91
CA THR O 45 -57.05 -3.73 -38.52
C THR O 45 -57.74 -2.61 -37.73
N ASN O 46 -58.59 -1.84 -38.41
CA ASN O 46 -59.21 -0.67 -37.79
C ASN O 46 -58.18 0.26 -37.15
N GLU O 47 -57.16 0.62 -37.92
CA GLU O 47 -56.16 1.59 -37.46
C GLU O 47 -56.00 2.68 -38.49
N VAL O 48 -55.64 3.87 -38.04
CA VAL O 48 -55.48 4.98 -38.95
C VAL O 48 -54.40 5.92 -38.41
N ASP O 49 -53.66 6.54 -39.31
CA ASP O 49 -52.66 7.56 -38.99
C ASP O 49 -53.22 8.92 -39.34
N VAL O 50 -53.18 9.83 -38.40
CA VAL O 50 -53.72 11.16 -38.63
C VAL O 50 -52.71 12.25 -38.26
N VAL O 51 -52.72 13.34 -39.02
CA VAL O 51 -51.96 14.53 -38.66
C VAL O 51 -52.96 15.62 -38.35
N PHE O 52 -52.80 16.28 -37.20
CA PHE O 52 -53.74 17.30 -36.77
C PHE O 52 -53.06 18.30 -35.87
N TRP O 53 -53.56 19.53 -35.89
CA TRP O 53 -53.12 20.52 -34.92
C TRP O 53 -53.99 20.30 -33.71
N GLN O 54 -53.37 20.12 -32.54
CA GLN O 54 -54.12 19.96 -31.31
C GLN O 54 -54.24 21.30 -30.60
N GLN O 55 -55.24 22.08 -30.97
CA GLN O 55 -55.40 23.41 -30.40
C GLN O 55 -55.88 23.33 -28.96
N THR O 56 -55.07 23.84 -28.03
CA THR O 56 -55.31 23.71 -26.60
C THR O 56 -55.19 25.07 -25.91
N THR O 57 -56.24 25.49 -25.22
CA THR O 57 -56.22 26.76 -24.51
C THR O 57 -56.61 26.60 -23.06
N TRP O 58 -56.01 27.42 -22.21
CA TRP O 58 -56.39 27.48 -20.81
C TRP O 58 -55.81 28.74 -20.22
N SER O 59 -56.15 29.00 -18.97
CA SER O 59 -55.73 30.21 -18.32
C SER O 59 -54.80 29.85 -17.15
N ASP O 60 -53.71 30.59 -17.03
CA ASP O 60 -52.80 30.46 -15.88
C ASP O 60 -52.40 31.84 -15.37
N ARG O 61 -53.03 32.28 -14.28
CA ARG O 61 -52.86 33.65 -13.80
C ARG O 61 -51.47 33.93 -13.24
N THR O 62 -50.76 32.87 -12.83
CA THR O 62 -49.40 33.04 -12.34
C THR O 62 -48.44 33.53 -13.41
N LEU O 63 -48.87 33.46 -14.66
CA LEU O 63 -48.03 33.91 -15.76
C LEU O 63 -48.27 35.38 -16.12
N ALA O 64 -49.33 35.95 -15.54
CA ALA O 64 -49.78 37.29 -15.92
C ALA O 64 -48.75 38.38 -15.63
N TRP O 65 -48.76 39.43 -16.45
CA TRP O 65 -47.94 40.62 -16.18
C TRP O 65 -48.66 41.90 -16.59
N ASN O 66 -48.22 43.04 -16.05
CA ASN O 66 -48.77 44.33 -16.44
C ASN O 66 -48.26 44.71 -17.84
N SER O 67 -49.15 44.76 -18.82
CA SER O 67 -48.72 44.95 -20.19
C SER O 67 -48.84 46.39 -20.70
N SER O 68 -48.95 47.35 -19.79
CA SER O 68 -48.85 48.76 -20.20
C SER O 68 -47.38 49.06 -20.50
N HIS O 69 -47.12 49.60 -21.68
CA HIS O 69 -45.74 49.84 -22.12
C HIS O 69 -44.96 48.54 -22.24
N SER O 70 -45.67 47.45 -22.52
CA SER O 70 -45.01 46.15 -22.65
C SER O 70 -45.64 45.28 -23.72
N PRO O 71 -44.88 44.30 -24.22
CA PRO O 71 -45.49 43.33 -25.16
C PRO O 71 -46.70 42.66 -24.53
N ASP O 72 -47.71 42.39 -25.34
CA ASP O 72 -48.96 41.80 -24.89
C ASP O 72 -48.93 40.27 -24.88
N GLN O 73 -47.99 39.69 -25.62
CA GLN O 73 -47.87 38.25 -25.77
C GLN O 73 -46.44 37.82 -26.00
N VAL O 74 -46.11 36.60 -25.57
CA VAL O 74 -44.80 36.03 -25.84
C VAL O 74 -44.91 34.55 -26.17
N SER O 75 -43.91 34.04 -26.87
CA SER O 75 -43.83 32.60 -27.11
C SER O 75 -42.93 32.01 -26.05
N VAL O 76 -43.40 30.94 -25.43
CA VAL O 76 -42.74 30.32 -24.27
C VAL O 76 -42.58 28.81 -24.47
N PRO O 77 -41.37 28.28 -24.26
CA PRO O 77 -41.18 26.82 -24.34
C PRO O 77 -42.11 26.15 -23.32
N ILE O 78 -42.83 25.10 -23.73
CA ILE O 78 -43.79 24.46 -22.81
C ILE O 78 -43.08 23.81 -21.63
N SER O 79 -41.78 23.59 -21.73
CA SER O 79 -41.03 23.06 -20.61
C SER O 79 -41.04 24.05 -19.43
N SER O 80 -41.32 25.32 -19.72
CA SER O 80 -41.38 26.33 -18.66
C SER O 80 -42.79 26.61 -18.15
N LEU O 81 -43.77 25.87 -18.63
CA LEU O 81 -45.17 26.12 -18.25
C LEU O 81 -45.83 24.86 -17.76
N TRP O 82 -46.85 25.00 -16.92
CA TRP O 82 -47.75 23.87 -16.69
C TRP O 82 -48.57 23.66 -17.96
N VAL O 83 -48.72 22.40 -18.35
CA VAL O 83 -49.51 22.04 -19.50
C VAL O 83 -50.46 20.92 -19.07
N PRO O 84 -51.71 20.94 -19.57
CA PRO O 84 -52.69 19.91 -19.24
C PRO O 84 -52.18 18.52 -19.66
N ASP O 85 -52.39 17.50 -18.83
CA ASP O 85 -51.92 16.16 -19.13
C ASP O 85 -52.89 15.39 -20.03
N LEU O 86 -53.24 15.98 -21.18
CA LEU O 86 -54.18 15.38 -22.10
C LEU O 86 -53.60 14.15 -22.77
N ALA O 87 -54.45 13.15 -23.01
CA ALA O 87 -54.05 11.99 -23.79
C ALA O 87 -55.23 11.53 -24.61
N ALA O 88 -54.94 10.98 -25.79
CA ALA O 88 -55.95 10.34 -26.59
C ALA O 88 -56.08 8.88 -26.14
N TYR O 89 -57.25 8.52 -25.59
CA TYR O 89 -57.49 7.17 -25.04
C TYR O 89 -57.30 6.04 -26.04
N ASN O 90 -57.66 6.28 -27.29
CA ASN O 90 -57.59 5.23 -28.30
C ASN O 90 -56.39 5.34 -29.25
N ALA O 91 -55.39 6.14 -28.86
CA ALA O 91 -54.13 6.24 -29.59
C ALA O 91 -53.33 4.99 -29.34
N ILE O 92 -52.64 4.50 -30.36
CA ILE O 92 -51.87 3.27 -30.22
C ILE O 92 -50.42 3.51 -30.51
N SER O 93 -50.06 4.78 -30.65
CA SER O 93 -48.67 5.21 -30.70
C SER O 93 -48.61 6.49 -29.88
N LYS O 94 -47.44 6.83 -29.36
CA LYS O 94 -47.35 8.09 -28.66
C LYS O 94 -47.35 9.22 -29.68
N PRO O 95 -47.78 10.41 -29.26
CA PRO O 95 -47.87 11.53 -30.20
C PRO O 95 -46.49 11.83 -30.79
N GLU O 96 -46.40 11.93 -32.10
CA GLU O 96 -45.19 12.46 -32.72
C GLU O 96 -45.43 13.96 -32.91
N VAL O 97 -44.81 14.78 -32.07
CA VAL O 97 -44.99 16.22 -32.17
C VAL O 97 -44.10 16.76 -33.28
N LEU O 98 -44.73 17.32 -34.32
CA LEU O 98 -44.03 17.71 -35.53
C LEU O 98 -43.41 19.11 -35.47
N THR O 99 -43.91 19.94 -34.57
CA THR O 99 -43.59 21.36 -34.59
C THR O 99 -42.82 21.82 -33.33
N PRO O 100 -42.19 23.00 -33.40
CA PRO O 100 -41.49 23.51 -32.21
C PRO O 100 -42.42 23.60 -31.01
N GLN O 101 -41.97 23.14 -29.85
CA GLN O 101 -42.84 23.04 -28.68
C GLN O 101 -42.94 24.34 -27.87
N LEU O 102 -43.60 25.33 -28.48
CA LEU O 102 -43.77 26.64 -27.87
C LEU O 102 -45.26 26.92 -27.72
N ALA O 103 -45.60 27.55 -26.60
CA ALA O 103 -46.97 28.00 -26.37
C ALA O 103 -46.96 29.50 -26.46
N ARG O 104 -48.11 30.08 -26.74
CA ARG O 104 -48.25 31.52 -26.78
C ARG O 104 -48.96 31.96 -25.49
N VAL O 105 -48.35 32.89 -24.77
CA VAL O 105 -48.88 33.37 -23.50
C VAL O 105 -49.27 34.86 -23.58
N VAL O 106 -50.52 35.15 -23.23
CA VAL O 106 -51.01 36.54 -23.22
C VAL O 106 -50.82 37.13 -21.83
N SER O 107 -50.68 38.46 -21.76
CA SER O 107 -50.38 39.15 -20.49
C SER O 107 -51.40 38.91 -19.36
N ASP O 108 -52.62 38.53 -19.72
CA ASP O 108 -53.63 38.18 -18.71
C ASP O 108 -53.55 36.72 -18.25
N GLY O 109 -52.63 35.95 -18.81
CA GLY O 109 -52.45 34.56 -18.39
C GLY O 109 -53.10 33.52 -19.28
N GLU O 110 -53.77 33.97 -20.34
CA GLU O 110 -54.35 33.04 -21.30
C GLU O 110 -53.23 32.36 -22.08
N VAL O 111 -53.32 31.03 -22.20
CA VAL O 111 -52.31 30.27 -22.91
C VAL O 111 -52.89 29.53 -24.11
N LEU O 112 -52.16 29.55 -25.22
CA LEU O 112 -52.48 28.73 -26.38
C LEU O 112 -51.29 27.84 -26.71
N TYR O 113 -51.53 26.54 -26.78
CA TYR O 113 -50.55 25.59 -27.28
C TYR O 113 -51.20 24.81 -28.42
N MET O 114 -50.57 24.80 -29.58
CA MET O 114 -51.18 24.17 -30.76
C MET O 114 -50.11 23.47 -31.62
N PRO O 115 -49.59 22.34 -31.12
CA PRO O 115 -48.63 21.56 -31.91
C PRO O 115 -49.32 20.82 -33.04
N SER O 116 -48.59 20.58 -34.12
CA SER O 116 -49.03 19.62 -35.11
C SER O 116 -48.55 18.26 -34.67
N ILE O 117 -49.47 17.29 -34.68
CA ILE O 117 -49.20 15.97 -34.17
C ILE O 117 -49.56 14.89 -35.19
N ARG O 118 -48.67 13.91 -35.33
CA ARG O 118 -49.01 12.70 -36.06
C ARG O 118 -49.18 11.55 -35.08
N GLN O 119 -50.29 10.85 -35.18
CA GLN O 119 -50.57 9.79 -34.21
C GLN O 119 -51.42 8.70 -34.83
N ARG O 120 -51.24 7.46 -34.37
CA ARG O 120 -52.01 6.35 -34.91
C ARG O 120 -53.12 6.03 -33.91
N PHE O 121 -54.29 5.70 -34.42
CA PHE O 121 -55.46 5.43 -33.59
C PHE O 121 -56.13 4.11 -33.92
N SER O 122 -56.71 3.49 -32.91
CA SER O 122 -57.61 2.38 -33.08
C SER O 122 -59.02 2.95 -33.10
N CYS O 123 -59.73 2.76 -34.20
CA CYS O 123 -61.10 3.26 -34.33
C CYS O 123 -61.83 2.60 -35.50
N ASP O 124 -63.10 2.96 -35.68
CA ASP O 124 -63.95 2.32 -36.68
C ASP O 124 -63.62 2.81 -38.10
N VAL O 125 -62.88 1.99 -38.84
CA VAL O 125 -62.51 2.34 -40.20
C VAL O 125 -63.49 1.76 -41.25
N SER O 126 -64.47 0.97 -40.82
CA SER O 126 -65.40 0.34 -41.75
C SER O 126 -66.16 1.39 -42.57
N GLY O 127 -66.32 1.13 -43.86
CA GLY O 127 -67.07 2.01 -44.71
C GLY O 127 -66.25 3.15 -45.29
N VAL O 128 -64.95 3.16 -45.01
CA VAL O 128 -64.08 4.24 -45.49
C VAL O 128 -64.10 4.34 -47.00
N ASP O 129 -64.30 3.20 -47.65
CA ASP O 129 -64.28 3.13 -49.10
C ASP O 129 -65.69 3.21 -49.70
N THR O 130 -66.64 3.75 -48.96
CA THR O 130 -68.00 3.91 -49.47
C THR O 130 -68.36 5.38 -49.52
N GLU O 131 -69.49 5.69 -50.14
CA GLU O 131 -70.00 7.07 -50.22
C GLU O 131 -70.14 7.75 -48.87
N SER O 132 -70.65 7.04 -47.88
CA SER O 132 -70.92 7.66 -46.57
C SER O 132 -69.65 7.68 -45.68
N GLY O 133 -68.62 6.97 -46.12
CA GLY O 133 -67.33 6.99 -45.45
C GLY O 133 -67.29 6.31 -44.11
N ALA O 134 -66.11 6.36 -43.50
CA ALA O 134 -65.91 5.85 -42.15
C ALA O 134 -66.04 6.99 -41.14
N THR O 135 -66.34 6.63 -39.89
CA THR O 135 -66.37 7.61 -38.81
C THR O 135 -65.44 7.15 -37.69
N CYS O 136 -64.28 7.81 -37.60
CA CYS O 136 -63.29 7.51 -36.57
C CYS O 136 -63.44 8.46 -35.39
N ARG O 137 -63.64 7.90 -34.21
CA ARG O 137 -63.86 8.67 -33.00
C ARG O 137 -62.59 8.73 -32.17
N ILE O 138 -62.15 9.96 -31.86
CA ILE O 138 -60.92 10.16 -31.10
C ILE O 138 -61.28 10.76 -29.74
N LYS O 139 -60.88 10.08 -28.67
CA LYS O 139 -61.25 10.48 -27.32
C LYS O 139 -60.07 11.08 -26.57
N ILE O 140 -60.19 12.35 -26.19
CA ILE O 140 -59.12 13.08 -25.52
C ILE O 140 -59.56 13.70 -24.20
N GLY O 141 -58.80 13.43 -23.14
CA GLY O 141 -59.06 14.03 -21.84
C GLY O 141 -57.86 14.02 -20.90
N SER O 142 -58.01 14.63 -19.74
CA SER O 142 -56.94 14.60 -18.75
C SER O 142 -56.71 13.16 -18.30
N TRP O 143 -55.46 12.74 -18.27
CA TRP O 143 -55.15 11.38 -17.83
C TRP O 143 -55.39 11.20 -16.33
N THR O 144 -54.96 12.18 -15.52
CA THR O 144 -54.95 12.01 -14.08
C THR O 144 -55.73 13.03 -13.26
N HIS O 145 -56.30 14.04 -13.92
CA HIS O 145 -57.07 15.07 -13.22
C HIS O 145 -58.58 14.93 -13.43
N HIS O 146 -59.32 14.70 -12.36
CA HIS O 146 -60.77 14.58 -12.43
C HIS O 146 -61.47 15.93 -12.69
N SER O 147 -62.79 15.89 -12.83
CA SER O 147 -63.57 17.05 -13.27
C SER O 147 -63.52 18.28 -12.37
N ARG O 148 -63.14 18.08 -11.11
CA ARG O 148 -63.02 19.23 -10.21
C ARG O 148 -61.67 19.94 -10.38
N GLU O 149 -60.76 19.33 -11.13
CA GLU O 149 -59.44 19.90 -11.34
C GLU O 149 -59.25 20.37 -12.78
N ILE O 150 -59.70 19.56 -13.73
CA ILE O 150 -59.67 19.93 -15.14
C ILE O 150 -61.01 19.65 -15.81
N SER O 151 -61.55 20.66 -16.48
CA SER O 151 -62.68 20.41 -17.36
C SER O 151 -62.19 20.53 -18.79
N VAL O 152 -62.77 19.73 -19.66
CA VAL O 152 -62.42 19.76 -21.07
C VAL O 152 -63.65 20.05 -21.89
N ASP O 153 -63.54 21.01 -22.80
CA ASP O 153 -64.66 21.39 -23.65
C ASP O 153 -64.19 21.61 -25.08
N PRO O 154 -65.04 21.27 -26.05
CA PRO O 154 -64.73 21.58 -27.46
C PRO O 154 -64.77 23.09 -27.65
N THR O 155 -64.04 23.60 -28.62
CA THR O 155 -63.92 25.04 -28.80
C THR O 155 -65.20 25.63 -29.38
N ASP O 160 -64.81 25.61 -40.49
CA ASP O 160 -64.58 24.86 -41.73
C ASP O 160 -63.68 23.63 -41.48
N ASP O 161 -64.22 22.43 -41.70
CA ASP O 161 -63.52 21.18 -41.37
C ASP O 161 -62.21 20.98 -42.16
N SER O 162 -62.27 21.17 -43.46
CA SER O 162 -61.13 20.86 -44.32
C SER O 162 -60.28 22.09 -44.52
N GLU O 163 -60.49 23.11 -43.69
CA GLU O 163 -59.82 24.38 -43.92
C GLU O 163 -58.32 24.18 -44.10
N TYR O 164 -57.73 23.34 -43.26
CA TYR O 164 -56.29 23.10 -43.35
C TYR O 164 -55.95 21.70 -43.88
N PHE O 165 -56.96 20.95 -44.31
CA PHE O 165 -56.75 19.56 -44.72
C PHE O 165 -56.08 19.49 -46.09
N SER O 166 -55.06 18.65 -46.19
CA SER O 166 -54.28 18.52 -47.41
C SER O 166 -55.11 18.05 -48.59
N GLN O 167 -55.00 18.76 -49.71
CA GLN O 167 -55.68 18.38 -50.93
C GLN O 167 -55.00 17.19 -51.59
N TYR O 168 -53.83 16.81 -51.09
CA TYR O 168 -53.06 15.71 -51.66
C TYR O 168 -53.23 14.38 -50.93
N SER O 169 -54.01 14.38 -49.85
CA SER O 169 -54.35 13.15 -49.15
C SER O 169 -55.18 12.26 -50.06
N ARG O 170 -55.14 10.94 -49.84
CA ARG O 170 -55.98 10.02 -50.61
C ARG O 170 -57.40 10.06 -50.08
N PHE O 171 -57.59 10.74 -48.97
CA PHE O 171 -58.89 10.78 -48.33
C PHE O 171 -59.43 12.19 -48.29
N GLU O 172 -60.72 12.31 -47.98
CA GLU O 172 -61.36 13.61 -47.85
C GLU O 172 -62.26 13.59 -46.63
N ILE O 173 -62.45 14.76 -46.05
CA ILE O 173 -63.25 14.87 -44.84
C ILE O 173 -64.68 15.25 -45.18
N LEU O 174 -65.63 14.45 -44.71
CA LEU O 174 -67.03 14.71 -44.96
C LEU O 174 -67.64 15.56 -43.86
N ASP O 175 -67.20 15.32 -42.62
CA ASP O 175 -67.75 16.01 -41.47
C ASP O 175 -66.93 15.73 -40.22
N VAL O 176 -66.92 16.70 -39.31
CA VAL O 176 -66.29 16.55 -38.01
C VAL O 176 -67.29 17.02 -36.96
N THR O 177 -67.60 16.18 -35.99
CA THR O 177 -68.47 16.58 -34.89
C THR O 177 -67.79 16.32 -33.56
N GLN O 178 -68.26 16.99 -32.52
CA GLN O 178 -67.66 16.90 -31.20
C GLN O 178 -68.71 16.67 -30.14
N LYS O 179 -68.33 15.91 -29.12
CA LYS O 179 -69.22 15.62 -28.01
C LYS O 179 -68.39 15.65 -26.73
N LYS O 180 -68.91 16.31 -25.71
CA LYS O 180 -68.25 16.33 -24.41
C LYS O 180 -68.80 15.21 -23.54
N ASN O 181 -67.92 14.51 -22.84
CA ASN O 181 -68.34 13.46 -21.91
C ASN O 181 -67.75 13.58 -20.52
N SER O 182 -68.44 12.97 -19.56
CA SER O 182 -67.96 12.94 -18.19
C SER O 182 -68.07 11.50 -17.74
N VAL O 183 -66.93 10.86 -17.48
CA VAL O 183 -66.94 9.42 -17.29
C VAL O 183 -66.35 9.01 -15.95
N THR O 184 -67.03 8.09 -15.28
CA THR O 184 -66.48 7.46 -14.09
C THR O 184 -65.94 6.08 -14.42
N TYR O 185 -64.64 5.88 -14.18
CA TYR O 185 -64.01 4.59 -14.43
C TYR O 185 -64.02 3.77 -13.14
N SER O 186 -64.15 2.45 -13.29
CA SER O 186 -64.32 1.60 -12.10
C SER O 186 -63.08 1.65 -11.21
N CYS O 187 -62.01 2.28 -11.70
CA CYS O 187 -60.76 2.39 -10.96
CA CYS O 187 -60.77 2.36 -10.95
C CYS O 187 -60.81 3.44 -9.87
N CYS O 188 -61.61 4.49 -10.08
CA CYS O 188 -61.52 5.68 -9.24
C CYS O 188 -62.91 6.25 -9.02
N PRO O 189 -63.12 6.91 -7.88
CA PRO O 189 -64.47 7.38 -7.54
C PRO O 189 -64.91 8.62 -8.32
N GLU O 190 -63.97 9.43 -8.81
CA GLU O 190 -64.34 10.72 -9.41
C GLU O 190 -64.61 10.61 -10.91
N ALA O 191 -65.23 11.65 -11.48
CA ALA O 191 -65.49 11.67 -12.92
C ALA O 191 -64.35 12.35 -13.67
N TYR O 192 -64.04 11.85 -14.86
CA TYR O 192 -63.01 12.42 -15.72
C TYR O 192 -63.62 12.87 -17.03
N GLU O 193 -63.36 14.10 -17.41
CA GLU O 193 -63.95 14.64 -18.64
C GLU O 193 -63.13 14.31 -19.87
N ASP O 194 -63.82 14.14 -20.99
CA ASP O 194 -63.14 13.98 -22.26
C ASP O 194 -63.92 14.66 -23.37
N VAL O 195 -63.25 14.90 -24.48
CA VAL O 195 -63.91 15.34 -25.69
C VAL O 195 -63.74 14.23 -26.71
N GLU O 196 -64.84 13.84 -27.35
CA GLU O 196 -64.80 12.88 -28.43
C GLU O 196 -64.97 13.60 -29.76
N VAL O 197 -63.95 13.48 -30.60
CA VAL O 197 -64.00 14.10 -31.92
C VAL O 197 -64.29 13.03 -32.96
N SER O 198 -65.41 13.17 -33.65
CA SER O 198 -65.81 12.18 -34.65
C SER O 198 -65.46 12.67 -36.03
N LEU O 199 -64.51 11.97 -36.66
CA LEU O 199 -64.02 12.33 -37.97
C LEU O 199 -64.67 11.43 -39.02
N ASN O 200 -65.57 12.02 -39.82
CA ASN O 200 -66.22 11.32 -40.91
C ASN O 200 -65.47 11.56 -42.23
N PHE O 201 -64.85 10.50 -42.76
CA PHE O 201 -63.99 10.66 -43.94
C PHE O 201 -64.13 9.49 -44.87
N ARG O 202 -63.66 9.64 -46.10
CA ARG O 202 -63.75 8.55 -47.08
C ARG O 202 -62.60 8.61 -48.06
N LYS O 203 -62.38 7.54 -48.80
CA LYS O 203 -61.36 7.54 -49.84
C LYS O 203 -61.89 8.29 -51.04
N LYS O 204 -61.05 9.13 -51.64
CA LYS O 204 -61.45 9.89 -52.83
C LYS O 204 -61.56 8.97 -54.04
N GLY O 205 -62.44 9.33 -54.96
CA GLY O 205 -62.64 8.57 -56.19
C GLY O 205 -61.86 9.14 -57.36
N LEU P 1 -2.64 29.83 -23.51
CA LEU P 1 -3.31 30.21 -22.27
C LEU P 1 -3.14 31.69 -22.02
N ASP P 2 -4.21 32.38 -21.66
CA ASP P 2 -4.09 33.73 -21.10
C ASP P 2 -4.39 33.69 -19.61
N ARG P 3 -4.27 34.83 -18.94
CA ARG P 3 -4.51 34.90 -17.51
C ARG P 3 -5.90 34.39 -17.13
N ALA P 4 -6.88 34.75 -17.93
CA ALA P 4 -8.25 34.35 -17.66
C ALA P 4 -8.37 32.83 -17.61
N ASP P 5 -7.74 32.14 -18.58
CA ASP P 5 -7.78 30.70 -18.63
C ASP P 5 -7.09 30.10 -17.41
N ILE P 6 -5.92 30.64 -17.09
CA ILE P 6 -5.12 30.14 -15.97
C ILE P 6 -5.93 30.25 -14.68
N LEU P 7 -6.47 31.43 -14.43
CA LEU P 7 -7.22 31.68 -13.20
C LEU P 7 -8.50 30.85 -13.13
N TYR P 8 -9.12 30.63 -14.29
CA TYR P 8 -10.32 29.79 -14.39
C TYR P 8 -9.96 28.35 -14.04
N ASN P 9 -8.90 27.84 -14.63
CA ASN P 9 -8.47 26.46 -14.34
C ASN P 9 -8.12 26.25 -12.88
N ILE P 10 -7.46 27.23 -12.28
CA ILE P 10 -7.05 27.16 -10.88
C ILE P 10 -8.30 27.17 -10.00
N ARG P 11 -9.21 28.07 -10.29
CA ARG P 11 -10.44 28.15 -9.52
C ARG P 11 -11.25 26.84 -9.59
N GLN P 12 -11.36 26.29 -10.80
CA GLN P 12 -12.19 25.10 -11.02
C GLN P 12 -11.59 23.84 -10.43
N THR P 13 -10.28 23.83 -10.23
CA THR P 13 -9.60 22.60 -9.82
C THR P 13 -8.76 22.71 -8.55
N SER P 14 -8.75 23.88 -7.93
CA SER P 14 -7.98 24.03 -6.72
C SER P 14 -8.73 23.44 -5.51
N ARG P 15 -7.98 22.69 -4.73
CA ARG P 15 -8.49 22.06 -3.52
C ARG P 15 -7.87 22.79 -2.34
N PRO P 16 -8.52 23.87 -1.88
CA PRO P 16 -7.96 24.73 -0.82
C PRO P 16 -7.83 23.97 0.49
N ASP P 17 -8.54 22.87 0.60
CA ASP P 17 -8.57 22.08 1.82
C ASP P 17 -7.52 20.94 1.79
N VAL P 18 -6.84 20.78 0.67
CA VAL P 18 -5.91 19.66 0.49
C VAL P 18 -4.45 20.10 0.51
N ILE P 19 -3.72 19.66 1.52
CA ILE P 19 -2.31 19.96 1.65
C ILE P 19 -1.52 19.35 0.46
N PRO P 20 -0.75 20.17 -0.27
CA PRO P 20 -0.11 19.75 -1.51
C PRO P 20 1.14 18.93 -1.25
N THR P 21 0.98 17.90 -0.43
CA THR P 21 2.09 17.03 -0.08
C THR P 21 2.44 16.18 -1.29
N GLN P 22 3.74 16.02 -1.56
CA GLN P 22 4.16 15.22 -2.70
C GLN P 22 5.11 14.10 -2.31
N ARG P 23 4.78 12.87 -2.72
CA ARG P 23 5.62 11.71 -2.46
C ARG P 23 5.73 11.46 -0.96
N ASP P 24 4.69 11.84 -0.24
CA ASP P 24 4.65 11.67 1.22
C ASP P 24 5.81 12.37 1.94
N ARG P 25 6.31 13.46 1.37
CA ARG P 25 7.30 14.31 2.02
C ARG P 25 6.56 15.52 2.61
N PRO P 26 7.15 16.20 3.61
CA PRO P 26 6.41 17.37 4.10
C PRO P 26 6.43 18.52 3.09
N VAL P 27 5.38 19.33 3.10
CA VAL P 27 5.40 20.58 2.35
C VAL P 27 6.40 21.51 3.02
N ALA P 28 7.42 21.93 2.28
CA ALA P 28 8.42 22.81 2.85
C ALA P 28 7.94 24.26 2.79
N VAL P 29 7.63 24.83 3.96
CA VAL P 29 7.17 26.21 4.03
C VAL P 29 8.28 27.14 4.53
N SER P 30 8.53 28.22 3.81
CA SER P 30 9.44 29.26 4.29
C SER P 30 8.66 30.42 4.87
N VAL P 31 9.14 30.94 6.01
CA VAL P 31 8.52 32.08 6.67
C VAL P 31 9.56 33.13 7.01
N SER P 32 9.24 34.37 6.70
CA SER P 32 10.10 35.49 7.05
C SER P 32 9.24 36.70 7.38
N LEU P 33 9.55 37.38 8.48
CA LEU P 33 8.78 38.56 8.87
C LEU P 33 9.54 39.83 8.51
N LYS P 34 8.93 40.69 7.70
CA LYS P 34 9.54 41.98 7.38
C LYS P 34 8.84 43.02 8.21
N PHE P 35 9.52 43.55 9.22
CA PHE P 35 8.89 44.45 10.16
C PHE P 35 8.68 45.82 9.56
N ILE P 36 7.46 46.33 9.69
CA ILE P 36 7.09 47.63 9.12
C ILE P 36 6.97 48.69 10.22
N ASN P 37 6.45 48.30 11.37
CA ASN P 37 6.20 49.27 12.43
C ASN P 37 6.03 48.59 13.78
N ILE P 38 6.34 49.34 14.84
CA ILE P 38 6.10 48.89 16.19
C ILE P 38 5.31 50.01 16.86
N LEU P 39 4.11 49.68 17.32
CA LEU P 39 3.19 50.64 17.92
C LEU P 39 2.83 50.10 19.29
N GLU P 40 2.29 50.96 20.14
CA GLU P 40 1.65 50.50 21.39
C GLU P 40 2.46 49.48 22.21
N VAL P 41 3.68 49.84 22.60
CA VAL P 41 4.48 48.99 23.49
C VAL P 41 4.10 49.20 24.96
N ASN P 42 4.08 48.13 25.74
CA ASN P 42 3.74 48.26 27.16
C ASN P 42 4.63 47.40 28.04
N GLU P 43 5.59 48.04 28.71
CA GLU P 43 6.59 47.33 29.49
C GLU P 43 6.01 46.74 30.78
N ILE P 44 4.94 47.34 31.28
CA ILE P 44 4.26 46.82 32.46
C ILE P 44 3.59 45.47 32.16
N THR P 45 2.85 45.42 31.06
CA THR P 45 2.10 44.19 30.71
C THR P 45 2.86 43.22 29.80
N ASN P 46 4.04 43.61 29.32
CA ASN P 46 4.78 42.79 28.36
C ASN P 46 3.96 42.48 27.11
N GLU P 47 3.37 43.52 26.53
CA GLU P 47 2.61 43.36 25.31
C GLU P 47 3.09 44.37 24.31
N VAL P 48 2.98 44.03 23.03
CA VAL P 48 3.43 44.93 21.98
C VAL P 48 2.58 44.73 20.72
N ASP P 49 2.37 45.81 19.98
CA ASP P 49 1.67 45.79 18.70
C ASP P 49 2.68 45.92 17.58
N VAL P 50 2.64 45.00 16.63
CA VAL P 50 3.60 45.04 15.53
C VAL P 50 2.90 44.96 14.19
N VAL P 51 3.42 45.71 13.22
CA VAL P 51 3.00 45.54 11.84
C VAL P 51 4.15 44.93 11.07
N PHE P 52 3.89 43.85 10.34
CA PHE P 52 4.93 43.16 9.58
C PHE P 52 4.33 42.49 8.35
N TRP P 53 5.15 42.32 7.30
CA TRP P 53 4.77 41.50 6.17
C TRP P 53 5.13 40.07 6.52
N GLN P 54 4.17 39.15 6.39
CA GLN P 54 4.46 37.76 6.69
C GLN P 54 4.76 37.00 5.39
N GLN P 55 6.01 37.05 4.97
CA GLN P 55 6.41 36.44 3.72
C GLN P 55 6.37 34.93 3.85
N THR P 56 5.50 34.30 3.07
CA THR P 56 5.30 32.86 3.16
C THR P 56 5.40 32.23 1.76
N THR P 57 6.27 31.24 1.63
CA THR P 57 6.43 30.55 0.34
C THR P 57 6.33 29.03 0.50
N TRP P 58 5.81 28.39 -0.52
CA TRP P 58 5.74 26.94 -0.58
C TRP P 58 5.44 26.53 -2.00
N SER P 59 5.46 25.23 -2.23
CA SER P 59 5.25 24.71 -3.56
C SER P 59 3.99 23.86 -3.60
N ASP P 60 3.15 24.10 -4.61
CA ASP P 60 1.97 23.28 -4.87
C ASP P 60 1.88 22.90 -6.35
N ARG P 61 2.41 21.74 -6.71
CA ARG P 61 2.47 21.27 -8.11
C ARG P 61 1.11 21.19 -8.82
N THR P 62 0.03 21.05 -8.06
CA THR P 62 -1.28 20.98 -8.67
C THR P 62 -1.70 22.30 -9.36
N LEU P 63 -0.97 23.39 -9.07
CA LEU P 63 -1.31 24.69 -9.65
C LEU P 63 -0.55 24.94 -10.93
N ALA P 64 0.41 24.08 -11.22
CA ALA P 64 1.34 24.30 -12.33
C ALA P 64 0.65 24.31 -13.70
N TRP P 65 1.20 25.07 -14.64
CA TRP P 65 0.75 25.03 -16.02
C TRP P 65 1.92 25.20 -16.99
N ASN P 66 1.72 24.79 -18.25
CA ASN P 66 2.72 25.02 -19.29
C ASN P 66 2.76 26.50 -19.68
N SER P 67 3.87 27.18 -19.40
CA SER P 67 3.92 28.63 -19.59
C SER P 67 4.64 29.13 -20.86
N SER P 68 4.94 28.26 -21.80
CA SER P 68 5.50 28.76 -23.06
C SER P 68 4.36 29.44 -23.82
N HIS P 69 4.58 30.70 -24.23
CA HIS P 69 3.54 31.50 -24.86
C HIS P 69 2.35 31.73 -23.93
N SER P 70 2.62 31.70 -22.63
CA SER P 70 1.62 31.99 -21.62
C SER P 70 2.23 32.84 -20.52
N PRO P 71 1.39 33.54 -19.76
CA PRO P 71 1.93 34.25 -18.60
C PRO P 71 2.62 33.27 -17.65
N ASP P 72 3.69 33.74 -17.00
CA ASP P 72 4.51 32.93 -16.13
C ASP P 72 4.00 32.96 -14.69
N GLN P 73 3.22 33.99 -14.36
CA GLN P 73 2.72 34.18 -13.00
C GLN P 73 1.34 34.82 -13.00
N VAL P 74 0.54 34.51 -11.99
CA VAL P 74 -0.72 35.20 -11.80
C VAL P 74 -0.96 35.51 -10.31
N SER P 75 -1.82 36.48 -10.05
CA SER P 75 -2.28 36.75 -8.69
C SER P 75 -3.59 36.02 -8.47
N VAL P 76 -3.68 35.30 -7.36
CA VAL P 76 -4.80 34.42 -7.08
C VAL P 76 -5.33 34.67 -5.69
N PRO P 77 -6.65 34.83 -5.54
CA PRO P 77 -7.24 34.96 -4.19
C PRO P 77 -6.88 33.73 -3.35
N ILE P 78 -6.43 33.91 -2.11
CA ILE P 78 -6.03 32.76 -1.30
C ILE P 78 -7.21 31.83 -1.02
N SER P 79 -8.42 32.34 -1.17
CA SER P 79 -9.61 31.52 -0.95
C SER P 79 -9.67 30.40 -1.97
N SER P 80 -8.95 30.56 -3.09
CA SER P 80 -8.88 29.52 -4.12
C SER P 80 -7.64 28.60 -4.01
N LEU P 81 -6.83 28.77 -2.96
CA LEU P 81 -5.59 27.99 -2.82
C LEU P 81 -5.51 27.35 -1.45
N TRP P 82 -4.78 26.25 -1.35
CA TRP P 82 -4.41 25.76 -0.04
C TRP P 82 -3.36 26.69 0.49
N VAL P 83 -3.48 27.03 1.77
CA VAL P 83 -2.52 27.92 2.43
C VAL P 83 -2.12 27.24 3.74
N PRO P 84 -0.84 27.33 4.11
CA PRO P 84 -0.37 26.77 5.40
C PRO P 84 -1.14 27.35 6.57
N ASP P 85 -1.52 26.51 7.54
CA ASP P 85 -2.26 26.96 8.72
C ASP P 85 -1.32 27.52 9.80
N LEU P 86 -0.51 28.50 9.43
CA LEU P 86 0.44 29.11 10.35
C LEU P 86 -0.27 29.95 11.40
N ALA P 87 0.25 29.92 12.62
CA ALA P 87 -0.23 30.81 13.67
C ALA P 87 0.93 31.26 14.54
N ALA P 88 0.85 32.47 15.06
CA ALA P 88 1.83 32.93 16.03
C ALA P 88 1.36 32.47 17.43
N TYR P 89 2.12 31.58 18.05
CA TYR P 89 1.78 31.03 19.37
C TYR P 89 1.55 32.06 20.47
N ASN P 90 2.34 33.15 20.46
CA ASN P 90 2.25 34.14 21.52
C ASN P 90 1.46 35.39 21.12
N ALA P 91 0.68 35.29 20.05
CA ALA P 91 -0.20 36.38 19.66
C ALA P 91 -1.39 36.42 20.60
N ILE P 92 -1.85 37.62 20.95
CA ILE P 92 -2.98 37.75 21.85
C ILE P 92 -4.13 38.48 21.20
N SER P 93 -4.05 38.68 19.91
CA SER P 93 -5.16 39.14 19.11
C SER P 93 -5.07 38.36 17.82
N LYS P 94 -6.17 38.20 17.11
CA LYS P 94 -6.08 37.54 15.82
C LYS P 94 -5.45 38.48 14.80
N PRO P 95 -4.83 37.92 13.77
CA PRO P 95 -4.15 38.77 12.80
C PRO P 95 -5.12 39.74 12.16
N GLU P 96 -4.80 41.03 12.15
CA GLU P 96 -5.54 41.96 11.33
C GLU P 96 -4.81 42.05 10.00
N VAL P 97 -5.37 41.42 8.97
CA VAL P 97 -4.76 41.47 7.64
C VAL P 97 -5.07 42.80 6.97
N LEU P 98 -4.02 43.57 6.68
CA LEU P 98 -4.18 44.95 6.20
C LEU P 98 -4.34 45.06 4.68
N THR P 99 -3.92 44.02 3.96
CA THR P 99 -3.76 44.12 2.51
C THR P 99 -4.68 43.14 1.77
N PRO P 100 -4.85 43.36 0.45
CA PRO P 100 -5.67 42.45 -0.35
C PRO P 100 -5.16 41.01 -0.25
N GLN P 101 -6.06 40.06 -0.03
CA GLN P 101 -5.64 38.69 0.22
C GLN P 101 -5.39 37.84 -1.03
N LEU P 102 -4.29 38.16 -1.71
CA LEU P 102 -3.93 37.55 -2.98
C LEU P 102 -2.56 36.93 -2.82
N ALA P 103 -2.38 35.75 -3.38
CA ALA P 103 -1.06 35.14 -3.45
C ALA P 103 -0.58 35.22 -4.89
N ARG P 104 0.73 35.09 -5.09
CA ARG P 104 1.32 35.09 -6.41
C ARG P 104 1.74 33.65 -6.71
N VAL P 105 1.26 33.13 -7.82
CA VAL P 105 1.51 31.76 -8.20
C VAL P 105 2.33 31.72 -9.48
N VAL P 106 3.44 31.00 -9.47
CA VAL P 106 4.31 30.83 -10.64
C VAL P 106 3.92 29.55 -11.38
N SER P 107 4.20 29.50 -12.68
CA SER P 107 3.74 28.40 -13.53
C SER P 107 4.26 27.02 -13.10
N ASP P 108 5.35 27.00 -12.33
CA ASP P 108 5.86 25.74 -11.80
C ASP P 108 5.21 25.34 -10.47
N GLY P 109 4.29 26.15 -9.97
CA GLY P 109 3.58 25.83 -8.73
C GLY P 109 4.13 26.51 -7.48
N GLU P 110 5.18 27.30 -7.62
CA GLU P 110 5.71 28.05 -6.49
C GLU P 110 4.72 29.14 -6.09
N VAL P 111 4.41 29.22 -4.79
CA VAL P 111 3.48 30.21 -4.31
C VAL P 111 4.12 31.17 -3.33
N LEU P 112 3.79 32.45 -3.47
CA LEU P 112 4.19 33.48 -2.52
C LEU P 112 2.93 34.16 -1.97
N TYR P 113 2.79 34.19 -0.65
CA TYR P 113 1.75 34.97 0.00
C TYR P 113 2.40 35.90 1.03
N MET P 114 2.17 37.20 0.91
CA MET P 114 2.88 38.14 1.79
C MET P 114 1.98 39.28 2.23
N PRO P 115 1.03 38.99 3.12
CA PRO P 115 0.13 40.03 3.63
C PRO P 115 0.82 40.90 4.65
N SER P 116 0.40 42.15 4.74
CA SER P 116 0.83 42.99 5.85
C SER P 116 -0.14 42.77 6.97
N ILE P 117 0.40 42.47 8.15
CA ILE P 117 -0.41 42.08 9.28
C ILE P 117 -0.12 42.95 10.49
N ARG P 118 -1.18 43.36 11.19
CA ARG P 118 -1.01 43.99 12.48
C ARG P 118 -1.52 43.04 13.54
N GLN P 119 -0.72 42.83 14.58
CA GLN P 119 -1.05 41.85 15.59
C GLN P 119 -0.41 42.21 16.91
N ARG P 120 -1.10 41.88 18.00
CA ARG P 120 -0.56 42.14 19.32
C ARG P 120 0.07 40.86 19.90
N PHE P 121 1.20 41.00 20.58
CA PHE P 121 1.90 39.83 21.10
C PHE P 121 2.20 39.96 22.57
N SER P 122 2.24 38.82 23.26
CA SER P 122 2.79 38.73 24.60
C SER P 122 4.26 38.32 24.47
N CYS P 123 5.16 39.15 25.00
CA CYS P 123 6.59 38.88 24.92
C CYS P 123 7.40 39.80 25.84
N ASP P 124 8.71 39.59 25.87
CA ASP P 124 9.58 40.29 26.81
C ASP P 124 9.86 41.70 26.36
N VAL P 125 9.16 42.66 26.97
CA VAL P 125 9.33 44.07 26.63
C VAL P 125 10.36 44.78 27.53
N SER P 126 10.87 44.06 28.52
CA SER P 126 11.76 44.72 29.49
C SER P 126 13.00 45.25 28.78
N GLY P 127 13.43 46.44 29.17
CA GLY P 127 14.65 47.00 28.65
C GLY P 127 14.43 47.79 27.38
N VAL P 128 13.18 47.94 26.98
CA VAL P 128 12.86 48.62 25.73
C VAL P 128 13.38 50.05 25.67
N ASP P 129 13.51 50.73 26.81
CA ASP P 129 13.96 52.13 26.82
C ASP P 129 15.44 52.23 27.16
N THR P 130 16.22 51.20 26.81
CA THR P 130 17.67 51.24 27.06
C THR P 130 18.46 50.99 25.77
N GLU P 131 19.78 51.20 25.88
CA GLU P 131 20.70 50.99 24.76
C GLU P 131 20.61 49.59 24.20
N SER P 132 20.51 48.60 25.09
CA SER P 132 20.53 47.23 24.59
C SER P 132 19.15 46.80 24.10
N GLY P 133 18.13 47.56 24.50
CA GLY P 133 16.78 47.33 24.02
C GLY P 133 16.10 46.09 24.53
N ALA P 134 14.87 45.88 24.08
CA ALA P 134 14.10 44.69 24.42
C ALA P 134 14.27 43.66 23.31
N THR P 135 14.06 42.38 23.65
CA THR P 135 14.06 41.33 22.65
C THR P 135 12.74 40.56 22.72
N CYS P 136 11.87 40.80 21.72
CA CYS P 136 10.57 40.16 21.63
C CYS P 136 10.65 38.97 20.70
N ARG P 137 10.27 37.80 21.23
CA ARG P 137 10.36 36.56 20.49
C ARG P 137 8.98 36.18 19.94
N ILE P 138 8.87 36.01 18.63
CA ILE P 138 7.60 35.64 18.00
C ILE P 138 7.70 34.23 17.46
N LYS P 139 6.79 33.36 17.90
CA LYS P 139 6.84 31.94 17.51
C LYS P 139 5.72 31.55 16.52
N ILE P 140 6.13 31.12 15.32
CA ILE P 140 5.20 30.82 14.25
C ILE P 140 5.38 29.40 13.74
N GLY P 141 4.28 28.66 13.61
CA GLY P 141 4.33 27.31 13.08
C GLY P 141 2.95 26.85 12.63
N SER P 142 2.88 25.69 11.97
CA SER P 142 1.61 25.08 11.61
C SER P 142 0.82 24.74 12.86
N TRP P 143 -0.45 25.14 12.89
CA TRP P 143 -1.27 24.86 14.07
C TRP P 143 -1.61 23.37 14.20
N THR P 144 -1.90 22.70 13.08
CA THR P 144 -2.41 21.33 13.12
C THR P 144 -1.61 20.28 12.34
N HIS P 145 -0.58 20.70 11.61
CA HIS P 145 0.22 19.75 10.83
C HIS P 145 1.59 19.47 11.44
N HIS P 146 1.85 18.21 11.80
CA HIS P 146 3.15 17.83 12.36
C HIS P 146 4.26 17.82 11.30
N SER P 147 5.47 17.50 11.74
CA SER P 147 6.69 17.66 10.92
C SER P 147 6.74 16.79 9.67
N ARG P 148 5.98 15.70 9.63
CA ARG P 148 5.95 14.89 8.42
C ARG P 148 5.01 15.45 7.35
N GLU P 149 4.23 16.46 7.71
CA GLU P 149 3.29 17.06 6.77
C GLU P 149 3.69 18.48 6.39
N ILE P 150 4.13 19.26 7.39
CA ILE P 150 4.65 20.60 7.12
C ILE P 150 5.95 20.82 7.87
N SER P 151 6.98 21.24 7.14
CA SER P 151 8.18 21.75 7.79
C SER P 151 8.19 23.28 7.66
N VAL P 152 8.72 23.94 8.66
CA VAL P 152 8.83 25.38 8.63
C VAL P 152 10.30 25.77 8.80
N ASP P 153 10.78 26.66 7.93
CA ASP P 153 12.16 27.12 7.99
C ASP P 153 12.24 28.61 7.76
N PRO P 154 13.18 29.29 8.45
CA PRO P 154 13.42 30.69 8.17
C PRO P 154 14.00 30.85 6.77
N THR P 155 13.77 31.99 6.15
CA THR P 155 14.18 32.18 4.76
C THR P 155 15.70 32.34 4.64
N ASP P 160 18.74 44.10 5.00
CA ASP P 160 18.57 45.12 6.04
C ASP P 160 17.23 44.93 6.76
N ASP P 161 17.30 44.66 8.06
CA ASP P 161 16.10 44.39 8.85
C ASP P 161 15.17 45.61 8.87
N SER P 162 15.75 46.80 8.81
CA SER P 162 14.97 48.04 8.80
C SER P 162 14.57 48.41 7.39
N GLU P 163 14.81 47.51 6.43
CA GLU P 163 14.61 47.87 5.03
C GLU P 163 13.24 48.50 4.81
N TYR P 164 12.20 47.90 5.38
CA TYR P 164 10.85 48.41 5.20
C TYR P 164 10.29 49.06 6.46
N PHE P 165 11.12 49.18 7.50
CA PHE P 165 10.62 49.66 8.79
C PHE P 165 10.38 51.15 8.73
N SER P 166 9.23 51.57 9.25
CA SER P 166 8.86 52.99 9.25
C SER P 166 9.84 53.90 10.02
N GLN P 167 10.27 54.98 9.37
CA GLN P 167 11.17 55.93 10.01
C GLN P 167 10.42 56.81 10.99
N TYR P 168 9.09 56.68 11.01
CA TYR P 168 8.26 57.53 11.87
C TYR P 168 7.77 56.81 13.14
N SER P 169 8.12 55.53 13.27
CA SER P 169 7.91 54.81 14.51
C SER P 169 8.69 55.44 15.67
N ARG P 170 8.19 55.29 16.89
CA ARG P 170 8.89 55.80 18.06
C ARG P 170 10.03 54.85 18.39
N PHE P 171 10.07 53.70 17.70
CA PHE P 171 11.06 52.68 18.03
C PHE P 171 11.95 52.43 16.85
N GLU P 172 13.04 51.73 17.09
CA GLU P 172 13.97 51.38 16.04
C GLU P 172 14.41 49.95 16.25
N ILE P 173 14.72 49.28 15.14
CA ILE P 173 15.14 47.90 15.19
C ILE P 173 16.66 47.79 15.27
N LEU P 174 17.15 47.08 16.27
CA LEU P 174 18.59 46.87 16.45
C LEU P 174 19.05 45.61 15.74
N ASP P 175 18.20 44.58 15.74
CA ASP P 175 18.57 43.29 15.18
C ASP P 175 17.38 42.37 15.12
N VAL P 176 17.39 41.48 14.12
CA VAL P 176 16.39 40.43 14.00
C VAL P 176 17.12 39.13 13.77
N THR P 177 16.84 38.14 14.62
CA THR P 177 17.41 36.81 14.43
C THR P 177 16.30 35.76 14.36
N GLN P 178 16.64 34.61 13.79
CA GLN P 178 15.65 33.53 13.62
C GLN P 178 16.21 32.20 14.06
N LYS P 179 15.35 31.39 14.65
CA LYS P 179 15.76 30.07 15.08
C LYS P 179 14.63 29.08 14.74
N LYS P 180 14.99 27.93 14.19
CA LYS P 180 13.99 26.91 13.89
C LYS P 180 13.89 25.95 15.06
N ASN P 181 12.67 25.55 15.42
CA ASN P 181 12.48 24.57 16.49
C ASN P 181 11.55 23.45 16.09
N SER P 182 11.67 22.34 16.81
CA SER P 182 10.77 21.21 16.63
C SER P 182 10.32 20.78 18.02
N VAL P 183 9.02 20.88 18.27
CA VAL P 183 8.52 20.73 19.64
C VAL P 183 7.41 19.68 19.80
N THR P 184 7.34 19.01 20.95
CA THR P 184 6.23 18.10 21.24
C THR P 184 5.24 18.69 22.24
N TYR P 185 3.97 18.61 21.92
CA TYR P 185 2.91 19.07 22.83
C TYR P 185 2.26 17.86 23.47
N SER P 186 1.75 18.01 24.67
CA SER P 186 1.35 16.83 25.45
C SER P 186 0.06 16.21 24.90
N CYS P 187 -0.63 16.97 24.07
CA CYS P 187 -1.85 16.50 23.45
CA CYS P 187 -1.86 16.51 23.46
C CYS P 187 -1.60 15.45 22.38
N CYS P 188 -0.41 15.45 21.79
CA CYS P 188 -0.16 14.61 20.62
C CYS P 188 1.27 14.07 20.60
N PRO P 189 1.47 12.93 19.91
CA PRO P 189 2.73 12.16 19.86
C PRO P 189 3.79 12.65 18.86
N GLU P 190 3.38 13.44 17.86
CA GLU P 190 4.31 13.88 16.83
C GLU P 190 4.96 15.23 17.15
N ALA P 191 6.00 15.57 16.40
CA ALA P 191 6.67 16.85 16.55
C ALA P 191 6.10 17.91 15.60
N TYR P 192 5.98 19.14 16.09
CA TYR P 192 5.51 20.27 15.29
C TYR P 192 6.62 21.30 15.16
N GLU P 193 6.92 21.70 13.93
CA GLU P 193 7.98 22.66 13.69
C GLU P 193 7.49 24.10 13.85
N ASP P 194 8.40 24.97 14.29
CA ASP P 194 8.12 26.40 14.33
C ASP P 194 9.38 27.21 14.01
N VAL P 195 9.19 28.47 13.68
CA VAL P 195 10.28 29.42 13.54
C VAL P 195 10.09 30.47 14.62
N GLU P 196 11.15 30.74 15.37
CA GLU P 196 11.12 31.79 16.37
C GLU P 196 11.91 32.99 15.87
N VAL P 197 11.22 34.11 15.72
CA VAL P 197 11.83 35.32 15.22
C VAL P 197 12.04 36.25 16.39
N SER P 198 13.30 36.53 16.70
CA SER P 198 13.66 37.39 17.81
C SER P 198 13.93 38.81 17.34
N LEU P 199 13.05 39.72 17.74
CA LEU P 199 13.11 41.11 17.32
C LEU P 199 13.74 41.96 18.46
N ASN P 200 14.96 42.42 18.22
CA ASN P 200 15.66 43.27 19.19
C ASN P 200 15.42 44.73 18.81
N PHE P 201 14.72 45.47 19.68
CA PHE P 201 14.35 46.83 19.35
C PHE P 201 14.38 47.72 20.58
N ARG P 202 14.41 49.02 20.36
CA ARG P 202 14.41 49.97 21.48
C ARG P 202 13.69 51.26 21.11
N LYS P 203 13.35 52.06 22.12
CA LYS P 203 12.72 53.33 21.86
C LYS P 203 13.82 54.29 21.40
N LYS P 204 13.50 55.12 20.42
CA LYS P 204 14.45 56.11 19.93
C LYS P 204 14.54 57.28 20.90
N GLY P 205 15.62 58.04 20.79
CA GLY P 205 15.72 59.29 21.51
C GLY P 205 14.44 60.07 21.33
N ARG P 206 13.89 60.57 22.42
CA ARG P 206 12.59 61.26 22.36
C ARG P 206 12.58 62.60 21.63
N SER P 207 13.66 62.94 20.91
CA SER P 207 13.77 64.26 20.30
C SER P 207 14.42 64.31 18.91
N LEU Q 1 -6.80 5.24 -1.11
CA LEU Q 1 -7.23 6.59 -0.81
C LEU Q 1 -6.04 7.47 -0.53
N ASP Q 2 -6.01 8.64 -1.16
CA ASP Q 2 -5.07 9.68 -0.72
C ASP Q 2 -5.82 10.79 0.04
N ARG Q 3 -5.09 11.77 0.55
CA ARG Q 3 -5.71 12.86 1.30
C ARG Q 3 -6.80 13.59 0.51
N ALA Q 4 -6.57 13.79 -0.78
CA ALA Q 4 -7.56 14.45 -1.63
C ALA Q 4 -8.88 13.69 -1.64
N ASP Q 5 -8.80 12.36 -1.77
CA ASP Q 5 -10.01 11.53 -1.77
C ASP Q 5 -10.75 11.58 -0.44
N ILE Q 6 -9.98 11.45 0.64
CA ILE Q 6 -10.55 11.51 1.98
C ILE Q 6 -11.26 12.83 2.21
N LEU Q 7 -10.60 13.93 1.89
CA LEU Q 7 -11.18 15.24 2.13
C LEU Q 7 -12.39 15.49 1.25
N TYR Q 8 -12.33 14.99 0.02
CA TYR Q 8 -13.44 15.09 -0.91
C TYR Q 8 -14.64 14.33 -0.36
N ASN Q 9 -14.42 13.11 0.09
CA ASN Q 9 -15.52 12.31 0.62
C ASN Q 9 -16.16 12.94 1.86
N ILE Q 10 -15.32 13.47 2.74
CA ILE Q 10 -15.80 14.12 3.95
C ILE Q 10 -16.62 15.35 3.59
N ARG Q 11 -16.09 16.18 2.70
CA ARG Q 11 -16.80 17.37 2.27
C ARG Q 11 -18.17 17.05 1.63
N GLN Q 12 -18.20 16.02 0.77
CA GLN Q 12 -19.41 15.66 0.03
C GLN Q 12 -20.50 15.03 0.87
N THR Q 13 -20.12 14.52 2.04
CA THR Q 13 -21.08 13.75 2.81
C THR Q 13 -21.20 14.23 4.25
N SER Q 14 -20.36 15.17 4.64
CA SER Q 14 -20.40 15.58 6.04
C SER Q 14 -21.64 16.40 6.32
N ARG Q 15 -22.34 16.02 7.37
CA ARG Q 15 -23.57 16.67 7.73
C ARG Q 15 -23.30 17.50 8.98
N PRO Q 16 -22.74 18.71 8.79
CA PRO Q 16 -22.30 19.57 9.89
C PRO Q 16 -23.43 19.87 10.88
N ASP Q 17 -24.68 19.70 10.42
CA ASP Q 17 -25.84 20.02 11.23
C ASP Q 17 -26.37 18.81 12.00
N VAL Q 18 -25.80 17.64 11.75
CA VAL Q 18 -26.29 16.42 12.37
C VAL Q 18 -25.38 15.89 13.48
N ILE Q 19 -25.90 15.85 14.70
CA ILE Q 19 -25.12 15.35 15.83
C ILE Q 19 -24.84 13.84 15.66
N PRO Q 20 -23.56 13.44 15.71
CA PRO Q 20 -23.18 12.06 15.37
C PRO Q 20 -23.49 11.09 16.49
N THR Q 21 -24.73 11.11 16.95
CA THR Q 21 -25.18 10.26 18.01
C THR Q 21 -25.24 8.83 17.48
N GLN Q 22 -24.77 7.87 18.27
CA GLN Q 22 -24.82 6.47 17.84
C GLN Q 22 -25.59 5.58 18.81
N ARG Q 23 -26.62 4.92 18.29
CA ARG Q 23 -27.41 3.96 19.06
C ARG Q 23 -27.80 4.42 20.46
N ASP Q 24 -28.57 5.50 20.55
CA ASP Q 24 -29.19 5.89 21.82
C ASP Q 24 -28.22 6.57 22.82
N ARG Q 25 -26.93 6.55 22.53
CA ARG Q 25 -25.94 7.10 23.44
C ARG Q 25 -25.64 8.56 23.16
N PRO Q 26 -25.35 9.32 24.21
CA PRO Q 26 -24.89 10.70 23.97
C PRO Q 26 -23.52 10.71 23.31
N VAL Q 27 -23.25 11.73 22.53
CA VAL Q 27 -21.90 11.95 22.03
C VAL Q 27 -21.02 12.38 23.20
N ALA Q 28 -19.95 11.61 23.46
CA ALA Q 28 -19.10 11.90 24.58
C ALA Q 28 -18.05 12.94 24.19
N VAL Q 29 -18.19 14.14 24.72
CA VAL Q 29 -17.26 15.22 24.42
C VAL Q 29 -16.31 15.43 25.59
N SER Q 30 -15.01 15.48 25.30
CA SER Q 30 -14.01 15.83 26.30
C SER Q 30 -13.60 17.29 26.10
N VAL Q 31 -13.42 18.02 27.21
CA VAL Q 31 -13.02 19.41 27.15
C VAL Q 31 -11.92 19.66 28.16
N SER Q 32 -10.91 20.39 27.72
CA SER Q 32 -9.78 20.72 28.57
C SER Q 32 -9.25 22.10 28.14
N LEU Q 33 -9.05 22.98 29.11
CA LEU Q 33 -8.50 24.30 28.80
C LEU Q 33 -7.01 24.36 29.11
N LYS Q 34 -6.19 24.63 28.11
CA LYS Q 34 -4.76 24.86 28.34
C LYS Q 34 -4.50 26.36 28.36
N PHE Q 35 -4.19 26.89 29.54
CA PHE Q 35 -4.07 28.33 29.70
C PHE Q 35 -2.76 28.85 29.15
N ILE Q 36 -2.84 29.88 28.31
CA ILE Q 36 -1.68 30.46 27.67
C ILE Q 36 -1.31 31.80 28.31
N ASN Q 37 -2.32 32.57 28.69
CA ASN Q 37 -2.07 33.91 29.20
C ASN Q 37 -3.27 34.48 29.92
N ILE Q 38 -2.97 35.35 30.88
CA ILE Q 38 -3.98 36.09 31.59
C ILE Q 38 -3.65 37.58 31.42
N LEU Q 39 -4.57 38.31 30.81
CA LEU Q 39 -4.40 39.74 30.54
C LEU Q 39 -5.54 40.49 31.21
N GLU Q 40 -5.38 41.80 31.36
CA GLU Q 40 -6.52 42.65 31.70
C GLU Q 40 -7.40 42.15 32.86
N VAL Q 41 -6.82 41.93 34.02
CA VAL Q 41 -7.57 41.57 35.22
C VAL Q 41 -8.15 42.81 35.91
N ASN Q 42 -9.36 42.70 36.45
CA ASN Q 42 -9.99 43.83 37.13
C ASN Q 42 -10.73 43.39 38.37
N GLU Q 43 -10.12 43.65 39.54
CA GLU Q 43 -10.67 43.16 40.80
C GLU Q 43 -11.90 43.95 41.24
N ILE Q 44 -12.02 45.19 40.76
CA ILE Q 44 -13.20 45.99 41.07
C ILE Q 44 -14.43 45.41 40.38
N THR Q 45 -14.32 45.12 39.08
CA THR Q 45 -15.44 44.62 38.29
C THR Q 45 -15.59 43.09 38.23
N ASN Q 46 -14.63 42.36 38.80
CA ASN Q 46 -14.62 40.89 38.71
C ASN Q 46 -14.67 40.40 37.27
N GLU Q 47 -13.82 40.96 36.43
CA GLU Q 47 -13.71 40.53 35.05
C GLU Q 47 -12.26 40.22 34.73
N VAL Q 48 -12.05 39.28 33.81
CA VAL Q 48 -10.71 38.90 33.45
C VAL Q 48 -10.67 38.48 31.97
N ASP Q 49 -9.53 38.74 31.33
CA ASP Q 49 -9.29 38.32 29.94
C ASP Q 49 -8.34 37.15 29.96
N VAL Q 50 -8.72 36.05 29.31
CA VAL Q 50 -7.87 34.88 29.29
C VAL Q 50 -7.64 34.39 27.87
N VAL Q 51 -6.43 33.88 27.62
CA VAL Q 51 -6.14 33.20 26.37
C VAL Q 51 -5.87 31.75 26.73
N PHE Q 52 -6.55 30.84 26.04
CA PHE Q 52 -6.43 29.42 26.33
C PHE Q 52 -6.69 28.58 25.08
N TRP Q 53 -6.06 27.40 25.02
CA TRP Q 53 -6.42 26.44 23.99
C TRP Q 53 -7.62 25.66 24.53
N GLN Q 54 -8.68 25.57 23.74
CA GLN Q 54 -9.85 24.82 24.15
C GLN Q 54 -9.84 23.45 23.49
N GLN Q 55 -9.15 22.52 24.14
CA GLN Q 55 -8.99 21.18 23.59
C GLN Q 55 -10.30 20.44 23.65
N THR Q 56 -10.81 20.06 22.49
CA THR Q 56 -12.12 19.43 22.42
C THR Q 56 -12.03 18.14 21.60
N THR Q 57 -12.46 17.03 22.17
CA THR Q 57 -12.44 15.77 21.43
C THR Q 57 -13.79 15.08 21.46
N TRP Q 58 -14.09 14.36 20.39
CA TRP Q 58 -15.28 13.55 20.32
C TRP Q 58 -15.14 12.63 19.14
N SER Q 59 -16.12 11.74 19.01
CA SER Q 59 -16.10 10.74 17.97
C SER Q 59 -17.26 10.95 17.00
N ASP Q 60 -16.96 10.87 15.71
CA ASP Q 60 -17.99 10.93 14.68
C ASP Q 60 -17.72 9.84 13.62
N ARG Q 61 -18.47 8.74 13.71
CA ARG Q 61 -18.17 7.56 12.89
C ARG Q 61 -18.53 7.76 11.42
N THR Q 62 -19.38 8.72 11.14
CA THR Q 62 -19.70 9.02 9.76
C THR Q 62 -18.49 9.54 8.98
N LEU Q 63 -17.45 9.97 9.69
CA LEU Q 63 -16.25 10.47 9.02
C LEU Q 63 -15.23 9.37 8.75
N ALA Q 64 -15.46 8.19 9.34
CA ALA Q 64 -14.47 7.11 9.32
C ALA Q 64 -14.16 6.60 7.91
N TRP Q 65 -12.93 6.12 7.72
CA TRP Q 65 -12.55 5.45 6.47
C TRP Q 65 -11.56 4.31 6.72
N ASN Q 66 -11.45 3.38 5.77
CA ASN Q 66 -10.48 2.30 5.87
C ASN Q 66 -9.07 2.84 5.61
N SER Q 67 -8.23 2.86 6.64
CA SER Q 67 -6.91 3.51 6.51
C SER Q 67 -5.76 2.56 6.20
N SER Q 68 -6.07 1.33 5.79
CA SER Q 68 -5.00 0.46 5.33
C SER Q 68 -4.56 0.97 3.97
N HIS Q 69 -3.26 1.22 3.82
CA HIS Q 69 -2.75 1.83 2.60
C HIS Q 69 -3.27 3.25 2.31
N SER Q 70 -3.51 4.04 3.37
CA SER Q 70 -4.01 5.43 3.24
C SER Q 70 -3.54 6.27 4.43
N PRO Q 71 -3.57 7.60 4.29
CA PRO Q 71 -3.26 8.43 5.46
C PRO Q 71 -4.20 8.11 6.61
N ASP Q 72 -3.67 8.15 7.82
CA ASP Q 72 -4.41 7.82 9.04
C ASP Q 72 -5.17 9.02 9.64
N GLN Q 73 -4.77 10.24 9.24
CA GLN Q 73 -5.36 11.47 9.78
C GLN Q 73 -5.34 12.58 8.74
N VAL Q 74 -6.31 13.48 8.84
CA VAL Q 74 -6.32 14.68 8.00
C VAL Q 74 -6.79 15.89 8.79
N SER Q 75 -6.37 17.06 8.35
CA SER Q 75 -6.89 18.30 8.89
C SER Q 75 -8.10 18.75 8.07
N VAL Q 76 -9.18 19.09 8.76
CA VAL Q 76 -10.45 19.38 8.12
C VAL Q 76 -11.03 20.69 8.63
N PRO Q 77 -11.44 21.58 7.74
CA PRO Q 77 -12.11 22.81 8.18
C PRO Q 77 -13.33 22.46 9.01
N ILE Q 78 -13.54 23.10 10.16
CA ILE Q 78 -14.67 22.74 11.01
C ILE Q 78 -16.01 23.05 10.35
N SER Q 79 -16.00 23.95 9.36
CA SER Q 79 -17.21 24.23 8.60
C SER Q 79 -17.73 22.95 7.89
N SER Q 80 -16.86 21.96 7.69
CA SER Q 80 -17.27 20.71 7.06
C SER Q 80 -17.61 19.59 8.04
N LEU Q 81 -17.61 19.88 9.34
CA LEU Q 81 -17.83 18.86 10.37
C LEU Q 81 -18.89 19.29 11.34
N TRP Q 82 -19.56 18.33 11.96
CA TRP Q 82 -20.38 18.68 13.12
C TRP Q 82 -19.42 18.97 14.24
N VAL Q 83 -19.69 20.03 14.99
CA VAL Q 83 -18.89 20.42 16.13
C VAL Q 83 -19.85 20.63 17.31
N PRO Q 84 -19.45 20.22 18.52
CA PRO Q 84 -20.29 20.43 19.72
C PRO Q 84 -20.58 21.91 19.94
N ASP Q 85 -21.82 22.23 20.32
CA ASP Q 85 -22.23 23.62 20.54
C ASP Q 85 -21.87 24.11 21.96
N LEU Q 86 -20.59 23.99 22.33
CA LEU Q 86 -20.11 24.39 23.65
C LEU Q 86 -20.13 25.91 23.81
N ALA Q 87 -20.42 26.36 25.02
CA ALA Q 87 -20.34 27.77 25.35
C ALA Q 87 -19.89 27.93 26.80
N ALA Q 88 -19.13 28.98 27.05
CA ALA Q 88 -18.78 29.31 28.42
C ALA Q 88 -19.90 30.16 28.99
N TYR Q 89 -20.55 29.67 30.04
CA TYR Q 89 -21.73 30.33 30.59
C TYR Q 89 -21.44 31.72 31.15
N ASN Q 90 -20.24 31.91 31.69
CA ASN Q 90 -19.92 33.17 32.35
C ASN Q 90 -19.02 34.07 31.49
N ALA Q 91 -18.91 33.74 30.20
CA ALA Q 91 -18.19 34.59 29.26
C ALA Q 91 -19.01 35.86 29.02
N ILE Q 92 -18.33 37.00 28.91
CA ILE Q 92 -19.02 38.25 28.67
C ILE Q 92 -18.60 38.89 27.34
N SER Q 93 -17.83 38.14 26.57
CA SER Q 93 -17.53 38.49 25.19
C SER Q 93 -17.63 37.20 24.40
N LYS Q 94 -17.91 37.28 23.10
CA LYS Q 94 -17.88 36.07 22.31
C LYS Q 94 -16.43 35.64 22.11
N PRO Q 95 -16.21 34.34 21.91
CA PRO Q 95 -14.85 33.83 21.77
C PRO Q 95 -14.13 34.48 20.60
N GLU Q 96 -12.96 35.04 20.83
CA GLU Q 96 -12.11 35.48 19.72
C GLU Q 96 -11.20 34.30 19.39
N VAL Q 97 -11.49 33.61 18.29
CA VAL Q 97 -10.69 32.47 17.87
C VAL Q 97 -9.43 32.96 17.17
N LEU Q 98 -8.27 32.68 17.76
CA LEU Q 98 -6.99 33.22 17.29
C LEU Q 98 -6.33 32.40 16.16
N THR Q 99 -6.73 31.15 16.03
CA THR Q 99 -6.01 30.21 15.17
C THR Q 99 -6.84 29.69 13.98
N PRO Q 100 -6.18 29.13 12.97
CA PRO Q 100 -6.93 28.57 11.83
C PRO Q 100 -7.96 27.53 12.31
N GLN Q 101 -9.18 27.62 11.79
CA GLN Q 101 -10.27 26.79 12.28
C GLN Q 101 -10.33 25.41 11.63
N LEU Q 102 -9.35 24.58 11.96
CA LEU Q 102 -9.22 23.24 11.44
C LEU Q 102 -9.28 22.23 12.59
N ALA Q 103 -9.93 21.10 12.36
CA ALA Q 103 -9.91 20.00 13.32
C ALA Q 103 -9.10 18.88 12.71
N ARG Q 104 -8.59 18.00 13.57
CA ARG Q 104 -7.85 16.87 13.12
C ARG Q 104 -8.77 15.63 13.23
N VAL Q 105 -8.92 14.92 12.12
CA VAL Q 105 -9.80 13.74 12.07
C VAL Q 105 -8.99 12.48 11.83
N VAL Q 106 -9.18 11.49 12.70
CA VAL Q 106 -8.53 10.19 12.56
C VAL Q 106 -9.42 9.21 11.77
N SER Q 107 -8.82 8.23 11.13
CA SER Q 107 -9.56 7.32 10.24
C SER Q 107 -10.69 6.57 10.94
N ASP Q 108 -10.61 6.44 12.25
CA ASP Q 108 -11.67 5.76 13.01
C ASP Q 108 -12.81 6.72 13.40
N GLY Q 109 -12.68 7.99 13.03
CA GLY Q 109 -13.70 8.98 13.33
C GLY Q 109 -13.46 9.83 14.57
N GLU Q 110 -12.35 9.60 15.26
CA GLU Q 110 -11.99 10.45 16.39
C GLU Q 110 -11.63 11.84 15.89
N VAL Q 111 -12.18 12.85 16.55
CA VAL Q 111 -11.92 14.23 16.16
C VAL Q 111 -11.27 15.02 17.28
N LEU Q 112 -10.29 15.85 16.90
CA LEU Q 112 -9.69 16.80 17.82
C LEU Q 112 -9.80 18.22 17.25
N TYR Q 113 -10.40 19.11 18.02
CA TYR Q 113 -10.42 20.52 17.68
C TYR Q 113 -9.84 21.31 18.85
N MET Q 114 -8.79 22.09 18.61
CA MET Q 114 -8.11 22.80 19.70
C MET Q 114 -7.72 24.20 19.30
N PRO Q 115 -8.69 25.10 19.22
CA PRO Q 115 -8.37 26.48 18.85
C PRO Q 115 -7.78 27.22 20.03
N SER Q 116 -6.94 28.21 19.76
CA SER Q 116 -6.57 29.16 20.79
C SER Q 116 -7.61 30.26 20.82
N ILE Q 117 -8.12 30.56 22.02
CA ILE Q 117 -9.22 31.48 22.18
C ILE Q 117 -8.88 32.57 23.18
N ARG Q 118 -9.22 33.80 22.84
CA ARG Q 118 -9.19 34.88 23.82
C ARG Q 118 -10.63 35.27 24.15
N GLN Q 119 -10.95 35.35 25.44
CA GLN Q 119 -12.32 35.61 25.85
C GLN Q 119 -12.31 36.28 27.21
N ARG Q 120 -13.30 37.12 27.46
CA ARG Q 120 -13.41 37.81 28.74
C ARG Q 120 -14.48 37.10 29.58
N PHE Q 121 -14.22 36.97 30.87
CA PHE Q 121 -15.13 36.26 31.77
C PHE Q 121 -15.53 37.08 32.99
N SER Q 122 -16.73 36.79 33.49
CA SER Q 122 -17.17 37.33 34.77
C SER Q 122 -16.91 36.23 35.79
N CYS Q 123 -16.11 36.53 36.82
CA CYS Q 123 -15.75 35.52 37.82
C CYS Q 123 -15.07 36.17 39.02
N ASP Q 124 -14.72 35.36 40.01
CA ASP Q 124 -14.24 35.86 41.28
C ASP Q 124 -12.77 36.25 41.20
N VAL Q 125 -12.50 37.55 41.10
CA VAL Q 125 -11.13 38.04 40.97
C VAL Q 125 -10.52 38.44 42.32
N SER Q 126 -11.33 38.39 43.38
CA SER Q 126 -10.86 38.83 44.69
C SER Q 126 -9.65 38.01 45.13
N GLY Q 127 -8.68 38.69 45.73
CA GLY Q 127 -7.52 38.03 46.27
C GLY Q 127 -6.44 37.76 45.24
N VAL Q 128 -6.67 38.23 44.00
CA VAL Q 128 -5.68 38.03 42.92
C VAL Q 128 -4.32 38.60 43.29
N ASP Q 129 -4.36 39.63 44.12
CA ASP Q 129 -3.14 40.31 44.46
C ASP Q 129 -2.59 39.85 45.80
N THR Q 130 -3.02 38.67 46.25
CA THR Q 130 -2.52 38.10 47.50
C THR Q 130 -1.75 36.81 47.22
N GLU Q 131 -1.08 36.29 48.24
CA GLU Q 131 -0.35 35.02 48.15
C GLU Q 131 -1.20 33.82 47.71
N SER Q 132 -2.43 33.71 48.22
CA SER Q 132 -3.29 32.56 47.87
C SER Q 132 -4.01 32.76 46.52
N GLY Q 133 -3.99 33.99 46.05
CA GLY Q 133 -4.48 34.31 44.71
C GLY Q 133 -5.99 34.28 44.56
N ALA Q 134 -6.45 34.54 43.34
CA ALA Q 134 -7.86 34.48 43.03
C ALA Q 134 -8.17 33.12 42.43
N THR Q 135 -9.44 32.74 42.48
CA THR Q 135 -9.89 31.51 41.82
C THR Q 135 -11.06 31.84 40.89
N CYS Q 136 -10.78 31.85 39.60
CA CYS Q 136 -11.78 32.16 38.58
C CYS Q 136 -12.34 30.85 38.03
N ARG Q 137 -13.65 30.69 38.11
CA ARG Q 137 -14.32 29.48 37.68
C ARG Q 137 -14.97 29.70 36.30
N ILE Q 138 -14.62 28.85 35.34
CA ILE Q 138 -15.14 28.96 33.99
C ILE Q 138 -16.02 27.78 33.70
N LYS Q 139 -17.27 28.05 33.32
CA LYS Q 139 -18.26 26.98 33.13
C LYS Q 139 -18.58 26.76 31.66
N ILE Q 140 -18.29 25.55 31.16
CA ILE Q 140 -18.46 25.23 29.75
C ILE Q 140 -19.33 24.00 29.55
N GLY Q 141 -20.33 24.13 28.67
CA GLY Q 141 -21.18 22.99 28.33
C GLY Q 141 -21.94 23.17 27.02
N SER Q 142 -22.66 22.13 26.61
CA SER Q 142 -23.47 22.26 25.41
C SER Q 142 -24.59 23.27 25.66
N TRP Q 143 -24.75 24.21 24.74
CA TRP Q 143 -25.81 25.22 24.91
C TRP Q 143 -27.21 24.62 24.77
N THR Q 144 -27.41 23.70 23.80
CA THR Q 144 -28.76 23.24 23.47
C THR Q 144 -28.98 21.75 23.56
N HIS Q 145 -27.94 20.96 23.83
CA HIS Q 145 -28.09 19.51 23.87
C HIS Q 145 -28.02 19.00 25.29
N HIS Q 146 -29.08 18.30 25.72
CA HIS Q 146 -29.13 17.75 27.08
C HIS Q 146 -28.28 16.47 27.23
N SER Q 147 -28.24 15.93 28.43
CA SER Q 147 -27.31 14.85 28.77
C SER Q 147 -27.45 13.56 27.96
N ARG Q 148 -28.61 13.30 27.37
CA ARG Q 148 -28.78 12.11 26.54
C ARG Q 148 -28.26 12.31 25.12
N GLU Q 149 -27.89 13.54 24.79
CA GLU Q 149 -27.38 13.83 23.45
C GLU Q 149 -25.88 14.18 23.47
N ILE Q 150 -25.49 15.01 24.43
CA ILE Q 150 -24.07 15.34 24.64
C ILE Q 150 -23.68 15.20 26.11
N SER Q 151 -22.63 14.44 26.38
CA SER Q 151 -22.03 14.44 27.70
C SER Q 151 -20.71 15.17 27.60
N VAL Q 152 -20.37 15.88 28.67
CA VAL Q 152 -19.15 16.65 28.71
C VAL Q 152 -18.33 16.18 29.91
N ASP Q 153 -17.05 15.90 29.68
CA ASP Q 153 -16.15 15.43 30.73
C ASP Q 153 -14.81 16.12 30.61
N PRO Q 154 -14.17 16.38 31.74
CA PRO Q 154 -12.80 16.88 31.72
C PRO Q 154 -11.86 15.79 31.19
N THR Q 155 -10.75 16.19 30.60
CA THR Q 155 -9.85 15.24 29.97
C THR Q 155 -9.09 14.40 31.00
N SER Q 159 -1.81 15.66 34.30
CA SER Q 159 -1.23 16.58 33.32
C SER Q 159 -0.74 17.87 33.98
N ASP Q 160 -0.17 18.77 33.18
CA ASP Q 160 0.38 20.01 33.73
C ASP Q 160 -0.59 21.18 33.55
N ASP Q 161 -0.23 22.33 34.10
CA ASP Q 161 -1.10 23.50 34.06
C ASP Q 161 -0.40 24.72 33.45
N SER Q 162 0.83 24.97 33.89
CA SER Q 162 1.62 26.10 33.38
C SER Q 162 2.44 25.68 32.17
N GLU Q 163 2.18 24.48 31.65
CA GLU Q 163 3.04 23.95 30.61
C GLU Q 163 3.16 24.94 29.44
N TYR Q 164 2.04 25.53 29.04
CA TYR Q 164 2.04 26.43 27.90
C TYR Q 164 1.84 27.88 28.32
N PHE Q 165 1.82 28.14 29.62
CA PHE Q 165 1.50 29.47 30.10
C PHE Q 165 2.65 30.45 29.91
N SER Q 166 2.35 31.62 29.38
CA SER Q 166 3.38 32.60 29.06
C SER Q 166 4.16 33.06 30.29
N GLN Q 167 5.49 33.03 30.18
CA GLN Q 167 6.36 33.50 31.26
C GLN Q 167 6.36 35.02 31.33
N TYR Q 168 5.75 35.68 30.35
CA TYR Q 168 5.77 37.13 30.27
C TYR Q 168 4.48 37.77 30.76
N SER Q 169 3.52 36.93 31.14
CA SER Q 169 2.30 37.41 31.76
C SER Q 169 2.63 38.08 33.11
N ARG Q 170 1.81 39.05 33.51
CA ARG Q 170 1.98 39.67 34.83
C ARG Q 170 1.51 38.70 35.92
N PHE Q 171 0.86 37.63 35.49
CA PHE Q 171 0.24 36.72 36.42
C PHE Q 171 0.89 35.34 36.35
N GLU Q 172 0.63 34.52 37.36
CA GLU Q 172 1.10 33.15 37.37
C GLU Q 172 -0.02 32.24 37.83
N ILE Q 173 0.01 31.01 37.35
CA ILE Q 173 -1.01 30.03 37.70
C ILE Q 173 -0.55 29.20 38.88
N LEU Q 174 -1.40 29.14 39.91
CA LEU Q 174 -1.06 28.37 41.10
C LEU Q 174 -1.63 26.96 41.00
N ASP Q 175 -2.80 26.83 40.37
CA ASP Q 175 -3.49 25.55 40.29
C ASP Q 175 -4.68 25.64 39.35
N VAL Q 176 -5.00 24.53 38.71
CA VAL Q 176 -6.17 24.41 37.89
C VAL Q 176 -6.88 23.12 38.28
N THR Q 177 -8.15 23.22 38.66
CA THR Q 177 -8.96 22.05 38.95
C THR Q 177 -10.21 22.02 38.09
N GLN Q 178 -10.80 20.84 37.96
CA GLN Q 178 -11.97 20.63 37.12
C GLN Q 178 -13.05 19.85 37.84
N LYS Q 179 -14.29 20.17 37.55
CA LYS Q 179 -15.42 19.52 38.16
C LYS Q 179 -16.50 19.37 37.11
N LYS Q 180 -17.09 18.19 37.02
CA LYS Q 180 -18.19 17.96 36.09
C LYS Q 180 -19.52 18.23 36.81
N ASN Q 181 -20.44 18.90 36.13
CA ASN Q 181 -21.78 19.10 36.70
C ASN Q 181 -22.88 18.70 35.73
N SER Q 182 -24.05 18.45 36.30
CA SER Q 182 -25.25 18.15 35.53
C SER Q 182 -26.35 19.02 36.08
N VAL Q 183 -26.85 19.96 35.28
CA VAL Q 183 -27.72 21.00 35.82
C VAL Q 183 -29.07 21.04 35.11
N THR Q 184 -30.14 21.26 35.85
CA THR Q 184 -31.46 21.44 35.25
C THR Q 184 -31.85 22.91 35.30
N TYR Q 185 -32.09 23.50 34.14
CA TYR Q 185 -32.53 24.89 34.08
C TYR Q 185 -34.06 24.95 34.06
N SER Q 186 -34.63 25.99 34.67
CA SER Q 186 -36.07 26.08 34.83
C SER Q 186 -36.80 26.19 33.48
N CYS Q 187 -36.06 26.46 32.42
CA CYS Q 187 -36.63 26.57 31.09
CA CYS Q 187 -36.63 26.58 31.09
C CYS Q 187 -36.98 25.22 30.49
N CYS Q 188 -36.28 24.17 30.92
CA CYS Q 188 -36.41 22.87 30.29
C CYS Q 188 -36.34 21.71 31.29
N PRO Q 189 -36.98 20.59 30.95
CA PRO Q 189 -37.10 19.43 31.86
C PRO Q 189 -35.85 18.56 31.97
N GLU Q 190 -34.98 18.59 30.95
CA GLU Q 190 -33.82 17.69 30.95
C GLU Q 190 -32.59 18.29 31.64
N ALA Q 191 -31.60 17.44 31.92
CA ALA Q 191 -30.35 17.90 32.52
C ALA Q 191 -29.32 18.23 31.46
N TYR Q 192 -28.51 19.27 31.72
CA TYR Q 192 -27.45 19.70 30.80
C TYR Q 192 -26.12 19.62 31.51
N GLU Q 193 -25.15 18.96 30.89
CA GLU Q 193 -23.85 18.76 31.53
C GLU Q 193 -22.90 19.92 31.25
N ASP Q 194 -22.04 20.19 32.22
CA ASP Q 194 -21.01 21.19 32.04
C ASP Q 194 -19.73 20.77 32.75
N VAL Q 195 -18.63 21.36 32.34
CA VAL Q 195 -17.39 21.24 33.07
C VAL Q 195 -17.06 22.60 33.67
N GLU Q 196 -16.70 22.60 34.95
CA GLU Q 196 -16.26 23.83 35.61
C GLU Q 196 -14.75 23.78 35.84
N VAL Q 197 -14.04 24.71 35.22
CA VAL Q 197 -12.59 24.75 35.33
C VAL Q 197 -12.26 25.89 36.26
N SER Q 198 -11.68 25.54 37.42
CA SER Q 198 -11.29 26.52 38.41
C SER Q 198 -9.83 26.91 38.25
N LEU Q 199 -9.59 28.15 37.84
CA LEU Q 199 -8.26 28.66 37.63
C LEU Q 199 -7.81 29.49 38.83
N ASN Q 200 -6.84 28.95 39.58
CA ASN Q 200 -6.27 29.64 40.75
C ASN Q 200 -4.99 30.36 40.34
N PHE Q 201 -5.01 31.69 40.41
CA PHE Q 201 -3.90 32.48 39.89
C PHE Q 201 -3.69 33.74 40.71
N ARG Q 202 -2.51 34.33 40.60
CA ARG Q 202 -2.21 35.56 41.31
C ARG Q 202 -1.27 36.46 40.53
N LYS Q 203 -1.18 37.73 40.94
CA LYS Q 203 -0.25 38.63 40.31
C LYS Q 203 1.16 38.31 40.80
N LYS Q 204 2.13 38.32 39.89
CA LYS Q 204 3.52 38.05 40.28
C LYS Q 204 4.09 39.25 40.97
N GLY Q 205 5.11 39.01 41.78
CA GLY Q 205 5.86 40.11 42.34
C GLY Q 205 7.00 40.40 41.39
N ARG Q 206 7.44 41.65 41.39
CA ARG Q 206 8.67 42.03 40.72
C ARG Q 206 9.90 41.47 41.47
N LEU R 1 -37.82 7.86 10.72
CA LEU R 1 -36.96 9.04 10.60
C LEU R 1 -35.88 9.05 11.66
N ASP R 2 -34.65 9.36 11.26
CA ASP R 2 -33.61 9.68 12.24
C ASP R 2 -33.31 11.19 12.19
N ARG R 3 -32.41 11.66 13.05
CA ARG R 3 -32.08 13.08 13.11
C ARG R 3 -31.61 13.62 11.78
N ALA R 4 -30.79 12.85 11.06
CA ALA R 4 -30.29 13.27 9.76
C ALA R 4 -31.42 13.54 8.79
N ASP R 5 -32.40 12.64 8.73
CA ASP R 5 -33.57 12.83 7.85
C ASP R 5 -34.36 14.09 8.23
N ILE R 6 -34.65 14.24 9.52
CA ILE R 6 -35.40 15.38 10.01
C ILE R 6 -34.70 16.68 9.61
N LEU R 7 -33.41 16.77 9.92
CA LEU R 7 -32.65 17.98 9.63
C LEU R 7 -32.54 18.23 8.14
N TYR R 8 -32.44 17.15 7.37
CA TYR R 8 -32.39 17.27 5.92
C TYR R 8 -33.71 17.84 5.40
N ASN R 9 -34.83 17.28 5.86
CA ASN R 9 -36.14 17.77 5.44
C ASN R 9 -36.39 19.23 5.81
N ILE R 10 -36.00 19.59 7.02
CA ILE R 10 -36.13 20.97 7.47
C ILE R 10 -35.30 21.91 6.59
N ARG R 11 -34.05 21.54 6.35
CA ARG R 11 -33.18 22.37 5.54
C ARG R 11 -33.73 22.55 4.12
N GLN R 12 -34.23 21.47 3.54
CA GLN R 12 -34.68 21.46 2.15
C GLN R 12 -35.98 22.22 1.92
N THR R 13 -36.81 22.36 2.94
CA THR R 13 -38.13 22.93 2.71
C THR R 13 -38.47 24.12 3.58
N SER R 14 -37.58 24.45 4.51
CA SER R 14 -37.89 25.56 5.39
C SER R 14 -37.69 26.88 4.67
N ARG R 15 -38.59 27.81 4.97
CA ARG R 15 -38.61 29.10 4.32
C ARG R 15 -38.33 30.15 5.38
N PRO R 16 -37.05 30.47 5.56
CA PRO R 16 -36.64 31.34 6.67
C PRO R 16 -37.24 32.74 6.54
N ASP R 17 -37.68 33.08 5.33
CA ASP R 17 -38.21 34.41 5.05
C ASP R 17 -39.74 34.48 5.18
N VAL R 18 -40.36 33.34 5.43
CA VAL R 18 -41.82 33.25 5.50
C VAL R 18 -42.35 33.09 6.91
N ILE R 19 -43.07 34.09 7.40
CA ILE R 19 -43.69 34.03 8.72
C ILE R 19 -44.73 32.90 8.75
N PRO R 20 -44.61 31.98 9.74
CA PRO R 20 -45.44 30.77 9.77
C PRO R 20 -46.81 31.07 10.34
N THR R 21 -47.47 32.05 9.75
CA THR R 21 -48.80 32.43 10.17
C THR R 21 -49.77 31.33 9.73
N GLN R 22 -50.69 30.95 10.61
CA GLN R 22 -51.69 29.94 10.27
C GLN R 22 -53.12 30.45 10.40
N ARG R 23 -53.83 30.42 9.27
CA ARG R 23 -55.23 30.86 9.20
C ARG R 23 -55.45 32.26 9.76
N ASP R 24 -54.57 33.16 9.31
CA ASP R 24 -54.60 34.59 9.61
C ASP R 24 -54.48 35.01 11.07
N ARG R 25 -54.34 34.04 11.97
CA ARG R 25 -54.02 34.35 13.35
C ARG R 25 -52.55 34.78 13.43
N PRO R 26 -52.25 35.78 14.25
CA PRO R 26 -50.85 36.17 14.41
C PRO R 26 -50.01 35.02 14.96
N VAL R 27 -48.72 35.01 14.67
CA VAL R 27 -47.80 34.08 15.31
C VAL R 27 -47.61 34.53 16.76
N ALA R 28 -47.93 33.66 17.70
CA ALA R 28 -47.85 34.05 19.10
C ALA R 28 -46.44 33.81 19.61
N VAL R 29 -45.71 34.90 19.86
CA VAL R 29 -44.33 34.83 20.32
C VAL R 29 -44.23 35.12 21.83
N SER R 30 -43.57 34.25 22.56
CA SER R 30 -43.32 34.50 23.98
C SER R 30 -41.89 35.00 24.14
N VAL R 31 -41.71 36.01 24.98
CA VAL R 31 -40.37 36.54 25.26
C VAL R 31 -40.15 36.66 26.76
N SER R 32 -38.97 36.23 27.19
CA SER R 32 -38.60 36.32 28.59
C SER R 32 -37.09 36.54 28.69
N LEU R 33 -36.67 37.52 29.47
CA LEU R 33 -35.26 37.79 29.67
C LEU R 33 -34.76 37.19 30.98
N LYS R 34 -33.78 36.29 30.90
CA LYS R 34 -33.12 35.75 32.09
C LYS R 34 -31.82 36.50 32.30
N PHE R 35 -31.78 37.38 33.30
CA PHE R 35 -30.61 38.22 33.48
C PHE R 35 -29.43 37.45 34.05
N ILE R 36 -28.27 37.61 33.42
CA ILE R 36 -27.07 36.88 33.82
C ILE R 36 -26.08 37.82 34.51
N ASN R 37 -25.96 39.04 33.97
CA ASN R 37 -24.99 39.97 34.53
C ASN R 37 -25.33 41.41 34.18
N ILE R 38 -24.87 42.32 35.02
CA ILE R 38 -24.98 43.74 34.77
C ILE R 38 -23.57 44.30 34.91
N LEU R 39 -23.07 44.87 33.82
CA LEU R 39 -21.70 45.41 33.76
C LEU R 39 -21.80 46.87 33.34
N GLU R 40 -20.72 47.61 33.52
CA GLU R 40 -20.63 48.95 32.94
C GLU R 40 -21.87 49.86 33.10
N VAL R 41 -22.29 50.12 34.33
CA VAL R 41 -23.40 51.06 34.58
C VAL R 41 -22.91 52.51 34.61
N ASN R 42 -23.70 53.43 34.07
CA ASN R 42 -23.30 54.84 34.07
C ASN R 42 -24.49 55.76 34.40
N GLU R 43 -24.51 56.27 35.62
CA GLU R 43 -25.65 57.06 36.07
C GLU R 43 -25.66 58.46 35.46
N ILE R 44 -24.50 58.92 35.02
CA ILE R 44 -24.41 60.22 34.37
C ILE R 44 -25.09 60.18 33.00
N THR R 45 -24.78 59.14 32.22
CA THR R 45 -25.28 59.04 30.85
C THR R 45 -26.56 58.21 30.73
N ASN R 46 -27.02 57.61 31.83
CA ASN R 46 -28.18 56.70 31.76
C ASN R 46 -27.98 55.57 30.74
N GLU R 47 -26.85 54.90 30.84
CA GLU R 47 -26.57 53.76 29.98
C GLU R 47 -26.12 52.59 30.82
N VAL R 48 -26.41 51.39 30.35
CA VAL R 48 -26.07 50.19 31.10
C VAL R 48 -25.80 49.04 30.15
N ASP R 49 -24.86 48.18 30.53
CA ASP R 49 -24.54 46.97 29.76
C ASP R 49 -25.14 45.77 30.47
N VAL R 50 -25.90 44.97 29.75
CA VAL R 50 -26.53 43.81 30.38
C VAL R 50 -26.24 42.53 29.59
N VAL R 51 -26.07 41.44 30.29
CA VAL R 51 -26.03 40.12 29.67
C VAL R 51 -27.26 39.35 30.13
N PHE R 52 -27.99 38.78 29.17
CA PHE R 52 -29.23 38.09 29.48
C PHE R 52 -29.50 37.00 28.45
N TRP R 53 -30.21 35.96 28.86
CA TRP R 53 -30.68 34.98 27.89
C TRP R 53 -32.02 35.48 27.41
N GLN R 54 -32.17 35.59 26.09
CA GLN R 54 -33.42 36.05 25.50
C GLN R 54 -34.28 34.84 25.09
N GLN R 55 -35.06 34.33 26.03
CA GLN R 55 -35.84 33.13 25.79
C GLN R 55 -37.02 33.47 24.90
N THR R 56 -37.06 32.84 23.73
CA THR R 56 -38.05 33.16 22.71
C THR R 56 -38.70 31.88 22.22
N THR R 57 -40.02 31.82 22.29
CA THR R 57 -40.75 30.64 21.83
C THR R 57 -41.87 31.01 20.86
N TRP R 58 -42.11 30.11 19.93
CA TRP R 58 -43.20 30.27 19.00
C TRP R 58 -43.43 28.95 18.29
N SER R 59 -44.51 28.89 17.53
CA SER R 59 -44.89 27.69 16.82
C SER R 59 -44.77 27.85 15.32
N ASP R 60 -44.11 26.89 14.67
CA ASP R 60 -44.04 26.86 13.21
C ASP R 60 -44.43 25.48 12.69
N ARG R 61 -45.69 25.32 12.30
CA ARG R 61 -46.22 24.03 11.92
C ARG R 61 -45.51 23.44 10.71
N THR R 62 -44.93 24.30 9.88
CA THR R 62 -44.23 23.82 8.69
C THR R 62 -43.00 22.95 9.03
N LEU R 63 -42.53 23.03 10.27
CA LEU R 63 -41.39 22.23 10.69
C LEU R 63 -41.80 20.87 11.25
N ALA R 64 -43.11 20.69 11.44
CA ALA R 64 -43.61 19.54 12.18
C ALA R 64 -43.34 18.22 11.46
N TRP R 65 -43.17 17.14 12.22
CA TRP R 65 -43.06 15.80 11.65
C TRP R 65 -43.72 14.77 12.56
N ASN R 66 -44.08 13.62 11.99
CA ASN R 66 -44.63 12.50 12.78
C ASN R 66 -43.51 11.87 13.60
N SER R 67 -43.60 11.99 14.93
CA SER R 67 -42.50 11.55 15.78
C SER R 67 -42.67 10.17 16.42
N SER R 68 -43.65 9.40 15.98
CA SER R 68 -43.70 8.00 16.38
C SER R 68 -42.53 7.30 15.68
N HIS R 69 -41.73 6.58 16.45
CA HIS R 69 -40.53 5.93 15.92
C HIS R 69 -39.48 6.93 15.42
N SER R 70 -39.36 8.08 16.08
CA SER R 70 -38.39 9.12 15.67
C SER R 70 -38.01 10.04 16.82
N PRO R 71 -36.87 10.74 16.69
CA PRO R 71 -36.56 11.74 17.71
C PRO R 71 -37.69 12.77 17.81
N ASP R 72 -37.93 13.25 19.02
CA ASP R 72 -39.00 14.18 19.31
C ASP R 72 -38.55 15.64 19.15
N GLN R 73 -37.24 15.88 19.14
CA GLN R 73 -36.67 17.23 19.09
C GLN R 73 -35.32 17.22 18.37
N VAL R 74 -35.00 18.32 17.72
CA VAL R 74 -33.66 18.50 17.16
C VAL R 74 -33.18 19.93 17.38
N SER R 75 -31.87 20.12 17.31
CA SER R 75 -31.28 21.45 17.32
C SER R 75 -31.04 21.88 15.88
N VAL R 76 -31.50 23.09 15.54
CA VAL R 76 -31.47 23.57 14.17
C VAL R 76 -30.82 24.96 14.12
N PRO R 77 -29.87 25.17 13.18
CA PRO R 77 -29.31 26.51 13.00
C PRO R 77 -30.42 27.51 12.66
N ILE R 78 -30.43 28.69 13.29
CA ILE R 78 -31.53 29.62 13.04
C ILE R 78 -31.52 30.13 11.61
N SER R 79 -30.38 29.98 10.93
CA SER R 79 -30.33 30.38 9.53
C SER R 79 -31.25 29.53 8.67
N SER R 80 -31.69 28.39 9.20
CA SER R 80 -32.59 27.50 8.47
C SER R 80 -34.04 27.62 8.88
N LEU R 81 -34.35 28.58 9.76
CA LEU R 81 -35.71 28.75 10.28
C LEU R 81 -36.15 30.18 10.14
N TRP R 82 -37.46 30.40 10.07
CA TRP R 82 -37.98 31.74 10.30
C TRP R 82 -37.83 32.05 11.78
N VAL R 83 -37.38 33.27 12.08
CA VAL R 83 -37.23 33.74 13.45
C VAL R 83 -37.90 35.11 13.55
N PRO R 84 -38.61 35.36 14.67
CA PRO R 84 -39.26 36.67 14.87
C PRO R 84 -38.24 37.82 14.80
N ASP R 85 -38.60 38.91 14.11
CA ASP R 85 -37.71 40.07 13.97
C ASP R 85 -37.76 40.99 15.20
N LEU R 86 -37.49 40.44 16.37
CA LEU R 86 -37.56 41.20 17.61
C LEU R 86 -36.39 42.17 17.70
N ALA R 87 -36.65 43.34 18.28
CA ALA R 87 -35.57 44.28 18.59
C ALA R 87 -35.87 44.98 19.90
N ALA R 88 -34.82 45.34 20.61
CA ALA R 88 -34.97 46.15 21.80
C ALA R 88 -34.95 47.61 21.36
N TYR R 89 -36.03 48.34 21.63
CA TYR R 89 -36.20 49.70 21.14
C TYR R 89 -35.20 50.68 21.73
N ASN R 90 -34.81 50.44 22.98
CA ASN R 90 -33.90 51.36 23.65
C ASN R 90 -32.47 50.84 23.75
N ALA R 91 -32.15 49.84 22.94
CA ALA R 91 -30.77 49.35 22.80
C ALA R 91 -29.95 50.38 22.04
N ILE R 92 -28.71 50.59 22.46
CA ILE R 92 -27.85 51.55 21.79
C ILE R 92 -26.61 50.87 21.21
N SER R 93 -26.60 49.55 21.27
CA SER R 93 -25.63 48.74 20.53
C SER R 93 -26.39 47.56 19.92
N LYS R 94 -25.88 47.00 18.84
CA LYS R 94 -26.54 45.80 18.32
C LYS R 94 -26.25 44.63 19.24
N PRO R 95 -27.15 43.64 19.25
CA PRO R 95 -26.98 42.53 20.18
C PRO R 95 -25.68 41.80 19.89
N GLU R 96 -24.86 41.58 20.91
CA GLU R 96 -23.72 40.69 20.77
C GLU R 96 -24.20 39.30 21.23
N VAL R 97 -24.40 38.41 20.27
CA VAL R 97 -24.87 37.07 20.58
C VAL R 97 -23.67 36.22 21.02
N LEU R 98 -23.72 35.75 22.25
CA LEU R 98 -22.57 35.11 22.87
C LEU R 98 -22.50 33.60 22.60
N THR R 99 -23.63 33.00 22.23
CA THR R 99 -23.76 31.56 22.19
C THR R 99 -23.99 31.03 20.78
N PRO R 100 -23.83 29.72 20.58
CA PRO R 100 -24.11 29.12 19.26
C PRO R 100 -25.54 29.39 18.82
N GLN R 101 -25.71 29.82 17.58
CA GLN R 101 -27.03 30.24 17.12
C GLN R 101 -27.90 29.08 16.62
N LEU R 102 -28.36 28.28 17.58
CA LEU R 102 -29.20 27.10 17.32
C LEU R 102 -30.52 27.25 18.07
N ALA R 103 -31.61 26.84 17.43
CA ALA R 103 -32.91 26.78 18.09
C ALA R 103 -33.28 25.32 18.30
N ARG R 104 -34.18 25.08 19.23
CA ARG R 104 -34.62 23.72 19.50
C ARG R 104 -36.01 23.59 18.92
N VAL R 105 -36.20 22.62 18.05
CA VAL R 105 -37.48 22.40 17.37
C VAL R 105 -38.13 21.09 17.78
N VAL R 106 -39.38 21.15 18.25
CA VAL R 106 -40.11 19.95 18.65
C VAL R 106 -40.92 19.43 17.47
N SER R 107 -41.21 18.13 17.45
CA SER R 107 -41.88 17.51 16.32
C SER R 107 -43.27 18.10 16.00
N ASP R 108 -43.88 18.78 16.96
CA ASP R 108 -45.15 19.45 16.70
C ASP R 108 -45.00 20.86 16.14
N GLY R 109 -43.75 21.30 15.96
CA GLY R 109 -43.48 22.62 15.39
C GLY R 109 -43.16 23.72 16.41
N GLU R 110 -43.22 23.39 17.70
CA GLU R 110 -42.84 24.34 18.73
C GLU R 110 -41.35 24.64 18.64
N VAL R 111 -41.00 25.92 18.67
CA VAL R 111 -39.62 26.34 18.59
C VAL R 111 -39.18 27.12 19.83
N LEU R 112 -37.97 26.81 20.29
CA LEU R 112 -37.33 27.58 21.34
C LEU R 112 -36.00 28.11 20.83
N TYR R 113 -35.79 29.41 20.96
CA TYR R 113 -34.48 30.01 20.69
C TYR R 113 -34.10 30.85 21.89
N MET R 114 -32.94 30.58 22.49
CA MET R 114 -32.56 31.24 23.73
C MET R 114 -31.08 31.58 23.75
N PRO R 115 -30.67 32.57 22.95
CA PRO R 115 -29.28 32.98 22.96
C PRO R 115 -28.94 33.79 24.19
N SER R 116 -27.68 33.73 24.60
CA SER R 116 -27.17 34.68 25.58
C SER R 116 -26.68 35.91 24.84
N ILE R 117 -27.17 37.06 25.27
CA ILE R 117 -26.91 38.32 24.58
C ILE R 117 -26.32 39.36 25.51
N ARG R 118 -25.29 40.05 25.03
CA ARG R 118 -24.79 41.22 25.71
C ARG R 118 -25.19 42.45 24.90
N GLN R 119 -25.78 43.44 25.56
CA GLN R 119 -26.28 44.59 24.84
C GLN R 119 -26.28 45.81 25.75
N ARG R 120 -26.05 46.97 25.16
CA ARG R 120 -26.06 48.21 25.92
C ARG R 120 -27.39 48.91 25.72
N PHE R 121 -27.94 49.47 26.79
CA PHE R 121 -29.26 50.11 26.73
C PHE R 121 -29.24 51.54 27.27
N SER R 122 -30.14 52.36 26.73
CA SER R 122 -30.42 53.66 27.30
C SER R 122 -31.65 53.53 28.18
N CYS R 123 -31.51 53.86 29.46
CA CYS R 123 -32.62 53.71 30.41
C CYS R 123 -32.32 54.44 31.71
N ASP R 124 -33.28 54.42 32.64
CA ASP R 124 -33.18 55.17 33.88
C ASP R 124 -32.24 54.50 34.89
N VAL R 125 -31.03 55.02 34.98
CA VAL R 125 -30.04 54.48 35.90
C VAL R 125 -30.04 55.19 37.28
N SER R 126 -30.84 56.24 37.42
CA SER R 126 -30.85 57.03 38.64
C SER R 126 -31.24 56.17 39.84
N GLY R 127 -30.54 56.38 40.95
CA GLY R 127 -30.83 55.67 42.19
C GLY R 127 -30.17 54.31 42.28
N VAL R 128 -29.39 53.95 41.26
CA VAL R 128 -28.73 52.65 41.25
C VAL R 128 -27.94 52.48 42.53
N ASP R 129 -27.64 53.61 43.13
CA ASP R 129 -26.75 53.59 44.27
C ASP R 129 -27.47 53.79 45.59
N THR R 130 -28.79 53.61 45.60
CA THR R 130 -29.57 53.72 46.82
C THR R 130 -30.19 52.38 47.16
N GLU R 131 -30.75 52.29 48.35
CA GLU R 131 -31.46 51.08 48.80
C GLU R 131 -32.55 50.63 47.83
N SER R 132 -33.34 51.57 47.30
CA SER R 132 -34.47 51.18 46.44
C SER R 132 -34.01 50.88 45.00
N GLY R 133 -32.78 51.28 44.69
CA GLY R 133 -32.15 50.96 43.42
C GLY R 133 -32.70 51.70 42.22
N ALA R 134 -32.15 51.37 41.05
CA ALA R 134 -32.63 51.92 39.79
C ALA R 134 -33.61 50.95 39.14
N THR R 135 -34.46 51.46 38.26
CA THR R 135 -35.35 50.61 37.49
C THR R 135 -35.17 50.88 36.01
N CYS R 136 -34.48 49.95 35.35
CA CYS R 136 -34.21 50.06 33.92
C CYS R 136 -35.26 49.28 33.11
N ARG R 137 -35.94 49.99 32.22
CA ARG R 137 -37.00 49.40 31.44
C ARG R 137 -36.50 49.04 30.03
N ILE R 138 -36.64 47.78 29.65
CA ILE R 138 -36.21 47.31 28.34
C ILE R 138 -37.42 46.93 27.50
N LYS R 139 -37.53 47.54 26.33
CA LYS R 139 -38.71 47.37 25.48
C LYS R 139 -38.39 46.53 24.24
N ILE R 140 -39.07 45.39 24.10
CA ILE R 140 -38.78 44.45 23.02
C ILE R 140 -40.04 44.08 22.25
N GLY R 141 -39.95 44.17 20.92
CA GLY R 141 -41.09 43.83 20.08
C GLY R 141 -40.65 43.53 18.66
N SER R 142 -41.55 43.01 17.83
CA SER R 142 -41.28 42.88 16.41
C SER R 142 -41.04 44.23 15.76
N TRP R 143 -39.94 44.35 15.02
CA TRP R 143 -39.62 45.61 14.35
C TRP R 143 -40.59 45.95 13.21
N THR R 144 -40.98 44.96 12.42
CA THR R 144 -41.75 45.24 11.20
C THR R 144 -43.08 44.54 11.08
N HIS R 145 -43.44 43.70 12.06
CA HIS R 145 -44.71 42.94 12.00
C HIS R 145 -45.72 43.47 13.01
N HIS R 146 -46.86 43.94 12.54
CA HIS R 146 -47.91 44.45 13.42
C HIS R 146 -48.68 43.32 14.11
N SER R 147 -49.67 43.70 14.93
CA SER R 147 -50.30 42.76 15.86
C SER R 147 -51.09 41.64 15.21
N ARG R 148 -51.43 41.79 13.93
CA ARG R 148 -52.15 40.73 13.21
C ARG R 148 -51.21 39.69 12.63
N GLU R 149 -49.91 39.97 12.69
CA GLU R 149 -48.90 39.02 12.19
C GLU R 149 -48.08 38.42 13.34
N ILE R 150 -47.72 39.25 14.30
CA ILE R 150 -46.97 38.80 15.47
C ILE R 150 -47.51 39.42 16.75
N SER R 151 -47.93 38.57 17.68
CA SER R 151 -48.19 39.01 19.04
C SER R 151 -47.00 38.62 19.89
N VAL R 152 -46.74 39.42 20.92
CA VAL R 152 -45.65 39.17 21.83
C VAL R 152 -46.23 39.14 23.23
N ASP R 153 -45.88 38.12 24.00
CA ASP R 153 -46.31 38.04 25.39
C ASP R 153 -45.18 37.62 26.33
N PRO R 154 -45.24 38.10 27.57
CA PRO R 154 -44.32 37.61 28.62
C PRO R 154 -44.73 36.19 28.97
N THR R 155 -43.79 35.38 29.43
CA THR R 155 -44.09 33.97 29.69
C THR R 155 -44.85 33.76 31.00
N ASP R 160 -37.28 32.64 39.43
CA ASP R 160 -36.50 33.48 40.34
C ASP R 160 -35.70 34.53 39.57
N ASP R 161 -35.89 35.80 39.92
CA ASP R 161 -35.23 36.90 39.22
C ASP R 161 -33.71 36.76 39.14
N SER R 162 -33.11 36.27 40.21
CA SER R 162 -31.66 36.09 40.23
C SER R 162 -31.24 34.65 39.92
N GLU R 163 -32.16 33.80 39.48
CA GLU R 163 -31.83 32.38 39.42
C GLU R 163 -30.49 32.14 38.72
N TYR R 164 -30.29 32.84 37.60
CA TYR R 164 -29.06 32.66 36.83
C TYR R 164 -28.12 33.87 36.95
N PHE R 165 -28.48 34.83 37.80
CA PHE R 165 -27.71 36.08 37.87
C PHE R 165 -26.37 35.86 38.57
N SER R 166 -25.31 36.40 37.97
CA SER R 166 -23.96 36.22 38.52
C SER R 166 -23.78 36.79 39.93
N GLN R 167 -23.24 35.97 40.84
CA GLN R 167 -22.98 36.41 42.20
C GLN R 167 -21.74 37.31 42.24
N TYR R 168 -21.06 37.44 41.10
CA TYR R 168 -19.84 38.21 41.06
C TYR R 168 -20.04 39.61 40.45
N SER R 169 -21.26 39.89 40.02
CA SER R 169 -21.59 41.23 39.54
C SER R 169 -21.48 42.24 40.68
N ARG R 170 -21.17 43.49 40.36
CA ARG R 170 -21.15 44.56 41.36
C ARG R 170 -22.57 44.94 41.73
N PHE R 171 -23.53 44.40 40.99
CA PHE R 171 -24.92 44.78 41.21
C PHE R 171 -25.74 43.59 41.64
N GLU R 172 -26.95 43.86 42.12
CA GLU R 172 -27.87 42.81 42.50
C GLU R 172 -29.26 43.17 42.02
N ILE R 173 -30.05 42.14 41.75
CA ILE R 173 -31.39 42.34 41.23
C ILE R 173 -32.39 42.34 42.38
N LEU R 174 -33.21 43.38 42.45
CA LEU R 174 -34.20 43.50 43.51
C LEU R 174 -35.54 42.92 43.04
N ASP R 175 -35.86 43.13 41.76
CA ASP R 175 -37.13 42.72 41.21
C ASP R 175 -37.15 42.85 39.70
N VAL R 176 -37.93 41.99 39.04
CA VAL R 176 -38.14 42.09 37.62
C VAL R 176 -39.64 41.99 37.38
N THR R 177 -40.20 42.95 36.66
CA THR R 177 -41.61 42.89 36.30
C THR R 177 -41.78 43.04 34.80
N GLN R 178 -42.92 42.59 34.30
CA GLN R 178 -43.20 42.63 32.88
C GLN R 178 -44.56 43.23 32.57
N LYS R 179 -44.64 43.96 31.47
CA LYS R 179 -45.89 44.55 31.05
C LYS R 179 -46.00 44.38 29.54
N LYS R 180 -47.16 43.96 29.06
CA LYS R 180 -47.40 43.87 27.62
C LYS R 180 -48.04 45.15 27.13
N ASN R 181 -47.59 45.65 25.98
CA ASN R 181 -48.18 46.85 25.39
C ASN R 181 -48.56 46.66 23.92
N SER R 182 -49.49 47.49 23.46
CA SER R 182 -49.84 47.52 22.06
C SER R 182 -49.81 48.98 21.62
N VAL R 183 -48.89 49.31 20.72
CA VAL R 183 -48.64 50.71 20.43
C VAL R 183 -48.89 51.06 18.97
N THR R 184 -49.55 52.18 18.77
CA THR R 184 -49.66 52.74 17.44
C THR R 184 -48.67 53.88 17.29
N TYR R 185 -47.72 53.73 16.37
CA TYR R 185 -46.75 54.76 16.08
C TYR R 185 -47.27 55.68 14.98
N SER R 186 -46.91 56.95 15.04
CA SER R 186 -47.46 57.94 14.10
C SER R 186 -47.04 57.67 12.66
N CYS R 187 -46.09 56.72 12.46
CA CYS R 187 -45.62 56.37 11.11
CA CYS R 187 -45.62 56.38 11.12
C CYS R 187 -46.56 55.42 10.37
N CYS R 188 -47.26 54.57 11.11
CA CYS R 188 -48.03 53.50 10.50
C CYS R 188 -49.42 53.35 11.13
N PRO R 189 -50.39 52.85 10.34
CA PRO R 189 -51.77 52.76 10.85
C PRO R 189 -52.02 51.60 11.83
N GLU R 190 -51.21 50.54 11.80
CA GLU R 190 -51.48 49.36 12.62
C GLU R 190 -50.79 49.44 13.98
N ALA R 191 -51.20 48.56 14.89
CA ALA R 191 -50.60 48.51 16.21
C ALA R 191 -49.48 47.48 16.23
N TYR R 192 -48.43 47.77 16.99
CA TYR R 192 -47.29 46.87 17.16
C TYR R 192 -47.13 46.51 18.62
N GLU R 193 -47.00 45.22 18.91
CA GLU R 193 -46.92 44.76 20.29
C GLU R 193 -45.49 44.75 20.80
N ASP R 194 -45.34 45.01 22.08
CA ASP R 194 -44.04 44.91 22.72
C ASP R 194 -44.19 44.37 24.13
N VAL R 195 -43.09 43.89 24.68
CA VAL R 195 -43.02 43.57 26.09
C VAL R 195 -42.02 44.53 26.73
N GLU R 196 -42.41 45.13 27.86
CA GLU R 196 -41.51 45.97 28.63
C GLU R 196 -41.04 45.24 29.89
N VAL R 197 -39.73 45.01 29.98
CA VAL R 197 -39.18 44.31 31.11
C VAL R 197 -38.52 45.34 32.02
N SER R 198 -39.06 45.50 33.23
CA SER R 198 -38.51 46.46 34.18
C SER R 198 -37.56 45.77 35.15
N LEU R 199 -36.28 46.11 35.04
CA LEU R 199 -35.24 45.53 35.86
C LEU R 199 -34.91 46.47 37.01
N ASN R 200 -35.28 46.07 38.23
CA ASN R 200 -34.98 46.85 39.44
C ASN R 200 -33.71 46.32 40.08
N PHE R 201 -32.66 47.14 40.08
CA PHE R 201 -31.35 46.68 40.54
C PHE R 201 -30.59 47.79 41.25
N ARG R 202 -29.59 47.40 42.03
CA ARG R 202 -28.80 48.38 42.77
C ARG R 202 -27.36 47.90 42.93
N LYS R 203 -26.47 48.83 43.25
CA LYS R 203 -25.08 48.48 43.53
C LYS R 203 -25.01 47.81 44.90
N LYS R 204 -24.22 46.73 45.01
CA LYS R 204 -24.07 46.04 46.29
C LYS R 204 -23.18 46.85 47.21
N LEU S 1 -52.66 33.76 -4.10
CA LEU S 1 -51.31 33.92 -3.55
C LEU S 1 -51.32 33.94 -2.02
N ASP S 2 -50.42 33.18 -1.41
CA ASP S 2 -50.14 33.37 0.01
C ASP S 2 -48.75 34.03 0.19
N ARG S 3 -48.39 34.32 1.44
CA ARG S 3 -47.11 34.95 1.72
C ARG S 3 -45.92 34.17 1.15
N ALA S 4 -45.99 32.85 1.25
CA ALA S 4 -44.90 32.01 0.76
C ALA S 4 -44.72 32.22 -0.74
N ASP S 5 -45.83 32.28 -1.47
CA ASP S 5 -45.77 32.47 -2.91
C ASP S 5 -45.18 33.83 -3.27
N ILE S 6 -45.71 34.87 -2.63
CA ILE S 6 -45.22 36.23 -2.82
C ILE S 6 -43.71 36.33 -2.56
N LEU S 7 -43.26 35.81 -1.43
CA LEU S 7 -41.85 35.92 -1.06
C LEU S 7 -40.96 35.10 -1.99
N TYR S 8 -41.45 33.95 -2.41
CA TYR S 8 -40.76 33.14 -3.39
C TYR S 8 -40.61 33.90 -4.72
N ASN S 9 -41.70 34.51 -5.19
CA ASN S 9 -41.64 35.25 -6.46
C ASN S 9 -40.67 36.42 -6.40
N ILE S 10 -40.70 37.14 -5.30
CA ILE S 10 -39.83 38.29 -5.10
C ILE S 10 -38.39 37.82 -5.08
N ARG S 11 -38.11 36.77 -4.32
CA ARG S 11 -36.75 36.24 -4.21
C ARG S 11 -36.21 35.77 -5.57
N GLN S 12 -37.05 35.08 -6.32
CA GLN S 12 -36.66 34.53 -7.62
C GLN S 12 -36.47 35.57 -8.72
N THR S 13 -37.17 36.70 -8.61
CA THR S 13 -37.18 37.67 -9.72
C THR S 13 -36.82 39.11 -9.37
N SER S 14 -36.60 39.38 -8.09
CA SER S 14 -36.17 40.72 -7.71
C SER S 14 -34.70 40.87 -8.05
N ARG S 15 -34.35 41.98 -8.68
CA ARG S 15 -32.96 42.24 -9.06
C ARG S 15 -32.38 43.30 -8.12
N PRO S 16 -31.76 42.86 -7.01
CA PRO S 16 -31.29 43.79 -5.98
C PRO S 16 -30.26 44.79 -6.53
N ASP S 17 -29.64 44.45 -7.66
CA ASP S 17 -28.60 45.27 -8.24
C ASP S 17 -29.14 46.25 -9.29
N VAL S 18 -30.42 46.15 -9.59
CA VAL S 18 -31.02 46.98 -10.64
C VAL S 18 -31.91 48.08 -10.08
N ILE S 19 -31.53 49.32 -10.35
CA ILE S 19 -32.31 50.48 -9.90
C ILE S 19 -33.66 50.50 -10.63
N PRO S 20 -34.77 50.56 -9.87
CA PRO S 20 -36.10 50.43 -10.45
C PRO S 20 -36.56 51.72 -11.10
N THR S 21 -35.72 52.22 -12.01
CA THR S 21 -36.02 53.44 -12.73
C THR S 21 -37.15 53.13 -13.74
N GLN S 22 -38.13 54.03 -13.83
CA GLN S 22 -39.20 53.82 -14.78
C GLN S 22 -39.30 54.94 -15.79
N ARG S 23 -39.14 54.57 -17.06
CA ARG S 23 -39.30 55.46 -18.20
C ARG S 23 -38.43 56.71 -18.12
N ASP S 24 -37.12 56.48 -18.07
CA ASP S 24 -36.11 57.52 -17.87
C ASP S 24 -36.59 58.65 -16.95
N ARG S 25 -37.00 58.26 -15.75
CA ARG S 25 -37.42 59.18 -14.71
C ARG S 25 -36.78 58.68 -13.42
N PRO S 26 -36.30 59.60 -12.57
CA PRO S 26 -35.56 59.14 -11.39
C PRO S 26 -36.44 58.42 -10.39
N VAL S 27 -35.86 57.46 -9.68
CA VAL S 27 -36.55 56.84 -8.55
C VAL S 27 -36.69 57.89 -7.47
N ALA S 28 -37.92 58.19 -7.08
CA ALA S 28 -38.15 59.18 -6.04
C ALA S 28 -37.99 58.55 -4.65
N VAL S 29 -36.92 58.93 -3.96
CA VAL S 29 -36.66 58.41 -2.62
C VAL S 29 -36.99 59.44 -1.53
N SER S 30 -37.79 59.05 -0.55
CA SER S 30 -38.06 59.92 0.58
C SER S 30 -37.20 59.50 1.76
N VAL S 31 -36.61 60.47 2.45
CA VAL S 31 -35.80 60.18 3.63
C VAL S 31 -36.22 61.06 4.79
N SER S 32 -36.31 60.46 5.96
CA SER S 32 -36.68 61.18 7.17
C SER S 32 -35.98 60.52 8.34
N LEU S 33 -35.33 61.31 9.19
CA LEU S 33 -34.66 60.79 10.36
C LEU S 33 -35.52 60.99 11.62
N LYS S 34 -35.86 59.89 12.29
CA LYS S 34 -36.55 59.98 13.57
C LYS S 34 -35.53 59.78 14.69
N PHE S 35 -35.20 60.87 15.39
CA PHE S 35 -34.14 60.79 16.38
C PHE S 35 -34.58 60.06 17.63
N ILE S 36 -33.80 59.07 18.04
CA ILE S 36 -34.08 58.27 19.23
C ILE S 36 -33.22 58.69 20.43
N ASN S 37 -31.95 58.99 20.18
CA ASN S 37 -31.03 59.32 21.26
C ASN S 37 -29.82 60.06 20.77
N ILE S 38 -29.23 60.85 21.67
CA ILE S 38 -27.98 61.54 21.41
C ILE S 38 -27.03 61.15 22.53
N LEU S 39 -25.92 60.50 22.17
CA LEU S 39 -24.95 59.98 23.13
C LEU S 39 -23.59 60.59 22.80
N GLU S 40 -22.65 60.54 23.73
CA GLU S 40 -21.26 60.85 23.40
C GLU S 40 -21.03 62.12 22.56
N VAL S 41 -21.46 63.27 23.07
CA VAL S 41 -21.21 64.56 22.42
C VAL S 41 -19.83 65.08 22.81
N ASN S 42 -19.12 65.69 21.86
CA ASN S 42 -17.80 66.25 22.13
C ASN S 42 -17.62 67.60 21.47
N GLU S 43 -17.69 68.68 22.27
CA GLU S 43 -17.63 70.03 21.74
C GLU S 43 -16.22 70.44 21.30
N ILE S 44 -15.21 69.79 21.90
CA ILE S 44 -13.84 70.05 21.51
C ILE S 44 -13.58 69.53 20.09
N THR S 45 -14.01 68.30 19.80
CA THR S 45 -13.73 67.69 18.52
C THR S 45 -14.84 67.87 17.47
N ASN S 46 -15.97 68.45 17.88
CA ASN S 46 -17.13 68.57 16.98
C ASN S 46 -17.58 67.22 16.44
N GLU S 47 -17.73 66.26 17.35
CA GLU S 47 -18.23 64.95 16.98
C GLU S 47 -19.40 64.57 17.87
N VAL S 48 -20.33 63.79 17.33
CA VAL S 48 -21.50 63.40 18.09
C VAL S 48 -21.98 62.02 17.66
N ASP S 49 -22.50 61.25 18.60
CA ASP S 49 -23.09 59.94 18.35
C ASP S 49 -24.59 60.07 18.41
N VAL S 50 -25.26 59.61 17.36
CA VAL S 50 -26.71 59.70 17.30
C VAL S 50 -27.35 58.36 16.98
N VAL S 51 -28.50 58.10 17.60
CA VAL S 51 -29.31 56.96 17.23
C VAL S 51 -30.59 57.48 16.61
N PHE S 52 -30.91 56.98 15.42
CA PHE S 52 -32.08 57.46 14.71
C PHE S 52 -32.67 56.37 13.85
N TRP S 53 -33.97 56.45 13.60
CA TRP S 53 -34.60 55.59 12.59
C TRP S 53 -34.47 56.28 11.24
N GLN S 54 -33.89 55.61 10.26
CA GLN S 54 -33.73 56.21 8.95
C GLN S 54 -34.88 55.76 8.05
N GLN S 55 -35.99 56.49 8.12
CA GLN S 55 -37.18 56.13 7.37
C GLN S 55 -36.95 56.41 5.89
N THR S 56 -37.03 55.37 5.09
CA THR S 56 -36.69 55.46 3.67
C THR S 56 -37.80 54.80 2.86
N THR S 57 -38.39 55.55 1.92
CA THR S 57 -39.43 55.00 1.07
C THR S 57 -39.15 55.22 -0.40
N TRP S 58 -39.58 54.27 -1.21
CA TRP S 58 -39.50 54.42 -2.65
C TRP S 58 -40.40 53.39 -3.29
N SER S 59 -40.52 53.47 -4.60
CA SER S 59 -41.41 52.58 -5.34
C SER S 59 -40.60 51.69 -6.29
N ASP S 60 -40.92 50.40 -6.27
CA ASP S 60 -40.32 49.43 -7.19
C ASP S 60 -41.42 48.52 -7.78
N ARG S 61 -41.91 48.86 -8.97
CA ARG S 61 -43.03 48.13 -9.54
C ARG S 61 -42.69 46.69 -9.87
N THR S 62 -41.40 46.39 -10.06
CA THR S 62 -41.03 44.99 -10.30
C THR S 62 -41.41 44.05 -9.14
N LEU S 63 -41.70 44.62 -7.96
CA LEU S 63 -42.08 43.80 -6.82
C LEU S 63 -43.59 43.60 -6.72
N ALA S 64 -44.34 44.30 -7.57
CA ALA S 64 -45.80 44.39 -7.43
C ALA S 64 -46.49 43.06 -7.69
N TRP S 65 -47.61 42.83 -7.02
CA TRP S 65 -48.42 41.65 -7.30
C TRP S 65 -49.91 41.97 -7.18
N ASN S 66 -50.75 41.15 -7.81
CA ASN S 66 -52.20 41.30 -7.69
C ASN S 66 -52.65 40.85 -6.28
N SER S 67 -53.15 41.79 -5.48
CA SER S 67 -53.45 41.48 -4.08
C SER S 67 -54.92 41.20 -3.74
N SER S 68 -55.81 41.03 -4.71
CA SER S 68 -57.17 40.62 -4.37
C SER S 68 -57.09 39.17 -3.91
N HIS S 69 -57.67 38.88 -2.75
CA HIS S 69 -57.57 37.54 -2.17
C HIS S 69 -56.14 37.16 -1.82
N SER S 70 -55.33 38.16 -1.48
CA SER S 70 -53.96 37.91 -1.07
C SER S 70 -53.51 38.94 -0.03
N PRO S 71 -52.46 38.61 0.74
CA PRO S 71 -51.89 39.62 1.63
C PRO S 71 -51.53 40.87 0.85
N ASP S 72 -51.69 42.03 1.50
CA ASP S 72 -51.45 43.31 0.87
C ASP S 72 -49.99 43.77 1.06
N GLN S 73 -49.31 43.18 2.04
CA GLN S 73 -47.95 43.59 2.43
C GLN S 73 -47.16 42.40 2.96
N VAL S 74 -45.85 42.43 2.76
CA VAL S 74 -44.97 41.43 3.37
C VAL S 74 -43.69 42.08 3.87
N SER S 75 -43.05 41.41 4.83
CA SER S 75 -41.71 41.80 5.23
C SER S 75 -40.68 41.02 4.42
N VAL S 76 -39.69 41.72 3.90
CA VAL S 76 -38.72 41.11 2.99
C VAL S 76 -37.32 41.51 3.41
N PRO S 77 -36.40 40.54 3.49
CA PRO S 77 -34.99 40.85 3.75
C PRO S 77 -34.45 41.80 2.69
N ILE S 78 -33.74 42.87 3.11
CA ILE S 78 -33.28 43.85 2.11
C ILE S 78 -32.25 43.23 1.15
N SER S 79 -31.65 42.11 1.54
CA SER S 79 -30.75 41.41 0.63
C SER S 79 -31.47 40.93 -0.62
N SER S 80 -32.80 40.84 -0.56
CA SER S 80 -33.57 40.39 -1.72
C SER S 80 -34.17 41.54 -2.53
N LEU S 81 -33.84 42.78 -2.19
CA LEU S 81 -34.44 43.94 -2.85
C LEU S 81 -33.36 44.91 -3.28
N TRP S 82 -33.65 45.70 -4.31
CA TRP S 82 -32.82 46.87 -4.54
C TRP S 82 -33.10 47.87 -3.44
N VAL S 83 -32.04 48.49 -2.93
CA VAL S 83 -32.15 49.53 -1.90
C VAL S 83 -31.30 50.71 -2.37
N PRO S 84 -31.80 51.94 -2.17
CA PRO S 84 -31.04 53.15 -2.51
C PRO S 84 -29.67 53.18 -1.81
N ASP S 85 -28.63 53.57 -2.54
CA ASP S 85 -27.27 53.62 -1.97
C ASP S 85 -27.02 54.93 -1.20
N LEU S 86 -27.85 55.17 -0.18
CA LEU S 86 -27.75 56.40 0.60
C LEU S 86 -26.54 56.35 1.54
N ALA S 87 -25.91 57.50 1.75
CA ALA S 87 -24.85 57.62 2.73
C ALA S 87 -24.91 59.01 3.36
N ALA S 88 -24.55 59.07 4.64
CA ALA S 88 -24.39 60.36 5.30
C ALA S 88 -22.98 60.87 5.00
N TYR S 89 -22.90 61.99 4.27
CA TYR S 89 -21.61 62.55 3.87
C TYR S 89 -20.67 62.89 5.03
N ASN S 90 -21.22 63.32 6.16
CA ASN S 90 -20.40 63.76 7.28
C ASN S 90 -20.32 62.74 8.42
N ALA S 91 -20.68 61.51 8.10
CA ALA S 91 -20.53 60.40 9.05
C ALA S 91 -19.08 60.03 9.15
N ILE S 92 -18.60 59.71 10.35
CA ILE S 92 -17.19 59.35 10.51
C ILE S 92 -17.04 57.93 11.02
N SER S 93 -18.16 57.21 11.08
CA SER S 93 -18.16 55.80 11.36
C SER S 93 -19.17 55.18 10.41
N LYS S 94 -19.02 53.91 10.07
CA LYS S 94 -20.08 53.32 9.24
C LYS S 94 -21.33 53.08 10.08
N PRO S 95 -22.49 53.01 9.42
CA PRO S 95 -23.73 52.89 10.19
C PRO S 95 -23.72 51.59 10.97
N GLU S 96 -24.03 51.65 12.26
CA GLU S 96 -24.29 50.44 13.02
C GLU S 96 -25.80 50.20 12.98
N VAL S 97 -26.23 49.22 12.20
CA VAL S 97 -27.64 48.94 12.07
C VAL S 97 -28.07 48.10 13.25
N LEU S 98 -28.98 48.65 14.07
CA LEU S 98 -29.36 48.05 15.33
C LEU S 98 -30.49 47.01 15.23
N THR S 99 -31.25 47.07 14.15
CA THR S 99 -32.48 46.30 14.03
C THR S 99 -32.41 45.28 12.91
N PRO S 100 -33.33 44.30 12.91
CA PRO S 100 -33.42 43.31 11.82
C PRO S 100 -33.56 44.00 10.46
N GLN S 101 -32.80 43.54 9.48
CA GLN S 101 -32.75 44.20 8.18
C GLN S 101 -33.84 43.76 7.20
N LEU S 102 -35.06 44.16 7.53
CA LEU S 102 -36.24 43.83 6.75
C LEU S 102 -36.91 45.11 6.27
N ALA S 103 -37.38 45.12 5.03
CA ALA S 103 -38.19 46.19 4.50
C ALA S 103 -39.61 45.69 4.38
N ARG S 104 -40.55 46.62 4.33
CA ARG S 104 -41.95 46.28 4.19
C ARG S 104 -42.33 46.62 2.76
N VAL S 105 -42.92 45.66 2.08
CA VAL S 105 -43.29 45.83 0.66
C VAL S 105 -44.80 45.73 0.50
N VAL S 106 -45.40 46.74 -0.13
CA VAL S 106 -46.83 46.74 -0.43
C VAL S 106 -47.07 46.17 -1.84
N SER S 107 -48.24 45.59 -2.06
CA SER S 107 -48.56 44.89 -3.31
C SER S 107 -48.47 45.78 -4.57
N ASP S 108 -48.53 47.09 -4.39
CA ASP S 108 -48.33 48.01 -5.52
C ASP S 108 -46.85 48.36 -5.76
N GLY S 109 -45.97 47.83 -4.92
CA GLY S 109 -44.54 48.02 -5.13
C GLY S 109 -43.91 49.09 -4.27
N GLU S 110 -44.72 49.74 -3.43
CA GLU S 110 -44.19 50.70 -2.46
C GLU S 110 -43.34 49.99 -1.44
N VAL S 111 -42.17 50.52 -1.17
CA VAL S 111 -41.28 49.94 -0.18
C VAL S 111 -40.99 50.90 0.96
N LEU S 112 -40.96 50.36 2.17
CA LEU S 112 -40.53 51.10 3.35
C LEU S 112 -39.38 50.33 4.01
N TYR S 113 -38.28 51.02 4.27
CA TYR S 113 -37.18 50.46 5.04
C TYR S 113 -36.85 51.45 6.14
N MET S 114 -36.87 51.01 7.39
CA MET S 114 -36.68 51.94 8.50
C MET S 114 -35.85 51.34 9.61
N PRO S 115 -34.54 51.20 9.38
CA PRO S 115 -33.70 50.60 10.40
C PRO S 115 -33.38 51.64 11.47
N SER S 116 -33.14 51.17 12.69
CA SER S 116 -32.56 52.05 13.70
C SER S 116 -31.05 51.99 13.56
N ILE S 117 -30.44 53.16 13.49
CA ILE S 117 -29.02 53.27 13.22
C ILE S 117 -28.31 54.09 14.28
N ARG S 118 -27.15 53.61 14.72
CA ARG S 118 -26.27 54.42 15.53
C ARG S 118 -25.06 54.80 14.69
N GLN S 119 -24.72 56.08 14.67
CA GLN S 119 -23.64 56.53 13.80
C GLN S 119 -23.00 57.77 14.39
N ARG S 120 -21.71 57.93 14.16
CA ARG S 120 -21.01 59.10 14.66
C ARG S 120 -20.84 60.12 13.54
N PHE S 121 -20.99 61.41 13.85
CA PHE S 121 -20.92 62.46 12.85
C PHE S 121 -19.94 63.57 13.19
N SER S 122 -19.37 64.16 12.16
CA SER S 122 -18.64 65.42 12.29
C SER S 122 -19.59 66.56 11.96
N CYS S 123 -19.79 67.46 12.92
CA CYS S 123 -20.71 68.56 12.74
C CYS S 123 -20.53 69.62 13.82
N ASP S 124 -21.31 70.69 13.75
CA ASP S 124 -21.12 71.85 14.62
C ASP S 124 -21.74 71.61 15.99
N VAL S 125 -20.90 71.29 16.97
CA VAL S 125 -21.35 71.00 18.33
C VAL S 125 -21.30 72.24 19.24
N SER S 126 -20.77 73.35 18.71
CA SER S 126 -20.62 74.54 19.53
C SER S 126 -21.97 75.04 20.05
N GLY S 127 -21.99 75.44 21.31
CA GLY S 127 -23.20 75.99 21.90
C GLY S 127 -24.14 74.93 22.45
N VAL S 128 -23.71 73.67 22.40
CA VAL S 128 -24.54 72.57 22.89
C VAL S 128 -24.92 72.80 24.36
N ASP S 129 -24.03 73.50 25.07
CA ASP S 129 -24.20 73.71 26.50
C ASP S 129 -24.87 75.03 26.83
N THR S 130 -25.51 75.65 25.84
CA THR S 130 -26.22 76.91 26.06
C THR S 130 -27.72 76.71 25.83
N GLU S 131 -28.50 77.73 26.15
CA GLU S 131 -29.94 77.71 25.96
C GLU S 131 -30.33 77.47 24.49
N SER S 132 -29.63 78.15 23.57
CA SER S 132 -29.98 78.04 22.15
C SER S 132 -29.45 76.74 21.55
N GLY S 133 -28.53 76.09 22.26
CA GLY S 133 -28.04 74.78 21.88
C GLY S 133 -27.16 74.74 20.66
N ALA S 134 -26.75 73.54 20.27
CA ALA S 134 -25.98 73.31 19.07
C ALA S 134 -26.88 72.92 17.91
N THR S 135 -26.40 73.13 16.69
CA THR S 135 -27.14 72.68 15.51
C THR S 135 -26.25 71.81 14.65
N CYS S 136 -26.51 70.50 14.71
CA CYS S 136 -25.75 69.52 13.95
C CYS S 136 -26.46 69.21 12.64
N ARG S 137 -25.75 69.41 11.54
CA ARG S 137 -26.32 69.20 10.20
C ARG S 137 -25.85 67.86 9.66
N ILE S 138 -26.80 66.99 9.31
CA ILE S 138 -26.51 65.68 8.73
C ILE S 138 -26.92 65.62 7.28
N LYS S 139 -25.98 65.27 6.40
CA LYS S 139 -26.21 65.34 4.95
C LYS S 139 -26.29 63.94 4.35
N ILE S 140 -27.44 63.62 3.76
CA ILE S 140 -27.69 62.28 3.25
C ILE S 140 -28.14 62.31 1.80
N GLY S 141 -27.51 61.48 0.97
CA GLY S 141 -27.87 61.39 -0.44
C GLY S 141 -27.33 60.11 -1.09
N SER S 142 -27.75 59.86 -2.33
CA SER S 142 -27.20 58.75 -3.09
C SER S 142 -25.70 58.94 -3.32
N TRP S 143 -24.92 57.93 -3.01
CA TRP S 143 -23.47 58.01 -3.20
C TRP S 143 -23.09 58.06 -4.69
N THR S 144 -23.75 57.23 -5.50
CA THR S 144 -23.32 57.06 -6.90
C THR S 144 -24.37 57.37 -7.97
N HIS S 145 -25.60 57.70 -7.56
CA HIS S 145 -26.67 57.98 -8.53
C HIS S 145 -27.01 59.47 -8.64
N HIS S 146 -26.83 60.05 -9.81
CA HIS S 146 -27.13 61.47 -9.98
C HIS S 146 -28.65 61.72 -10.04
N SER S 147 -29.04 62.99 -10.18
CA SER S 147 -30.43 63.40 -10.04
C SER S 147 -31.41 62.82 -11.06
N ARG S 148 -30.91 62.34 -12.19
CA ARG S 148 -31.82 61.75 -13.18
C ARG S 148 -32.13 60.29 -12.86
N GLU S 149 -31.44 59.74 -11.87
CA GLU S 149 -31.61 58.35 -11.47
C GLU S 149 -32.23 58.21 -10.08
N ILE S 150 -31.79 59.05 -9.16
CA ILE S 150 -32.38 59.10 -7.81
C ILE S 150 -32.62 60.53 -7.37
N SER S 151 -33.85 60.83 -6.96
CA SER S 151 -34.12 62.10 -6.32
C SER S 151 -34.34 61.81 -4.85
N VAL S 152 -33.92 62.75 -4.01
CA VAL S 152 -34.09 62.60 -2.57
C VAL S 152 -34.90 63.77 -2.05
N ASP S 153 -35.92 63.49 -1.25
CA ASP S 153 -36.77 64.53 -0.69
C ASP S 153 -37.08 64.24 0.76
N PRO S 154 -37.16 65.31 1.59
CA PRO S 154 -37.61 65.12 2.97
C PRO S 154 -39.07 64.70 2.98
N THR S 155 -39.51 64.00 4.01
CA THR S 155 -40.85 63.46 4.04
C THR S 155 -41.89 64.55 4.28
N ASP S 160 -43.54 65.84 14.43
CA ASP S 160 -43.18 65.95 15.84
C ASP S 160 -41.78 65.36 16.10
N ASP S 161 -40.89 66.18 16.68
CA ASP S 161 -39.46 65.86 16.75
C ASP S 161 -39.08 64.82 17.81
N SER S 162 -39.48 65.07 19.05
CA SER S 162 -39.07 64.22 20.15
C SER S 162 -40.04 63.07 20.35
N GLU S 163 -40.88 62.81 19.36
CA GLU S 163 -41.90 61.80 19.54
C GLU S 163 -41.30 60.50 20.04
N TYR S 164 -40.18 60.09 19.45
CA TYR S 164 -39.55 58.84 19.84
C TYR S 164 -38.24 59.07 20.59
N PHE S 165 -37.95 60.31 20.94
CA PHE S 165 -36.66 60.62 21.54
C PHE S 165 -36.64 60.17 23.00
N SER S 166 -35.56 59.52 23.40
CA SER S 166 -35.41 59.00 24.76
C SER S 166 -35.44 60.10 25.82
N GLN S 167 -36.27 59.91 26.83
CA GLN S 167 -36.39 60.85 27.94
C GLN S 167 -35.18 60.71 28.88
N TYR S 168 -34.35 59.70 28.64
CA TYR S 168 -33.23 59.42 29.53
C TYR S 168 -31.91 59.90 28.98
N SER S 169 -31.93 60.45 27.76
CA SER S 169 -30.74 61.07 27.18
C SER S 169 -30.34 62.28 28.03
N ARG S 170 -29.05 62.62 28.00
CA ARG S 170 -28.58 63.82 28.70
C ARG S 170 -28.95 65.05 27.90
N PHE S 171 -29.44 64.83 26.69
CA PHE S 171 -29.73 65.95 25.81
C PHE S 171 -31.21 65.99 25.48
N GLU S 172 -31.63 67.13 24.96
CA GLU S 172 -32.99 67.30 24.49
C GLU S 172 -33.01 67.98 23.12
N ILE S 173 -34.05 67.68 22.35
CA ILE S 173 -34.17 68.23 21.02
C ILE S 173 -35.01 69.49 21.07
N LEU S 174 -34.48 70.57 20.50
CA LEU S 174 -35.19 71.84 20.45
C LEU S 174 -35.95 71.99 19.14
N ASP S 175 -35.35 71.48 18.06
CA ASP S 175 -35.96 71.62 16.76
C ASP S 175 -35.23 70.76 15.74
N VAL S 176 -35.99 70.29 14.75
CA VAL S 176 -35.41 69.59 13.62
C VAL S 176 -35.95 70.21 12.34
N THR S 177 -35.07 70.61 11.45
CA THR S 177 -35.49 71.16 10.16
C THR S 177 -34.79 70.41 9.04
N GLN S 178 -35.37 70.47 7.84
CA GLN S 178 -34.87 69.75 6.68
C GLN S 178 -34.78 70.66 5.47
N LYS S 179 -33.76 70.43 4.67
CA LYS S 179 -33.55 71.19 3.44
C LYS S 179 -33.10 70.23 2.35
N LYS S 180 -33.68 70.35 1.16
CA LYS S 180 -33.25 69.54 0.03
C LYS S 180 -32.19 70.30 -0.76
N ASN S 181 -31.14 69.61 -1.17
CA ASN S 181 -30.14 70.24 -2.03
C ASN S 181 -29.84 69.45 -3.29
N SER S 182 -29.27 70.14 -4.28
CA SER S 182 -28.81 69.51 -5.51
C SER S 182 -27.39 70.02 -5.77
N VAL S 183 -26.42 69.13 -5.72
CA VAL S 183 -25.03 69.56 -5.73
C VAL S 183 -24.23 68.96 -6.89
N THR S 184 -23.40 69.78 -7.54
CA THR S 184 -22.45 69.31 -8.55
C THR S 184 -21.06 69.28 -7.94
N TYR S 185 -20.46 68.10 -7.90
CA TYR S 185 -19.10 67.93 -7.37
C TYR S 185 -18.09 68.02 -8.50
N SER S 186 -16.92 68.59 -8.22
CA SER S 186 -15.96 68.86 -9.28
C SER S 186 -15.47 67.57 -9.93
N CYS S 187 -15.88 66.43 -9.38
CA CYS S 187 -15.49 65.11 -9.89
CA CYS S 187 -15.47 65.13 -9.91
C CYS S 187 -16.36 64.66 -11.07
N CYS S 188 -17.63 65.06 -11.05
CA CYS S 188 -18.60 64.55 -12.00
CA CYS S 188 -18.61 64.55 -12.01
C CYS S 188 -19.43 65.69 -12.61
N PRO S 189 -19.87 65.51 -13.87
CA PRO S 189 -20.64 66.57 -14.53
C PRO S 189 -22.09 66.69 -14.07
N GLU S 190 -22.67 65.62 -13.50
CA GLU S 190 -24.09 65.65 -13.14
C GLU S 190 -24.32 66.15 -11.71
N ALA S 191 -25.57 66.49 -11.40
CA ALA S 191 -25.93 66.92 -10.05
C ALA S 191 -26.39 65.74 -9.19
N TYR S 192 -26.05 65.79 -7.90
CA TYR S 192 -26.45 64.75 -6.95
C TYR S 192 -27.31 65.36 -5.85
N GLU S 193 -28.45 64.76 -5.57
CA GLU S 193 -29.36 65.31 -4.57
C GLU S 193 -29.04 64.81 -3.16
N ASP S 194 -29.24 65.69 -2.19
CA ASP S 194 -29.14 65.28 -0.80
C ASP S 194 -30.22 65.95 0.03
N VAL S 195 -30.46 65.40 1.22
CA VAL S 195 -31.27 66.04 2.21
C VAL S 195 -30.36 66.41 3.38
N GLU S 196 -30.48 67.65 3.87
CA GLU S 196 -29.74 68.09 5.03
C GLU S 196 -30.70 68.22 6.21
N VAL S 197 -30.45 67.41 7.23
CA VAL S 197 -31.27 67.42 8.42
C VAL S 197 -30.53 68.17 9.52
N SER S 198 -31.10 69.29 9.96
CA SER S 198 -30.48 70.11 10.98
C SER S 198 -31.09 69.83 12.34
N LEU S 199 -30.28 69.24 13.21
CA LEU S 199 -30.73 68.84 14.53
C LEU S 199 -30.28 69.89 15.55
N ASN S 200 -31.24 70.65 16.07
CA ASN S 200 -30.96 71.66 17.09
C ASN S 200 -31.21 71.05 18.49
N PHE S 201 -30.13 70.89 19.27
CA PHE S 201 -30.23 70.20 20.55
C PHE S 201 -29.34 70.84 21.57
N ARG S 202 -29.58 70.52 22.84
CA ARG S 202 -28.76 71.07 23.92
C ARG S 202 -28.68 70.09 25.11
N LYS S 203 -27.72 70.31 25.99
CA LYS S 203 -27.61 69.49 27.18
C LYS S 203 -28.67 69.95 28.18
N LYS S 204 -29.35 68.99 28.79
CA LYS S 204 -30.38 69.29 29.77
C LYS S 204 -29.71 69.84 31.02
N GLY S 205 -30.37 70.83 31.62
CA GLY S 205 -29.94 71.36 32.90
C GLY S 205 -30.29 70.34 33.96
N ARG S 206 -29.37 70.12 34.89
CA ARG S 206 -29.59 69.20 35.98
C ARG S 206 -30.84 69.54 36.80
N SER S 207 -31.05 70.83 37.04
CA SER S 207 -32.19 71.32 37.81
C SER S 207 -33.51 70.86 37.22
N LEU T 1 -30.72 47.48 -25.19
CA LEU T 1 -30.32 47.13 -23.83
C LEU T 1 -30.91 48.11 -22.82
N ASP T 2 -31.46 47.58 -21.74
CA ASP T 2 -31.79 48.42 -20.58
C ASP T 2 -30.82 48.10 -19.44
N ARG T 3 -30.94 48.82 -18.32
CA ARG T 3 -30.05 48.62 -17.18
C ARG T 3 -30.06 47.18 -16.70
N ALA T 4 -31.23 46.56 -16.67
CA ALA T 4 -31.34 45.17 -16.23
C ALA T 4 -30.48 44.24 -17.10
N ASP T 5 -30.57 44.42 -18.42
CA ASP T 5 -29.77 43.61 -19.34
C ASP T 5 -28.27 43.83 -19.12
N ILE T 6 -27.86 45.08 -19.08
CA ILE T 6 -26.47 45.44 -18.82
C ILE T 6 -25.93 44.79 -17.54
N LEU T 7 -26.64 44.99 -16.43
CA LEU T 7 -26.21 44.45 -15.14
C LEU T 7 -26.23 42.92 -15.13
N TYR T 8 -27.18 42.33 -15.83
CA TYR T 8 -27.24 40.88 -15.95
C TYR T 8 -26.01 40.37 -16.71
N ASN T 9 -25.71 41.00 -17.83
CA ASN T 9 -24.57 40.59 -18.63
C ASN T 9 -23.25 40.72 -17.89
N ILE T 10 -23.09 41.83 -17.17
CA ILE T 10 -21.91 42.05 -16.36
C ILE T 10 -21.79 40.99 -15.28
N ARG T 11 -22.87 40.73 -14.57
CA ARG T 11 -22.85 39.74 -13.51
C ARG T 11 -22.50 38.35 -14.03
N GLN T 12 -23.07 37.98 -15.18
CA GLN T 12 -22.89 36.65 -15.75
C GLN T 12 -21.52 36.39 -16.33
N THR T 13 -20.83 37.45 -16.76
CA THR T 13 -19.59 37.24 -17.48
C THR T 13 -18.41 37.92 -16.82
N SER T 14 -18.65 38.63 -15.73
CA SER T 14 -17.53 39.32 -15.13
C SER T 14 -16.61 38.35 -14.40
N ARG T 15 -15.33 38.64 -14.54
CA ARG T 15 -14.30 37.83 -13.92
C ARG T 15 -13.56 38.78 -12.98
N PRO T 16 -14.07 38.88 -11.74
CA PRO T 16 -13.56 39.83 -10.73
C PRO T 16 -12.13 39.50 -10.36
N ASP T 17 -11.71 38.28 -10.64
CA ASP T 17 -10.38 37.79 -10.26
C ASP T 17 -9.36 37.96 -11.39
N VAL T 18 -9.83 38.40 -12.55
CA VAL T 18 -8.95 38.54 -13.71
C VAL T 18 -8.59 40.01 -14.03
N ILE T 19 -7.31 40.35 -13.92
CA ILE T 19 -6.85 41.68 -14.26
C ILE T 19 -7.06 41.95 -15.76
N PRO T 20 -7.75 43.04 -16.09
CA PRO T 20 -8.15 43.31 -17.47
C PRO T 20 -6.98 43.88 -18.29
N THR T 21 -5.87 43.17 -18.24
CA THR T 21 -4.70 43.55 -19.00
C THR T 21 -4.96 43.35 -20.50
N GLN T 22 -4.58 44.33 -21.32
CA GLN T 22 -4.76 44.18 -22.75
C GLN T 22 -3.43 44.24 -23.50
N ARG T 23 -3.07 43.11 -24.11
CA ARG T 23 -1.83 43.00 -24.90
C ARG T 23 -0.56 43.08 -24.03
N ASP T 24 -0.65 42.56 -22.81
CA ASP T 24 0.47 42.57 -21.87
C ASP T 24 0.94 43.97 -21.49
N ARG T 25 0.12 44.97 -21.78
CA ARG T 25 0.34 46.34 -21.33
C ARG T 25 -0.25 46.41 -19.94
N PRO T 26 0.27 47.29 -19.08
CA PRO T 26 -0.31 47.36 -17.74
C PRO T 26 -1.67 48.05 -17.72
N VAL T 27 -2.53 47.66 -16.79
CA VAL T 27 -3.76 48.40 -16.53
C VAL T 27 -3.39 49.73 -15.90
N ALA T 28 -3.76 50.83 -16.56
CA ALA T 28 -3.43 52.15 -16.04
C ALA T 28 -4.47 52.58 -14.98
N VAL T 29 -4.03 52.62 -13.72
CA VAL T 29 -4.91 53.01 -12.61
C VAL T 29 -4.61 54.41 -12.14
N SER T 30 -5.64 55.25 -12.08
CA SER T 30 -5.49 56.60 -11.53
C SER T 30 -5.99 56.60 -10.08
N VAL T 31 -5.25 57.25 -9.20
CA VAL T 31 -5.65 57.35 -7.80
C VAL T 31 -5.55 58.79 -7.33
N SER T 32 -6.56 59.21 -6.58
CA SER T 32 -6.62 60.57 -6.06
C SER T 32 -7.37 60.56 -4.74
N LEU T 33 -6.78 61.16 -3.71
CA LEU T 33 -7.44 61.22 -2.41
C LEU T 33 -8.12 62.58 -2.22
N LYS T 34 -9.43 62.57 -1.98
CA LYS T 34 -10.14 63.80 -1.65
C LYS T 34 -10.36 63.80 -0.13
N PHE T 35 -9.64 64.65 0.59
CA PHE T 35 -9.69 64.64 2.03
C PHE T 35 -10.96 65.27 2.59
N ILE T 36 -11.62 64.55 3.48
CA ILE T 36 -12.90 64.97 4.04
C ILE T 36 -12.73 65.45 5.49
N ASN T 37 -11.87 64.74 6.21
CA ASN T 37 -11.70 65.07 7.61
C ASN T 37 -10.40 64.51 8.17
N ILE T 38 -9.91 65.18 9.20
CA ILE T 38 -8.77 64.73 9.96
C ILE T 38 -9.18 64.69 11.43
N LEU T 39 -9.11 63.51 12.03
CA LEU T 39 -9.57 63.28 13.39
C LEU T 39 -8.40 62.66 14.14
N GLU T 40 -8.46 62.67 15.45
CA GLU T 40 -7.54 61.85 16.24
C GLU T 40 -6.07 61.93 15.81
N VAL T 41 -5.49 63.13 15.83
CA VAL T 41 -4.06 63.31 15.58
C VAL T 41 -3.23 63.07 16.86
N ASN T 42 -2.08 62.42 16.72
CA ASN T 42 -1.23 62.20 17.87
C ASN T 42 0.25 62.45 17.54
N GLU T 43 0.74 63.61 17.95
CA GLU T 43 2.13 63.98 17.67
C GLU T 43 3.17 63.15 18.43
N ILE T 44 2.81 62.62 19.60
CA ILE T 44 3.72 61.75 20.33
C ILE T 44 3.96 60.44 19.56
N THR T 45 2.89 59.82 19.05
CA THR T 45 3.02 58.51 18.44
C THR T 45 3.14 58.59 16.92
N ASN T 46 3.06 59.79 16.35
CA ASN T 46 3.06 59.94 14.88
C ASN T 46 1.98 59.09 14.20
N GLU T 47 0.76 59.20 14.71
CA GLU T 47 -0.37 58.51 14.09
C GLU T 47 -1.50 59.50 13.84
N VAL T 48 -2.28 59.26 12.79
CA VAL T 48 -3.35 60.15 12.46
C VAL T 48 -4.50 59.35 11.84
N ASP T 49 -5.72 59.81 12.09
CA ASP T 49 -6.94 59.24 11.52
C ASP T 49 -7.45 60.17 10.46
N VAL T 50 -7.69 59.65 9.26
CA VAL T 50 -8.13 60.49 8.16
C VAL T 50 -9.36 59.89 7.49
N VAL T 51 -10.27 60.76 7.04
CA VAL T 51 -11.36 60.34 6.20
C VAL T 51 -11.16 60.95 4.82
N PHE T 52 -11.26 60.13 3.78
CA PHE T 52 -10.99 60.60 2.43
C PHE T 52 -11.77 59.76 1.44
N TRP T 53 -12.10 60.37 0.30
CA TRP T 53 -12.64 59.62 -0.83
C TRP T 53 -11.47 59.12 -1.64
N GLN T 54 -11.42 57.83 -1.89
CA GLN T 54 -10.32 57.27 -2.66
C GLN T 54 -10.79 57.11 -4.10
N GLN T 55 -10.60 58.16 -4.88
CA GLN T 55 -11.07 58.17 -6.26
C GLN T 55 -10.15 57.29 -7.09
N THR T 56 -10.72 56.22 -7.65
CA THR T 56 -9.94 55.24 -8.38
C THR T 56 -10.57 54.98 -9.74
N THR T 57 -9.79 55.14 -10.82
CA THR T 57 -10.31 54.91 -12.16
C THR T 57 -9.40 53.98 -12.96
N TRP T 58 -10.01 53.22 -13.84
CA TRP T 58 -9.28 52.32 -14.72
C TRP T 58 -10.23 51.84 -15.80
N SER T 59 -9.69 51.12 -16.76
CA SER T 59 -10.45 50.66 -17.90
C SER T 59 -10.52 49.13 -17.92
N ASP T 60 -11.72 48.61 -18.12
CA ASP T 60 -11.90 47.18 -18.29
C ASP T 60 -12.83 46.96 -19.50
N ARG T 61 -12.22 46.65 -20.64
CA ARG T 61 -12.96 46.54 -21.88
C ARG T 61 -13.92 45.36 -21.89
N THR T 62 -13.68 44.38 -21.03
CA THR T 62 -14.58 43.25 -20.94
C THR T 62 -15.96 43.68 -20.44
N LEU T 63 -16.04 44.87 -19.85
CA LEU T 63 -17.32 45.36 -19.35
C LEU T 63 -18.11 46.14 -20.40
N ALA T 64 -17.46 46.44 -21.52
CA ALA T 64 -18.03 47.35 -22.52
C ALA T 64 -19.30 46.83 -23.16
N TRP T 65 -20.18 47.74 -23.56
CA TRP T 65 -21.37 47.38 -24.33
C TRP T 65 -21.73 48.46 -25.35
N ASN T 66 -22.49 48.09 -26.38
CA ASN T 66 -22.96 49.05 -27.36
C ASN T 66 -24.05 49.91 -26.74
N SER T 67 -23.79 51.20 -26.57
CA SER T 67 -24.71 52.06 -25.84
C SER T 67 -25.61 52.90 -26.72
N SER T 68 -25.67 52.60 -28.01
CA SER T 68 -26.60 53.34 -28.85
C SER T 68 -27.99 52.82 -28.51
N HIS T 69 -28.89 53.74 -28.16
CA HIS T 69 -30.23 53.36 -27.70
C HIS T 69 -30.23 52.57 -26.38
N SER T 70 -29.26 52.84 -25.52
CA SER T 70 -29.12 52.18 -24.21
C SER T 70 -28.53 53.14 -23.19
N PRO T 71 -28.70 52.84 -21.88
CA PRO T 71 -28.02 53.66 -20.87
C PRO T 71 -26.51 53.67 -21.11
N ASP T 72 -25.89 54.81 -20.84
CA ASP T 72 -24.46 55.00 -21.06
C ASP T 72 -23.61 54.59 -19.83
N GLN T 73 -24.23 54.51 -18.67
CA GLN T 73 -23.54 54.17 -17.43
C GLN T 73 -24.43 53.41 -16.48
N VAL T 74 -23.82 52.55 -15.66
CA VAL T 74 -24.55 51.87 -14.60
C VAL T 74 -23.72 51.84 -13.32
N SER T 75 -24.40 51.67 -12.19
CA SER T 75 -23.75 51.43 -10.93
C SER T 75 -23.68 49.92 -10.69
N VAL T 76 -22.50 49.42 -10.35
CA VAL T 76 -22.25 47.98 -10.24
C VAL T 76 -21.57 47.65 -8.92
N PRO T 77 -22.07 46.63 -8.21
CA PRO T 77 -21.40 46.23 -6.95
C PRO T 77 -19.97 45.80 -7.28
N ILE T 78 -18.98 46.30 -6.55
CA ILE T 78 -17.60 45.94 -6.86
C ILE T 78 -17.34 44.44 -6.76
N SER T 79 -18.21 43.72 -6.04
CA SER T 79 -18.06 42.28 -5.92
C SER T 79 -18.23 41.61 -7.30
N SER T 80 -18.82 42.33 -8.24
CA SER T 80 -19.00 41.81 -9.59
C SER T 80 -17.95 42.28 -10.58
N LEU T 81 -16.95 43.02 -10.12
CA LEU T 81 -15.94 43.59 -11.02
C LEU T 81 -14.55 43.27 -10.52
N TRP T 82 -13.58 43.25 -11.43
CA TRP T 82 -12.19 43.28 -11.01
C TRP T 82 -11.90 44.67 -10.48
N VAL T 83 -11.19 44.73 -9.37
CA VAL T 83 -10.81 45.99 -8.75
C VAL T 83 -9.31 45.89 -8.45
N PRO T 84 -8.56 47.00 -8.67
CA PRO T 84 -7.13 47.04 -8.38
C PRO T 84 -6.87 46.71 -6.91
N ASP T 85 -5.82 45.94 -6.62
CA ASP T 85 -5.49 45.54 -5.24
C ASP T 85 -4.65 46.59 -4.54
N LEU T 86 -5.17 47.81 -4.48
CA LEU T 86 -4.42 48.91 -3.89
C LEU T 86 -4.37 48.77 -2.37
N ALA T 87 -3.26 49.20 -1.78
CA ALA T 87 -3.15 49.27 -0.33
C ALA T 87 -2.31 50.48 0.05
N ALA T 88 -2.62 51.08 1.19
CA ALA T 88 -1.78 52.13 1.74
C ALA T 88 -0.69 51.44 2.56
N TYR T 89 0.56 51.61 2.16
CA TYR T 89 1.70 50.95 2.82
C TYR T 89 1.87 51.32 4.29
N ASN T 90 1.56 52.57 4.63
CA ASN T 90 1.79 53.04 6.00
C ASN T 90 0.49 53.11 6.82
N ALA T 91 -0.55 52.47 6.33
CA ALA T 91 -1.79 52.33 7.10
C ALA T 91 -1.58 51.36 8.25
N ILE T 92 -2.16 51.66 9.40
CA ILE T 92 -1.99 50.79 10.56
C ILE T 92 -3.32 50.24 11.04
N SER T 93 -4.35 50.45 10.24
CA SER T 93 -5.65 49.83 10.44
C SER T 93 -6.16 49.50 9.05
N LYS T 94 -7.01 48.48 8.92
CA LYS T 94 -7.56 48.23 7.61
C LYS T 94 -8.58 49.30 7.28
N PRO T 95 -8.81 49.54 5.97
CA PRO T 95 -9.72 50.62 5.57
C PRO T 95 -11.10 50.37 6.12
N GLU T 96 -11.67 51.37 6.80
CA GLU T 96 -13.09 51.32 7.13
C GLU T 96 -13.82 52.01 5.99
N VAL T 97 -14.49 51.22 5.15
CA VAL T 97 -15.24 51.76 4.00
C VAL T 97 -16.59 52.25 4.48
N LEU T 98 -16.81 53.55 4.32
CA LEU T 98 -17.97 54.21 4.92
C LEU T 98 -19.19 54.18 4.04
N THR T 99 -19.00 53.98 2.74
CA THR T 99 -20.06 54.18 1.78
C THR T 99 -20.46 52.88 1.09
N PRO T 100 -21.62 52.87 0.39
CA PRO T 100 -22.03 51.68 -0.40
C PRO T 100 -20.95 51.30 -1.42
N GLN T 101 -20.65 50.01 -1.52
CA GLN T 101 -19.53 49.56 -2.35
C GLN T 101 -19.94 49.31 -3.81
N LEU T 102 -20.21 50.42 -4.51
CA LEU T 102 -20.62 50.41 -5.89
C LEU T 102 -19.63 51.20 -6.72
N ALA T 103 -19.34 50.70 -7.91
CA ALA T 103 -18.52 51.42 -8.86
C ALA T 103 -19.43 51.90 -10.01
N ARG T 104 -18.97 52.92 -10.72
CA ARG T 104 -19.71 53.43 -11.86
C ARG T 104 -18.99 52.97 -13.12
N VAL T 105 -19.73 52.29 -14.00
CA VAL T 105 -19.15 51.72 -15.22
C VAL T 105 -19.74 52.39 -16.44
N VAL T 106 -18.88 52.90 -17.32
CA VAL T 106 -19.32 53.52 -18.57
C VAL T 106 -19.33 52.48 -19.69
N SER T 107 -20.16 52.72 -20.72
CA SER T 107 -20.35 51.72 -21.78
C SER T 107 -19.06 51.35 -22.54
N ASP T 108 -18.06 52.22 -22.49
CA ASP T 108 -16.77 51.93 -23.14
C ASP T 108 -15.81 51.17 -22.21
N GLY T 109 -16.26 50.86 -21.00
CA GLY T 109 -15.45 50.06 -20.09
C GLY T 109 -14.71 50.87 -19.04
N GLU T 110 -14.84 52.20 -19.08
CA GLU T 110 -14.21 53.03 -18.05
C GLU T 110 -14.91 52.80 -16.72
N VAL T 111 -14.11 52.62 -15.66
CA VAL T 111 -14.65 52.38 -14.33
C VAL T 111 -14.21 53.45 -13.33
N LEU T 112 -15.15 53.87 -12.49
CA LEU T 112 -14.86 54.78 -11.40
C LEU T 112 -15.32 54.14 -10.09
N TYR T 113 -14.41 54.03 -9.13
CA TYR T 113 -14.78 53.57 -7.79
C TYR T 113 -14.26 54.62 -6.80
N MET T 114 -15.16 55.18 -6.01
CA MET T 114 -14.76 56.26 -5.11
C MET T 114 -15.40 56.15 -3.72
N PRO T 115 -14.94 55.17 -2.95
CA PRO T 115 -15.48 55.02 -1.59
C PRO T 115 -14.94 56.06 -0.65
N SER T 116 -15.73 56.42 0.36
CA SER T 116 -15.20 57.22 1.45
C SER T 116 -14.63 56.26 2.48
N ILE T 117 -13.40 56.54 2.88
CA ILE T 117 -12.65 55.63 3.73
C ILE T 117 -12.12 56.34 4.97
N ARG T 118 -12.26 55.68 6.11
CA ARG T 118 -11.59 56.14 7.30
C ARG T 118 -10.46 55.18 7.62
N GLN T 119 -9.27 55.69 7.83
CA GLN T 119 -8.13 54.83 8.05
C GLN T 119 -7.09 55.54 8.92
N ARG T 120 -6.37 54.75 9.71
CA ARG T 120 -5.33 55.30 10.57
CA ARG T 120 -5.32 55.26 10.59
C ARG T 120 -3.97 55.06 9.89
N PHE T 121 -3.10 56.07 9.98
CA PHE T 121 -1.79 56.00 9.33
C PHE T 121 -0.64 56.31 10.28
N SER T 122 0.50 55.70 10.00
CA SER T 122 1.76 56.06 10.65
C SER T 122 2.47 57.02 9.71
N CYS T 123 2.72 58.24 10.20
CA CYS T 123 3.39 59.25 9.39
C CYS T 123 3.91 60.41 10.24
N ASP T 124 4.54 61.38 9.60
CA ASP T 124 5.22 62.46 10.32
C ASP T 124 4.21 63.52 10.80
N VAL T 125 3.91 63.51 12.10
CA VAL T 125 2.92 64.44 12.65
C VAL T 125 3.60 65.66 13.27
N SER T 126 4.93 65.66 13.30
CA SER T 126 5.65 66.75 13.94
C SER T 126 5.32 68.10 13.31
N GLY T 127 5.12 69.10 14.15
CA GLY T 127 4.90 70.44 13.66
C GLY T 127 3.43 70.71 13.35
N VAL T 128 2.58 69.74 13.65
CA VAL T 128 1.14 69.90 13.39
C VAL T 128 0.57 71.15 14.10
N ASP T 129 1.16 71.52 15.22
CA ASP T 129 0.68 72.63 16.02
C ASP T 129 1.48 73.90 15.74
N THR T 130 2.14 73.95 14.59
CA THR T 130 2.91 75.13 14.22
C THR T 130 2.30 75.78 12.97
N GLU T 131 2.82 76.93 12.60
CA GLU T 131 2.35 77.66 11.43
C GLU T 131 2.49 76.85 10.13
N SER T 132 3.63 76.20 9.94
CA SER T 132 3.91 75.51 8.69
C SER T 132 3.27 74.12 8.66
N GLY T 133 2.77 73.68 9.81
CA GLY T 133 2.02 72.44 9.91
C GLY T 133 2.84 71.18 9.74
N ALA T 134 2.17 70.03 9.82
CA ALA T 134 2.78 68.75 9.60
C ALA T 134 2.58 68.32 8.16
N THR T 135 3.45 67.45 7.66
CA THR T 135 3.25 66.87 6.35
C THR T 135 3.22 65.34 6.45
N CYS T 136 2.02 64.77 6.33
CA CYS T 136 1.82 63.33 6.40
C CYS T 136 1.80 62.73 4.99
N ARG T 137 2.69 61.78 4.75
CA ARG T 137 2.83 61.14 3.45
C ARG T 137 2.12 59.78 3.43
N ILE T 138 1.19 59.62 2.51
CA ILE T 138 0.44 58.37 2.38
C ILE T 138 0.83 57.67 1.09
N LYS T 139 1.30 56.42 1.21
CA LYS T 139 1.82 55.69 0.06
C LYS T 139 0.87 54.57 -0.38
N ILE T 140 0.37 54.66 -1.62
CA ILE T 140 -0.60 53.71 -2.13
C ILE T 140 -0.16 53.08 -3.45
N GLY T 141 -0.21 51.75 -3.52
CA GLY T 141 0.12 51.04 -4.74
C GLY T 141 -0.51 49.66 -4.81
N SER T 142 -0.35 48.98 -5.94
CA SER T 142 -0.79 47.59 -6.03
C SER T 142 0.04 46.73 -5.08
N TRP T 143 -0.62 45.89 -4.29
CA TRP T 143 0.09 45.04 -3.37
C TRP T 143 0.88 43.93 -4.08
N THR T 144 0.29 43.33 -5.12
CA THR T 144 0.88 42.15 -5.73
C THR T 144 1.18 42.22 -7.22
N HIS T 145 0.76 43.31 -7.87
CA HIS T 145 0.99 43.45 -9.31
C HIS T 145 2.13 44.43 -9.63
N HIS T 146 3.17 43.95 -10.33
CA HIS T 146 4.29 44.81 -10.69
C HIS T 146 3.94 45.75 -11.86
N SER T 147 4.91 46.55 -12.28
CA SER T 147 4.67 47.67 -13.19
C SER T 147 4.23 47.29 -14.59
N ARG T 148 4.52 46.07 -15.01
CA ARG T 148 4.05 45.64 -16.33
C ARG T 148 2.60 45.16 -16.29
N GLU T 149 2.05 45.06 -15.08
CA GLU T 149 0.66 44.65 -14.89
C GLU T 149 -0.24 45.78 -14.41
N ILE T 150 0.24 46.58 -13.46
CA ILE T 150 -0.49 47.76 -13.02
C ILE T 150 0.43 48.97 -12.93
N SER T 151 0.04 50.06 -13.58
CA SER T 151 0.72 51.32 -13.36
C SER T 151 -0.20 52.20 -12.54
N VAL T 152 0.39 53.01 -11.67
CA VAL T 152 -0.35 53.90 -10.82
C VAL T 152 0.10 55.32 -11.08
N ASP T 153 -0.86 56.21 -11.29
CA ASP T 153 -0.55 57.63 -11.56
C ASP T 153 -1.49 58.55 -10.77
N PRO T 154 -0.96 59.67 -10.29
CA PRO T 154 -1.84 60.68 -9.68
C PRO T 154 -2.76 61.28 -10.73
N THR T 155 -3.94 61.71 -10.32
CA THR T 155 -4.95 62.17 -11.27
C THR T 155 -4.55 63.50 -11.87
N ASP T 160 -8.91 72.93 -5.80
CA ASP T 160 -8.94 73.39 -4.41
C ASP T 160 -8.90 72.19 -3.46
N ASP T 161 -7.87 72.15 -2.62
CA ASP T 161 -7.61 70.99 -1.76
C ASP T 161 -8.60 70.81 -0.62
N SER T 162 -9.23 71.90 -0.19
CA SER T 162 -10.22 71.84 0.88
C SER T 162 -11.63 71.80 0.32
N GLU T 163 -11.79 71.37 -0.93
CA GLU T 163 -13.11 71.47 -1.53
C GLU T 163 -14.15 70.71 -0.71
N TYR T 164 -13.82 69.51 -0.30
CA TYR T 164 -14.77 68.67 0.44
C TYR T 164 -14.39 68.54 1.92
N PHE T 165 -13.36 69.28 2.35
CA PHE T 165 -12.86 69.10 3.70
C PHE T 165 -13.81 69.74 4.70
N SER T 166 -14.12 69.02 5.77
CA SER T 166 -15.03 69.49 6.81
C SER T 166 -14.57 70.78 7.51
N GLN T 167 -15.46 71.77 7.57
CA GLN T 167 -15.16 73.03 8.22
C GLN T 167 -15.19 72.86 9.73
N TYR T 168 -15.63 71.70 10.18
CA TYR T 168 -15.78 71.45 11.62
C TYR T 168 -14.65 70.62 12.22
N SER T 169 -13.71 70.19 11.38
CA SER T 169 -12.49 69.54 11.85
C SER T 169 -11.67 70.52 12.70
N ARG T 170 -10.87 69.99 13.63
CA ARG T 170 -9.99 70.82 14.44
C ARG T 170 -8.77 71.21 13.61
N PHE T 171 -8.66 70.63 12.42
CA PHE T 171 -7.49 70.86 11.60
C PHE T 171 -7.87 71.53 10.31
N GLU T 172 -6.86 72.04 9.60
CA GLU T 172 -7.10 72.62 8.29
C GLU T 172 -6.00 72.17 7.34
N ILE T 173 -6.33 72.10 6.06
CA ILE T 173 -5.39 71.66 5.06
C ILE T 173 -4.67 72.84 4.42
N LEU T 174 -3.35 72.81 4.45
CA LEU T 174 -2.55 73.88 3.89
C LEU T 174 -2.22 73.57 2.42
N ASP T 175 -1.98 72.29 2.14
CA ASP T 175 -1.56 71.88 0.80
C ASP T 175 -1.59 70.36 0.65
N VAL T 176 -1.85 69.90 -0.57
CA VAL T 176 -1.76 68.50 -0.89
C VAL T 176 -0.94 68.36 -2.17
N THR T 177 0.11 67.54 -2.13
CA THR T 177 0.92 67.28 -3.31
C THR T 177 1.02 65.77 -3.56
N GLN T 178 1.31 65.42 -4.82
CA GLN T 178 1.42 64.03 -5.20
C GLN T 178 2.70 63.74 -5.96
N LYS T 179 3.22 62.53 -5.77
CA LYS T 179 4.43 62.10 -6.42
C LYS T 179 4.25 60.62 -6.80
N LYS T 180 4.60 60.29 -8.02
CA LYS T 180 4.56 58.91 -8.45
C LYS T 180 5.91 58.24 -8.23
N ASN T 181 5.91 57.01 -7.74
CA ASN T 181 7.17 56.27 -7.57
C ASN T 181 7.13 54.89 -8.17
N SER T 182 8.32 54.35 -8.42
CA SER T 182 8.47 53.00 -8.92
C SER T 182 9.55 52.31 -8.08
N VAL T 183 9.16 51.34 -7.29
CA VAL T 183 10.05 50.80 -6.27
C VAL T 183 10.38 49.33 -6.45
N THR T 184 11.67 49.00 -6.31
CA THR T 184 12.09 47.61 -6.30
C THR T 184 12.36 47.14 -4.88
N TYR T 185 11.60 46.16 -4.45
CA TYR T 185 11.77 45.60 -3.10
C TYR T 185 12.72 44.42 -3.19
N SER T 186 13.54 44.22 -2.15
CA SER T 186 14.54 43.15 -2.17
C SER T 186 13.91 41.76 -2.27
N CYS T 187 12.60 41.69 -2.04
CA CYS T 187 11.87 40.42 -2.10
CA CYS T 187 11.88 40.42 -2.09
C CYS T 187 11.62 39.95 -3.52
N CYS T 188 11.50 40.91 -4.44
CA CYS T 188 11.03 40.63 -5.79
CA CYS T 188 11.04 40.62 -5.80
C CYS T 188 11.86 41.39 -6.82
N PRO T 189 12.11 40.78 -8.00
CA PRO T 189 12.95 41.38 -9.04
C PRO T 189 12.30 42.54 -9.81
N GLU T 190 10.97 42.61 -9.82
CA GLU T 190 10.28 43.61 -10.61
C GLU T 190 10.02 44.89 -9.81
N ALA T 191 9.67 45.97 -10.53
CA ALA T 191 9.34 47.23 -9.89
C ALA T 191 7.83 47.35 -9.63
N TYR T 192 7.48 47.97 -8.49
CA TYR T 192 6.08 48.19 -8.12
C TYR T 192 5.82 49.68 -8.01
N GLU T 193 4.79 50.16 -8.69
CA GLU T 193 4.48 51.59 -8.67
C GLU T 193 3.61 51.98 -7.48
N ASP T 194 3.82 53.20 -7.00
CA ASP T 194 2.97 53.74 -5.96
C ASP T 194 2.77 55.23 -6.19
N VAL T 195 1.73 55.77 -5.57
CA VAL T 195 1.52 57.21 -5.51
C VAL T 195 1.70 57.63 -4.07
N GLU T 196 2.51 58.65 -3.83
CA GLU T 196 2.66 59.23 -2.51
C GLU T 196 1.91 60.55 -2.45
N VAL T 197 0.93 60.61 -1.56
CA VAL T 197 0.13 61.82 -1.37
C VAL T 197 0.60 62.50 -0.10
N SER T 198 1.13 63.72 -0.24
CA SER T 198 1.62 64.48 0.89
C SER T 198 0.57 65.48 1.34
N LEU T 199 0.07 65.25 2.55
CA LEU T 199 -0.96 66.10 3.14
C LEU T 199 -0.33 67.06 4.15
N ASN T 200 -0.28 68.34 3.78
CA ASN T 200 0.23 69.39 4.65
C ASN T 200 -0.94 70.02 5.41
N PHE T 201 -0.95 69.83 6.72
CA PHE T 201 -2.08 70.29 7.53
C PHE T 201 -1.62 70.79 8.89
N ARG T 202 -2.48 71.55 9.56
CA ARG T 202 -2.15 72.06 10.89
C ARG T 202 -3.40 72.19 11.75
N LYS T 203 -3.20 72.34 13.06
CA LYS T 203 -4.30 72.59 13.97
C LYS T 203 -4.76 74.04 13.84
N LYS T 204 -6.07 74.24 13.82
CA LYS T 204 -6.63 75.57 13.71
C LYS T 204 -6.50 76.30 15.02
N GLY T 205 -6.52 77.63 14.95
CA GLY T 205 -6.55 78.46 16.14
C GLY T 205 -7.98 78.80 16.54
#